data_4DDQ
#
_entry.id   4DDQ
#
_cell.length_a   152.803
_cell.length_b   165.106
_cell.length_c   180.582
_cell.angle_alpha   90.00
_cell.angle_beta   90.00
_cell.angle_gamma   90.00
#
_symmetry.space_group_name_H-M   'P 21 21 21'
#
loop_
_entity.id
_entity.type
_entity.pdbx_description
1 polymer 'DNA gyrase subunit A'
2 non-polymer 'POTASSIUM ION'
3 non-polymer 2-AMINO-2-HYDROXYMETHYL-PROPANE-1,3-DIOL
4 water water
#
_entity_poly.entity_id   1
_entity_poly.type   'polypeptide(L)'
_entity_poly.pdbx_seq_one_letter_code
;MSEQNTPQVREINISQEMRTSFLDYAMSVIVSRALPDVRDGLKPVHRRILYAMNDLGMTSDKPYKKSARIVGEVIGKYHP
HGDSAVYESMVRMAQDFNYRYMLVDGHGNFGSVDGDSAAAMRYTEARMSKISMEILRDITKDTIDYQDNYDGSEREPVVM
PSRFPNLLVNGAAGIAVGMATNIPPHQLGEIIDGVLAVSENPDITIPELMEVIPGPDFPTAGQILGRSGIRKAYESGRGS
ITIRAKAEIEQTSSGKERIIVTELPYQVNKAKLIEKIADLVRDKKIEGITDLRDESDRTGMRIVIEIRRDANANVILNNL
YKQTALQTSFGINLLALVDGQPKVLTLKQCLEHYLDHQKVVIRRRTAYELRKAEARAHILEGLRVALDHLDAVISLIRNS
QTAEIARTGLIEQFSLTEKQAQAILDMRLQRLTGLEREKIEEEYQSLVKLIAELKDILANEYKVLEIIREELTEIKERFN
DERRTEIVTSGLETIEDEDLIE
;
_entity_poly.pdbx_strand_id   A,B,C,D,E,F
#
loop_
_chem_comp.id
_chem_comp.type
_chem_comp.name
_chem_comp.formula
K non-polymer 'POTASSIUM ION' 'K 1'
TRS non-polymer 2-AMINO-2-HYDROXYMETHYL-PROPANE-1,3-DIOL 'C4 H12 N O3 1'
#
# COMPACT_ATOMS: atom_id res chain seq x y z
N SER A 32 8.86 -13.35 57.62
CA SER A 32 9.16 -13.88 58.95
C SER A 32 10.44 -13.32 59.56
N ARG A 33 11.46 -14.17 59.70
CA ARG A 33 12.71 -13.84 60.39
C ARG A 33 13.67 -13.00 59.57
N ALA A 34 14.19 -11.92 60.16
CA ALA A 34 15.06 -10.96 59.47
C ALA A 34 16.46 -11.49 59.12
N LEU A 35 16.59 -12.81 58.99
CA LEU A 35 17.86 -13.43 58.65
C LEU A 35 17.88 -13.92 57.20
N PRO A 36 19.06 -13.93 56.58
CA PRO A 36 19.18 -14.54 55.25
C PRO A 36 19.04 -16.07 55.24
N ASP A 37 18.58 -16.60 54.11
CA ASP A 37 18.47 -18.04 53.89
C ASP A 37 19.81 -18.44 53.32
N VAL A 38 20.38 -19.56 53.76
CA VAL A 38 21.72 -19.92 53.32
C VAL A 38 21.82 -20.05 51.82
N ARG A 39 20.73 -20.42 51.19
CA ARG A 39 20.76 -20.72 49.77
C ARG A 39 20.80 -19.48 48.89
N ASP A 40 19.94 -18.50 49.13
CA ASP A 40 19.90 -17.32 48.25
C ASP A 40 20.38 -16.01 48.87
N GLY A 41 20.45 -16.01 50.19
CA GLY A 41 21.01 -14.91 50.95
C GLY A 41 20.22 -13.62 51.01
N LEU A 42 18.90 -13.75 51.12
CA LEU A 42 18.02 -12.60 51.18
C LEU A 42 17.24 -12.63 52.48
N LYS A 43 17.01 -11.45 53.05
CA LYS A 43 16.02 -11.32 54.10
C LYS A 43 14.71 -11.58 53.38
N PRO A 44 13.64 -11.87 54.12
CA PRO A 44 12.38 -12.06 53.38
C PRO A 44 12.09 -10.86 52.48
N VAL A 45 12.15 -9.67 53.06
CA VAL A 45 11.82 -8.42 52.38
C VAL A 45 12.53 -8.26 51.03
N HIS A 46 13.83 -8.53 51.00
CA HIS A 46 14.57 -8.49 49.74
C HIS A 46 14.00 -9.46 48.70
N ARG A 47 13.63 -10.66 49.17
CA ARG A 47 13.21 -11.74 48.28
C ARG A 47 11.86 -11.40 47.69
N ARG A 48 11.05 -10.73 48.50
CA ARG A 48 9.77 -10.23 48.05
C ARG A 48 9.88 -9.06 47.07
N ILE A 49 10.70 -8.07 47.36
CA ILE A 49 10.97 -7.01 46.38
C ILE A 49 11.42 -7.54 45.00
N LEU A 50 12.36 -8.49 45.01
CA LEU A 50 12.84 -9.06 43.76
C LEU A 50 11.79 -9.88 43.05
N TYR A 51 11.11 -10.75 43.79
CA TYR A 51 10.04 -11.55 43.19
C TYR A 51 9.00 -10.64 42.57
N ALA A 52 8.59 -9.62 43.30
CA ALA A 52 7.54 -8.72 42.87
C ALA A 52 7.95 -8.00 41.61
N MET A 53 9.17 -7.47 41.63
CA MET A 53 9.74 -6.76 40.49
C MET A 53 9.75 -7.63 39.23
N ASN A 54 10.28 -8.84 39.36
CA ASN A 54 10.40 -9.73 38.21
C ASN A 54 9.02 -10.12 37.71
N ASP A 55 8.09 -10.23 38.64
CA ASP A 55 6.72 -10.58 38.33
C ASP A 55 6.04 -9.48 37.53
N LEU A 56 6.34 -8.22 37.86
CA LEU A 56 5.75 -7.07 37.16
C LEU A 56 6.47 -6.67 35.88
N GLY A 57 7.52 -7.41 35.51
CA GLY A 57 8.32 -7.12 34.32
C GLY A 57 9.24 -5.91 34.44
N MET A 58 9.74 -5.65 35.64
CA MET A 58 10.68 -4.56 35.82
C MET A 58 12.10 -5.11 35.66
N THR A 59 12.31 -5.88 34.60
CA THR A 59 13.60 -6.52 34.39
C THR A 59 14.67 -5.62 33.81
N SER A 60 15.88 -6.18 33.72
CA SER A 60 17.11 -5.45 33.45
C SER A 60 17.09 -4.70 32.14
N ASP A 61 16.40 -5.29 31.15
CA ASP A 61 16.27 -4.70 29.82
C ASP A 61 15.17 -3.65 29.81
N LYS A 62 13.97 -4.08 30.17
CA LYS A 62 12.79 -3.24 30.17
C LYS A 62 12.99 -1.98 31.01
N PRO A 63 12.38 -0.85 30.57
CA PRO A 63 12.54 0.52 31.11
C PRO A 63 12.30 0.64 32.60
N TYR A 64 12.88 1.67 33.21
CA TYR A 64 12.71 1.89 34.65
C TYR A 64 11.24 2.08 34.96
N LYS A 65 10.82 1.66 36.15
CA LYS A 65 9.47 1.94 36.59
C LYS A 65 9.45 2.78 37.87
N LYS A 66 8.35 3.48 38.11
CA LYS A 66 8.24 4.36 39.25
C LYS A 66 8.38 3.50 40.48
N SER A 67 9.22 3.94 41.42
CA SER A 67 9.45 3.22 42.68
C SER A 67 8.12 2.89 43.34
N ALA A 68 7.23 3.87 43.33
CA ALA A 68 5.94 3.76 44.00
C ALA A 68 5.20 2.51 43.57
N ARG A 69 5.34 2.14 42.30
CA ARG A 69 4.62 0.99 41.77
C ARG A 69 5.14 -0.28 42.40
N ILE A 70 6.44 -0.49 42.32
CA ILE A 70 7.03 -1.69 42.90
C ILE A 70 6.79 -1.77 44.43
N VAL A 71 6.97 -0.66 45.14
CA VAL A 71 6.73 -0.68 46.60
C VAL A 71 5.27 -0.99 46.91
N GLY A 72 4.38 -0.44 46.11
CA GLY A 72 2.96 -0.69 46.28
C GLY A 72 2.61 -2.15 46.12
N GLU A 73 3.11 -2.74 45.04
CA GLU A 73 2.87 -4.15 44.78
C GLU A 73 3.38 -5.02 45.93
N VAL A 74 4.56 -4.66 46.43
CA VAL A 74 5.16 -5.40 47.54
C VAL A 74 4.36 -5.29 48.83
N ILE A 75 3.89 -4.10 49.16
CA ILE A 75 3.10 -3.91 50.38
C ILE A 75 1.70 -4.50 50.34
N GLY A 76 1.04 -4.40 49.20
CA GLY A 76 -0.28 -4.97 49.07
C GLY A 76 -0.23 -6.47 49.05
N LYS A 77 0.80 -7.02 48.40
CA LYS A 77 0.80 -8.45 48.11
C LYS A 77 1.58 -9.35 49.04
N TYR A 78 2.78 -8.97 49.41
CA TYR A 78 3.67 -9.93 50.07
C TYR A 78 4.14 -9.55 51.49
N HIS A 79 4.44 -8.28 51.70
CA HIS A 79 5.17 -7.81 52.88
C HIS A 79 4.53 -6.55 53.47
N PRO A 80 3.40 -6.70 54.15
CA PRO A 80 2.62 -5.56 54.65
C PRO A 80 3.26 -4.86 55.85
N HIS A 81 4.34 -4.12 55.66
CA HIS A 81 5.01 -3.47 56.79
C HIS A 81 5.53 -2.06 56.54
N GLY A 82 4.77 -1.29 55.76
CA GLY A 82 5.08 0.12 55.55
C GLY A 82 6.00 0.38 54.38
N ASP A 83 5.71 1.46 53.64
CA ASP A 83 6.52 1.87 52.50
C ASP A 83 7.90 2.31 52.95
N SER A 84 8.02 2.62 54.23
CA SER A 84 9.28 2.97 54.83
C SER A 84 10.22 1.80 54.69
N ALA A 85 9.91 0.72 55.40
CA ALA A 85 10.77 -0.46 55.44
C ALA A 85 11.02 -1.01 54.04
N VAL A 86 9.94 -1.12 53.26
CA VAL A 86 10.03 -1.73 51.95
C VAL A 86 10.84 -0.88 50.96
N TYR A 87 10.63 0.43 50.98
CA TYR A 87 11.34 1.29 50.03
C TYR A 87 12.78 1.56 50.46
N GLU A 88 13.03 1.57 51.77
CA GLU A 88 14.42 1.70 52.20
C GLU A 88 15.20 0.40 51.94
N SER A 89 14.58 -0.75 52.21
CA SER A 89 15.12 -2.01 51.72
C SER A 89 15.44 -1.93 50.23
N MET A 90 14.49 -1.49 49.43
CA MET A 90 14.73 -1.41 47.99
C MET A 90 15.84 -0.44 47.66
N VAL A 91 15.99 0.59 48.49
CA VAL A 91 17.06 1.56 48.28
C VAL A 91 18.44 0.95 48.54
N ARG A 92 18.57 0.20 49.63
CA ARG A 92 19.87 -0.37 50.01
C ARG A 92 20.42 -1.27 48.90
N MET A 93 19.54 -1.98 48.20
CA MET A 93 19.99 -2.90 47.17
C MET A 93 20.45 -2.21 45.90
N ALA A 94 20.41 -0.89 45.91
CA ALA A 94 20.68 -0.13 44.70
C ALA A 94 21.90 0.73 44.86
N GLN A 95 22.34 0.89 46.10
CA GLN A 95 23.52 1.68 46.38
C GLN A 95 24.81 0.89 46.09
N ASP A 96 25.72 1.53 45.39
CA ASP A 96 26.97 0.94 45.01
C ASP A 96 27.84 0.76 46.22
N PHE A 97 27.59 1.53 47.27
CA PHE A 97 28.48 1.59 48.43
C PHE A 97 28.04 0.74 49.61
N ASN A 98 26.91 0.07 49.46
CA ASN A 98 26.42 -0.87 50.48
C ASN A 98 26.45 -2.29 49.94
N TYR A 99 25.94 -2.43 48.71
CA TYR A 99 25.94 -3.71 48.03
C TYR A 99 27.18 -3.87 47.17
N ARG A 100 27.87 -4.99 47.37
CA ARG A 100 29.08 -5.23 46.60
C ARG A 100 28.66 -5.31 45.12
N TYR A 101 27.62 -6.09 44.85
CA TYR A 101 27.10 -6.24 43.49
C TYR A 101 25.60 -5.92 43.51
N MET A 102 25.29 -4.65 43.27
CA MET A 102 23.95 -4.09 43.35
C MET A 102 22.90 -4.89 42.60
N LEU A 103 21.86 -5.28 43.33
CA LEU A 103 20.75 -6.07 42.81
C LEU A 103 19.68 -5.24 42.13
N VAL A 104 19.62 -3.97 42.47
CA VAL A 104 18.60 -3.11 41.91
C VAL A 104 19.24 -1.95 41.16
N ASP A 105 18.84 -1.84 39.88
CA ASP A 105 19.20 -0.72 39.01
C ASP A 105 18.30 0.48 39.33
N GLY A 106 18.81 1.50 40.03
CA GLY A 106 17.95 2.60 40.42
C GLY A 106 18.13 3.79 39.50
N HIS A 107 17.24 4.77 39.59
CA HIS A 107 17.38 5.99 38.78
C HIS A 107 16.74 7.20 39.44
N GLY A 108 17.54 8.24 39.68
CA GLY A 108 17.15 9.37 40.49
C GLY A 108 18.18 9.52 41.59
N ASN A 109 17.78 10.03 42.75
CA ASN A 109 18.73 10.14 43.87
C ASN A 109 18.63 9.00 44.88
N PHE A 110 19.45 7.98 44.73
CA PHE A 110 19.45 6.91 45.73
C PHE A 110 20.49 7.14 46.83
N GLY A 111 20.99 8.36 46.90
CA GLY A 111 21.91 8.75 47.96
C GLY A 111 23.37 8.55 47.61
N SER A 112 24.23 8.68 48.62
CA SER A 112 25.66 8.50 48.47
C SER A 112 26.22 8.16 49.82
N VAL A 113 27.51 7.86 49.85
CA VAL A 113 28.20 7.53 51.10
C VAL A 113 28.43 8.73 52.02
N ASP A 114 27.77 9.85 51.73
CA ASP A 114 27.92 11.04 52.55
C ASP A 114 26.84 11.12 53.62
N GLY A 115 25.92 10.16 53.59
CA GLY A 115 24.89 10.07 54.60
C GLY A 115 23.55 10.64 54.17
N ASP A 116 23.52 11.29 53.02
CA ASP A 116 22.25 11.77 52.47
C ASP A 116 21.42 10.56 52.08
N SER A 117 20.16 10.60 52.47
CA SER A 117 19.25 9.49 52.19
C SER A 117 18.68 9.63 50.79
N ALA A 118 18.10 8.57 50.27
CA ALA A 118 17.44 8.60 48.97
C ALA A 118 16.28 9.58 49.03
N ALA A 119 15.83 10.05 47.88
CA ALA A 119 14.66 10.93 47.83
C ALA A 119 13.37 10.10 47.76
N ALA A 120 12.23 10.72 48.02
CA ALA A 120 10.95 10.00 48.23
C ALA A 120 10.56 9.12 47.06
N MET A 121 9.79 8.08 47.33
CA MET A 121 9.47 7.11 46.31
C MET A 121 8.62 7.65 45.15
N ARG A 122 8.05 8.84 45.33
CA ARG A 122 7.38 9.45 44.21
C ARG A 122 8.41 10.01 43.22
N TYR A 123 9.66 10.05 43.62
CA TYR A 123 10.72 10.70 42.84
C TYR A 123 11.78 9.76 42.25
N THR A 124 11.63 8.47 42.45
CA THR A 124 12.64 7.57 41.96
C THR A 124 12.07 6.50 41.08
N GLU A 125 12.90 5.98 40.20
CA GLU A 125 12.52 4.88 39.37
C GLU A 125 13.54 3.79 39.60
N ALA A 126 13.20 2.58 39.19
CA ALA A 126 14.02 1.46 39.50
C ALA A 126 13.75 0.33 38.53
N ARG A 127 14.60 -0.67 38.59
CA ARG A 127 14.37 -1.93 37.90
C ARG A 127 15.33 -2.95 38.47
N MET A 128 15.30 -4.15 37.92
CA MET A 128 16.26 -5.14 38.33
C MET A 128 17.57 -4.77 37.69
N SER A 129 18.66 -5.24 38.27
CA SER A 129 20.01 -5.02 37.75
C SER A 129 20.37 -6.23 36.92
N LYS A 130 21.42 -6.12 36.12
CA LYS A 130 21.76 -7.24 35.23
C LYS A 130 22.13 -8.50 35.98
N ILE A 131 22.76 -8.32 37.13
CA ILE A 131 23.18 -9.43 37.97
C ILE A 131 22.03 -10.19 38.65
N SER A 132 20.97 -9.50 39.05
CA SER A 132 19.83 -10.17 39.67
C SER A 132 18.97 -11.00 38.71
N MET A 133 19.19 -10.79 37.43
CA MET A 133 18.53 -11.62 36.44
C MET A 133 18.97 -13.05 36.72
N GLU A 134 20.20 -13.21 37.20
CA GLU A 134 20.74 -14.51 37.59
C GLU A 134 20.10 -15.04 38.87
N ILE A 135 19.81 -14.16 39.83
CA ILE A 135 19.07 -14.58 41.00
C ILE A 135 17.73 -15.18 40.60
N LEU A 136 17.13 -14.67 39.54
CA LEU A 136 15.81 -15.20 39.19
C LEU A 136 15.73 -16.27 38.12
N ARG A 137 16.85 -16.55 37.47
CA ARG A 137 16.89 -17.55 36.41
C ARG A 137 16.24 -18.87 36.86
N ASP A 138 15.45 -19.46 35.98
CA ASP A 138 14.91 -20.81 36.17
C ASP A 138 13.80 -20.89 37.20
N ILE A 139 13.24 -19.76 37.61
CA ILE A 139 12.18 -19.74 38.62
C ILE A 139 10.85 -20.19 38.04
N THR A 140 10.72 -20.03 36.73
CA THR A 140 9.54 -20.41 35.97
C THR A 140 9.44 -21.92 35.87
N LYS A 141 10.59 -22.58 35.93
CA LYS A 141 10.70 -24.00 35.63
C LYS A 141 10.62 -24.95 36.84
N ASP A 142 9.82 -24.56 37.84
CA ASP A 142 9.56 -25.41 39.00
C ASP A 142 10.87 -25.79 39.62
N THR A 143 11.61 -24.79 40.07
CA THR A 143 12.89 -25.05 40.72
C THR A 143 12.78 -24.71 42.18
N ILE A 144 11.81 -23.86 42.48
CA ILE A 144 11.62 -23.41 43.84
C ILE A 144 10.15 -23.53 44.21
N ASP A 145 9.90 -23.88 45.47
CA ASP A 145 8.55 -24.03 45.96
C ASP A 145 7.94 -22.69 46.30
N TYR A 146 6.62 -22.67 46.28
CA TYR A 146 5.94 -21.46 46.66
C TYR A 146 5.22 -21.72 47.95
N GLN A 147 4.80 -20.65 48.62
CA GLN A 147 3.95 -20.72 49.79
C GLN A 147 2.93 -19.60 49.66
N ASP A 148 1.91 -19.62 50.52
CA ASP A 148 0.93 -18.56 50.55
C ASP A 148 1.53 -17.30 51.15
N ASN A 149 0.95 -16.17 50.78
CA ASN A 149 1.34 -14.87 51.32
C ASN A 149 0.57 -14.59 52.60
N TYR A 150 0.78 -13.41 53.18
CA TYR A 150 0.18 -13.08 54.48
C TYR A 150 -1.34 -13.18 54.59
N ASP A 151 -2.06 -13.21 53.47
CA ASP A 151 -3.52 -13.32 53.59
C ASP A 151 -4.10 -14.44 52.74
N GLY A 152 -3.24 -15.34 52.29
CA GLY A 152 -3.67 -16.49 51.52
C GLY A 152 -4.37 -16.15 50.23
N SER A 153 -3.98 -15.03 49.62
CA SER A 153 -4.59 -14.55 48.39
C SER A 153 -3.62 -14.64 47.20
N GLU A 154 -2.33 -14.58 47.52
CA GLU A 154 -1.29 -14.67 46.51
C GLU A 154 -0.34 -15.81 46.87
N ARG A 155 0.70 -15.98 46.06
CA ARG A 155 1.72 -16.99 46.34
C ARG A 155 3.10 -16.40 46.15
N GLU A 156 3.94 -16.52 47.17
CA GLU A 156 5.30 -16.01 47.07
C GLU A 156 6.29 -17.17 47.13
N PRO A 157 7.46 -17.01 46.50
CA PRO A 157 8.41 -18.11 46.63
C PRO A 157 8.99 -18.12 48.03
N VAL A 158 9.45 -19.30 48.43
CA VAL A 158 10.08 -19.48 49.72
C VAL A 158 11.60 -19.23 49.62
N VAL A 159 12.12 -19.34 48.41
CA VAL A 159 13.56 -19.25 48.14
C VAL A 159 13.76 -19.00 46.65
N MET A 160 14.73 -18.18 46.26
CA MET A 160 15.01 -18.00 44.85
C MET A 160 15.82 -19.17 44.36
N PRO A 161 15.93 -19.32 43.04
CA PRO A 161 16.89 -20.28 42.49
C PRO A 161 18.31 -19.83 42.82
N SER A 162 18.60 -18.55 42.66
CA SER A 162 19.84 -17.95 43.14
C SER A 162 21.03 -18.51 42.39
N ARG A 163 21.08 -18.31 41.07
CA ARG A 163 22.08 -19.00 40.25
C ARG A 163 23.52 -18.48 40.42
N PHE A 164 23.74 -17.57 41.35
CA PHE A 164 25.09 -17.26 41.84
C PHE A 164 25.02 -17.07 43.37
N PRO A 165 26.11 -17.41 44.09
CA PRO A 165 26.11 -17.42 45.57
C PRO A 165 26.00 -16.02 46.25
N ASN A 166 24.78 -15.53 46.36
CA ASN A 166 24.48 -14.16 46.78
C ASN A 166 24.78 -13.85 48.26
N LEU A 167 24.67 -14.87 49.11
CA LEU A 167 24.86 -14.71 50.55
C LEU A 167 26.31 -14.41 50.92
N LEU A 168 27.23 -15.04 50.22
CA LEU A 168 28.62 -14.75 50.47
C LEU A 168 29.07 -13.51 49.73
N VAL A 169 28.59 -13.36 48.50
CA VAL A 169 29.00 -12.24 47.67
C VAL A 169 28.56 -10.86 48.17
N ASN A 170 27.27 -10.71 48.54
CA ASN A 170 26.77 -9.39 48.94
C ASN A 170 26.73 -9.12 50.42
N GLY A 171 26.84 -10.21 51.19
CA GLY A 171 26.87 -10.18 52.64
C GLY A 171 25.50 -10.25 53.27
N ALA A 172 25.48 -9.96 54.56
CA ALA A 172 24.21 -9.85 55.28
C ALA A 172 24.48 -9.14 56.59
N ALA A 173 23.46 -8.49 57.11
CA ALA A 173 23.59 -7.80 58.38
C ALA A 173 22.21 -7.70 58.97
N GLY A 174 22.15 -7.72 60.29
CA GLY A 174 20.91 -7.42 60.98
C GLY A 174 20.50 -8.40 62.05
N ILE A 175 19.55 -7.98 62.88
CA ILE A 175 19.15 -8.77 64.04
C ILE A 175 17.80 -9.45 63.84
N ALA A 176 17.62 -10.59 64.51
CA ALA A 176 16.38 -11.38 64.47
C ALA A 176 16.37 -12.36 65.64
N VAL A 177 15.20 -12.57 66.23
CA VAL A 177 15.05 -13.43 67.39
C VAL A 177 16.19 -13.39 68.40
N GLY A 178 16.80 -12.23 68.56
CA GLY A 178 17.87 -12.07 69.52
C GLY A 178 19.23 -12.03 68.87
N MET A 179 19.50 -13.00 67.99
CA MET A 179 20.81 -13.08 67.34
C MET A 179 20.99 -12.08 66.21
N ALA A 180 22.24 -11.71 65.97
CA ALA A 180 22.60 -10.73 64.96
C ALA A 180 23.61 -11.32 64.00
N THR A 181 23.37 -11.12 62.70
CA THR A 181 24.20 -11.68 61.65
C THR A 181 25.02 -10.57 61.01
N ASN A 182 26.29 -10.87 60.74
CA ASN A 182 27.17 -9.92 60.10
C ASN A 182 28.18 -10.61 59.19
N ILE A 183 27.74 -10.94 57.99
CA ILE A 183 28.58 -11.48 56.94
C ILE A 183 28.99 -10.34 56.02
N PRO A 184 30.29 -10.26 55.71
CA PRO A 184 30.77 -9.17 54.86
C PRO A 184 30.83 -9.63 53.40
N PRO A 185 30.74 -8.68 52.45
CA PRO A 185 30.74 -8.92 50.99
C PRO A 185 31.96 -9.69 50.51
N HIS A 186 31.92 -10.23 49.30
CA HIS A 186 33.09 -10.90 48.74
C HIS A 186 33.21 -10.67 47.25
N GLN A 187 34.36 -11.06 46.70
CA GLN A 187 34.61 -10.94 45.28
C GLN A 187 33.95 -12.13 44.59
N LEU A 188 33.16 -11.85 43.57
CA LEU A 188 32.39 -12.86 42.83
C LEU A 188 33.29 -13.96 42.27
N GLY A 189 34.39 -13.56 41.64
CA GLY A 189 35.41 -14.47 41.16
C GLY A 189 35.80 -15.43 42.26
N GLU A 190 36.21 -14.90 43.41
CA GLU A 190 36.70 -15.72 44.52
C GLU A 190 35.69 -16.77 45.03
N ILE A 191 34.49 -16.30 45.39
CA ILE A 191 33.44 -17.19 45.86
C ILE A 191 33.05 -18.28 44.85
N ILE A 192 32.97 -17.92 43.56
CA ILE A 192 32.66 -18.93 42.55
C ILE A 192 33.77 -19.97 42.46
N ASP A 193 35.01 -19.50 42.39
CA ASP A 193 36.18 -20.38 42.33
C ASP A 193 36.19 -21.34 43.51
N GLY A 194 35.73 -20.87 44.65
CA GLY A 194 35.62 -21.71 45.81
C GLY A 194 34.50 -22.72 45.69
N VAL A 195 33.36 -22.30 45.18
CA VAL A 195 32.22 -23.19 45.11
C VAL A 195 32.57 -24.37 44.23
N LEU A 196 33.23 -24.07 43.12
CA LEU A 196 33.74 -25.11 42.24
C LEU A 196 34.79 -25.95 42.96
N ALA A 197 35.65 -25.28 43.72
CA ALA A 197 36.64 -25.97 44.55
C ALA A 197 36.03 -27.02 45.50
N VAL A 198 34.91 -26.69 46.12
CA VAL A 198 34.20 -27.62 46.99
C VAL A 198 33.47 -28.67 46.14
N SER A 199 33.13 -28.28 44.92
CA SER A 199 32.43 -29.20 44.02
C SER A 199 33.34 -30.36 43.67
N GLU A 200 34.57 -30.03 43.28
CA GLU A 200 35.57 -30.99 42.83
C GLU A 200 36.18 -31.80 43.98
N ASN A 201 36.56 -31.07 45.01
CA ASN A 201 37.14 -31.66 46.21
C ASN A 201 36.23 -31.39 47.41
N PRO A 202 35.37 -32.36 47.76
CA PRO A 202 34.36 -32.10 48.78
C PRO A 202 34.94 -32.13 50.19
N ASP A 203 36.22 -32.47 50.28
CA ASP A 203 36.89 -32.62 51.56
C ASP A 203 37.87 -31.49 51.78
N ILE A 204 37.85 -30.52 50.88
CA ILE A 204 38.71 -29.34 50.96
C ILE A 204 38.62 -28.70 52.33
N THR A 205 39.75 -28.18 52.79
CA THR A 205 39.88 -27.68 54.14
C THR A 205 39.98 -26.17 54.10
N ILE A 206 39.69 -25.53 55.22
CA ILE A 206 39.53 -24.07 55.25
C ILE A 206 40.78 -23.28 54.88
N PRO A 207 41.98 -23.75 55.27
CA PRO A 207 43.10 -23.04 54.66
C PRO A 207 43.41 -23.41 53.20
N GLU A 208 43.08 -24.62 52.75
CA GLU A 208 43.16 -24.95 51.33
C GLU A 208 42.17 -24.04 50.60
N LEU A 209 40.99 -23.94 51.18
CA LEU A 209 39.91 -23.10 50.66
C LEU A 209 40.27 -21.63 50.65
N MET A 210 41.14 -21.21 51.55
CA MET A 210 41.45 -19.79 51.70
C MET A 210 42.37 -19.27 50.61
N GLU A 211 43.26 -20.12 50.10
CA GLU A 211 44.12 -19.75 48.98
C GLU A 211 43.29 -19.27 47.79
N VAL A 212 42.03 -19.67 47.76
CA VAL A 212 41.10 -19.26 46.71
C VAL A 212 40.31 -18.01 47.07
N ILE A 213 39.70 -18.00 48.26
CA ILE A 213 39.06 -16.80 48.83
C ILE A 213 39.92 -16.16 49.93
N PRO A 214 40.71 -15.12 49.59
CA PRO A 214 41.70 -14.48 50.48
C PRO A 214 41.08 -13.96 51.75
N GLY A 215 39.93 -13.31 51.56
CA GLY A 215 39.16 -12.71 52.62
C GLY A 215 38.04 -11.87 52.02
N PRO A 216 37.35 -11.11 52.87
CA PRO A 216 36.29 -10.21 52.42
C PRO A 216 36.77 -9.25 51.34
N ASP A 217 35.81 -8.58 50.74
CA ASP A 217 36.09 -7.59 49.72
C ASP A 217 34.96 -6.59 49.76
N PHE A 218 35.13 -5.50 50.50
CA PHE A 218 34.06 -4.53 50.63
C PHE A 218 33.89 -3.70 49.38
N PRO A 219 32.65 -3.24 49.12
CA PRO A 219 32.36 -2.23 48.10
C PRO A 219 33.21 -0.98 48.28
N THR A 220 33.24 -0.39 49.47
CA THR A 220 34.22 0.67 49.72
C THR A 220 35.59 -0.01 49.87
N ALA A 221 36.48 0.24 48.93
CA ALA A 221 37.80 -0.40 48.92
C ALA A 221 38.61 0.04 50.13
N GLY A 222 39.77 -0.58 50.34
CA GLY A 222 40.63 -0.17 51.45
C GLY A 222 41.47 -1.32 52.00
N GLN A 223 41.71 -1.28 53.31
CA GLN A 223 42.58 -2.28 53.89
C GLN A 223 41.94 -3.18 54.93
N ILE A 224 42.26 -4.47 54.82
CA ILE A 224 42.08 -5.44 55.90
C ILE A 224 43.48 -5.73 56.42
N LEU A 225 43.65 -5.72 57.74
CA LEU A 225 45.00 -5.85 58.30
C LEU A 225 45.48 -7.26 58.62
N GLY A 226 44.63 -8.06 59.24
CA GLY A 226 45.06 -9.37 59.66
C GLY A 226 44.57 -10.48 58.77
N ARG A 227 45.51 -11.28 58.24
CA ARG A 227 45.18 -12.57 57.66
C ARG A 227 44.65 -13.50 58.79
N SER A 228 45.08 -13.23 60.01
CA SER A 228 44.73 -14.05 61.19
C SER A 228 43.26 -13.94 61.54
N GLY A 229 42.77 -12.69 61.58
CA GLY A 229 41.37 -12.39 61.87
C GLY A 229 40.43 -13.11 60.92
N ILE A 230 40.56 -12.78 59.63
CA ILE A 230 39.94 -13.54 58.57
C ILE A 230 39.96 -15.06 58.83
N ARG A 231 41.15 -15.65 59.06
CA ARG A 231 41.22 -17.09 59.31
C ARG A 231 40.30 -17.60 60.45
N LYS A 232 40.37 -16.94 61.61
CA LYS A 232 39.47 -17.30 62.72
C LYS A 232 38.01 -17.24 62.29
N ALA A 233 37.64 -16.12 61.67
CA ALA A 233 36.27 -15.92 61.17
C ALA A 233 35.77 -17.05 60.28
N TYR A 234 36.53 -17.43 59.25
CA TYR A 234 36.09 -18.50 58.34
C TYR A 234 36.08 -19.86 58.99
N GLU A 235 37.02 -20.10 59.90
CA GLU A 235 37.10 -21.43 60.50
C GLU A 235 36.03 -21.69 61.57
N SER A 236 35.56 -20.64 62.23
CA SER A 236 34.68 -20.83 63.38
C SER A 236 33.22 -20.40 63.16
N GLY A 237 33.04 -19.30 62.44
CA GLY A 237 31.74 -18.69 62.21
C GLY A 237 31.73 -17.27 62.72
N ARG A 238 32.42 -17.05 63.82
CA ARG A 238 32.55 -15.73 64.44
C ARG A 238 34.01 -15.35 64.52
N GLY A 239 34.28 -14.07 64.34
CA GLY A 239 35.64 -13.61 64.38
C GLY A 239 35.64 -12.12 64.17
N SER A 240 36.72 -11.47 64.55
CA SER A 240 36.77 -10.06 64.36
C SER A 240 37.83 -9.80 63.35
N ILE A 241 37.64 -8.73 62.61
CA ILE A 241 38.55 -8.37 61.55
C ILE A 241 38.83 -6.89 61.68
N THR A 242 39.98 -6.43 61.22
CA THR A 242 40.31 -5.02 61.35
C THR A 242 40.44 -4.35 59.99
N ILE A 243 39.56 -3.37 59.74
CA ILE A 243 39.54 -2.65 58.47
C ILE A 243 40.18 -1.29 58.62
N ARG A 244 40.82 -0.82 57.54
CA ARG A 244 41.55 0.43 57.64
C ARG A 244 41.48 1.23 56.37
N ALA A 245 41.39 2.56 56.55
CA ALA A 245 41.37 3.51 55.47
C ALA A 245 42.67 3.37 54.69
N LYS A 246 42.63 3.65 53.39
CA LYS A 246 43.86 3.69 52.61
C LYS A 246 44.38 5.10 52.59
N ALA A 247 45.31 5.36 53.50
CA ALA A 247 45.93 6.66 53.63
C ALA A 247 47.42 6.51 53.38
N GLU A 248 47.96 7.46 52.63
CA GLU A 248 49.37 7.46 52.32
C GLU A 248 49.90 8.89 52.48
N ILE A 249 51.17 8.99 52.86
CA ILE A 249 51.78 10.28 53.18
C ILE A 249 52.52 10.86 51.99
N GLU A 250 52.03 11.98 51.48
CA GLU A 250 52.61 12.65 50.31
C GLU A 250 53.63 13.69 50.72
N GLN A 251 54.46 14.15 49.78
CA GLN A 251 55.51 15.11 50.08
C GLN A 251 55.55 16.30 49.12
N THR A 252 55.44 17.50 49.68
CA THR A 252 55.53 18.74 48.91
C THR A 252 57.00 19.04 48.58
N SER A 253 57.23 19.89 47.58
CA SER A 253 58.57 20.30 47.21
C SER A 253 59.18 21.22 48.27
N SER A 254 58.36 21.62 49.23
CA SER A 254 58.78 22.48 50.33
C SER A 254 59.21 21.68 51.56
N GLY A 255 59.13 20.35 51.45
CA GLY A 255 59.47 19.47 52.55
C GLY A 255 58.33 19.37 53.54
N LYS A 256 57.14 19.75 53.09
CA LYS A 256 55.94 19.72 53.90
C LYS A 256 55.28 18.38 53.72
N GLU A 257 54.62 17.88 54.76
CA GLU A 257 53.94 16.60 54.63
C GLU A 257 52.42 16.75 54.63
N ARG A 258 51.76 15.79 53.98
CA ARG A 258 50.31 15.77 53.87
C ARG A 258 49.83 14.32 53.68
N ILE A 259 48.95 13.87 54.55
CA ILE A 259 48.35 12.57 54.34
C ILE A 259 47.14 12.75 53.42
N ILE A 260 46.95 11.77 52.53
CA ILE A 260 45.81 11.75 51.62
C ILE A 260 45.08 10.43 51.73
N VAL A 261 43.84 10.50 52.21
CA VAL A 261 43.00 9.32 52.29
C VAL A 261 42.17 9.17 51.03
N THR A 262 42.41 8.11 50.27
CA THR A 262 41.63 7.87 49.06
C THR A 262 40.52 6.83 49.27
N GLU A 263 40.66 6.01 50.31
CA GLU A 263 39.67 4.97 50.63
C GLU A 263 39.33 4.97 52.14
N LEU A 264 38.08 4.63 52.46
CA LEU A 264 37.62 4.54 53.85
C LEU A 264 37.03 3.16 54.16
N PRO A 265 36.98 2.77 55.45
CA PRO A 265 36.41 1.47 55.83
C PRO A 265 34.90 1.37 55.60
N TYR A 266 34.45 0.17 55.22
CA TYR A 266 33.04 -0.16 55.00
C TYR A 266 32.15 0.44 56.06
N GLN A 267 31.02 0.96 55.62
CA GLN A 267 29.98 1.47 56.48
C GLN A 267 30.37 2.67 57.34
N VAL A 268 31.53 3.26 57.08
CA VAL A 268 31.92 4.45 57.83
C VAL A 268 31.55 5.73 57.10
N ASN A 269 31.06 6.71 57.84
CA ASN A 269 30.51 7.90 57.21
C ASN A 269 31.61 8.92 56.94
N LYS A 270 31.79 9.29 55.67
CA LYS A 270 32.82 10.25 55.29
C LYS A 270 32.61 11.59 55.98
N ALA A 271 31.40 12.12 55.85
CA ALA A 271 31.01 13.40 56.45
C ALA A 271 31.35 13.49 57.94
N LYS A 272 30.80 12.54 58.70
CA LYS A 272 30.94 12.53 60.16
C LYS A 272 32.36 12.23 60.63
N LEU A 273 33.20 11.68 59.75
CA LEU A 273 34.61 11.48 60.06
C LEU A 273 35.42 12.75 59.82
N ILE A 274 35.05 13.50 58.79
CA ILE A 274 35.64 14.83 58.61
C ILE A 274 35.31 15.66 59.84
N GLU A 275 34.05 15.55 60.26
CA GLU A 275 33.56 16.17 61.48
C GLU A 275 34.39 15.79 62.70
N LYS A 276 34.41 14.49 63.00
CA LYS A 276 35.16 13.94 64.14
C LYS A 276 36.61 14.40 64.17
N ILE A 277 37.26 14.46 63.01
CA ILE A 277 38.66 14.90 62.98
C ILE A 277 38.76 16.39 63.24
N ALA A 278 37.80 17.15 62.71
CA ALA A 278 37.74 18.57 63.04
C ALA A 278 37.69 18.79 64.55
N ASP A 279 36.82 18.06 65.25
CA ASP A 279 36.71 18.20 66.70
C ASP A 279 37.93 17.66 67.47
N LEU A 280 38.48 16.56 66.97
CA LEU A 280 39.66 15.95 67.58
C LEU A 280 40.85 16.91 67.54
N VAL A 281 41.02 17.61 66.44
CA VAL A 281 42.11 18.58 66.38
C VAL A 281 41.73 19.88 67.10
N ARG A 282 40.44 20.21 67.08
CA ARG A 282 39.97 21.44 67.72
C ARG A 282 40.04 21.38 69.25
N ASP A 283 39.70 20.23 69.83
CA ASP A 283 39.86 20.02 71.27
C ASP A 283 41.34 19.85 71.62
N LYS A 284 42.19 19.79 70.59
CA LYS A 284 43.63 19.53 70.74
C LYS A 284 43.94 18.13 71.28
N LYS A 285 43.08 17.16 70.98
CA LYS A 285 43.33 15.76 71.36
C LYS A 285 44.51 15.22 70.55
N ILE A 286 44.58 15.62 69.28
CA ILE A 286 45.74 15.33 68.44
C ILE A 286 46.23 16.62 67.79
N GLU A 287 47.54 16.80 67.77
CA GLU A 287 48.15 18.04 67.30
C GLU A 287 49.21 17.79 66.23
N GLY A 288 49.49 18.82 65.44
CA GLY A 288 50.42 18.72 64.33
C GLY A 288 49.71 18.88 62.99
N ILE A 289 48.39 18.93 63.05
CA ILE A 289 47.52 19.04 61.89
C ILE A 289 47.32 20.51 61.48
N THR A 290 47.44 20.82 60.19
CA THR A 290 47.39 22.22 59.68
C THR A 290 46.14 22.59 58.87
N ASP A 291 45.70 21.70 57.98
CA ASP A 291 44.52 21.94 57.15
C ASP A 291 43.75 20.66 56.80
N LEU A 292 42.46 20.78 56.50
CA LEU A 292 41.63 19.63 56.19
C LEU A 292 40.68 19.93 55.02
N ARG A 293 40.92 19.29 53.88
CA ARG A 293 40.09 19.55 52.70
C ARG A 293 39.56 18.28 52.03
N ASP A 294 38.28 18.29 51.71
CA ASP A 294 37.63 17.16 51.04
C ASP A 294 37.61 17.34 49.52
N GLU A 295 38.68 16.91 48.86
CA GLU A 295 38.81 17.07 47.40
C GLU A 295 38.12 15.95 46.62
N SER A 296 37.25 15.22 47.31
CA SER A 296 36.48 14.17 46.67
C SER A 296 35.56 14.76 45.61
N ASP A 297 35.57 14.14 44.43
CA ASP A 297 34.77 14.62 43.31
C ASP A 297 34.35 13.45 42.43
N ARG A 298 34.16 13.73 41.13
CA ARG A 298 33.85 12.68 40.16
C ARG A 298 34.97 11.64 40.11
N THR A 299 36.20 12.11 40.27
CA THR A 299 37.38 11.26 40.11
C THR A 299 37.54 10.25 41.25
N GLY A 300 36.76 10.43 42.30
CA GLY A 300 36.84 9.59 43.48
C GLY A 300 37.21 10.42 44.69
N MET A 301 37.56 9.72 45.77
CA MET A 301 37.83 10.34 47.07
C MET A 301 39.26 10.86 47.15
N ARG A 302 39.42 12.10 47.62
CA ARG A 302 40.75 12.62 47.89
C ARG A 302 40.70 13.54 49.10
N ILE A 303 40.72 12.93 50.30
CA ILE A 303 40.72 13.69 51.54
C ILE A 303 42.15 14.06 51.94
N VAL A 304 42.42 15.36 51.94
CA VAL A 304 43.76 15.86 52.20
C VAL A 304 43.86 16.49 53.58
N ILE A 305 44.88 16.06 54.31
CA ILE A 305 45.14 16.60 55.63
C ILE A 305 46.60 17.03 55.68
N GLU A 306 46.83 18.27 56.12
CA GLU A 306 48.16 18.89 56.09
C GLU A 306 48.92 18.80 57.42
N ILE A 307 50.23 18.63 57.33
CA ILE A 307 51.07 18.50 58.52
C ILE A 307 52.20 19.52 58.53
N ARG A 308 52.37 20.19 59.66
CA ARG A 308 53.48 21.10 59.87
C ARG A 308 54.79 20.31 59.95
N ARG A 309 55.88 20.92 59.49
CA ARG A 309 57.19 20.26 59.45
C ARG A 309 57.70 19.75 60.79
N ASP A 310 57.16 20.30 61.88
CA ASP A 310 57.57 19.93 63.23
C ASP A 310 57.16 18.51 63.64
N ALA A 311 56.18 17.95 62.93
CA ALA A 311 55.59 16.66 63.30
C ALA A 311 55.67 15.61 62.19
N ASN A 312 55.91 14.36 62.58
CA ASN A 312 56.00 13.26 61.62
C ASN A 312 54.62 12.75 61.25
N ALA A 313 54.28 12.84 59.96
CA ALA A 313 52.96 12.48 59.48
C ALA A 313 52.63 11.03 59.79
N ASN A 314 53.66 10.20 59.95
CA ASN A 314 53.44 8.79 60.26
C ASN A 314 52.81 8.61 61.64
N VAL A 315 53.45 9.20 62.65
CA VAL A 315 52.96 9.10 64.02
C VAL A 315 51.54 9.64 64.15
N ILE A 316 51.28 10.75 63.46
CA ILE A 316 49.94 11.34 63.41
C ILE A 316 48.93 10.41 62.74
N LEU A 317 49.33 9.77 61.64
CA LEU A 317 48.49 8.79 60.98
C LEU A 317 48.10 7.70 61.97
N ASN A 318 49.07 7.18 62.70
CA ASN A 318 48.79 6.15 63.70
C ASN A 318 47.85 6.60 64.84
N ASN A 319 48.10 7.78 65.38
CA ASN A 319 47.15 8.37 66.33
C ASN A 319 45.75 8.44 65.73
N LEU A 320 45.69 8.73 64.42
CA LEU A 320 44.41 8.83 63.73
C LEU A 320 43.69 7.49 63.60
N TYR A 321 44.40 6.46 63.12
CA TYR A 321 43.84 5.12 63.05
C TYR A 321 43.27 4.73 64.41
N LYS A 322 44.02 5.08 65.47
CA LYS A 322 43.60 4.72 66.82
C LYS A 322 42.35 5.46 67.29
N GLN A 323 42.33 6.78 67.07
CA GLN A 323 41.31 7.65 67.66
C GLN A 323 40.01 7.82 66.88
N THR A 324 40.06 7.61 65.56
CA THR A 324 38.90 7.88 64.73
C THR A 324 38.43 6.62 64.06
N ALA A 325 37.65 6.80 63.00
CA ALA A 325 37.13 5.68 62.25
C ALA A 325 37.90 5.47 60.96
N LEU A 326 39.15 5.94 60.92
CA LEU A 326 40.02 5.60 59.81
C LEU A 326 40.43 4.16 59.92
N GLN A 327 40.22 3.58 61.10
CA GLN A 327 40.47 2.18 61.34
C GLN A 327 39.43 1.67 62.30
N THR A 328 38.74 0.61 61.89
CA THR A 328 37.65 0.11 62.68
C THR A 328 37.61 -1.40 62.80
N SER A 329 36.82 -1.84 63.75
CA SER A 329 36.62 -3.25 64.01
C SER A 329 35.36 -3.73 63.31
N PHE A 330 35.48 -4.79 62.50
CA PHE A 330 34.33 -5.43 61.88
C PHE A 330 34.07 -6.78 62.52
N GLY A 331 32.87 -6.94 63.07
CA GLY A 331 32.51 -8.15 63.78
C GLY A 331 31.83 -9.18 62.90
N ILE A 332 32.62 -10.12 62.39
CA ILE A 332 32.12 -11.20 61.54
C ILE A 332 31.38 -12.28 62.33
N ASN A 333 30.21 -12.65 61.82
CA ASN A 333 29.39 -13.69 62.40
C ASN A 333 28.55 -14.37 61.31
N LEU A 334 29.03 -15.50 60.81
CA LEU A 334 28.35 -16.17 59.71
C LEU A 334 27.10 -16.91 60.18
N LEU A 335 26.02 -16.16 60.35
CA LEU A 335 24.78 -16.72 60.85
C LEU A 335 23.69 -16.66 59.78
N ALA A 336 23.13 -17.80 59.42
CA ALA A 336 22.08 -17.79 58.41
C ALA A 336 21.00 -18.80 58.74
N LEU A 337 20.09 -19.02 57.81
CA LEU A 337 18.94 -19.88 58.10
C LEU A 337 19.03 -21.23 57.39
N VAL A 338 19.37 -22.27 58.15
CA VAL A 338 19.44 -23.61 57.58
C VAL A 338 18.16 -24.34 57.94
N ASP A 339 17.29 -24.49 56.94
CA ASP A 339 15.99 -25.13 57.12
C ASP A 339 15.18 -24.37 58.14
N GLY A 340 15.25 -23.05 58.05
CA GLY A 340 14.44 -22.19 58.90
C GLY A 340 14.86 -22.23 60.34
N GLN A 341 16.17 -22.31 60.53
CA GLN A 341 16.70 -22.30 61.87
C GLN A 341 18.06 -21.61 61.82
N PRO A 342 18.25 -20.61 62.69
CA PRO A 342 19.52 -19.91 62.74
C PRO A 342 20.65 -20.88 63.05
N LYS A 343 21.66 -20.91 62.19
CA LYS A 343 22.86 -21.67 62.47
C LYS A 343 24.10 -20.86 62.14
N VAL A 344 25.15 -21.08 62.92
CA VAL A 344 26.43 -20.42 62.67
C VAL A 344 27.32 -21.36 61.88
N LEU A 345 27.61 -20.98 60.66
CA LEU A 345 28.26 -21.89 59.75
C LEU A 345 29.68 -21.41 59.51
N THR A 346 30.54 -22.35 59.15
CA THR A 346 31.91 -22.00 58.82
C THR A 346 31.96 -21.87 57.32
N LEU A 347 32.89 -21.05 56.82
CA LEU A 347 32.98 -20.78 55.39
C LEU A 347 32.60 -21.99 54.49
N LYS A 348 33.27 -23.10 54.72
CA LYS A 348 33.05 -24.32 53.92
C LYS A 348 31.60 -24.83 53.99
N GLN A 349 30.92 -24.62 55.12
CA GLN A 349 29.55 -25.05 55.24
C GLN A 349 28.64 -24.14 54.40
N CYS A 350 29.01 -22.87 54.31
CA CYS A 350 28.32 -21.94 53.45
C CYS A 350 28.43 -22.36 51.99
N LEU A 351 29.67 -22.54 51.53
CA LEU A 351 29.89 -23.03 50.17
C LEU A 351 29.11 -24.32 49.90
N GLU A 352 29.22 -25.30 50.80
CA GLU A 352 28.48 -26.55 50.67
C GLU A 352 26.96 -26.40 50.57
N HIS A 353 26.38 -25.58 51.44
CA HIS A 353 24.94 -25.36 51.46
C HIS A 353 24.45 -24.68 50.20
N TYR A 354 25.17 -23.66 49.76
CA TYR A 354 24.90 -23.16 48.41
C TYR A 354 24.98 -24.24 47.28
N LEU A 355 26.03 -25.05 47.26
CA LEU A 355 26.18 -26.06 46.23
C LEU A 355 25.05 -27.11 46.25
N ASP A 356 24.56 -27.42 47.44
CA ASP A 356 23.47 -28.37 47.56
C ASP A 356 22.24 -27.76 46.97
N HIS A 357 22.02 -26.49 47.30
CA HIS A 357 20.88 -25.79 46.72
C HIS A 357 20.89 -25.83 45.18
N GLN A 358 21.98 -25.41 44.56
CA GLN A 358 22.08 -25.49 43.10
C GLN A 358 21.95 -26.89 42.53
N LYS A 359 22.41 -27.89 43.25
CA LYS A 359 22.28 -29.26 42.75
C LYS A 359 20.79 -29.64 42.71
N VAL A 360 20.09 -29.26 43.78
CA VAL A 360 18.64 -29.43 43.87
C VAL A 360 18.00 -28.77 42.69
N VAL A 361 18.37 -27.51 42.47
CA VAL A 361 17.79 -26.69 41.41
C VAL A 361 17.93 -27.27 40.00
N ILE A 362 19.14 -27.70 39.65
CA ILE A 362 19.35 -28.31 38.33
C ILE A 362 18.56 -29.62 38.24
N ARG A 363 18.51 -30.39 39.32
CA ARG A 363 17.71 -31.61 39.29
C ARG A 363 16.23 -31.31 39.01
N ARG A 364 15.66 -30.32 39.71
CA ARG A 364 14.25 -29.98 39.52
C ARG A 364 13.99 -29.44 38.14
N ARG A 365 14.88 -28.57 37.69
CA ARG A 365 14.76 -27.97 36.38
C ARG A 365 14.77 -29.02 35.30
N THR A 366 15.76 -29.91 35.32
CA THR A 366 15.85 -30.84 34.21
C THR A 366 14.74 -31.85 34.33
N ALA A 367 14.23 -32.03 35.55
CA ALA A 367 13.05 -32.87 35.71
C ALA A 367 11.86 -32.25 34.98
N TYR A 368 11.75 -30.92 35.05
CA TYR A 368 10.64 -30.18 34.43
C TYR A 368 10.76 -30.16 32.92
N GLU A 369 11.96 -29.83 32.45
CA GLU A 369 12.27 -29.93 31.04
C GLU A 369 11.94 -31.32 30.49
N LEU A 370 12.20 -32.36 31.28
CA LEU A 370 11.87 -33.73 30.86
C LEU A 370 10.37 -33.95 30.83
N ARG A 371 9.65 -33.42 31.82
CA ARG A 371 8.19 -33.54 31.84
C ARG A 371 7.59 -32.98 30.57
N LYS A 372 7.97 -31.73 30.28
CA LYS A 372 7.61 -31.05 29.03
C LYS A 372 7.95 -31.90 27.77
N ALA A 373 9.23 -32.23 27.61
CA ALA A 373 9.69 -33.04 26.51
C ALA A 373 8.87 -34.31 26.31
N GLU A 374 8.84 -35.17 27.33
CA GLU A 374 8.08 -36.41 27.27
C GLU A 374 6.66 -36.14 26.80
N ALA A 375 6.05 -35.06 27.29
CA ALA A 375 4.69 -34.70 26.87
C ALA A 375 4.57 -34.42 25.36
N ARG A 376 5.30 -33.41 24.89
CA ARG A 376 5.28 -33.06 23.45
C ARG A 376 5.64 -34.27 22.55
N ALA A 377 6.53 -35.12 23.04
CA ALA A 377 6.93 -36.29 22.26
C ALA A 377 5.83 -37.33 22.24
N HIS A 378 5.04 -37.37 23.31
CA HIS A 378 3.83 -38.21 23.36
C HIS A 378 2.88 -37.81 22.25
N ILE A 379 2.55 -36.52 22.22
CA ILE A 379 1.67 -36.03 21.15
C ILE A 379 2.21 -36.34 19.75
N LEU A 380 3.50 -36.08 19.54
CA LEU A 380 4.09 -36.41 18.26
C LEU A 380 3.96 -37.90 17.95
N GLU A 381 4.18 -38.77 18.93
CA GLU A 381 3.99 -40.22 18.75
C GLU A 381 2.59 -40.49 18.22
N GLY A 382 1.62 -39.76 18.79
CA GLY A 382 0.26 -39.81 18.30
C GLY A 382 0.17 -39.47 16.81
N LEU A 383 0.73 -38.33 16.43
CA LEU A 383 0.61 -37.89 15.05
C LEU A 383 1.34 -38.79 14.07
N ARG A 384 2.46 -39.37 14.50
CA ARG A 384 3.21 -40.29 13.67
C ARG A 384 2.38 -41.54 13.42
N VAL A 385 1.80 -42.09 14.50
CA VAL A 385 0.81 -43.17 14.35
C VAL A 385 -0.26 -42.84 13.31
N ALA A 386 -0.81 -41.64 13.38
CA ALA A 386 -1.91 -41.29 12.46
C ALA A 386 -1.47 -41.18 11.00
N LEU A 387 -0.38 -40.44 10.76
CA LEU A 387 0.19 -40.34 9.41
C LEU A 387 0.55 -41.71 8.84
N ASP A 388 0.97 -42.60 9.73
CA ASP A 388 1.42 -43.93 9.35
C ASP A 388 0.32 -44.78 8.75
N HIS A 389 -0.86 -44.76 9.35
CA HIS A 389 -2.00 -45.52 8.84
C HIS A 389 -3.06 -44.59 8.27
N LEU A 390 -2.60 -43.52 7.62
CA LEU A 390 -3.45 -42.36 7.33
C LEU A 390 -4.86 -42.69 6.88
N ASP A 391 -4.96 -43.50 5.82
CA ASP A 391 -6.23 -43.87 5.22
C ASP A 391 -7.18 -44.32 6.31
N ALA A 392 -6.82 -45.41 6.97
CA ALA A 392 -7.66 -46.06 7.96
C ALA A 392 -8.19 -45.04 8.96
N VAL A 393 -7.33 -44.12 9.37
CA VAL A 393 -7.72 -43.10 10.34
C VAL A 393 -8.75 -42.15 9.78
N ILE A 394 -8.48 -41.66 8.57
CA ILE A 394 -9.43 -40.82 7.86
C ILE A 394 -10.81 -41.47 7.80
N SER A 395 -10.85 -42.68 7.24
CA SER A 395 -12.12 -43.40 7.06
C SER A 395 -12.82 -43.69 8.39
N LEU A 396 -12.05 -43.93 9.44
CA LEU A 396 -12.63 -44.13 10.75
C LEU A 396 -13.33 -42.85 11.19
N ILE A 397 -12.63 -41.73 11.04
CA ILE A 397 -13.20 -40.44 11.41
C ILE A 397 -14.50 -40.11 10.66
N ARG A 398 -14.48 -40.28 9.33
CA ARG A 398 -15.62 -39.93 8.51
C ARG A 398 -16.76 -40.94 8.61
N ASN A 399 -16.46 -42.13 9.09
CA ASN A 399 -17.54 -43.08 9.37
C ASN A 399 -17.95 -42.97 10.84
N SER A 400 -17.50 -41.91 11.48
CA SER A 400 -17.89 -41.60 12.85
C SER A 400 -18.89 -40.45 12.84
N GLN A 401 -19.84 -40.49 13.75
CA GLN A 401 -20.82 -39.42 13.79
C GLN A 401 -20.39 -38.20 14.61
N THR A 402 -19.73 -38.40 15.75
CA THR A 402 -19.31 -37.29 16.62
C THR A 402 -17.81 -37.28 16.75
N ALA A 403 -17.24 -36.18 17.25
CA ALA A 403 -15.83 -36.18 17.62
C ALA A 403 -15.62 -37.12 18.79
N GLU A 404 -16.63 -37.24 19.64
CA GLU A 404 -16.57 -38.20 20.73
C GLU A 404 -16.42 -39.61 20.18
N ILE A 405 -17.29 -39.93 19.23
CA ILE A 405 -17.36 -41.24 18.60
C ILE A 405 -16.04 -41.59 17.91
N ALA A 406 -15.48 -40.57 17.26
CA ALA A 406 -14.20 -40.73 16.58
C ALA A 406 -13.09 -40.94 17.58
N ARG A 407 -13.16 -40.24 18.71
CA ARG A 407 -12.08 -40.28 19.70
C ARG A 407 -11.99 -41.65 20.32
N THR A 408 -13.11 -42.17 20.80
CA THR A 408 -13.11 -43.53 21.32
C THR A 408 -12.74 -44.53 20.22
N GLY A 409 -13.17 -44.24 18.99
CA GLY A 409 -12.77 -45.04 17.85
C GLY A 409 -11.25 -45.22 17.67
N LEU A 410 -10.54 -44.11 17.50
CA LEU A 410 -9.09 -44.09 17.36
C LEU A 410 -8.41 -44.70 18.56
N ILE A 411 -8.88 -44.33 19.75
CA ILE A 411 -8.33 -44.87 20.99
C ILE A 411 -8.33 -46.39 21.02
N GLU A 412 -9.49 -46.98 20.73
CA GLU A 412 -9.59 -48.43 20.75
C GLU A 412 -8.83 -49.05 19.60
N GLN A 413 -8.86 -48.40 18.45
CA GLN A 413 -8.32 -48.99 17.24
C GLN A 413 -6.79 -49.01 17.20
N PHE A 414 -6.16 -47.97 17.74
CA PHE A 414 -4.71 -47.78 17.54
C PHE A 414 -3.94 -47.66 18.83
N SER A 415 -4.66 -47.80 19.94
CA SER A 415 -4.06 -47.74 21.26
C SER A 415 -3.47 -46.35 21.57
N LEU A 416 -4.30 -45.33 21.41
CA LEU A 416 -3.84 -43.97 21.66
C LEU A 416 -4.50 -43.39 22.91
N THR A 417 -3.93 -42.32 23.45
CA THR A 417 -4.53 -41.63 24.58
C THR A 417 -5.62 -40.70 24.09
N GLU A 418 -6.38 -40.15 25.00
CA GLU A 418 -7.32 -39.11 24.63
C GLU A 418 -6.52 -37.94 24.10
N LYS A 419 -5.40 -37.66 24.76
CA LYS A 419 -4.52 -36.56 24.39
C LYS A 419 -4.08 -36.69 22.94
N GLN A 420 -3.64 -37.89 22.59
CA GLN A 420 -3.16 -38.13 21.24
C GLN A 420 -4.31 -38.09 20.25
N ALA A 421 -5.41 -38.78 20.58
CA ALA A 421 -6.56 -38.83 19.69
C ALA A 421 -6.97 -37.42 19.34
N GLN A 422 -7.36 -36.66 20.36
CA GLN A 422 -7.70 -35.25 20.24
C GLN A 422 -6.71 -34.52 19.33
N ALA A 423 -5.42 -34.59 19.68
CA ALA A 423 -4.39 -33.99 18.83
C ALA A 423 -4.50 -34.38 17.33
N ILE A 424 -4.87 -35.63 17.06
CA ILE A 424 -5.09 -36.09 15.68
C ILE A 424 -6.32 -35.41 15.09
N LEU A 425 -7.41 -35.34 15.85
CA LEU A 425 -8.60 -34.65 15.38
C LEU A 425 -8.32 -33.18 15.13
N ASP A 426 -7.42 -32.59 15.91
CA ASP A 426 -7.11 -31.17 15.75
C ASP A 426 -6.13 -30.88 14.61
N MET A 427 -5.75 -31.92 13.88
CA MET A 427 -4.73 -31.77 12.85
C MET A 427 -5.28 -31.10 11.61
N ARG A 428 -4.76 -29.93 11.23
CA ARG A 428 -5.21 -29.35 9.97
C ARG A 428 -4.67 -30.15 8.79
N LEU A 429 -5.33 -30.04 7.64
CA LEU A 429 -5.04 -30.88 6.49
C LEU A 429 -3.69 -30.65 5.87
N GLN A 430 -3.20 -29.41 5.90
CA GLN A 430 -1.89 -29.12 5.32
C GLN A 430 -0.76 -29.79 6.06
N ARG A 431 -1.00 -30.23 7.30
CA ARG A 431 -0.03 -31.03 8.04
C ARG A 431 0.28 -32.35 7.31
N LEU A 432 -0.53 -32.67 6.31
CA LEU A 432 -0.37 -33.89 5.54
C LEU A 432 0.56 -33.76 4.34
N THR A 433 1.10 -32.57 4.12
CA THR A 433 2.01 -32.41 2.99
C THR A 433 3.31 -33.06 3.39
N GLY A 434 4.10 -33.44 2.39
CA GLY A 434 5.41 -34.03 2.65
C GLY A 434 6.26 -33.24 3.63
N LEU A 435 6.53 -31.98 3.29
CA LEU A 435 7.35 -31.13 4.14
C LEU A 435 6.91 -31.08 5.61
N GLU A 436 5.62 -31.19 5.84
CA GLU A 436 5.12 -31.18 7.19
C GLU A 436 5.34 -32.52 7.91
N ARG A 437 5.24 -33.61 7.18
CA ARG A 437 5.46 -34.92 7.78
C ARG A 437 6.93 -35.06 8.15
N GLU A 438 7.77 -34.49 7.28
CA GLU A 438 9.19 -34.36 7.55
C GLU A 438 9.48 -33.48 8.77
N LYS A 439 8.76 -32.38 8.91
CA LYS A 439 8.93 -31.53 10.10
C LYS A 439 8.56 -32.26 11.40
N ILE A 440 7.48 -33.03 11.35
CA ILE A 440 7.06 -33.82 12.50
C ILE A 440 8.13 -34.83 12.87
N GLU A 441 8.54 -35.65 11.90
CA GLU A 441 9.61 -36.60 12.18
C GLU A 441 10.84 -35.91 12.75
N GLU A 442 11.21 -34.75 12.23
CA GLU A 442 12.39 -34.06 12.77
C GLU A 442 12.21 -33.66 14.23
N GLU A 443 11.05 -33.08 14.57
CA GLU A 443 10.84 -32.61 15.95
C GLU A 443 10.82 -33.78 16.91
N TYR A 444 10.13 -34.85 16.50
CA TYR A 444 10.14 -36.07 17.29
C TYR A 444 11.56 -36.59 17.49
N GLN A 445 12.35 -36.62 16.43
CA GLN A 445 13.73 -37.06 16.55
C GLN A 445 14.47 -36.25 17.60
N SER A 446 14.60 -34.96 17.32
CA SER A 446 15.17 -34.01 18.25
C SER A 446 14.74 -34.28 19.70
N LEU A 447 13.48 -34.70 19.83
CA LEU A 447 12.88 -34.85 21.16
C LEU A 447 13.27 -36.13 21.85
N VAL A 448 13.43 -37.18 21.08
CA VAL A 448 13.89 -38.44 21.64
C VAL A 448 15.32 -38.24 22.12
N LYS A 449 16.14 -37.58 21.29
CA LYS A 449 17.50 -37.21 21.70
C LYS A 449 17.50 -36.41 23.01
N LEU A 450 16.56 -35.47 23.13
CA LEU A 450 16.52 -34.65 24.33
C LEU A 450 16.03 -35.40 25.57
N ILE A 451 15.03 -36.26 25.44
CA ILE A 451 14.62 -37.08 26.61
C ILE A 451 15.77 -37.99 27.04
N ALA A 452 16.54 -38.47 26.06
CA ALA A 452 17.73 -39.25 26.37
C ALA A 452 18.64 -38.43 27.28
N GLU A 453 19.20 -37.35 26.71
CA GLU A 453 20.12 -36.52 27.47
C GLU A 453 19.57 -36.11 28.84
N LEU A 454 18.28 -35.82 28.89
CA LEU A 454 17.68 -35.37 30.14
C LEU A 454 17.69 -36.48 31.19
N LYS A 455 17.21 -37.65 30.82
CA LYS A 455 17.20 -38.80 31.72
C LYS A 455 18.61 -39.13 32.24
N ASP A 456 19.61 -38.93 31.36
CA ASP A 456 20.98 -39.14 31.81
C ASP A 456 21.49 -38.10 32.82
N ILE A 457 21.31 -36.82 32.53
CA ILE A 457 21.62 -35.78 33.51
C ILE A 457 21.00 -36.09 34.85
N LEU A 458 19.75 -36.53 34.83
CA LEU A 458 19.08 -36.93 36.07
C LEU A 458 19.82 -38.05 36.82
N ALA A 459 20.08 -39.14 36.12
CA ALA A 459 20.71 -40.30 36.77
C ALA A 459 22.19 -40.19 37.16
N ASN A 460 22.90 -39.19 36.67
CA ASN A 460 24.33 -39.12 36.87
C ASN A 460 24.77 -37.81 37.48
N GLU A 461 25.01 -37.81 38.79
CA GLU A 461 25.27 -36.55 39.50
C GLU A 461 26.47 -35.79 38.96
N TYR A 462 27.41 -36.49 38.32
CA TYR A 462 28.59 -35.82 37.80
C TYR A 462 28.25 -34.88 36.64
N LYS A 463 27.23 -35.24 35.86
CA LYS A 463 26.67 -34.40 34.81
C LYS A 463 26.08 -33.11 35.38
N VAL A 464 25.32 -33.26 36.47
CA VAL A 464 24.70 -32.15 37.14
C VAL A 464 25.76 -31.18 37.67
N LEU A 465 26.75 -31.73 38.35
CA LEU A 465 27.88 -30.92 38.79
C LEU A 465 28.48 -30.19 37.59
N GLU A 466 28.56 -30.89 36.46
CA GLU A 466 29.14 -30.31 35.25
C GLU A 466 28.37 -29.11 34.80
N ILE A 467 27.06 -29.26 34.68
CA ILE A 467 26.17 -28.14 34.40
C ILE A 467 26.52 -26.96 35.33
N ILE A 468 26.42 -27.16 36.65
CA ILE A 468 26.72 -26.10 37.64
C ILE A 468 28.08 -25.39 37.39
N ARG A 469 29.13 -26.15 37.07
CA ARG A 469 30.44 -25.57 36.73
C ARG A 469 30.37 -24.68 35.50
N GLU A 470 29.75 -25.20 34.44
CA GLU A 470 29.62 -24.48 33.18
C GLU A 470 28.88 -23.17 33.35
N GLU A 471 27.72 -23.25 33.98
CA GLU A 471 26.84 -22.11 34.15
C GLU A 471 27.46 -21.07 35.07
N LEU A 472 28.02 -21.52 36.19
CA LEU A 472 28.68 -20.61 37.13
C LEU A 472 29.89 -19.94 36.51
N THR A 473 30.59 -20.65 35.64
CA THR A 473 31.78 -20.08 34.99
C THR A 473 31.39 -19.10 33.89
N GLU A 474 30.24 -19.34 33.27
CA GLU A 474 29.69 -18.36 32.33
C GLU A 474 29.33 -17.06 33.05
N ILE A 475 28.65 -17.19 34.20
CA ILE A 475 28.35 -16.04 35.05
C ILE A 475 29.60 -15.29 35.49
N LYS A 476 30.65 -16.04 35.86
CA LYS A 476 31.88 -15.40 36.27
C LYS A 476 32.45 -14.67 35.08
N GLU A 477 32.37 -15.31 33.93
CA GLU A 477 32.95 -14.76 32.72
C GLU A 477 32.29 -13.44 32.37
N ARG A 478 31.01 -13.32 32.71
CA ARG A 478 30.22 -12.16 32.32
C ARG A 478 30.16 -11.03 33.37
N PHE A 479 30.21 -11.36 34.65
CA PHE A 479 30.07 -10.34 35.69
C PHE A 479 31.32 -9.98 36.50
N ASN A 480 32.40 -10.74 36.37
CA ASN A 480 33.57 -10.59 37.26
C ASN A 480 34.25 -9.24 37.21
N ASP A 481 34.76 -8.78 38.35
CA ASP A 481 35.50 -7.53 38.40
C ASP A 481 36.77 -7.66 39.24
N GLU A 482 37.52 -6.57 39.40
CA GLU A 482 38.75 -6.57 40.19
C GLU A 482 38.51 -6.39 41.70
N ARG A 483 39.22 -7.18 42.51
CA ARG A 483 39.18 -7.03 43.96
C ARG A 483 39.51 -5.59 44.33
N ARG A 484 38.76 -5.03 45.28
CA ARG A 484 38.89 -3.61 45.64
C ARG A 484 39.58 -3.44 46.97
N THR A 485 39.43 -4.44 47.84
CA THR A 485 40.00 -4.40 49.17
C THR A 485 41.26 -5.26 49.27
N GLU A 486 42.37 -4.61 49.60
CA GLU A 486 43.70 -5.22 49.59
C GLU A 486 43.97 -5.82 50.96
N ILE A 487 44.31 -7.09 51.00
CA ILE A 487 44.63 -7.73 52.27
C ILE A 487 46.11 -7.62 52.60
N VAL A 488 46.43 -6.65 53.44
CA VAL A 488 47.78 -6.34 53.88
C VAL A 488 48.19 -7.27 55.01
N THR A 489 49.44 -7.73 55.00
CA THR A 489 49.91 -8.66 56.04
C THR A 489 51.04 -8.07 56.91
N ARG B 33 -18.94 24.10 12.13
CA ARG B 33 -19.20 25.53 12.22
C ARG B 33 -19.59 25.89 13.67
N ALA B 34 -19.41 24.90 14.57
CA ALA B 34 -19.98 24.84 15.95
C ALA B 34 -21.30 24.06 15.94
N LEU B 35 -21.96 24.10 14.79
CA LEU B 35 -23.30 23.55 14.64
C LEU B 35 -23.19 22.05 14.37
N PRO B 36 -24.10 21.26 14.94
CA PRO B 36 -24.07 19.82 14.69
C PRO B 36 -24.69 19.36 13.35
N ASP B 37 -24.19 18.26 12.82
CA ASP B 37 -24.79 17.59 11.68
C ASP B 37 -26.15 17.09 12.16
N VAL B 38 -27.17 17.13 11.31
CA VAL B 38 -28.51 16.67 11.69
C VAL B 38 -28.60 15.15 11.85
N ARG B 39 -27.70 14.44 11.19
CA ARG B 39 -27.80 13.00 11.14
C ARG B 39 -27.24 12.37 12.41
N ASP B 40 -26.13 12.88 12.91
CA ASP B 40 -25.56 12.31 14.10
C ASP B 40 -25.60 13.22 15.32
N GLY B 41 -25.90 14.51 15.09
CA GLY B 41 -26.01 15.47 16.16
C GLY B 41 -24.73 15.81 16.92
N LEU B 42 -23.60 15.80 16.22
CA LEU B 42 -22.31 16.10 16.84
C LEU B 42 -21.59 17.29 16.20
N LYS B 43 -21.03 18.17 17.04
CA LYS B 43 -20.13 19.19 16.58
C LYS B 43 -18.92 18.43 16.05
N PRO B 44 -18.11 19.06 15.18
CA PRO B 44 -16.81 18.52 14.76
C PRO B 44 -16.09 17.81 15.89
N VAL B 45 -15.78 18.59 16.92
CA VAL B 45 -15.00 18.13 18.06
C VAL B 45 -15.48 16.83 18.69
N HIS B 46 -16.78 16.74 18.94
CA HIS B 46 -17.34 15.55 19.58
C HIS B 46 -17.19 14.33 18.68
N ARG B 47 -17.50 14.51 17.40
CA ARG B 47 -17.39 13.42 16.42
C ARG B 47 -15.95 12.92 16.33
N ARG B 48 -15.00 13.84 16.37
CA ARG B 48 -13.58 13.47 16.38
C ARG B 48 -13.14 12.76 17.66
N ILE B 49 -13.29 13.41 18.81
CA ILE B 49 -13.11 12.72 20.10
C ILE B 49 -13.68 11.28 20.14
N LEU B 50 -14.95 11.11 19.78
CA LEU B 50 -15.55 9.78 19.76
C LEU B 50 -14.76 8.86 18.84
N TYR B 51 -14.58 9.27 17.59
CA TYR B 51 -13.89 8.42 16.62
C TYR B 51 -12.51 7.97 17.09
N ALA B 52 -11.76 8.89 17.70
CA ALA B 52 -10.44 8.58 18.23
C ALA B 52 -10.58 7.57 19.36
N MET B 53 -11.38 7.89 20.36
CA MET B 53 -11.62 6.99 21.49
C MET B 53 -11.89 5.56 21.03
N ASN B 54 -12.63 5.44 19.93
CA ASN B 54 -13.02 4.14 19.40
C ASN B 54 -11.89 3.51 18.56
N ASP B 55 -11.03 4.37 18.03
CA ASP B 55 -9.85 3.91 17.32
C ASP B 55 -8.86 3.37 18.34
N LEU B 56 -8.68 4.11 19.42
CA LEU B 56 -7.70 3.76 20.44
C LEU B 56 -8.19 2.69 21.42
N GLY B 57 -9.27 2.02 21.08
CA GLY B 57 -9.82 0.96 21.91
C GLY B 57 -10.43 1.40 23.23
N MET B 58 -10.66 2.69 23.41
CA MET B 58 -11.22 3.18 24.67
C MET B 58 -12.74 2.98 24.73
N THR B 59 -13.20 1.76 24.49
CA THR B 59 -14.63 1.44 24.42
C THR B 59 -15.28 1.11 25.78
N SER B 60 -16.55 0.71 25.75
CA SER B 60 -17.32 0.50 26.98
C SER B 60 -16.85 -0.68 27.81
N ASP B 61 -16.28 -1.69 27.16
CA ASP B 61 -15.86 -2.91 27.85
C ASP B 61 -14.45 -2.76 28.38
N LYS B 62 -13.59 -2.24 27.52
CA LYS B 62 -12.18 -2.06 27.80
C LYS B 62 -11.99 -1.09 28.98
N PRO B 63 -10.80 -1.09 29.61
CA PRO B 63 -10.68 -0.24 30.78
C PRO B 63 -10.34 1.19 30.38
N TYR B 64 -10.43 2.09 31.35
CA TYR B 64 -10.27 3.51 31.12
C TYR B 64 -8.84 3.79 30.68
N LYS B 65 -8.66 4.93 30.02
CA LYS B 65 -7.33 5.39 29.66
C LYS B 65 -7.23 6.87 30.01
N LYS B 66 -6.02 7.37 30.19
CA LYS B 66 -5.88 8.74 30.67
C LYS B 66 -6.39 9.70 29.60
N SER B 67 -7.18 10.68 30.01
CA SER B 67 -7.71 11.72 29.11
C SER B 67 -6.61 12.25 28.20
N ALA B 68 -5.55 12.76 28.80
CA ALA B 68 -4.36 13.24 28.09
C ALA B 68 -4.04 12.49 26.80
N ARG B 69 -4.32 11.19 26.78
CA ARG B 69 -4.13 10.37 25.60
C ARG B 69 -5.16 10.64 24.53
N ILE B 70 -6.43 10.55 24.88
CA ILE B 70 -7.46 10.77 23.88
C ILE B 70 -7.36 12.22 23.39
N VAL B 71 -7.06 13.14 24.29
CA VAL B 71 -6.94 14.54 23.89
C VAL B 71 -5.80 14.74 22.91
N GLY B 72 -4.59 14.33 23.28
CA GLY B 72 -3.46 14.57 22.41
C GLY B 72 -3.60 13.86 21.07
N GLU B 73 -4.23 12.69 21.11
CA GLU B 73 -4.50 11.95 19.90
C GLU B 73 -5.35 12.80 18.98
N VAL B 74 -6.47 13.29 19.52
CA VAL B 74 -7.39 14.15 18.75
C VAL B 74 -6.75 15.44 18.22
N ILE B 75 -6.08 16.19 19.11
CA ILE B 75 -5.32 17.37 18.71
C ILE B 75 -4.38 17.10 17.55
N GLY B 76 -3.58 16.03 17.65
CA GLY B 76 -2.62 15.74 16.61
C GLY B 76 -3.20 15.26 15.28
N LYS B 77 -4.27 14.48 15.34
CA LYS B 77 -4.70 13.77 14.16
C LYS B 77 -5.93 14.33 13.47
N TYR B 78 -6.86 14.89 14.23
CA TYR B 78 -8.12 15.31 13.62
C TYR B 78 -8.57 16.76 13.89
N HIS B 79 -8.29 17.29 15.08
CA HIS B 79 -8.85 18.59 15.46
C HIS B 79 -7.85 19.50 16.20
N PRO B 80 -7.00 20.23 15.45
CA PRO B 80 -5.83 20.91 16.04
C PRO B 80 -6.10 22.24 16.73
N HIS B 81 -6.72 22.26 17.91
CA HIS B 81 -7.11 23.53 18.52
C HIS B 81 -6.68 23.76 19.97
N GLY B 82 -6.19 22.74 20.64
CA GLY B 82 -5.63 22.99 21.95
C GLY B 82 -6.31 22.24 23.07
N ASP B 83 -5.51 21.91 24.10
CA ASP B 83 -5.95 21.14 25.25
C ASP B 83 -7.20 21.74 25.87
N SER B 84 -7.23 23.07 25.87
CA SER B 84 -8.38 23.83 26.28
C SER B 84 -9.64 23.19 25.70
N ALA B 85 -9.88 23.50 24.43
CA ALA B 85 -11.13 23.21 23.76
C ALA B 85 -11.44 21.74 23.77
N VAL B 86 -10.44 20.94 23.43
CA VAL B 86 -10.68 19.54 23.24
C VAL B 86 -11.02 18.90 24.55
N TYR B 87 -10.24 19.18 25.58
CA TYR B 87 -10.52 18.55 26.85
C TYR B 87 -11.89 18.95 27.34
N GLU B 88 -12.14 20.26 27.39
CA GLU B 88 -13.44 20.70 27.90
C GLU B 88 -14.61 20.07 27.13
N SER B 89 -14.45 19.94 25.81
CA SER B 89 -15.46 19.26 24.98
C SER B 89 -15.69 17.85 25.48
N MET B 90 -14.61 17.08 25.58
CA MET B 90 -14.69 15.69 26.03
C MET B 90 -15.44 15.62 27.33
N VAL B 91 -14.94 16.38 28.31
CA VAL B 91 -15.52 16.51 29.63
C VAL B 91 -17.02 16.75 29.64
N ARG B 92 -17.48 17.66 28.78
CA ARG B 92 -18.89 18.03 28.74
C ARG B 92 -19.81 16.84 28.40
N MET B 93 -19.31 15.91 27.59
CA MET B 93 -20.05 14.70 27.26
C MET B 93 -19.97 13.66 28.36
N ALA B 94 -19.31 13.98 29.46
CA ALA B 94 -19.14 13.02 30.54
C ALA B 94 -20.03 13.39 31.69
N GLN B 95 -20.52 14.64 31.63
CA GLN B 95 -21.26 15.28 32.71
C GLN B 95 -22.74 14.91 32.68
N ASP B 96 -23.21 14.32 33.76
CA ASP B 96 -24.57 13.84 33.84
C ASP B 96 -25.54 15.01 33.91
N PHE B 97 -25.04 16.18 34.28
CA PHE B 97 -25.87 17.38 34.38
C PHE B 97 -25.80 18.25 33.13
N ASN B 98 -25.18 17.74 32.09
CA ASN B 98 -25.08 18.47 30.83
C ASN B 98 -25.54 17.58 29.69
N TYR B 99 -25.44 16.28 29.91
CA TYR B 99 -25.89 15.34 28.91
C TYR B 99 -27.05 14.51 29.43
N ARG B 100 -28.06 14.34 28.59
CA ARG B 100 -29.22 13.58 29.02
C ARG B 100 -28.81 12.12 29.05
N TYR B 101 -27.95 11.72 28.13
CA TYR B 101 -27.41 10.37 28.06
C TYR B 101 -25.95 10.52 27.75
N MET B 102 -25.10 10.47 28.76
CA MET B 102 -23.71 10.84 28.57
C MET B 102 -23.01 9.87 27.62
N LEU B 103 -22.31 10.46 26.65
CA LEU B 103 -21.53 9.72 25.66
C LEU B 103 -20.16 9.27 26.17
N VAL B 104 -19.59 10.03 27.10
CA VAL B 104 -18.26 9.75 27.65
C VAL B 104 -18.32 9.25 29.08
N ASP B 105 -17.91 7.99 29.27
CA ASP B 105 -17.72 7.40 30.59
C ASP B 105 -16.49 8.03 31.25
N GLY B 106 -16.72 8.73 32.34
CA GLY B 106 -15.63 9.42 33.00
C GLY B 106 -15.41 8.84 34.38
N HIS B 107 -14.15 8.73 34.76
CA HIS B 107 -13.78 8.28 36.10
C HIS B 107 -12.86 9.33 36.71
N GLY B 108 -13.23 9.85 37.88
CA GLY B 108 -12.51 10.95 38.47
C GLY B 108 -13.38 12.18 38.49
N ASN B 109 -12.83 13.32 38.88
CA ASN B 109 -13.62 14.54 38.98
C ASN B 109 -13.80 15.23 37.65
N PHE B 110 -14.96 15.04 37.05
CA PHE B 110 -15.29 15.81 35.86
C PHE B 110 -16.21 16.97 36.24
N GLY B 111 -15.87 17.67 37.31
CA GLY B 111 -16.62 18.84 37.69
C GLY B 111 -18.05 18.59 38.14
N SER B 112 -18.77 19.65 38.50
CA SER B 112 -20.08 19.47 39.11
C SER B 112 -21.09 20.57 38.78
N VAL B 113 -22.29 20.38 39.33
CA VAL B 113 -23.41 21.32 39.14
C VAL B 113 -23.12 22.65 39.82
N ASP B 114 -22.27 22.63 40.84
CA ASP B 114 -21.97 23.85 41.57
C ASP B 114 -20.94 24.71 40.85
N GLY B 115 -20.51 24.26 39.69
CA GLY B 115 -19.69 25.07 38.83
C GLY B 115 -18.20 24.80 38.84
N ASP B 116 -17.72 24.00 39.78
CA ASP B 116 -16.31 23.64 39.80
C ASP B 116 -16.03 22.89 38.52
N SER B 117 -14.83 23.10 37.98
CA SER B 117 -14.47 22.54 36.70
C SER B 117 -13.68 21.27 36.94
N ALA B 118 -13.47 20.53 35.86
CA ALA B 118 -12.87 19.21 35.95
C ALA B 118 -11.41 19.32 36.31
N ALA B 119 -10.86 18.18 36.75
CA ALA B 119 -9.46 18.10 37.10
C ALA B 119 -8.66 18.03 35.81
N ALA B 120 -7.36 18.25 35.90
CA ALA B 120 -6.48 18.25 34.74
C ALA B 120 -6.54 16.90 34.04
N MET B 121 -6.42 16.90 32.71
CA MET B 121 -6.42 15.65 31.94
C MET B 121 -5.35 14.63 32.35
N ARG B 122 -4.28 15.09 33.00
CA ARG B 122 -3.30 14.15 33.48
C ARG B 122 -3.88 13.33 34.63
N TYR B 123 -4.91 13.86 35.28
CA TYR B 123 -5.53 13.21 36.45
C TYR B 123 -6.89 12.57 36.18
N THR B 124 -7.37 12.57 34.95
CA THR B 124 -8.66 11.89 34.73
C THR B 124 -8.62 10.67 33.84
N GLU B 125 -9.69 9.91 33.88
CA GLU B 125 -9.78 8.73 33.07
C GLU B 125 -11.12 8.68 32.34
N ALA B 126 -11.09 8.08 31.15
CA ALA B 126 -12.17 8.26 30.22
C ALA B 126 -12.36 6.98 29.42
N ARG B 127 -13.54 6.84 28.82
CA ARG B 127 -13.79 5.83 27.78
C ARG B 127 -15.12 6.13 27.16
N MET B 128 -15.50 5.37 26.15
CA MET B 128 -16.85 5.46 25.61
C MET B 128 -17.84 4.86 26.59
N SER B 129 -18.99 5.51 26.72
CA SER B 129 -20.11 4.99 27.49
C SER B 129 -20.78 3.88 26.71
N LYS B 130 -21.54 3.04 27.40
CA LYS B 130 -22.30 1.96 26.75
C LYS B 130 -23.19 2.47 25.62
N ILE B 131 -23.77 3.64 25.81
CA ILE B 131 -24.73 4.17 24.85
C ILE B 131 -24.06 4.69 23.57
N SER B 132 -22.89 5.30 23.68
CA SER B 132 -22.23 5.85 22.49
C SER B 132 -21.72 4.74 21.61
N MET B 133 -21.54 3.58 22.24
CA MET B 133 -21.28 2.37 21.47
C MET B 133 -22.31 2.20 20.35
N GLU B 134 -23.53 2.67 20.59
CA GLU B 134 -24.56 2.71 19.56
C GLU B 134 -24.29 3.76 18.50
N ILE B 135 -23.73 4.91 18.90
CA ILE B 135 -23.36 5.96 17.95
C ILE B 135 -22.32 5.45 16.97
N LEU B 136 -21.51 4.50 17.44
CA LEU B 136 -20.48 4.03 16.54
C LEU B 136 -20.78 2.72 15.81
N ARG B 137 -21.85 2.02 16.20
CA ARG B 137 -22.24 0.73 15.63
C ARG B 137 -22.11 0.72 14.11
N ASP B 138 -21.63 -0.37 13.54
CA ASP B 138 -21.57 -0.55 12.08
C ASP B 138 -20.67 0.41 11.31
N ILE B 139 -19.79 1.14 11.98
CA ILE B 139 -18.87 2.04 11.27
C ILE B 139 -17.83 1.26 10.49
N THR B 140 -17.67 -0.01 10.82
CA THR B 140 -16.71 -0.86 10.15
C THR B 140 -17.28 -1.39 8.88
N LYS B 141 -18.60 -1.38 8.81
CA LYS B 141 -19.30 -2.13 7.80
C LYS B 141 -19.56 -1.29 6.58
N ASP B 142 -18.79 -0.22 6.42
CA ASP B 142 -18.88 0.63 5.26
C ASP B 142 -20.27 1.30 5.25
N THR B 143 -20.54 2.09 6.28
CA THR B 143 -21.80 2.81 6.29
C THR B 143 -21.65 4.34 6.25
N ILE B 144 -20.43 4.81 6.42
CA ILE B 144 -20.16 6.23 6.45
C ILE B 144 -18.98 6.53 5.54
N ASP B 145 -18.87 7.78 5.10
CA ASP B 145 -17.76 8.16 4.23
C ASP B 145 -16.69 8.88 4.99
N TYR B 146 -15.46 8.59 4.64
CA TYR B 146 -14.33 9.09 5.38
C TYR B 146 -13.73 10.17 4.53
N GLN B 147 -13.10 11.15 5.16
CA GLN B 147 -12.43 12.22 4.44
C GLN B 147 -11.09 12.43 5.10
N ASP B 148 -10.20 13.15 4.44
CA ASP B 148 -8.88 13.41 4.99
C ASP B 148 -8.97 14.43 6.13
N ASN B 149 -8.05 14.32 7.08
CA ASN B 149 -7.98 15.25 8.20
C ASN B 149 -7.23 16.50 7.78
N TYR B 150 -6.93 17.36 8.75
CA TYR B 150 -6.33 18.66 8.44
C TYR B 150 -5.05 18.63 7.56
N ASP B 151 -4.11 17.74 7.86
CA ASP B 151 -2.84 17.74 7.15
C ASP B 151 -2.74 16.70 6.03
N GLY B 152 -3.80 15.92 5.85
CA GLY B 152 -3.86 14.95 4.76
C GLY B 152 -3.17 13.66 5.11
N SER B 153 -2.78 13.52 6.37
CA SER B 153 -2.05 12.36 6.87
C SER B 153 -2.99 11.19 7.24
N GLU B 154 -4.07 11.48 7.97
CA GLU B 154 -4.98 10.43 8.38
C GLU B 154 -6.36 10.59 7.74
N ARG B 155 -7.35 9.91 8.29
CA ARG B 155 -8.73 10.02 7.84
C ARG B 155 -9.69 10.05 9.01
N GLU B 156 -10.79 10.77 8.84
CA GLU B 156 -11.83 10.84 9.85
C GLU B 156 -13.19 10.64 9.20
N PRO B 157 -14.19 10.22 9.98
CA PRO B 157 -15.52 10.16 9.37
C PRO B 157 -16.11 11.54 9.14
N VAL B 158 -17.08 11.63 8.23
CA VAL B 158 -17.79 12.89 8.00
C VAL B 158 -19.13 12.83 8.71
N VAL B 159 -19.44 11.64 9.22
CA VAL B 159 -20.69 11.41 9.96
C VAL B 159 -20.63 10.00 10.57
N MET B 160 -21.20 9.82 11.75
CA MET B 160 -21.20 8.50 12.38
C MET B 160 -22.45 7.76 11.96
N PRO B 161 -22.45 6.41 12.06
CA PRO B 161 -23.66 5.67 11.69
C PRO B 161 -24.83 6.10 12.54
N SER B 162 -24.54 6.32 13.81
CA SER B 162 -25.47 7.00 14.70
C SER B 162 -26.79 6.26 14.80
N ARG B 163 -26.74 5.09 15.45
CA ARG B 163 -27.84 4.12 15.36
C ARG B 163 -29.01 4.43 16.29
N PHE B 164 -28.82 5.42 17.15
CA PHE B 164 -29.92 6.01 17.91
C PHE B 164 -29.81 7.53 17.71
N PRO B 165 -30.94 8.25 17.69
CA PRO B 165 -31.06 9.65 17.21
C PRO B 165 -30.50 10.72 18.13
N ASN B 166 -29.20 10.96 18.02
CA ASN B 166 -28.43 11.68 19.02
C ASN B 166 -28.75 13.18 19.17
N LEU B 167 -29.08 13.82 18.06
CA LEU B 167 -29.26 15.27 18.02
C LEU B 167 -30.42 15.71 18.90
N LEU B 168 -31.55 15.04 18.73
CA LEU B 168 -32.73 15.37 19.50
C LEU B 168 -32.65 14.86 20.92
N VAL B 169 -31.98 13.75 21.11
CA VAL B 169 -31.93 13.17 22.44
C VAL B 169 -31.08 14.03 23.35
N ASN B 170 -29.85 14.31 22.93
CA ASN B 170 -28.86 14.94 23.82
C ASN B 170 -28.77 16.46 23.71
N GLY B 171 -28.96 16.96 22.51
CA GLY B 171 -29.15 18.37 22.35
C GLY B 171 -28.13 19.04 21.48
N ALA B 172 -28.01 20.34 21.72
CA ALA B 172 -27.05 21.21 21.07
C ALA B 172 -27.22 22.51 21.83
N ALA B 173 -26.14 22.95 22.49
CA ALA B 173 -26.19 24.10 23.36
C ALA B 173 -25.18 25.15 22.94
N GLY B 174 -24.62 24.97 21.73
CA GLY B 174 -23.58 25.85 21.21
C GLY B 174 -24.04 27.20 20.68
N ILE B 175 -23.63 28.28 21.35
CA ILE B 175 -23.96 29.63 20.93
C ILE B 175 -22.74 30.41 20.41
N ALA B 176 -22.76 30.69 19.10
CA ALA B 176 -21.68 31.41 18.42
C ALA B 176 -22.20 32.74 17.86
N VAL B 177 -21.32 33.56 17.27
CA VAL B 177 -21.66 34.94 16.88
C VAL B 177 -22.55 35.11 15.63
N GLY B 178 -22.33 34.29 14.61
CA GLY B 178 -23.18 34.33 13.42
C GLY B 178 -24.48 33.58 13.63
N MET B 179 -24.37 32.27 13.89
CA MET B 179 -25.52 31.40 14.14
C MET B 179 -25.33 30.58 15.42
N ALA B 180 -26.32 30.61 16.31
CA ALA B 180 -26.19 30.01 17.65
C ALA B 180 -27.35 29.07 17.92
N THR B 181 -27.12 27.78 17.71
CA THR B 181 -28.18 26.82 17.98
C THR B 181 -28.48 26.74 19.48
N ASN B 182 -29.57 26.05 19.83
CA ASN B 182 -29.97 25.84 21.21
C ASN B 182 -31.13 24.85 21.21
N ILE B 183 -30.77 23.57 21.05
CA ILE B 183 -31.72 22.48 20.96
C ILE B 183 -31.70 21.68 22.24
N PRO B 184 -32.82 21.69 22.99
CA PRO B 184 -32.88 21.07 24.31
C PRO B 184 -32.91 19.55 24.18
N PRO B 185 -32.56 18.82 25.25
CA PRO B 185 -32.55 17.34 25.33
C PRO B 185 -33.95 16.73 25.28
N HIS B 186 -34.06 15.44 24.98
CA HIS B 186 -35.35 14.76 25.06
C HIS B 186 -35.19 13.33 25.53
N GLN B 187 -36.22 12.84 26.22
CA GLN B 187 -36.28 11.46 26.66
C GLN B 187 -36.10 10.57 25.44
N LEU B 188 -35.19 9.60 25.55
CA LEU B 188 -34.76 8.80 24.41
C LEU B 188 -35.89 7.96 23.84
N GLY B 189 -36.65 7.36 24.76
CA GLY B 189 -37.79 6.52 24.41
C GLY B 189 -38.76 7.27 23.52
N GLU B 190 -39.18 8.45 24.00
CA GLU B 190 -40.00 9.38 23.21
C GLU B 190 -39.55 9.61 21.76
N ILE B 191 -38.36 10.19 21.58
CA ILE B 191 -37.79 10.42 20.26
C ILE B 191 -37.80 9.17 19.39
N ILE B 192 -37.41 8.03 19.95
CA ILE B 192 -37.43 6.80 19.16
C ILE B 192 -38.83 6.50 18.67
N ASP B 193 -39.80 6.60 19.57
CA ASP B 193 -41.18 6.32 19.22
C ASP B 193 -41.71 7.30 18.17
N GLY B 194 -41.17 8.52 18.18
CA GLY B 194 -41.54 9.53 17.21
C GLY B 194 -40.92 9.30 15.84
N VAL B 195 -39.70 8.79 15.82
CA VAL B 195 -39.04 8.48 14.57
C VAL B 195 -39.76 7.30 13.94
N LEU B 196 -40.09 6.31 14.77
CA LEU B 196 -40.89 5.16 14.31
C LEU B 196 -42.24 5.62 13.76
N ALA B 197 -42.90 6.49 14.52
CA ALA B 197 -44.15 7.15 14.12
C ALA B 197 -44.06 7.79 12.73
N VAL B 198 -43.02 8.58 12.48
CA VAL B 198 -42.83 9.17 11.16
C VAL B 198 -42.52 8.10 10.12
N SER B 199 -41.88 7.01 10.53
CA SER B 199 -41.64 5.91 9.61
C SER B 199 -42.96 5.37 9.06
N GLU B 200 -43.85 4.96 9.98
CA GLU B 200 -45.12 4.33 9.62
C GLU B 200 -46.08 5.33 8.96
N ASN B 201 -45.97 6.60 9.33
CA ASN B 201 -46.82 7.65 8.74
C ASN B 201 -46.03 8.89 8.33
N PRO B 202 -45.61 8.95 7.06
CA PRO B 202 -44.74 10.03 6.57
C PRO B 202 -45.42 11.38 6.62
N ASP B 203 -46.75 11.41 6.69
CA ASP B 203 -47.48 12.67 6.72
C ASP B 203 -48.10 12.90 8.08
N ILE B 204 -47.37 12.56 9.14
CA ILE B 204 -47.83 12.87 10.47
C ILE B 204 -47.84 14.38 10.61
N THR B 205 -48.65 14.92 11.52
CA THR B 205 -48.67 16.37 11.71
C THR B 205 -48.05 16.69 13.05
N ILE B 206 -47.46 17.87 13.18
CA ILE B 206 -46.71 18.19 14.40
C ILE B 206 -47.48 17.88 15.69
N PRO B 207 -48.78 18.21 15.75
CA PRO B 207 -49.46 17.87 17.01
C PRO B 207 -49.66 16.36 17.21
N GLU B 208 -49.94 15.60 16.14
CA GLU B 208 -50.13 14.16 16.25
C GLU B 208 -48.85 13.56 16.79
N LEU B 209 -47.74 14.19 16.39
CA LEU B 209 -46.40 13.78 16.77
C LEU B 209 -46.15 14.09 18.22
N MET B 210 -46.68 15.23 18.66
CA MET B 210 -46.49 15.69 20.02
C MET B 210 -47.18 14.82 21.07
N GLU B 211 -48.11 13.96 20.65
CA GLU B 211 -48.68 13.02 21.59
C GLU B 211 -47.70 11.90 21.91
N VAL B 212 -46.63 11.84 21.11
CA VAL B 212 -45.51 10.91 21.29
C VAL B 212 -44.32 11.60 21.97
N ILE B 213 -43.95 12.75 21.44
CA ILE B 213 -42.92 13.60 22.03
C ILE B 213 -43.56 14.85 22.64
N PRO B 214 -43.99 14.77 23.91
CA PRO B 214 -44.74 15.80 24.63
C PRO B 214 -43.90 17.01 24.93
N GLY B 215 -42.59 16.90 24.75
CA GLY B 215 -41.66 17.99 25.00
C GLY B 215 -40.31 17.52 25.48
N PRO B 216 -39.40 18.47 25.75
CA PRO B 216 -38.05 18.22 26.27
C PRO B 216 -38.02 17.47 27.60
N ASP B 217 -36.83 17.02 27.98
CA ASP B 217 -36.64 16.28 29.22
C ASP B 217 -35.21 16.50 29.66
N PHE B 218 -35.00 17.33 30.67
CA PHE B 218 -33.66 17.78 30.99
C PHE B 218 -32.91 16.78 31.84
N PRO B 219 -31.59 16.63 31.60
CA PRO B 219 -30.76 15.71 32.40
C PRO B 219 -30.91 16.05 33.88
N THR B 220 -31.04 17.33 34.20
CA THR B 220 -31.51 17.72 35.52
C THR B 220 -32.98 18.02 35.37
N ALA B 221 -33.83 17.16 35.93
CA ALA B 221 -35.29 17.29 35.77
C ALA B 221 -35.73 18.66 36.14
N GLY B 222 -36.87 19.08 35.64
CA GLY B 222 -37.43 20.27 36.21
C GLY B 222 -38.91 20.12 36.07
N GLN B 223 -39.55 21.29 36.01
CA GLN B 223 -40.91 21.46 35.53
C GLN B 223 -40.81 22.47 34.39
N ILE B 224 -41.27 22.08 33.21
CA ILE B 224 -41.46 23.02 32.10
C ILE B 224 -42.83 23.66 32.26
N LEU B 225 -42.94 24.97 32.02
CA LEU B 225 -44.18 25.63 32.41
C LEU B 225 -45.36 25.56 31.46
N GLY B 226 -45.15 25.83 30.18
CA GLY B 226 -46.30 25.85 29.29
C GLY B 226 -46.16 24.93 28.13
N ARG B 227 -47.26 24.30 27.71
CA ARG B 227 -47.27 23.50 26.50
C ARG B 227 -47.09 24.39 25.27
N SER B 228 -47.49 25.65 25.41
CA SER B 228 -47.50 26.62 24.32
C SER B 228 -46.13 26.92 23.72
N GLY B 229 -45.14 27.24 24.56
CA GLY B 229 -43.81 27.53 24.05
C GLY B 229 -43.20 26.36 23.31
N ILE B 230 -43.48 25.16 23.82
CA ILE B 230 -43.00 23.93 23.20
C ILE B 230 -43.61 23.77 21.83
N ARG B 231 -44.93 23.93 21.75
CA ARG B 231 -45.66 23.80 20.49
C ARG B 231 -45.14 24.80 19.47
N LYS B 232 -44.93 26.02 19.93
CA LYS B 232 -44.39 27.06 19.07
C LYS B 232 -43.02 26.65 18.53
N ALA B 233 -42.16 26.12 19.38
CA ALA B 233 -40.84 25.68 18.93
C ALA B 233 -40.87 24.51 17.94
N TYR B 234 -41.69 23.48 18.21
CA TYR B 234 -41.72 22.34 17.32
C TYR B 234 -42.35 22.65 15.96
N GLU B 235 -43.39 23.48 15.98
CA GLU B 235 -44.02 23.86 14.71
C GLU B 235 -43.13 24.81 13.92
N SER B 236 -42.46 25.75 14.59
CA SER B 236 -41.75 26.83 13.86
C SER B 236 -40.24 26.65 13.74
N GLY B 237 -39.64 26.05 14.75
CA GLY B 237 -38.19 25.96 14.80
C GLY B 237 -37.62 26.76 15.95
N ARG B 238 -38.11 27.99 16.11
CA ARG B 238 -37.68 28.84 17.22
C ARG B 238 -38.85 29.04 18.19
N GLY B 239 -38.55 29.34 19.45
CA GLY B 239 -39.60 29.65 20.40
C GLY B 239 -39.11 29.52 21.82
N SER B 240 -39.81 30.11 22.79
CA SER B 240 -39.29 30.08 24.15
C SER B 240 -40.17 29.36 25.16
N ILE B 241 -39.52 28.75 26.16
CA ILE B 241 -40.23 28.03 27.21
C ILE B 241 -39.71 28.41 28.58
N THR B 242 -40.49 28.10 29.62
CA THR B 242 -40.11 28.40 31.00
C THR B 242 -39.77 27.13 31.77
N ILE B 243 -38.50 26.95 32.08
CA ILE B 243 -38.15 25.83 32.94
C ILE B 243 -38.17 26.26 34.39
N ARG B 244 -38.48 25.30 35.26
CA ARG B 244 -38.60 25.63 36.66
C ARG B 244 -38.22 24.52 37.64
N ALA B 245 -37.59 24.94 38.74
CA ALA B 245 -37.07 24.04 39.74
C ALA B 245 -38.19 23.31 40.44
N LYS B 246 -37.88 22.11 40.95
CA LYS B 246 -38.82 21.35 41.76
C LYS B 246 -38.60 21.67 43.24
N ALA B 247 -39.55 22.41 43.82
CA ALA B 247 -39.49 22.81 45.22
C ALA B 247 -40.80 22.47 45.90
N GLU B 248 -40.71 21.72 46.99
CA GLU B 248 -41.88 21.37 47.76
C GLU B 248 -41.85 22.20 49.04
N ILE B 249 -42.86 22.04 49.90
CA ILE B 249 -42.85 22.71 51.19
C ILE B 249 -43.15 21.76 52.33
N GLU B 250 -42.11 21.30 53.03
CA GLU B 250 -42.27 20.42 54.17
C GLU B 250 -42.82 21.21 55.35
N GLN B 251 -43.65 20.59 56.18
CA GLN B 251 -44.26 21.30 57.29
C GLN B 251 -44.18 20.53 58.62
N THR B 252 -43.57 21.14 59.61
CA THR B 252 -43.39 20.48 60.90
C THR B 252 -44.72 20.39 61.67
N SER B 253 -44.82 19.40 62.56
CA SER B 253 -46.02 19.22 63.40
C SER B 253 -46.52 20.48 64.11
N SER B 254 -45.64 21.47 64.24
CA SER B 254 -45.99 22.75 64.87
C SER B 254 -46.31 23.80 63.81
N GLY B 255 -46.47 23.32 62.58
CA GLY B 255 -46.84 24.17 61.47
C GLY B 255 -45.79 25.16 60.98
N LYS B 256 -44.54 24.98 61.39
CA LYS B 256 -43.48 25.77 60.78
C LYS B 256 -43.16 25.15 59.44
N GLU B 257 -42.83 25.99 58.47
CA GLU B 257 -42.65 25.50 57.11
C GLU B 257 -41.23 25.72 56.60
N ARG B 258 -40.76 24.73 55.84
CA ARG B 258 -39.50 24.82 55.12
C ARG B 258 -39.80 24.64 53.64
N ILE B 259 -39.10 25.41 52.79
CA ILE B 259 -39.09 25.15 51.35
C ILE B 259 -37.92 24.25 50.99
N ILE B 260 -38.19 23.18 50.24
CA ILE B 260 -37.09 22.31 49.82
C ILE B 260 -36.98 22.08 48.30
N VAL B 261 -35.87 22.58 47.74
CA VAL B 261 -35.58 22.47 46.31
C VAL B 261 -34.70 21.24 46.06
N THR B 262 -35.12 20.39 45.13
CA THR B 262 -34.47 19.11 44.88
C THR B 262 -33.99 19.01 43.44
N GLU B 263 -34.40 19.97 42.62
CA GLU B 263 -34.06 20.02 41.20
C GLU B 263 -33.96 21.50 40.83
N LEU B 264 -33.26 21.83 39.75
CA LEU B 264 -33.11 23.21 39.31
C LEU B 264 -33.30 23.28 37.80
N PRO B 265 -33.52 24.48 37.25
CA PRO B 265 -33.59 24.62 35.79
C PRO B 265 -32.27 24.27 35.11
N TYR B 266 -32.31 23.29 34.18
CA TYR B 266 -31.19 22.95 33.30
C TYR B 266 -30.20 24.09 33.11
N GLN B 267 -28.98 23.85 33.56
CA GLN B 267 -27.87 24.78 33.41
C GLN B 267 -27.83 25.97 34.38
N VAL B 268 -28.55 25.92 35.49
CA VAL B 268 -28.33 26.95 36.52
C VAL B 268 -27.28 26.44 37.50
N ASN B 269 -26.37 27.32 37.90
CA ASN B 269 -25.34 26.97 38.86
C ASN B 269 -25.95 27.02 40.24
N LYS B 270 -26.02 25.85 40.88
CA LYS B 270 -26.62 25.76 42.22
C LYS B 270 -25.95 26.70 43.20
N ALA B 271 -24.62 26.73 43.16
CA ALA B 271 -23.85 27.53 44.10
C ALA B 271 -24.13 29.02 43.93
N LYS B 272 -24.10 29.48 42.69
CA LYS B 272 -24.41 30.89 42.39
C LYS B 272 -25.86 31.25 42.72
N LEU B 273 -26.81 30.37 42.44
CA LEU B 273 -28.20 30.58 42.89
C LEU B 273 -28.34 30.71 44.40
N ILE B 274 -27.64 29.87 45.15
CA ILE B 274 -27.74 29.93 46.60
C ILE B 274 -27.18 31.25 47.09
N GLU B 275 -26.02 31.63 46.56
CA GLU B 275 -25.43 32.94 46.89
C GLU B 275 -26.36 34.11 46.52
N LYS B 276 -27.10 33.91 45.44
CA LYS B 276 -28.07 34.88 44.94
C LYS B 276 -29.20 35.10 45.95
N ILE B 277 -29.90 34.04 46.27
CA ILE B 277 -30.99 34.11 47.25
C ILE B 277 -30.49 34.72 48.55
N ALA B 278 -29.34 34.24 49.01
CA ALA B 278 -28.73 34.72 50.26
C ALA B 278 -28.53 36.22 50.16
N ASP B 279 -28.15 36.64 48.97
CA ASP B 279 -27.92 38.03 48.67
C ASP B 279 -29.20 38.87 48.76
N LEU B 280 -30.28 38.37 48.16
CA LEU B 280 -31.56 39.10 48.20
C LEU B 280 -32.04 39.24 49.62
N VAL B 281 -32.03 38.15 50.37
CA VAL B 281 -32.45 38.26 51.77
C VAL B 281 -31.56 39.25 52.55
N ARG B 282 -30.28 39.30 52.22
CA ARG B 282 -29.40 40.26 52.89
C ARG B 282 -29.74 41.72 52.50
N ASP B 283 -30.21 41.90 51.27
CA ASP B 283 -30.56 43.25 50.77
C ASP B 283 -31.93 43.67 51.25
N LYS B 284 -32.67 42.70 51.79
CA LYS B 284 -34.06 42.84 52.19
C LYS B 284 -35.04 43.04 51.01
N LYS B 285 -34.82 42.29 49.94
CA LYS B 285 -35.75 42.25 48.82
C LYS B 285 -36.79 41.14 49.02
N ILE B 286 -36.37 40.07 49.69
CA ILE B 286 -37.27 39.00 50.11
C ILE B 286 -37.32 38.90 51.65
N GLU B 287 -38.52 38.93 52.18
CA GLU B 287 -38.70 38.99 53.62
C GLU B 287 -39.45 37.78 54.15
N GLY B 288 -38.75 36.97 54.93
CA GLY B 288 -39.40 35.84 55.56
C GLY B 288 -38.52 34.61 55.49
N ILE B 289 -37.28 34.81 55.08
CA ILE B 289 -36.33 33.73 54.98
C ILE B 289 -35.43 33.80 56.20
N THR B 290 -35.35 32.70 56.96
CA THR B 290 -34.56 32.65 58.21
C THR B 290 -33.11 32.22 57.98
N ASP B 291 -32.96 31.02 57.44
CA ASP B 291 -31.68 30.49 57.02
C ASP B 291 -31.85 29.77 55.70
N LEU B 292 -30.77 29.71 54.93
CA LEU B 292 -30.76 29.08 53.64
C LEU B 292 -29.56 28.18 53.63
N ARG B 293 -29.78 26.87 53.61
CA ARG B 293 -28.74 25.90 53.89
C ARG B 293 -28.73 24.84 52.80
N ASP B 294 -27.57 24.60 52.20
CA ASP B 294 -27.47 23.53 51.23
C ASP B 294 -27.19 22.19 51.89
N GLU B 295 -28.12 21.25 51.75
CA GLU B 295 -27.97 19.92 52.32
C GLU B 295 -27.91 18.82 51.25
N SER B 296 -27.34 19.14 50.10
CA SER B 296 -27.28 18.20 48.98
C SER B 296 -26.11 17.25 49.18
N ASP B 297 -26.18 16.08 48.55
CA ASP B 297 -25.20 15.04 48.80
C ASP B 297 -25.26 13.93 47.77
N ARG B 298 -24.62 12.82 48.09
CA ARG B 298 -24.67 11.61 47.27
C ARG B 298 -26.11 11.12 47.04
N THR B 299 -27.00 11.30 48.02
CA THR B 299 -28.37 10.81 47.89
C THR B 299 -29.24 11.72 47.01
N GLY B 300 -28.72 12.90 46.67
CA GLY B 300 -29.37 13.82 45.76
C GLY B 300 -29.37 15.23 46.28
N MET B 301 -29.89 16.17 45.47
CA MET B 301 -29.94 17.59 45.82
C MET B 301 -30.91 17.84 46.96
N ARG B 302 -30.63 18.89 47.72
CA ARG B 302 -31.48 19.29 48.83
C ARG B 302 -31.09 20.69 49.30
N ILE B 303 -31.57 21.71 48.60
CA ILE B 303 -31.48 23.08 49.10
C ILE B 303 -32.64 23.33 50.04
N VAL B 304 -32.35 23.86 51.22
CA VAL B 304 -33.35 24.02 52.27
C VAL B 304 -33.46 25.46 52.69
N ILE B 305 -34.61 26.07 52.44
CA ILE B 305 -34.84 27.46 52.85
C ILE B 305 -35.83 27.54 54.01
N GLU B 306 -35.41 28.13 55.13
CA GLU B 306 -36.24 28.26 56.35
C GLU B 306 -37.10 29.54 56.38
N ILE B 307 -38.30 29.43 56.95
CA ILE B 307 -39.26 30.51 56.91
C ILE B 307 -39.84 30.77 58.29
N ARG B 308 -39.97 32.04 58.68
CA ARG B 308 -40.54 32.41 59.98
C ARG B 308 -41.93 31.83 60.16
N ARG B 309 -42.25 31.39 61.39
CA ARG B 309 -43.49 30.66 61.66
C ARG B 309 -44.72 31.47 61.24
N ASP B 310 -44.50 32.76 61.01
CA ASP B 310 -45.56 33.66 60.56
C ASP B 310 -45.86 33.62 59.05
N ALA B 311 -44.82 33.81 58.23
CA ALA B 311 -45.01 34.12 56.82
C ALA B 311 -45.57 32.95 56.00
N ASN B 312 -46.17 33.31 54.87
CA ASN B 312 -46.71 32.34 53.95
C ASN B 312 -45.62 31.82 53.05
N ALA B 313 -45.20 30.58 53.33
CA ALA B 313 -44.20 29.90 52.53
C ALA B 313 -44.45 30.12 51.04
N ASN B 314 -45.61 29.66 50.57
CA ASN B 314 -46.04 29.77 49.17
C ASN B 314 -45.64 31.05 48.45
N VAL B 315 -46.10 32.17 49.00
CA VAL B 315 -45.80 33.48 48.44
C VAL B 315 -44.31 33.63 48.23
N ILE B 316 -43.56 33.48 49.32
CA ILE B 316 -42.11 33.52 49.28
C ILE B 316 -41.55 32.64 48.17
N LEU B 317 -42.08 31.42 48.05
CA LEU B 317 -41.69 30.53 46.97
C LEU B 317 -41.89 31.18 45.59
N ASN B 318 -43.02 31.86 45.39
CA ASN B 318 -43.27 32.52 44.09
C ASN B 318 -42.38 33.74 43.82
N ASN B 319 -42.06 34.48 44.87
CA ASN B 319 -41.17 35.63 44.73
C ASN B 319 -39.73 35.19 44.49
N LEU B 320 -39.37 34.02 45.01
CA LEU B 320 -38.12 33.38 44.62
C LEU B 320 -38.16 33.00 43.14
N TYR B 321 -39.22 32.31 42.73
CA TYR B 321 -39.41 31.90 41.34
C TYR B 321 -39.22 33.07 40.38
N LYS B 322 -39.65 34.24 40.79
CA LYS B 322 -39.64 35.40 39.91
C LYS B 322 -38.35 36.18 39.99
N GLN B 323 -37.69 36.13 41.15
CA GLN B 323 -36.52 36.99 41.39
C GLN B 323 -35.18 36.34 41.00
N THR B 324 -35.09 35.03 41.16
CA THR B 324 -33.81 34.36 40.98
C THR B 324 -33.81 33.56 39.69
N ALA B 325 -32.95 32.54 39.68
CA ALA B 325 -32.87 31.60 38.57
C ALA B 325 -33.43 30.26 38.99
N LEU B 326 -34.21 30.25 40.07
CA LEU B 326 -35.01 29.09 40.45
C LEU B 326 -36.03 28.81 39.37
N GLN B 327 -36.30 29.83 38.56
CA GLN B 327 -37.15 29.69 37.40
C GLN B 327 -36.66 30.59 36.28
N THR B 328 -36.40 29.99 35.13
CA THR B 328 -35.75 30.71 34.02
C THR B 328 -36.29 30.43 32.64
N SER B 329 -35.93 31.32 31.71
CA SER B 329 -36.27 31.16 30.33
C SER B 329 -35.25 30.34 29.56
N PHE B 330 -35.77 29.43 28.74
CA PHE B 330 -34.96 28.68 27.78
C PHE B 330 -35.44 28.90 26.36
N GLY B 331 -34.54 29.46 25.56
CA GLY B 331 -34.83 29.85 24.20
C GLY B 331 -34.45 28.79 23.20
N ILE B 332 -35.46 28.07 22.74
CA ILE B 332 -35.29 27.09 21.67
C ILE B 332 -35.00 27.74 20.32
N ASN B 333 -34.05 27.13 19.61
CA ASN B 333 -33.67 27.48 18.24
C ASN B 333 -33.16 26.24 17.51
N LEU B 334 -34.00 25.60 16.67
CA LEU B 334 -33.63 24.32 16.04
C LEU B 334 -32.74 24.43 14.81
N LEU B 335 -31.51 24.88 15.02
CA LEU B 335 -30.63 25.18 13.92
C LEU B 335 -29.52 24.14 13.86
N ALA B 336 -29.27 23.60 12.66
CA ALA B 336 -28.23 22.59 12.48
C ALA B 336 -27.70 22.52 11.05
N LEU B 337 -26.85 21.53 10.79
CA LEU B 337 -26.17 21.44 9.50
C LEU B 337 -26.80 20.42 8.58
N VAL B 338 -27.58 20.90 7.61
CA VAL B 338 -28.19 20.05 6.62
C VAL B 338 -27.39 20.09 5.35
N ASP B 339 -26.57 19.07 5.14
CA ASP B 339 -25.73 18.97 3.94
C ASP B 339 -24.79 20.16 3.83
N GLY B 340 -24.13 20.48 4.93
CA GLY B 340 -23.12 21.52 4.92
C GLY B 340 -23.69 22.92 4.92
N GLN B 341 -24.99 23.03 5.21
CA GLN B 341 -25.63 24.33 5.27
C GLN B 341 -26.44 24.50 6.55
N PRO B 342 -26.19 25.59 7.28
CA PRO B 342 -26.96 25.97 8.46
C PRO B 342 -28.43 26.17 8.13
N LYS B 343 -29.29 25.37 8.73
CA LYS B 343 -30.73 25.42 8.47
C LYS B 343 -31.53 25.36 9.77
N VAL B 344 -32.56 26.18 9.89
CA VAL B 344 -33.49 26.01 11.00
C VAL B 344 -34.60 25.08 10.52
N LEU B 345 -35.10 24.27 11.43
CA LEU B 345 -35.91 23.12 11.08
C LEU B 345 -37.00 22.90 12.11
N THR B 346 -38.02 22.16 11.74
CA THR B 346 -39.12 21.85 12.65
C THR B 346 -38.82 20.50 13.23
N LEU B 347 -39.61 20.08 14.21
CA LEU B 347 -39.46 18.78 14.83
C LEU B 347 -39.55 17.65 13.79
N LYS B 348 -40.58 17.73 12.96
CA LYS B 348 -40.81 16.71 11.95
C LYS B 348 -39.64 16.63 10.97
N GLN B 349 -39.06 17.78 10.65
CA GLN B 349 -37.95 17.81 9.71
C GLN B 349 -36.69 17.12 10.25
N CYS B 350 -36.42 17.34 11.54
CA CYS B 350 -35.27 16.70 12.19
C CYS B 350 -35.47 15.19 12.18
N LEU B 351 -36.63 14.76 12.68
CA LEU B 351 -36.98 13.35 12.63
C LEU B 351 -36.73 12.77 11.22
N GLU B 352 -37.31 13.41 10.20
CA GLU B 352 -37.19 12.90 8.83
C GLU B 352 -35.76 12.82 8.32
N HIS B 353 -34.95 13.87 8.48
CA HIS B 353 -33.55 13.80 8.03
C HIS B 353 -32.79 12.69 8.73
N TYR B 354 -32.98 12.56 10.05
CA TYR B 354 -32.45 11.38 10.77
C TYR B 354 -32.85 10.04 10.12
N LEU B 355 -34.14 9.86 9.86
CA LEU B 355 -34.61 8.62 9.24
C LEU B 355 -34.01 8.34 7.84
N ASP B 356 -33.75 9.40 7.07
CA ASP B 356 -33.14 9.24 5.75
C ASP B 356 -31.73 8.74 5.99
N HIS B 357 -31.08 9.32 6.99
CA HIS B 357 -29.75 8.88 7.39
C HIS B 357 -29.70 7.39 7.75
N GLN B 358 -30.60 6.96 8.63
CA GLN B 358 -30.69 5.54 8.94
C GLN B 358 -30.94 4.69 7.69
N LYS B 359 -31.70 5.21 6.72
CA LYS B 359 -31.93 4.42 5.51
C LYS B 359 -30.65 4.17 4.72
N VAL B 360 -29.85 5.22 4.58
CA VAL B 360 -28.57 5.03 3.90
C VAL B 360 -27.73 4.03 4.68
N VAL B 361 -27.60 4.30 5.98
CA VAL B 361 -26.76 3.48 6.88
C VAL B 361 -27.07 2.00 6.83
N ILE B 362 -28.37 1.68 6.85
CA ILE B 362 -28.87 0.31 6.76
C ILE B 362 -28.75 -0.31 5.36
N ARG B 363 -29.08 0.47 4.32
CA ARG B 363 -28.89 -0.07 2.98
C ARG B 363 -27.42 -0.44 2.78
N ARG B 364 -26.52 0.48 3.11
CA ARG B 364 -25.10 0.23 2.92
C ARG B 364 -24.59 -0.91 3.74
N ARG B 365 -24.93 -0.89 5.02
CA ARG B 365 -24.50 -1.98 5.87
C ARG B 365 -24.97 -3.32 5.30
N THR B 366 -26.18 -3.37 4.74
CA THR B 366 -26.65 -4.64 4.16
C THR B 366 -25.96 -4.98 2.84
N ALA B 367 -25.36 -3.97 2.20
CA ALA B 367 -24.53 -4.21 1.03
C ALA B 367 -23.35 -5.01 1.51
N TYR B 368 -22.78 -4.52 2.62
CA TYR B 368 -21.62 -5.14 3.28
C TYR B 368 -21.93 -6.57 3.67
N GLU B 369 -23.04 -6.76 4.36
CA GLU B 369 -23.44 -8.10 4.77
C GLU B 369 -23.62 -9.02 3.56
N LEU B 370 -24.16 -8.49 2.47
CA LEU B 370 -24.29 -9.31 1.26
C LEU B 370 -22.93 -9.77 0.79
N ARG B 371 -21.96 -8.85 0.78
CA ARG B 371 -20.61 -9.17 0.34
C ARG B 371 -19.97 -10.25 1.18
N LYS B 372 -19.85 -9.97 2.48
CA LYS B 372 -19.42 -10.95 3.48
C LYS B 372 -20.03 -12.32 3.19
N ALA B 373 -21.36 -12.38 3.24
CA ALA B 373 -22.11 -13.61 3.13
C ALA B 373 -21.83 -14.39 1.84
N GLU B 374 -21.88 -13.70 0.71
CA GLU B 374 -21.54 -14.36 -0.54
C GLU B 374 -20.16 -15.00 -0.44
N ALA B 375 -19.19 -14.27 0.13
CA ALA B 375 -17.81 -14.76 0.23
C ALA B 375 -17.71 -16.06 1.06
N ARG B 376 -18.31 -16.03 2.24
CA ARG B 376 -18.34 -17.24 3.06
C ARG B 376 -19.07 -18.41 2.34
N ALA B 377 -20.06 -18.07 1.52
CA ALA B 377 -20.78 -19.11 0.79
C ALA B 377 -19.84 -19.74 -0.22
N HIS B 378 -18.98 -18.91 -0.76
CA HIS B 378 -17.94 -19.36 -1.70
C HIS B 378 -17.03 -20.40 -1.06
N ILE B 379 -16.50 -20.04 0.10
CA ILE B 379 -15.66 -20.97 0.88
C ILE B 379 -16.39 -22.29 1.17
N LEU B 380 -17.60 -22.18 1.69
CA LEU B 380 -18.43 -23.36 1.90
C LEU B 380 -18.63 -24.25 0.66
N GLU B 381 -18.83 -23.67 -0.52
CA GLU B 381 -18.96 -24.48 -1.74
C GLU B 381 -17.67 -25.25 -1.88
N GLY B 382 -16.55 -24.56 -1.67
CA GLY B 382 -15.27 -25.23 -1.69
C GLY B 382 -15.19 -26.47 -0.79
N LEU B 383 -15.42 -26.25 0.50
CA LEU B 383 -15.41 -27.34 1.47
C LEU B 383 -16.39 -28.42 1.11
N ARG B 384 -17.43 -28.09 0.33
CA ARG B 384 -18.31 -29.15 -0.11
C ARG B 384 -17.75 -29.94 -1.28
N VAL B 385 -17.12 -29.26 -2.23
CA VAL B 385 -16.44 -29.92 -3.34
C VAL B 385 -15.44 -30.91 -2.75
N ALA B 386 -14.75 -30.45 -1.71
CA ALA B 386 -13.77 -31.26 -0.99
C ALA B 386 -14.42 -32.45 -0.32
N LEU B 387 -15.36 -32.19 0.59
CA LEU B 387 -16.02 -33.28 1.30
C LEU B 387 -16.61 -34.33 0.36
N ASP B 388 -16.95 -33.91 -0.85
CA ASP B 388 -17.55 -34.80 -1.84
C ASP B 388 -16.52 -35.61 -2.65
N HIS B 389 -15.31 -35.08 -2.84
CA HIS B 389 -14.24 -35.91 -3.40
C HIS B 389 -13.10 -36.14 -2.39
N LEU B 390 -13.48 -36.39 -1.14
CA LEU B 390 -12.55 -36.43 0.00
C LEU B 390 -11.31 -37.29 -0.21
N ASP B 391 -11.52 -38.49 -0.75
CA ASP B 391 -10.42 -39.43 -0.92
C ASP B 391 -9.37 -38.85 -1.87
N ALA B 392 -9.82 -38.44 -3.05
CA ALA B 392 -8.90 -37.87 -4.04
C ALA B 392 -8.20 -36.61 -3.53
N VAL B 393 -8.92 -35.79 -2.76
CA VAL B 393 -8.32 -34.57 -2.27
C VAL B 393 -7.20 -34.90 -1.30
N ILE B 394 -7.49 -35.85 -0.41
CA ILE B 394 -6.51 -36.38 0.55
C ILE B 394 -5.26 -36.97 -0.10
N SER B 395 -5.45 -37.88 -1.05
CA SER B 395 -4.34 -38.49 -1.76
C SER B 395 -3.49 -37.41 -2.42
N LEU B 396 -4.16 -36.41 -2.97
CA LEU B 396 -3.47 -35.30 -3.63
C LEU B 396 -2.64 -34.44 -2.66
N ILE B 397 -3.20 -34.08 -1.51
CA ILE B 397 -2.44 -33.30 -0.55
C ILE B 397 -1.26 -34.08 0.03
N ARG B 398 -1.46 -35.37 0.33
CA ARG B 398 -0.37 -36.18 0.88
C ARG B 398 0.68 -36.53 -0.15
N ASN B 399 0.32 -36.45 -1.44
CA ASN B 399 1.34 -36.53 -2.47
C ASN B 399 1.83 -35.16 -2.91
N SER B 400 1.84 -34.20 -2.00
CA SER B 400 2.30 -32.85 -2.32
C SER B 400 3.37 -32.39 -1.36
N GLN B 401 4.58 -32.20 -1.87
CA GLN B 401 5.72 -31.82 -1.05
C GLN B 401 5.48 -30.53 -0.29
N THR B 402 5.01 -29.51 -1.00
CA THR B 402 4.73 -28.20 -0.39
C THR B 402 3.24 -28.02 -0.25
N ALA B 403 2.85 -27.10 0.66
CA ALA B 403 1.49 -26.61 0.76
C ALA B 403 1.11 -25.87 -0.51
N GLU B 404 2.05 -25.06 -1.01
CA GLU B 404 1.86 -24.33 -2.26
C GLU B 404 1.52 -25.25 -3.44
N ILE B 405 2.41 -26.20 -3.70
CA ILE B 405 2.19 -27.28 -4.68
C ILE B 405 0.79 -27.92 -4.56
N ALA B 406 0.38 -28.17 -3.33
CA ALA B 406 -0.93 -28.74 -3.05
C ALA B 406 -2.02 -27.78 -3.47
N ARG B 407 -1.81 -26.49 -3.23
CA ARG B 407 -2.84 -25.50 -3.55
C ARG B 407 -3.05 -25.45 -5.06
N THR B 408 -2.00 -25.11 -5.80
CA THR B 408 -2.05 -25.19 -7.27
C THR B 408 -2.61 -26.53 -7.79
N GLY B 409 -2.33 -27.59 -7.06
CA GLY B 409 -2.91 -28.88 -7.36
C GLY B 409 -4.43 -28.89 -7.28
N LEU B 410 -4.96 -28.51 -6.12
CA LEU B 410 -6.40 -28.43 -5.88
C LEU B 410 -7.13 -27.53 -6.88
N ILE B 411 -6.62 -26.30 -6.99
CA ILE B 411 -6.99 -25.38 -8.04
C ILE B 411 -7.19 -26.13 -9.36
N GLU B 412 -6.12 -26.72 -9.91
CA GLU B 412 -6.22 -27.33 -11.24
C GLU B 412 -7.07 -28.58 -11.38
N GLN B 413 -7.15 -29.39 -10.32
CA GLN B 413 -7.87 -30.66 -10.42
C GLN B 413 -9.35 -30.57 -10.04
N PHE B 414 -9.75 -29.47 -9.40
CA PHE B 414 -11.11 -29.39 -8.88
C PHE B 414 -11.81 -28.06 -9.24
N SER B 415 -11.11 -27.22 -9.99
CA SER B 415 -11.65 -25.92 -10.41
C SER B 415 -12.01 -25.06 -9.21
N LEU B 416 -11.01 -24.74 -8.37
CA LEU B 416 -11.23 -23.93 -7.15
C LEU B 416 -10.35 -22.66 -7.09
N THR B 417 -10.71 -21.75 -6.18
CA THR B 417 -9.96 -20.53 -5.95
C THR B 417 -8.77 -20.85 -5.08
N GLU B 418 -7.75 -19.99 -5.08
CA GLU B 418 -6.75 -20.09 -4.02
C GLU B 418 -7.51 -20.01 -2.69
N LYS B 419 -8.35 -18.99 -2.55
CA LYS B 419 -9.23 -18.83 -1.41
C LYS B 419 -9.79 -20.16 -0.94
N GLN B 420 -10.46 -20.84 -1.86
CA GLN B 420 -11.10 -22.09 -1.51
C GLN B 420 -10.13 -23.18 -1.11
N ALA B 421 -9.04 -23.27 -1.86
CA ALA B 421 -8.02 -24.28 -1.64
C ALA B 421 -7.47 -24.13 -0.22
N GLN B 422 -6.87 -22.99 0.05
CA GLN B 422 -6.32 -22.72 1.38
C GLN B 422 -7.37 -22.96 2.47
N ALA B 423 -8.64 -22.66 2.17
CA ALA B 423 -9.75 -23.01 3.06
C ALA B 423 -9.84 -24.51 3.31
N ILE B 424 -9.55 -25.28 2.29
CA ILE B 424 -9.53 -26.74 2.43
C ILE B 424 -8.37 -27.14 3.32
N LEU B 425 -7.18 -26.64 3.00
CA LEU B 425 -5.99 -26.95 3.78
C LEU B 425 -6.11 -26.60 5.26
N ASP B 426 -6.84 -25.54 5.60
CA ASP B 426 -6.97 -25.10 6.98
C ASP B 426 -8.02 -25.91 7.73
N MET B 427 -8.52 -26.98 7.14
CA MET B 427 -9.59 -27.75 7.75
C MET B 427 -9.10 -28.80 8.75
N ARG B 428 -9.49 -28.68 10.01
CA ARG B 428 -9.12 -29.67 11.02
C ARG B 428 -9.81 -31.00 10.72
N LEU B 429 -9.16 -32.11 11.01
CA LEU B 429 -9.67 -33.44 10.64
C LEU B 429 -11.03 -33.77 11.25
N GLN B 430 -11.36 -33.15 12.39
CA GLN B 430 -12.64 -33.43 13.03
C GLN B 430 -13.83 -32.78 12.32
N ARG B 431 -13.54 -31.82 11.43
CA ARG B 431 -14.54 -31.34 10.47
C ARG B 431 -14.99 -32.45 9.51
N LEU B 432 -14.40 -33.63 9.60
CA LEU B 432 -14.83 -34.73 8.74
C LEU B 432 -15.85 -35.66 9.41
N THR B 433 -16.24 -35.35 10.65
CA THR B 433 -17.25 -36.16 11.33
C THR B 433 -18.61 -35.97 10.66
N GLY B 434 -19.48 -36.97 10.76
CA GLY B 434 -20.80 -36.90 10.15
C GLY B 434 -21.56 -35.63 10.47
N LEU B 435 -21.76 -35.38 11.76
CA LEU B 435 -22.51 -34.21 12.21
C LEU B 435 -21.84 -32.90 11.80
N GLU B 436 -20.54 -32.92 11.57
CA GLU B 436 -19.87 -31.71 11.11
C GLU B 436 -20.09 -31.45 9.64
N ARG B 437 -20.15 -32.50 8.85
CA ARG B 437 -20.46 -32.34 7.44
C ARG B 437 -21.92 -31.88 7.28
N GLU B 438 -22.80 -32.42 8.12
CA GLU B 438 -24.18 -31.96 8.19
C GLU B 438 -24.26 -30.49 8.59
N LYS B 439 -23.44 -30.07 9.57
CA LYS B 439 -23.39 -28.67 9.98
C LYS B 439 -22.87 -27.75 8.87
N ILE B 440 -22.03 -28.30 7.99
CA ILE B 440 -21.58 -27.52 6.83
C ILE B 440 -22.72 -27.30 5.87
N GLU B 441 -23.37 -28.38 5.43
CA GLU B 441 -24.51 -28.20 4.52
C GLU B 441 -25.61 -27.32 5.09
N GLU B 442 -25.96 -27.58 6.34
CA GLU B 442 -26.82 -26.69 7.13
C GLU B 442 -26.41 -25.23 6.94
N GLU B 443 -25.18 -24.89 7.34
CA GLU B 443 -24.71 -23.51 7.22
C GLU B 443 -24.77 -22.94 5.81
N TYR B 444 -24.36 -23.74 4.84
CA TYR B 444 -24.34 -23.28 3.46
C TYR B 444 -25.72 -22.95 2.95
N GLN B 445 -26.67 -23.86 3.11
CA GLN B 445 -28.03 -23.63 2.68
C GLN B 445 -28.61 -22.39 3.37
N SER B 446 -28.43 -22.33 4.68
CA SER B 446 -28.84 -21.18 5.47
C SER B 446 -28.29 -19.85 4.89
N LEU B 447 -27.05 -19.90 4.44
CA LEU B 447 -26.35 -18.75 3.88
C LEU B 447 -26.83 -18.42 2.47
N VAL B 448 -27.39 -19.41 1.78
CA VAL B 448 -28.05 -19.19 0.51
C VAL B 448 -29.31 -18.34 0.73
N LYS B 449 -30.17 -18.80 1.65
CA LYS B 449 -31.35 -18.01 2.02
C LYS B 449 -31.00 -16.60 2.50
N LEU B 450 -29.92 -16.47 3.26
CA LEU B 450 -29.47 -15.12 3.60
C LEU B 450 -28.99 -14.26 2.41
N ILE B 451 -28.16 -14.78 1.50
CA ILE B 451 -27.76 -13.95 0.36
C ILE B 451 -29.02 -13.45 -0.34
N ALA B 452 -29.99 -14.33 -0.53
CA ALA B 452 -31.19 -13.94 -1.28
C ALA B 452 -32.01 -12.91 -0.52
N GLU B 453 -32.19 -13.17 0.77
CA GLU B 453 -32.93 -12.24 1.61
C GLU B 453 -32.27 -10.85 1.67
N LEU B 454 -30.96 -10.80 1.84
CA LEU B 454 -30.22 -9.53 1.82
C LEU B 454 -30.41 -8.79 0.51
N LYS B 455 -30.31 -9.53 -0.60
CA LYS B 455 -30.53 -8.95 -1.91
C LYS B 455 -31.88 -8.25 -1.95
N ASP B 456 -32.93 -8.98 -1.58
CA ASP B 456 -34.25 -8.36 -1.45
C ASP B 456 -34.29 -7.09 -0.56
N ILE B 457 -33.74 -7.17 0.65
CA ILE B 457 -33.68 -6.03 1.56
C ILE B 457 -33.06 -4.84 0.87
N LEU B 458 -32.09 -5.08 -0.01
CA LEU B 458 -31.54 -3.97 -0.78
C LEU B 458 -32.64 -3.46 -1.70
N ALA B 459 -33.27 -4.38 -2.42
CA ALA B 459 -34.25 -4.02 -3.44
C ALA B 459 -35.54 -3.34 -2.93
N ASN B 460 -35.98 -3.66 -1.73
CA ASN B 460 -37.27 -3.14 -1.25
C ASN B 460 -37.17 -2.24 -0.01
N GLU B 461 -37.64 -1.01 -0.13
CA GLU B 461 -37.43 -0.05 0.94
C GLU B 461 -38.18 -0.42 2.22
N TYR B 462 -39.34 -1.04 2.07
CA TYR B 462 -40.15 -1.38 3.24
C TYR B 462 -39.41 -2.34 4.20
N LYS B 463 -38.58 -3.21 3.63
CA LYS B 463 -37.78 -4.14 4.42
C LYS B 463 -36.72 -3.42 5.27
N VAL B 464 -36.12 -2.40 4.65
CA VAL B 464 -35.11 -1.55 5.29
C VAL B 464 -35.74 -0.77 6.43
N LEU B 465 -36.94 -0.25 6.16
CA LEU B 465 -37.71 0.41 7.20
C LEU B 465 -37.94 -0.56 8.36
N GLU B 466 -38.29 -1.80 8.05
CA GLU B 466 -38.49 -2.81 9.09
C GLU B 466 -37.22 -2.98 9.93
N ILE B 467 -36.10 -3.26 9.28
CA ILE B 467 -34.82 -3.30 9.99
C ILE B 467 -34.64 -2.12 10.96
N ILE B 468 -34.77 -0.89 10.48
CA ILE B 468 -34.71 0.26 11.40
C ILE B 468 -35.65 0.12 12.60
N ARG B 469 -36.89 -0.30 12.37
CA ARG B 469 -37.83 -0.45 13.49
C ARG B 469 -37.34 -1.45 14.52
N GLU B 470 -36.92 -2.61 14.03
CA GLU B 470 -36.48 -3.69 14.91
C GLU B 470 -35.27 -3.25 15.72
N GLU B 471 -34.29 -2.66 15.04
CA GLU B 471 -33.05 -2.25 15.71
C GLU B 471 -33.28 -1.11 16.69
N LEU B 472 -34.04 -0.10 16.29
CA LEU B 472 -34.37 1.00 17.20
C LEU B 472 -35.13 0.51 18.42
N THR B 473 -35.96 -0.50 18.24
CA THR B 473 -36.70 -1.00 19.37
C THR B 473 -35.77 -1.72 20.32
N GLU B 474 -34.84 -2.51 19.78
CA GLU B 474 -33.82 -3.07 20.65
C GLU B 474 -33.14 -1.97 21.46
N ILE B 475 -32.75 -0.89 20.80
CA ILE B 475 -31.98 0.16 21.47
C ILE B 475 -32.80 0.83 22.54
N LYS B 476 -34.09 0.99 22.26
CA LYS B 476 -34.98 1.60 23.20
C LYS B 476 -35.06 0.70 24.42
N GLU B 477 -35.34 -0.57 24.21
CA GLU B 477 -35.54 -1.51 25.31
C GLU B 477 -34.27 -1.76 26.10
N ARG B 478 -33.11 -1.43 25.52
CA ARG B 478 -31.85 -1.60 26.25
C ARG B 478 -31.42 -0.37 27.02
N PHE B 479 -31.59 0.81 26.42
CA PHE B 479 -31.10 2.06 27.03
C PHE B 479 -32.15 3.03 27.63
N ASN B 480 -33.43 2.65 27.67
CA ASN B 480 -34.51 3.56 28.06
C ASN B 480 -34.82 3.73 29.55
N ASP B 481 -34.73 4.96 30.05
CA ASP B 481 -35.06 5.30 31.44
C ASP B 481 -36.34 6.11 31.48
N GLU B 482 -36.88 6.34 32.67
CA GLU B 482 -38.08 7.16 32.81
C GLU B 482 -37.83 8.62 32.45
N ARG B 483 -38.91 9.37 32.30
CA ARG B 483 -38.79 10.79 31.97
C ARG B 483 -38.52 11.64 33.22
N ARG B 484 -37.52 12.49 33.15
CA ARG B 484 -37.13 13.27 34.30
C ARG B 484 -37.98 14.56 34.47
N THR B 485 -38.21 15.30 33.40
CA THR B 485 -38.94 16.56 33.52
C THR B 485 -40.45 16.37 33.42
N GLU B 486 -41.16 16.89 34.42
CA GLU B 486 -42.60 16.87 34.38
C GLU B 486 -43.08 18.16 33.74
N ILE B 487 -43.69 18.04 32.57
CA ILE B 487 -44.25 19.19 31.88
C ILE B 487 -45.62 19.50 32.44
N VAL B 488 -45.78 20.69 33.01
CA VAL B 488 -47.05 21.10 33.60
C VAL B 488 -47.93 21.79 32.58
N THR B 489 -49.23 21.50 32.62
CA THR B 489 -50.17 22.11 31.67
C THR B 489 -50.97 23.27 32.27
N ARG C 33 -19.35 -9.29 -37.39
CA ARG C 33 -20.61 -9.88 -37.81
C ARG C 33 -21.51 -10.07 -36.60
N ALA C 34 -22.82 -9.92 -36.78
CA ALA C 34 -23.77 -10.10 -35.68
C ALA C 34 -23.99 -11.60 -35.37
N LEU C 35 -23.22 -12.44 -36.07
CA LEU C 35 -23.31 -13.88 -35.98
C LEU C 35 -22.42 -14.40 -34.89
N PRO C 36 -22.85 -15.48 -34.24
CA PRO C 36 -21.98 -16.19 -33.30
C PRO C 36 -20.94 -17.06 -34.02
N ASP C 37 -19.87 -17.39 -33.32
CA ASP C 37 -18.87 -18.34 -33.77
C ASP C 37 -19.41 -19.73 -33.40
N VAL C 38 -19.34 -20.70 -34.30
CA VAL C 38 -19.85 -22.04 -34.01
C VAL C 38 -19.23 -22.63 -32.78
N ARG C 39 -18.02 -22.16 -32.49
CA ARG C 39 -17.19 -22.70 -31.43
C ARG C 39 -17.62 -22.17 -30.04
N ASP C 40 -17.28 -20.94 -29.72
CA ASP C 40 -17.68 -20.40 -28.41
C ASP C 40 -19.15 -19.98 -28.33
N GLY C 41 -19.80 -19.81 -29.48
CA GLY C 41 -21.20 -19.42 -29.54
C GLY C 41 -21.57 -18.00 -29.15
N LEU C 42 -20.68 -17.06 -29.44
CA LEU C 42 -20.87 -15.69 -28.99
C LEU C 42 -20.69 -14.72 -30.13
N LYS C 43 -21.56 -13.72 -30.18
CA LYS C 43 -21.33 -12.54 -31.00
C LYS C 43 -20.06 -11.92 -30.46
N PRO C 44 -19.40 -11.04 -31.23
CA PRO C 44 -18.15 -10.39 -30.80
C PRO C 44 -18.32 -9.49 -29.57
N VAL C 45 -19.46 -8.79 -29.52
CA VAL C 45 -19.79 -7.93 -28.39
C VAL C 45 -19.76 -8.71 -27.12
N HIS C 46 -20.43 -9.84 -27.13
CA HIS C 46 -20.47 -10.70 -25.96
C HIS C 46 -19.08 -11.11 -25.56
N ARG C 47 -18.38 -11.75 -26.48
CA ARG C 47 -17.04 -12.26 -26.24
C ARG C 47 -16.12 -11.17 -25.66
N ARG C 48 -16.37 -9.93 -26.07
CA ARG C 48 -15.61 -8.80 -25.55
C ARG C 48 -16.02 -8.50 -24.12
N ILE C 49 -17.32 -8.44 -23.88
CA ILE C 49 -17.80 -8.08 -22.56
C ILE C 49 -17.22 -9.07 -21.59
N LEU C 50 -17.33 -10.35 -21.91
CA LEU C 50 -16.77 -11.39 -21.08
C LEU C 50 -15.25 -11.28 -20.93
N TYR C 51 -14.54 -10.97 -22.04
CA TYR C 51 -13.09 -10.77 -21.92
C TYR C 51 -12.72 -9.67 -20.94
N ALA C 52 -13.10 -8.45 -21.26
CA ALA C 52 -12.99 -7.30 -20.38
C ALA C 52 -13.37 -7.57 -18.93
N MET C 53 -14.46 -8.29 -18.74
CA MET C 53 -14.96 -8.56 -17.40
C MET C 53 -13.96 -9.44 -16.68
N ASN C 54 -13.39 -10.39 -17.41
CA ASN C 54 -12.44 -11.34 -16.85
C ASN C 54 -11.11 -10.65 -16.57
N ASP C 55 -10.61 -9.97 -17.59
CA ASP C 55 -9.42 -9.15 -17.53
C ASP C 55 -9.49 -7.98 -16.52
N LEU C 56 -10.65 -7.75 -15.90
CA LEU C 56 -10.74 -6.79 -14.81
C LEU C 56 -11.03 -7.49 -13.48
N GLY C 57 -11.11 -8.81 -13.53
CA GLY C 57 -11.35 -9.66 -12.37
C GLY C 57 -12.71 -9.50 -11.72
N MET C 58 -13.74 -9.51 -12.53
CA MET C 58 -15.10 -9.33 -12.03
C MET C 58 -15.67 -10.72 -12.14
N THR C 59 -15.05 -11.62 -11.39
CA THR C 59 -15.36 -13.02 -11.53
C THR C 59 -16.46 -13.42 -10.54
N SER C 60 -16.97 -14.63 -10.74
CA SER C 60 -18.03 -15.21 -9.92
C SER C 60 -17.81 -15.14 -8.42
N ASP C 61 -16.54 -15.20 -7.99
CA ASP C 61 -16.18 -15.23 -6.57
C ASP C 61 -16.00 -13.86 -5.93
N LYS C 62 -15.21 -12.99 -6.55
CA LYS C 62 -15.05 -11.60 -6.08
C LYS C 62 -16.40 -10.87 -6.16
N PRO C 63 -16.57 -9.80 -5.39
CA PRO C 63 -17.93 -9.28 -5.38
C PRO C 63 -18.22 -8.44 -6.62
N TYR C 64 -19.48 -8.02 -6.73
CA TYR C 64 -19.97 -7.22 -7.85
C TYR C 64 -19.21 -5.91 -7.91
N LYS C 65 -19.12 -5.34 -9.11
CA LYS C 65 -18.66 -3.96 -9.28
C LYS C 65 -19.66 -3.29 -10.22
N LYS C 66 -19.86 -1.98 -10.02
CA LYS C 66 -20.80 -1.18 -10.82
C LYS C 66 -20.67 -1.32 -12.33
N SER C 67 -21.77 -1.71 -12.98
CA SER C 67 -21.86 -1.85 -14.44
C SER C 67 -21.25 -0.75 -15.32
N ALA C 68 -21.15 0.48 -14.82
CA ALA C 68 -20.54 1.53 -15.63
C ALA C 68 -19.11 1.14 -16.00
N ARG C 69 -18.33 0.77 -14.99
CA ARG C 69 -16.93 0.40 -15.19
C ARG C 69 -16.72 -0.69 -16.25
N ILE C 70 -17.49 -1.76 -16.18
CA ILE C 70 -17.41 -2.79 -17.21
C ILE C 70 -17.81 -2.26 -18.60
N VAL C 71 -18.87 -1.47 -18.63
CA VAL C 71 -19.28 -0.87 -19.90
C VAL C 71 -18.16 -0.03 -20.51
N GLY C 72 -17.64 0.93 -19.76
CA GLY C 72 -16.66 1.87 -20.28
C GLY C 72 -15.37 1.16 -20.64
N GLU C 73 -15.08 0.07 -19.93
CA GLU C 73 -13.94 -0.76 -20.29
C GLU C 73 -14.14 -1.22 -21.71
N VAL C 74 -15.25 -1.92 -21.93
CA VAL C 74 -15.54 -2.44 -23.28
C VAL C 74 -15.51 -1.33 -24.36
N ILE C 75 -16.32 -0.29 -24.15
CA ILE C 75 -16.43 0.83 -25.09
C ILE C 75 -15.09 1.44 -25.47
N GLY C 76 -14.18 1.59 -24.53
CA GLY C 76 -12.90 2.19 -24.84
C GLY C 76 -11.89 1.26 -25.50
N LYS C 77 -11.88 -0.02 -25.10
CA LYS C 77 -10.76 -0.84 -25.52
C LYS C 77 -11.05 -1.85 -26.62
N TYR C 78 -12.29 -2.31 -26.72
CA TYR C 78 -12.56 -3.45 -27.60
C TYR C 78 -13.64 -3.24 -28.66
N HIS C 79 -14.72 -2.56 -28.26
CA HIS C 79 -15.97 -2.51 -29.02
C HIS C 79 -16.61 -1.13 -28.87
N PRO C 80 -16.33 -0.21 -29.80
CA PRO C 80 -16.65 1.20 -29.55
C PRO C 80 -17.97 1.72 -30.17
N HIS C 81 -19.13 1.23 -29.74
CA HIS C 81 -20.39 1.64 -30.36
C HIS C 81 -21.48 2.20 -29.45
N GLY C 82 -21.19 2.36 -28.17
CA GLY C 82 -22.14 3.04 -27.32
C GLY C 82 -22.63 2.30 -26.09
N ASP C 83 -22.97 3.09 -25.06
CA ASP C 83 -23.51 2.56 -23.80
C ASP C 83 -24.79 1.82 -24.09
N SER C 84 -25.55 2.34 -25.04
CA SER C 84 -26.72 1.65 -25.52
C SER C 84 -26.33 0.21 -25.85
N ALA C 85 -25.54 0.02 -26.90
CA ALA C 85 -25.25 -1.34 -27.38
C ALA C 85 -24.53 -2.22 -26.37
N VAL C 86 -23.41 -1.72 -25.86
CA VAL C 86 -22.64 -2.49 -24.90
C VAL C 86 -23.48 -2.87 -23.70
N TYR C 87 -24.11 -1.89 -23.06
CA TYR C 87 -24.82 -2.18 -21.81
C TYR C 87 -26.04 -3.05 -22.03
N GLU C 88 -26.77 -2.81 -23.11
CA GLU C 88 -27.97 -3.61 -23.34
C GLU C 88 -27.59 -5.05 -23.65
N SER C 89 -26.54 -5.21 -24.46
CA SER C 89 -26.02 -6.54 -24.78
C SER C 89 -25.47 -7.23 -23.52
N MET C 90 -24.98 -6.45 -22.57
CA MET C 90 -24.61 -7.03 -21.30
C MET C 90 -25.87 -7.54 -20.58
N VAL C 91 -26.88 -6.69 -20.47
CA VAL C 91 -28.10 -7.07 -19.77
C VAL C 91 -28.74 -8.35 -20.33
N ARG C 92 -28.72 -8.49 -21.65
CA ARG C 92 -29.25 -9.72 -22.23
C ARG C 92 -28.63 -10.94 -21.53
N MET C 93 -27.31 -10.94 -21.37
CA MET C 93 -26.64 -12.07 -20.73
C MET C 93 -27.01 -12.28 -19.25
N ALA C 94 -27.68 -11.31 -18.64
CA ALA C 94 -28.02 -11.44 -17.23
C ALA C 94 -29.48 -11.80 -17.01
N GLN C 95 -30.22 -11.89 -18.09
CA GLN C 95 -31.66 -12.00 -17.97
C GLN C 95 -32.19 -13.43 -17.92
N ASP C 96 -32.72 -13.80 -16.75
CA ASP C 96 -33.20 -15.14 -16.49
C ASP C 96 -34.32 -15.60 -17.40
N PHE C 97 -34.69 -14.76 -18.37
CA PHE C 97 -35.71 -15.07 -19.37
C PHE C 97 -35.17 -14.93 -20.82
N ASN C 98 -33.88 -14.69 -20.96
CA ASN C 98 -33.27 -14.58 -22.29
C ASN C 98 -32.14 -15.58 -22.49
N TYR C 99 -31.51 -15.95 -21.38
CA TYR C 99 -30.48 -16.95 -21.42
C TYR C 99 -30.98 -18.13 -20.60
N ARG C 100 -30.75 -19.33 -21.13
CA ARG C 100 -31.11 -20.56 -20.42
C ARG C 100 -30.07 -20.85 -19.33
N TYR C 101 -28.86 -20.36 -19.53
CA TYR C 101 -27.82 -20.35 -18.50
C TYR C 101 -27.09 -19.01 -18.56
N MET C 102 -27.48 -18.06 -17.71
CA MET C 102 -26.98 -16.67 -17.80
C MET C 102 -25.48 -16.65 -17.68
N LEU C 103 -24.84 -15.85 -18.53
CA LEU C 103 -23.39 -15.71 -18.51
C LEU C 103 -22.96 -14.52 -17.66
N VAL C 104 -23.94 -13.74 -17.19
CA VAL C 104 -23.64 -12.57 -16.36
C VAL C 104 -24.47 -12.50 -15.08
N ASP C 105 -23.79 -12.49 -13.95
CA ASP C 105 -24.42 -12.48 -12.65
C ASP C 105 -24.77 -11.02 -12.33
N GLY C 106 -26.02 -10.66 -12.65
CA GLY C 106 -26.50 -9.31 -12.45
C GLY C 106 -27.20 -9.12 -11.12
N HIS C 107 -27.07 -7.91 -10.58
CA HIS C 107 -27.73 -7.54 -9.34
C HIS C 107 -28.07 -6.07 -9.45
N GLY C 108 -29.32 -5.76 -9.13
CA GLY C 108 -29.92 -4.48 -9.42
C GLY C 108 -31.14 -4.79 -10.26
N ASN C 109 -31.82 -3.79 -10.77
CA ASN C 109 -32.90 -4.13 -11.68
C ASN C 109 -32.46 -4.29 -13.14
N PHE C 110 -32.53 -5.50 -13.65
CA PHE C 110 -32.10 -5.75 -15.01
C PHE C 110 -33.30 -5.95 -15.92
N GLY C 111 -34.41 -5.29 -15.61
CA GLY C 111 -35.58 -5.39 -16.45
C GLY C 111 -36.46 -6.56 -16.06
N SER C 112 -37.30 -7.00 -16.99
CA SER C 112 -38.28 -8.04 -16.71
C SER C 112 -38.98 -8.49 -17.98
N VAL C 113 -39.72 -9.59 -17.84
CA VAL C 113 -40.55 -10.15 -18.92
C VAL C 113 -41.61 -9.17 -19.44
N ASP C 114 -42.15 -8.34 -18.54
CA ASP C 114 -43.22 -7.40 -18.87
C ASP C 114 -42.76 -6.26 -19.77
N GLY C 115 -41.50 -6.28 -20.20
CA GLY C 115 -41.02 -5.32 -21.16
C GLY C 115 -40.22 -4.14 -20.61
N ASP C 116 -40.29 -3.93 -19.29
CA ASP C 116 -39.56 -2.84 -18.67
C ASP C 116 -38.07 -3.08 -18.87
N SER C 117 -37.30 -2.02 -18.87
CA SER C 117 -35.88 -2.12 -19.19
C SER C 117 -35.02 -1.89 -17.96
N ALA C 118 -33.75 -2.29 -18.07
CA ALA C 118 -32.78 -2.24 -16.98
C ALA C 118 -32.61 -0.84 -16.43
N ALA C 119 -32.27 -0.76 -15.14
CA ALA C 119 -31.91 0.49 -14.50
C ALA C 119 -30.68 1.11 -15.20
N ALA C 120 -30.36 2.36 -14.89
CA ALA C 120 -29.12 2.95 -15.38
C ALA C 120 -27.93 2.07 -15.00
N MET C 121 -26.84 2.21 -15.73
CA MET C 121 -25.64 1.43 -15.46
C MET C 121 -24.84 2.04 -14.33
N ARG C 122 -25.32 3.13 -13.77
CA ARG C 122 -24.70 3.66 -12.59
C ARG C 122 -25.44 3.13 -11.37
N TYR C 123 -26.49 2.32 -11.60
CA TYR C 123 -27.28 1.72 -10.51
C TYR C 123 -27.27 0.21 -10.51
N THR C 124 -26.59 -0.38 -11.47
CA THR C 124 -26.54 -1.81 -11.51
C THR C 124 -25.14 -2.32 -11.19
N GLU C 125 -25.11 -3.55 -10.71
CA GLU C 125 -23.86 -4.20 -10.40
C GLU C 125 -23.88 -5.49 -11.17
N ALA C 126 -22.72 -6.03 -11.48
CA ALA C 126 -22.66 -7.32 -12.17
C ALA C 126 -21.26 -7.92 -12.12
N ARG C 127 -21.20 -9.25 -12.21
CA ARG C 127 -19.95 -9.98 -12.40
C ARG C 127 -20.14 -11.11 -13.40
N MET C 128 -19.13 -11.95 -13.61
CA MET C 128 -19.35 -13.17 -14.41
C MET C 128 -20.16 -14.22 -13.62
N SER C 129 -20.97 -15.02 -14.31
CA SER C 129 -21.73 -16.06 -13.64
C SER C 129 -20.80 -17.20 -13.28
N LYS C 130 -21.21 -18.06 -12.38
CA LYS C 130 -20.41 -19.24 -12.08
C LYS C 130 -20.12 -20.06 -13.32
N ILE C 131 -21.05 -20.09 -14.24
CA ILE C 131 -20.96 -21.00 -15.36
C ILE C 131 -20.13 -20.39 -16.51
N SER C 132 -20.06 -19.06 -16.58
CA SER C 132 -19.25 -18.43 -17.62
C SER C 132 -17.76 -18.71 -17.41
N MET C 133 -17.37 -18.87 -16.15
CA MET C 133 -15.99 -19.22 -15.84
C MET C 133 -15.52 -20.40 -16.70
N GLU C 134 -16.45 -21.31 -16.98
CA GLU C 134 -16.09 -22.43 -17.82
C GLU C 134 -16.05 -22.03 -19.29
N ILE C 135 -16.48 -20.83 -19.61
CA ILE C 135 -16.23 -20.34 -20.96
C ILE C 135 -14.80 -19.84 -20.95
N LEU C 136 -14.40 -19.26 -19.83
CA LEU C 136 -13.03 -18.76 -19.77
C LEU C 136 -11.90 -19.75 -19.37
N ARG C 137 -12.27 -20.84 -18.67
CA ARG C 137 -11.32 -21.88 -18.29
C ARG C 137 -10.25 -22.17 -19.33
N ASP C 138 -8.98 -21.96 -18.95
CA ASP C 138 -7.79 -22.33 -19.75
C ASP C 138 -7.30 -21.25 -20.71
N ILE C 139 -7.83 -20.04 -20.57
CA ILE C 139 -7.51 -18.97 -21.52
C ILE C 139 -6.06 -18.53 -21.35
N THR C 140 -5.49 -18.91 -20.22
CA THR C 140 -4.19 -18.43 -19.81
C THR C 140 -3.12 -19.42 -20.18
N LYS C 141 -3.55 -20.63 -20.53
CA LYS C 141 -2.61 -21.63 -20.90
C LYS C 141 -2.56 -21.78 -22.42
N ASP C 142 -2.39 -20.66 -23.14
CA ASP C 142 -2.15 -20.70 -24.59
C ASP C 142 -3.18 -21.52 -25.40
N THR C 143 -4.47 -21.24 -25.24
CA THR C 143 -5.41 -22.16 -25.84
C THR C 143 -6.23 -21.54 -26.97
N ILE C 144 -6.19 -20.21 -27.05
CA ILE C 144 -6.95 -19.46 -28.05
C ILE C 144 -5.99 -18.46 -28.65
N ASP C 145 -6.34 -17.85 -29.78
CA ASP C 145 -5.46 -16.83 -30.33
C ASP C 145 -6.01 -15.42 -30.12
N TYR C 146 -5.11 -14.46 -30.02
CA TYR C 146 -5.54 -13.09 -29.82
C TYR C 146 -5.46 -12.37 -31.15
N GLN C 147 -5.92 -11.13 -31.18
CA GLN C 147 -5.82 -10.31 -32.38
C GLN C 147 -5.92 -8.88 -31.90
N ASP C 148 -5.44 -7.97 -32.73
CA ASP C 148 -5.47 -6.55 -32.40
C ASP C 148 -6.88 -6.03 -32.31
N ASN C 149 -7.15 -5.27 -31.24
CA ASN C 149 -8.42 -4.61 -31.05
C ASN C 149 -8.56 -3.48 -32.07
N TYR C 150 -9.68 -2.75 -32.00
CA TYR C 150 -9.97 -1.73 -33.02
C TYR C 150 -8.87 -0.73 -33.36
N ASP C 151 -8.19 -0.16 -32.36
CA ASP C 151 -7.22 0.91 -32.65
C ASP C 151 -5.77 0.43 -32.73
N GLY C 152 -5.54 -0.81 -32.30
CA GLY C 152 -4.20 -1.36 -32.30
C GLY C 152 -3.39 -0.90 -31.11
N SER C 153 -4.03 -0.74 -29.96
CA SER C 153 -3.27 -0.48 -28.76
C SER C 153 -3.32 -1.71 -27.84
N GLU C 154 -4.43 -2.44 -27.90
CA GLU C 154 -4.65 -3.58 -27.00
C GLU C 154 -4.90 -4.89 -27.74
N ARG C 155 -5.25 -5.94 -27.02
CA ARG C 155 -5.42 -7.25 -27.65
C ARG C 155 -6.64 -7.99 -27.13
N GLU C 156 -7.33 -8.70 -28.03
CA GLU C 156 -8.55 -9.41 -27.67
C GLU C 156 -8.62 -10.81 -28.28
N PRO C 157 -9.23 -11.76 -27.55
CA PRO C 157 -9.34 -13.13 -28.03
C PRO C 157 -10.27 -13.24 -29.24
N VAL C 158 -10.01 -14.22 -30.09
CA VAL C 158 -10.78 -14.38 -31.30
C VAL C 158 -11.78 -15.51 -31.13
N VAL C 159 -11.59 -16.27 -30.06
CA VAL C 159 -12.58 -17.26 -29.59
C VAL C 159 -12.29 -17.50 -28.16
N MET C 160 -13.22 -18.12 -27.47
CA MET C 160 -12.92 -18.42 -26.10
C MET C 160 -12.64 -19.91 -26.04
N PRO C 161 -11.90 -20.35 -25.02
CA PRO C 161 -11.71 -21.79 -24.85
C PRO C 161 -13.06 -22.46 -24.81
N SER C 162 -14.02 -21.87 -24.10
CA SER C 162 -15.41 -22.33 -24.10
C SER C 162 -15.56 -23.82 -23.75
N ARG C 163 -15.30 -24.14 -22.49
CA ARG C 163 -15.28 -25.53 -22.05
C ARG C 163 -16.64 -26.14 -21.84
N PHE C 164 -17.70 -25.39 -22.17
CA PHE C 164 -19.03 -25.97 -22.35
C PHE C 164 -19.66 -25.39 -23.64
N PRO C 165 -20.47 -26.20 -24.34
CA PRO C 165 -21.01 -25.86 -25.67
C PRO C 165 -22.10 -24.79 -25.60
N ASN C 166 -21.66 -23.54 -25.67
CA ASN C 166 -22.51 -22.39 -25.37
C ASN C 166 -23.52 -21.99 -26.44
N LEU C 167 -23.13 -22.09 -27.71
CA LEU C 167 -24.03 -21.72 -28.82
C LEU C 167 -25.29 -22.57 -28.82
N LEU C 168 -25.12 -23.87 -28.69
CA LEU C 168 -26.26 -24.73 -28.69
C LEU C 168 -27.06 -24.57 -27.41
N VAL C 169 -26.37 -24.30 -26.31
CA VAL C 169 -27.00 -24.32 -25.01
C VAL C 169 -27.79 -23.06 -24.74
N ASN C 170 -27.18 -21.90 -24.97
CA ASN C 170 -27.83 -20.64 -24.64
C ASN C 170 -28.66 -20.08 -25.77
N GLY C 171 -28.35 -20.57 -26.96
CA GLY C 171 -29.04 -20.18 -28.18
C GLY C 171 -28.34 -19.01 -28.83
N ALA C 172 -28.95 -18.50 -29.89
CA ALA C 172 -28.51 -17.28 -30.52
C ALA C 172 -29.67 -16.70 -31.31
N ALA C 173 -30.09 -15.51 -30.93
CA ALA C 173 -31.20 -14.84 -31.58
C ALA C 173 -30.64 -13.62 -32.29
N GLY C 174 -31.47 -12.98 -33.10
CA GLY C 174 -31.09 -11.76 -33.80
C GLY C 174 -31.82 -11.64 -35.11
N ILE C 175 -31.58 -10.55 -35.82
CA ILE C 175 -32.22 -10.28 -37.10
C ILE C 175 -31.33 -9.44 -38.01
N GLY C 178 -29.98 -7.72 -44.40
CA GLY C 178 -29.06 -8.48 -43.57
C GLY C 178 -29.54 -9.92 -43.42
N MET C 179 -28.86 -10.69 -42.57
CA MET C 179 -29.28 -12.09 -42.33
C MET C 179 -29.39 -12.52 -40.85
N ALA C 180 -30.60 -12.97 -40.51
CA ALA C 180 -30.99 -13.33 -39.15
C ALA C 180 -30.64 -14.77 -38.87
N THR C 181 -29.86 -14.97 -37.82
CA THR C 181 -29.71 -16.30 -37.26
C THR C 181 -30.76 -16.46 -36.17
N ASN C 182 -31.16 -17.70 -35.94
CA ASN C 182 -32.13 -18.01 -34.89
C ASN C 182 -31.97 -19.43 -34.38
N ILE C 183 -31.24 -19.55 -33.29
CA ILE C 183 -31.01 -20.83 -32.63
C ILE C 183 -31.63 -20.80 -31.26
N PRO C 184 -32.48 -21.78 -30.97
CA PRO C 184 -33.17 -21.83 -29.68
C PRO C 184 -32.32 -22.48 -28.60
N PRO C 185 -32.43 -22.03 -27.35
CA PRO C 185 -31.68 -22.57 -26.19
C PRO C 185 -31.85 -24.07 -26.00
N HIS C 186 -30.93 -24.74 -25.29
CA HIS C 186 -31.10 -26.18 -24.96
C HIS C 186 -30.71 -26.61 -23.54
N GLN C 187 -31.22 -27.76 -23.14
CA GLN C 187 -30.82 -28.32 -21.87
C GLN C 187 -29.32 -28.64 -21.89
N LEU C 188 -28.59 -28.10 -20.92
CA LEU C 188 -27.16 -28.32 -20.83
C LEU C 188 -26.87 -29.81 -20.77
N GLY C 189 -27.67 -30.50 -19.97
CA GLY C 189 -27.55 -31.93 -19.77
C GLY C 189 -27.60 -32.62 -21.10
N GLU C 190 -28.70 -32.42 -21.82
CA GLU C 190 -28.92 -33.05 -23.11
C GLU C 190 -27.81 -32.71 -24.10
N ILE C 191 -27.49 -31.43 -24.24
CA ILE C 191 -26.47 -31.06 -25.21
C ILE C 191 -25.11 -31.73 -24.94
N ILE C 192 -24.63 -31.67 -23.70
CA ILE C 192 -23.38 -32.34 -23.36
C ILE C 192 -23.49 -33.83 -23.70
N ASP C 193 -24.60 -34.45 -23.33
CA ASP C 193 -24.79 -35.88 -23.63
C ASP C 193 -24.70 -36.17 -25.14
N GLY C 194 -25.16 -35.22 -25.94
CA GLY C 194 -25.14 -35.38 -27.38
C GLY C 194 -23.73 -35.24 -27.90
N VAL C 195 -23.00 -34.26 -27.39
CA VAL C 195 -21.59 -34.10 -27.73
C VAL C 195 -20.77 -35.35 -27.40
N LEU C 196 -20.97 -35.88 -26.20
CA LEU C 196 -20.35 -37.16 -25.85
C LEU C 196 -20.76 -38.22 -26.85
N ALA C 197 -22.07 -38.28 -27.11
CA ALA C 197 -22.65 -39.34 -27.94
C ALA C 197 -22.14 -39.36 -29.37
N VAL C 198 -21.71 -38.20 -29.86
CA VAL C 198 -21.10 -38.09 -31.19
C VAL C 198 -19.62 -38.42 -31.08
N SER C 199 -19.02 -37.97 -29.99
CA SER C 199 -17.64 -38.32 -29.70
C SER C 199 -17.46 -39.83 -29.81
N GLU C 200 -18.30 -40.58 -29.13
CA GLU C 200 -18.17 -42.04 -29.08
C GLU C 200 -18.56 -42.72 -30.38
N ASN C 201 -19.40 -42.04 -31.16
CA ASN C 201 -19.89 -42.56 -32.44
C ASN C 201 -20.02 -41.44 -33.44
N PRO C 202 -19.22 -41.48 -34.49
CA PRO C 202 -19.18 -40.36 -35.43
C PRO C 202 -20.13 -40.57 -36.63
N ASP C 203 -20.79 -41.72 -36.70
CA ASP C 203 -21.74 -41.97 -37.78
C ASP C 203 -23.15 -42.06 -37.23
N ILE C 204 -23.37 -41.32 -36.15
CA ILE C 204 -24.67 -41.31 -35.51
C ILE C 204 -25.60 -40.47 -36.39
N THR C 205 -26.85 -40.90 -36.49
CA THR C 205 -27.79 -40.21 -37.33
C THR C 205 -28.71 -39.37 -36.46
N ILE C 206 -29.14 -38.22 -37.01
CA ILE C 206 -30.01 -37.26 -36.33
C ILE C 206 -31.19 -37.90 -35.56
N PRO C 207 -31.87 -38.89 -36.15
CA PRO C 207 -32.80 -39.73 -35.38
C PRO C 207 -32.27 -40.18 -34.01
N GLU C 208 -31.24 -41.02 -34.01
CA GLU C 208 -30.64 -41.50 -32.76
C GLU C 208 -30.23 -40.35 -31.85
N LEU C 209 -29.42 -39.46 -32.41
CA LEU C 209 -28.95 -38.25 -31.76
C LEU C 209 -30.08 -37.44 -31.12
N MET C 210 -31.31 -37.69 -31.57
CA MET C 210 -32.47 -36.97 -31.03
C MET C 210 -33.09 -37.65 -29.84
N GLU C 211 -32.77 -38.93 -29.62
CA GLU C 211 -33.21 -39.61 -28.41
C GLU C 211 -32.37 -39.16 -27.23
N VAL C 212 -31.34 -38.37 -27.53
CA VAL C 212 -30.49 -37.74 -26.54
C VAL C 212 -30.88 -36.28 -26.36
N ILE C 213 -31.08 -35.59 -27.47
CA ILE C 213 -31.53 -34.21 -27.46
C ILE C 213 -32.90 -34.18 -28.10
N PRO C 214 -33.95 -34.03 -27.28
CA PRO C 214 -35.32 -34.22 -27.75
C PRO C 214 -35.84 -32.97 -28.47
N GLY C 215 -35.20 -31.84 -28.20
CA GLY C 215 -35.60 -30.57 -28.79
C GLY C 215 -35.14 -29.46 -27.86
N PRO C 216 -35.36 -28.20 -28.23
CA PRO C 216 -34.96 -27.06 -27.40
C PRO C 216 -35.60 -27.05 -26.02
N ASP C 217 -35.10 -26.16 -25.18
CA ASP C 217 -35.62 -26.01 -23.85
C ASP C 217 -35.48 -24.50 -23.63
N PHE C 218 -36.59 -23.83 -23.38
CA PHE C 218 -36.53 -22.39 -23.19
C PHE C 218 -36.42 -22.00 -21.71
N PRO C 219 -35.82 -20.85 -21.43
CA PRO C 219 -35.62 -20.39 -20.06
C PRO C 219 -36.92 -20.02 -19.40
N THR C 220 -37.93 -19.81 -20.24
CA THR C 220 -39.29 -19.57 -19.83
C THR C 220 -40.03 -20.84 -20.20
N ALA C 221 -40.28 -21.69 -19.20
CA ALA C 221 -40.83 -23.04 -19.43
C ALA C 221 -41.92 -23.02 -20.43
N GLY C 222 -41.82 -23.84 -21.46
CA GLY C 222 -42.81 -23.74 -22.50
C GLY C 222 -43.65 -24.97 -22.67
N GLN C 223 -44.18 -25.08 -23.88
CA GLN C 223 -44.60 -26.34 -24.50
C GLN C 223 -44.25 -26.25 -25.99
N ILE C 224 -43.61 -27.28 -26.52
CA ILE C 224 -43.35 -27.32 -27.94
C ILE C 224 -44.31 -28.35 -28.47
N LEU C 225 -44.97 -28.03 -29.56
CA LEU C 225 -46.08 -28.85 -29.99
C LEU C 225 -45.70 -30.00 -30.91
N GLY C 226 -45.01 -29.68 -32.00
CA GLY C 226 -44.62 -30.74 -32.90
C GLY C 226 -43.31 -31.38 -32.52
N ARG C 227 -43.16 -32.68 -32.75
CA ARG C 227 -41.83 -33.24 -32.80
C ARG C 227 -41.34 -32.98 -34.23
N SER C 228 -42.28 -32.98 -35.18
CA SER C 228 -41.98 -32.84 -36.59
C SER C 228 -41.18 -31.60 -36.94
N GLY C 229 -41.58 -30.48 -36.35
CA GLY C 229 -40.95 -29.19 -36.61
C GLY C 229 -39.48 -29.24 -36.27
N ILE C 230 -39.23 -29.71 -35.05
CA ILE C 230 -37.88 -29.97 -34.55
C ILE C 230 -37.07 -30.91 -35.42
N ARG C 231 -37.58 -32.11 -35.67
CA ARG C 231 -36.87 -33.04 -36.53
C ARG C 231 -36.44 -32.34 -37.82
N LYS C 232 -37.35 -31.57 -38.41
CA LYS C 232 -37.06 -30.89 -39.68
C LYS C 232 -35.96 -29.86 -39.50
N ALA C 233 -36.05 -29.07 -38.44
CA ALA C 233 -34.99 -28.14 -38.11
C ALA C 233 -33.64 -28.83 -37.98
N TYR C 234 -33.52 -29.74 -37.02
CA TYR C 234 -32.26 -30.43 -36.73
C TYR C 234 -31.70 -31.17 -37.93
N GLU C 235 -32.57 -31.73 -38.75
CA GLU C 235 -32.12 -32.46 -39.91
C GLU C 235 -31.59 -31.54 -41.01
N SER C 236 -32.24 -30.38 -41.18
CA SER C 236 -31.91 -29.50 -42.31
C SER C 236 -31.07 -28.27 -41.97
N GLY C 237 -31.36 -27.66 -40.83
CA GLY C 237 -30.80 -26.38 -40.46
C GLY C 237 -31.91 -25.34 -40.30
N ARG C 238 -32.96 -25.51 -41.08
CA ARG C 238 -34.08 -24.58 -41.04
C ARG C 238 -35.36 -25.33 -40.76
N GLY C 239 -36.25 -24.70 -40.02
CA GLY C 239 -37.50 -25.33 -39.62
C GLY C 239 -38.34 -24.50 -38.67
N SER C 240 -39.67 -24.64 -38.78
CA SER C 240 -40.56 -23.86 -37.95
C SER C 240 -41.08 -24.69 -36.81
N ILE C 241 -41.39 -24.04 -35.70
CA ILE C 241 -41.76 -24.74 -34.48
C ILE C 241 -42.89 -23.98 -33.80
N THR C 242 -43.71 -24.65 -33.01
CA THR C 242 -44.87 -24.00 -32.38
C THR C 242 -44.79 -24.01 -30.86
N ILE C 243 -44.63 -22.84 -30.25
CA ILE C 243 -44.47 -22.78 -28.80
C ILE C 243 -45.71 -22.26 -28.07
N ARG C 244 -46.22 -23.05 -27.12
CA ARG C 244 -47.51 -22.79 -26.47
C ARG C 244 -47.34 -22.51 -24.97
N ALA C 245 -48.20 -21.67 -24.42
CA ALA C 245 -48.09 -21.29 -23.01
C ALA C 245 -48.59 -22.42 -22.16
N LYS C 246 -48.21 -22.44 -20.89
CA LYS C 246 -48.84 -23.35 -19.96
C LYS C 246 -49.98 -22.63 -19.30
N ALA C 247 -51.19 -22.92 -19.79
CA ALA C 247 -52.40 -22.37 -19.22
C ALA C 247 -53.28 -23.56 -18.94
N GLU C 248 -53.86 -23.63 -17.75
CA GLU C 248 -54.78 -24.71 -17.44
C GLU C 248 -56.00 -24.10 -16.75
N ILE C 249 -57.06 -24.88 -16.58
CA ILE C 249 -58.31 -24.31 -16.13
C ILE C 249 -58.64 -24.70 -14.69
N GLU C 250 -58.56 -23.72 -13.79
CA GLU C 250 -58.86 -23.96 -12.38
C GLU C 250 -60.37 -24.02 -12.11
N GLN C 251 -60.75 -24.68 -11.02
CA GLN C 251 -62.15 -24.76 -10.65
C GLN C 251 -62.40 -24.25 -9.23
N THR C 252 -63.29 -23.26 -9.11
CA THR C 252 -63.68 -22.69 -7.82
C THR C 252 -64.86 -23.49 -7.26
N SER C 253 -65.03 -23.46 -5.94
CA SER C 253 -66.10 -24.19 -5.26
C SER C 253 -67.48 -23.81 -5.78
N SER C 254 -67.54 -22.67 -6.47
CA SER C 254 -68.79 -22.09 -6.97
C SER C 254 -69.26 -22.64 -8.31
N GLY C 255 -68.43 -23.46 -8.94
CA GLY C 255 -68.73 -23.99 -10.26
C GLY C 255 -68.30 -23.03 -11.35
N LYS C 256 -67.52 -22.03 -10.97
CA LYS C 256 -66.98 -21.08 -11.93
C LYS C 256 -65.58 -21.50 -12.33
N GLU C 257 -65.18 -21.17 -13.55
CA GLU C 257 -63.84 -21.51 -14.02
C GLU C 257 -63.03 -20.27 -14.26
N ARG C 258 -61.72 -20.41 -14.14
CA ARG C 258 -60.77 -19.37 -14.48
C ARG C 258 -59.66 -19.96 -15.35
N ILE C 259 -59.17 -19.21 -16.31
CA ILE C 259 -57.98 -19.68 -17.01
C ILE C 259 -56.75 -19.11 -16.29
N ILE C 260 -55.77 -19.95 -16.02
CA ILE C 260 -54.58 -19.48 -15.34
C ILE C 260 -53.30 -19.77 -16.11
N VAL C 261 -52.59 -18.67 -16.40
CA VAL C 261 -51.41 -18.69 -17.24
C VAL C 261 -50.19 -18.53 -16.38
N THR C 262 -49.43 -19.60 -16.27
CA THR C 262 -48.34 -19.69 -15.31
C THR C 262 -47.01 -19.62 -16.02
N GLU C 263 -47.00 -20.09 -17.26
CA GLU C 263 -45.83 -19.97 -18.12
C GLU C 263 -46.20 -19.42 -19.49
N LEU C 264 -45.44 -18.45 -19.96
CA LEU C 264 -45.62 -17.88 -21.28
C LEU C 264 -44.50 -18.37 -22.18
N PRO C 265 -44.69 -18.31 -23.50
CA PRO C 265 -43.69 -18.80 -24.47
C PRO C 265 -42.52 -17.86 -24.67
N TYR C 266 -41.39 -18.42 -25.12
CA TYR C 266 -40.13 -17.68 -25.27
C TYR C 266 -40.28 -16.33 -25.97
N GLN C 267 -39.76 -15.30 -25.33
CA GLN C 267 -39.65 -13.99 -25.95
C GLN C 267 -40.98 -13.24 -26.13
N VAL C 268 -42.06 -13.69 -25.51
CA VAL C 268 -43.30 -12.88 -25.56
C VAL C 268 -43.53 -12.00 -24.32
N ASN C 269 -44.00 -10.78 -24.56
CA ASN C 269 -44.11 -9.71 -23.56
C ASN C 269 -45.39 -9.80 -22.75
N LYS C 270 -45.28 -10.08 -21.46
CA LYS C 270 -46.47 -10.30 -20.63
C LYS C 270 -47.45 -9.12 -20.63
N ALA C 271 -46.89 -7.92 -20.56
CA ALA C 271 -47.71 -6.71 -20.58
C ALA C 271 -48.46 -6.57 -21.90
N LYS C 272 -47.77 -6.83 -23.00
CA LYS C 272 -48.38 -6.67 -24.32
C LYS C 272 -49.39 -7.79 -24.64
N LEU C 273 -49.30 -8.91 -23.93
CA LEU C 273 -50.31 -9.96 -24.02
C LEU C 273 -51.58 -9.62 -23.23
N ILE C 274 -51.40 -9.12 -22.01
CA ILE C 274 -52.55 -8.62 -21.24
C ILE C 274 -53.26 -7.52 -22.02
N GLU C 275 -52.47 -6.63 -22.57
CA GLU C 275 -52.95 -5.60 -23.48
C GLU C 275 -53.81 -6.20 -24.58
N LYS C 276 -53.15 -7.02 -25.40
CA LYS C 276 -53.76 -7.64 -26.57
C LYS C 276 -55.09 -8.30 -26.23
N ILE C 277 -55.14 -8.93 -25.06
CA ILE C 277 -56.34 -9.63 -24.64
C ILE C 277 -57.44 -8.65 -24.24
N ALA C 278 -57.09 -7.61 -23.46
CA ALA C 278 -58.04 -6.54 -23.13
C ALA C 278 -58.72 -6.01 -24.38
N ASP C 279 -57.92 -5.68 -25.39
CA ASP C 279 -58.44 -5.24 -26.69
C ASP C 279 -59.32 -6.29 -27.34
N LEU C 280 -58.85 -7.52 -27.38
CA LEU C 280 -59.62 -8.62 -27.95
C LEU C 280 -61.04 -8.73 -27.37
N VAL C 281 -61.14 -8.63 -26.04
CA VAL C 281 -62.43 -8.81 -25.38
C VAL C 281 -63.29 -7.55 -25.43
N ARG C 282 -62.62 -6.39 -25.44
CA ARG C 282 -63.27 -5.08 -25.47
C ARG C 282 -63.86 -4.84 -26.86
N ASP C 283 -63.19 -5.39 -27.88
CA ASP C 283 -63.67 -5.33 -29.25
C ASP C 283 -64.66 -6.45 -29.53
N LYS C 284 -64.83 -7.35 -28.57
CA LYS C 284 -65.71 -8.52 -28.72
C LYS C 284 -65.32 -9.35 -29.95
N LYS C 285 -64.12 -9.88 -29.94
CA LYS C 285 -63.71 -10.86 -30.94
C LYS C 285 -63.67 -12.18 -30.20
N ILE C 286 -63.53 -12.09 -28.88
CA ILE C 286 -63.64 -13.24 -27.99
C ILE C 286 -64.61 -12.94 -26.85
N GLU C 287 -65.67 -13.72 -26.79
CA GLU C 287 -66.66 -13.54 -25.75
C GLU C 287 -66.46 -14.61 -24.69
N GLY C 288 -66.95 -14.32 -23.49
CA GLY C 288 -66.91 -15.27 -22.40
C GLY C 288 -66.03 -14.81 -21.26
N ILE C 289 -65.37 -13.68 -21.47
CA ILE C 289 -64.42 -13.19 -20.48
C ILE C 289 -65.03 -12.13 -19.55
N THR C 290 -64.74 -12.27 -18.27
CA THR C 290 -65.34 -11.50 -17.19
C THR C 290 -64.34 -10.53 -16.61
N ASP C 291 -63.11 -10.99 -16.44
CA ASP C 291 -62.06 -10.21 -15.79
C ASP C 291 -60.67 -10.68 -16.25
N LEU C 292 -59.64 -9.90 -15.89
CA LEU C 292 -58.27 -10.18 -16.33
C LEU C 292 -57.24 -9.53 -15.38
N ARG C 293 -56.63 -10.34 -14.52
CA ARG C 293 -55.66 -9.86 -13.54
C ARG C 293 -54.26 -10.43 -13.77
N ASP C 294 -53.26 -9.75 -13.24
CA ASP C 294 -51.88 -10.21 -13.30
C ASP C 294 -51.34 -10.40 -11.88
N GLU C 295 -51.77 -11.47 -11.21
CA GLU C 295 -51.35 -11.73 -9.83
C GLU C 295 -49.86 -12.10 -9.69
N SER C 296 -49.12 -12.02 -10.79
CA SER C 296 -47.73 -12.48 -10.84
C SER C 296 -46.82 -11.66 -9.95
N ASP C 297 -45.90 -12.37 -9.28
CA ASP C 297 -44.99 -11.75 -8.33
C ASP C 297 -43.63 -12.46 -8.32
N ARG C 298 -42.83 -12.11 -7.32
CA ARG C 298 -41.53 -12.74 -7.11
C ARG C 298 -41.68 -14.24 -7.19
N THR C 299 -42.61 -14.76 -6.41
CA THR C 299 -42.86 -16.21 -6.33
C THR C 299 -43.14 -16.83 -7.69
N GLY C 300 -43.68 -16.05 -8.62
CA GLY C 300 -43.89 -16.53 -9.98
C GLY C 300 -45.09 -16.00 -10.75
N MET C 301 -45.16 -16.41 -12.02
CA MET C 301 -46.15 -15.87 -12.93
C MET C 301 -47.53 -16.49 -12.71
N ARG C 302 -48.53 -15.62 -12.67
CA ARG C 302 -49.93 -16.02 -12.55
C ARG C 302 -50.83 -14.99 -13.21
N ILE C 303 -51.32 -15.32 -14.40
CA ILE C 303 -52.31 -14.49 -15.08
C ILE C 303 -53.67 -15.11 -14.87
N VAL C 304 -54.55 -14.42 -14.16
CA VAL C 304 -55.90 -14.95 -13.96
C VAL C 304 -56.83 -14.30 -14.93
N ILE C 305 -57.50 -15.12 -15.74
CA ILE C 305 -58.43 -14.61 -16.72
C ILE C 305 -59.78 -15.30 -16.53
N GLU C 306 -60.77 -14.52 -16.10
CA GLU C 306 -62.05 -15.06 -15.61
C GLU C 306 -63.16 -15.34 -16.67
N ILE C 307 -64.02 -16.32 -16.37
CA ILE C 307 -65.05 -16.82 -17.30
C ILE C 307 -66.40 -16.83 -16.59
N ARG C 308 -67.50 -16.70 -17.34
CA ARG C 308 -68.84 -16.79 -16.74
C ARG C 308 -69.56 -18.05 -17.14
N ARG C 309 -70.46 -18.48 -16.25
CA ARG C 309 -70.97 -19.85 -16.23
C ARG C 309 -71.54 -20.41 -17.55
N ASP C 310 -71.77 -19.56 -18.55
CA ASP C 310 -72.24 -20.06 -19.83
C ASP C 310 -71.13 -20.67 -20.73
N ALA C 311 -69.95 -20.04 -20.76
CA ALA C 311 -68.90 -20.47 -21.69
C ALA C 311 -68.04 -21.64 -21.18
N ASN C 312 -67.65 -22.53 -22.09
CA ASN C 312 -66.73 -23.61 -21.78
C ASN C 312 -65.34 -23.09 -21.98
N ALA C 313 -64.63 -22.90 -20.87
CA ALA C 313 -63.38 -22.17 -20.91
C ALA C 313 -62.36 -22.81 -21.82
N ASN C 314 -62.50 -24.11 -22.10
CA ASN C 314 -61.52 -24.78 -22.97
C ASN C 314 -61.66 -24.22 -24.38
N VAL C 315 -62.88 -23.80 -24.72
CA VAL C 315 -63.19 -23.23 -26.03
C VAL C 315 -62.63 -21.83 -26.19
N ILE C 316 -62.78 -21.04 -25.13
CA ILE C 316 -62.15 -19.74 -25.03
C ILE C 316 -60.63 -19.84 -25.12
N LEU C 317 -60.08 -20.85 -24.45
CA LEU C 317 -58.64 -21.07 -24.38
C LEU C 317 -58.12 -21.38 -25.75
N ASN C 318 -58.81 -22.25 -26.48
CA ASN C 318 -58.40 -22.54 -27.85
C ASN C 318 -58.42 -21.30 -28.75
N ASN C 319 -59.51 -20.54 -28.67
CA ASN C 319 -59.60 -19.27 -29.41
C ASN C 319 -58.47 -18.30 -29.09
N LEU C 320 -58.05 -18.28 -27.82
CA LEU C 320 -56.93 -17.44 -27.37
C LEU C 320 -55.57 -17.92 -27.88
N TYR C 321 -55.35 -19.24 -27.94
CA TYR C 321 -54.12 -19.76 -28.54
C TYR C 321 -54.04 -19.32 -29.99
N LYS C 322 -55.18 -19.37 -30.66
CA LYS C 322 -55.24 -18.96 -32.06
C LYS C 322 -54.98 -17.47 -32.26
N GLN C 323 -55.68 -16.63 -31.50
CA GLN C 323 -55.72 -15.19 -31.73
C GLN C 323 -54.55 -14.35 -31.16
N THR C 324 -53.83 -14.89 -30.19
CA THR C 324 -52.73 -14.13 -29.62
C THR C 324 -51.43 -14.90 -29.63
N ALA C 325 -50.43 -14.32 -28.97
CA ALA C 325 -49.10 -14.92 -28.94
C ALA C 325 -49.00 -15.92 -27.80
N LEU C 326 -50.15 -16.34 -27.28
CA LEU C 326 -50.20 -17.38 -26.27
C LEU C 326 -49.69 -18.67 -26.85
N GLN C 327 -49.66 -18.72 -28.17
CA GLN C 327 -49.06 -19.82 -28.92
C GLN C 327 -48.49 -19.25 -30.20
N THR C 328 -47.18 -19.38 -30.35
CA THR C 328 -46.47 -18.70 -31.43
C THR C 328 -45.68 -19.64 -32.32
N SER C 329 -45.06 -19.04 -33.34
CA SER C 329 -44.15 -19.73 -34.24
C SER C 329 -42.73 -19.29 -33.94
N PHE C 330 -41.78 -20.19 -34.14
CA PHE C 330 -40.38 -19.91 -33.93
C PHE C 330 -39.65 -20.41 -35.17
N GLY C 331 -38.84 -19.53 -35.75
CA GLY C 331 -38.24 -19.73 -37.06
C GLY C 331 -36.81 -20.21 -37.03
N ILE C 332 -36.61 -21.41 -36.48
CA ILE C 332 -35.31 -22.05 -36.27
C ILE C 332 -34.43 -22.03 -37.51
N ASN C 333 -33.33 -21.31 -37.43
CA ASN C 333 -32.40 -21.14 -38.54
C ASN C 333 -30.96 -21.27 -38.03
N LEU C 334 -30.46 -22.50 -38.01
CA LEU C 334 -29.19 -22.82 -37.36
C LEU C 334 -28.01 -22.33 -38.18
N LEU C 335 -27.81 -21.01 -38.15
CA LEU C 335 -26.78 -20.37 -38.96
C LEU C 335 -25.66 -19.76 -38.08
N ALA C 336 -24.41 -19.92 -38.46
CA ALA C 336 -23.30 -19.51 -37.60
C ALA C 336 -22.03 -19.24 -38.37
N LEU C 337 -21.07 -18.65 -37.70
CA LEU C 337 -19.79 -18.36 -38.32
C LEU C 337 -18.92 -19.59 -38.27
N VAL C 338 -18.76 -20.26 -39.41
CA VAL C 338 -17.83 -21.37 -39.52
C VAL C 338 -16.58 -20.90 -40.23
N ASP C 339 -15.50 -20.73 -39.49
CA ASP C 339 -14.22 -20.34 -40.09
C ASP C 339 -14.34 -19.07 -40.89
N GLY C 340 -14.96 -18.06 -40.28
CA GLY C 340 -15.10 -16.75 -40.87
C GLY C 340 -16.05 -16.66 -42.06
N GLN C 341 -17.02 -17.56 -42.11
CA GLN C 341 -17.95 -17.65 -43.22
C GLN C 341 -19.29 -18.11 -42.66
N PRO C 342 -20.38 -17.42 -43.01
CA PRO C 342 -21.69 -17.80 -42.48
C PRO C 342 -22.20 -19.06 -43.13
N LYS C 343 -22.43 -20.10 -42.34
CA LYS C 343 -22.97 -21.36 -42.86
C LYS C 343 -24.20 -21.78 -42.07
N VAL C 344 -25.02 -22.62 -42.68
CA VAL C 344 -26.20 -23.17 -42.03
C VAL C 344 -26.00 -24.65 -41.75
N LEU C 345 -26.01 -25.02 -40.48
CA LEU C 345 -25.57 -26.34 -40.12
C LEU C 345 -26.70 -27.20 -39.60
N THR C 346 -26.56 -28.53 -39.75
CA THR C 346 -27.43 -29.49 -39.08
C THR C 346 -27.04 -29.55 -37.63
N LEU C 347 -27.84 -30.25 -36.83
CA LEU C 347 -27.58 -30.37 -35.40
C LEU C 347 -26.22 -31.02 -35.20
N LYS C 348 -26.05 -32.17 -35.84
CA LYS C 348 -24.80 -32.91 -35.85
C LYS C 348 -23.60 -31.99 -36.10
N GLN C 349 -23.68 -31.15 -37.12
CA GLN C 349 -22.58 -30.26 -37.43
C GLN C 349 -22.21 -29.31 -36.30
N CYS C 350 -23.20 -28.73 -35.63
CA CYS C 350 -22.93 -27.83 -34.53
C CYS C 350 -22.18 -28.59 -33.45
N LEU C 351 -22.70 -29.77 -33.13
CA LEU C 351 -22.00 -30.62 -32.19
C LEU C 351 -20.55 -30.85 -32.61
N GLU C 352 -20.34 -31.56 -33.72
CA GLU C 352 -18.98 -31.91 -34.15
C GLU C 352 -18.03 -30.74 -34.44
N HIS C 353 -18.57 -29.57 -34.76
CA HIS C 353 -17.74 -28.38 -34.92
C HIS C 353 -17.24 -27.96 -33.55
N TYR C 354 -18.14 -28.04 -32.58
CA TYR C 354 -17.77 -27.74 -31.19
C TYR C 354 -16.74 -28.72 -30.66
N LEU C 355 -16.96 -30.01 -30.90
CA LEU C 355 -15.99 -30.99 -30.50
C LEU C 355 -14.66 -30.59 -31.10
N ASP C 356 -14.56 -30.62 -32.43
CA ASP C 356 -13.31 -30.24 -33.14
C ASP C 356 -12.56 -29.09 -32.44
N HIS C 357 -13.34 -28.06 -32.05
CA HIS C 357 -12.77 -26.96 -31.27
C HIS C 357 -12.16 -27.40 -29.93
N GLN C 358 -12.96 -28.12 -29.15
CA GLN C 358 -12.48 -28.59 -27.86
C GLN C 358 -11.23 -29.44 -28.00
N LYS C 359 -11.18 -30.28 -29.03
CA LYS C 359 -10.00 -31.08 -29.31
C LYS C 359 -8.84 -30.14 -29.38
N VAL C 360 -9.01 -29.07 -30.17
CA VAL C 360 -7.93 -28.08 -30.23
C VAL C 360 -7.52 -27.46 -28.88
N VAL C 361 -8.48 -26.95 -28.12
CA VAL C 361 -8.12 -26.32 -26.84
C VAL C 361 -7.36 -27.30 -25.93
N ILE C 362 -7.85 -28.52 -25.86
CA ILE C 362 -7.21 -29.57 -25.08
C ILE C 362 -5.78 -29.85 -25.54
N ARG C 363 -5.61 -30.07 -26.84
CA ARG C 363 -4.29 -30.37 -27.40
C ARG C 363 -3.29 -29.23 -27.10
N ARG C 364 -3.68 -28.02 -27.46
CA ARG C 364 -2.86 -26.84 -27.25
C ARG C 364 -2.53 -26.62 -25.79
N ARG C 365 -3.42 -27.05 -24.90
CA ARG C 365 -3.15 -26.90 -23.48
C ARG C 365 -2.07 -27.90 -23.12
N THR C 366 -2.35 -29.16 -23.39
CA THR C 366 -1.43 -30.21 -23.00
C THR C 366 -0.08 -30.07 -23.70
N ALA C 367 0.04 -29.09 -24.60
CA ALA C 367 1.34 -28.71 -25.16
C ALA C 367 2.09 -27.77 -24.23
N TYR C 368 1.31 -26.88 -23.61
CA TYR C 368 1.84 -25.84 -22.74
C TYR C 368 2.26 -26.47 -21.44
N GLU C 369 1.39 -27.33 -20.93
CA GLU C 369 1.67 -28.16 -19.76
C GLU C 369 2.96 -28.95 -19.97
N LEU C 370 3.09 -29.52 -21.17
CA LEU C 370 4.29 -30.22 -21.60
C LEU C 370 5.55 -29.36 -21.55
N ARG C 371 5.55 -28.23 -22.27
CA ARG C 371 6.64 -27.24 -22.24
C ARG C 371 7.14 -27.00 -20.81
N LYS C 372 6.21 -26.63 -19.92
CA LYS C 372 6.50 -26.44 -18.51
C LYS C 372 7.26 -27.64 -17.92
N ALA C 373 6.58 -28.79 -17.91
CA ALA C 373 7.14 -29.99 -17.28
C ALA C 373 8.53 -30.39 -17.81
N GLU C 374 8.73 -30.30 -19.11
CA GLU C 374 10.04 -30.57 -19.71
C GLU C 374 11.13 -29.59 -19.25
N ALA C 375 10.76 -28.32 -19.19
CA ALA C 375 11.65 -27.31 -18.64
C ALA C 375 12.15 -27.71 -17.25
N ARG C 376 11.22 -28.04 -16.35
CA ARG C 376 11.58 -28.42 -14.98
C ARG C 376 12.45 -29.70 -14.96
N ALA C 377 12.07 -30.65 -15.81
CA ALA C 377 12.73 -31.95 -15.86
C ALA C 377 14.16 -31.82 -16.33
N HIS C 378 14.41 -30.84 -17.18
CA HIS C 378 15.76 -30.47 -17.57
C HIS C 378 16.67 -30.17 -16.35
N ILE C 379 16.24 -29.22 -15.54
CA ILE C 379 17.01 -28.81 -14.37
C ILE C 379 17.24 -29.98 -13.42
N LEU C 380 16.18 -30.75 -13.19
CA LEU C 380 16.37 -31.97 -12.41
C LEU C 380 17.45 -32.88 -13.00
N GLU C 381 17.49 -33.06 -14.31
CA GLU C 381 18.58 -33.86 -14.90
C GLU C 381 19.96 -33.30 -14.59
N GLY C 382 20.06 -31.97 -14.63
CA GLY C 382 21.25 -31.30 -14.11
C GLY C 382 21.60 -31.80 -12.72
N LEU C 383 20.67 -31.65 -11.78
CA LEU C 383 20.92 -32.07 -10.41
C LEU C 383 21.26 -33.55 -10.25
N ARG C 384 20.56 -34.42 -11.00
CA ARG C 384 20.79 -35.86 -10.99
C ARG C 384 22.22 -36.21 -11.37
N VAL C 385 22.69 -35.62 -12.47
CA VAL C 385 24.07 -35.83 -12.89
C VAL C 385 25.04 -35.28 -11.84
N ALA C 386 24.72 -34.13 -11.27
CA ALA C 386 25.53 -33.59 -10.17
C ALA C 386 25.69 -34.61 -9.06
N LEU C 387 24.58 -35.17 -8.61
CA LEU C 387 24.56 -36.06 -7.47
C LEU C 387 25.19 -37.39 -7.76
N ASP C 388 25.07 -37.81 -9.02
CA ASP C 388 25.58 -39.10 -9.46
C ASP C 388 27.11 -39.14 -9.46
N HIS C 389 27.72 -38.00 -9.76
CA HIS C 389 29.16 -37.89 -9.72
C HIS C 389 29.51 -36.82 -8.70
N LEU C 390 28.88 -36.89 -7.54
CA LEU C 390 29.02 -35.83 -6.54
C LEU C 390 30.47 -35.53 -6.15
N ASP C 391 31.29 -36.57 -6.07
CA ASP C 391 32.69 -36.43 -5.67
C ASP C 391 33.45 -35.63 -6.72
N ALA C 392 33.35 -36.09 -7.97
CA ALA C 392 34.03 -35.44 -9.09
C ALA C 392 33.59 -33.99 -9.30
N VAL C 393 32.28 -33.76 -9.18
CA VAL C 393 31.74 -32.41 -9.28
C VAL C 393 32.28 -31.51 -8.19
N ILE C 394 32.16 -31.92 -6.94
CA ILE C 394 32.63 -31.13 -5.80
C ILE C 394 34.10 -30.76 -5.95
N SER C 395 34.91 -31.76 -6.28
CA SER C 395 36.33 -31.51 -6.41
C SER C 395 36.60 -30.52 -7.56
N LEU C 396 35.96 -30.74 -8.71
CA LEU C 396 36.04 -29.79 -9.81
C LEU C 396 35.76 -28.36 -9.36
N ILE C 397 34.55 -28.13 -8.85
CA ILE C 397 34.15 -26.81 -8.36
C ILE C 397 35.18 -26.18 -7.42
N ARG C 398 35.57 -26.90 -6.37
CA ARG C 398 36.47 -26.30 -5.38
C ARG C 398 37.87 -26.07 -5.94
N ASN C 399 38.22 -26.77 -7.01
CA ASN C 399 39.47 -26.50 -7.71
C ASN C 399 39.37 -25.32 -8.68
N SER C 400 38.15 -24.93 -9.02
CA SER C 400 37.95 -23.85 -9.98
C SER C 400 38.02 -22.50 -9.30
N GLN C 401 38.95 -21.65 -9.75
CA GLN C 401 39.19 -20.38 -9.08
C GLN C 401 37.93 -19.53 -8.96
N THR C 402 37.29 -19.31 -10.10
CA THR C 402 36.10 -18.46 -10.17
C THR C 402 34.85 -19.26 -10.53
N ALA C 403 33.69 -18.66 -10.28
CA ALA C 403 32.42 -19.26 -10.66
C ALA C 403 32.31 -19.56 -12.18
N GLU C 404 32.82 -18.67 -13.01
CA GLU C 404 32.83 -18.92 -14.45
C GLU C 404 33.54 -20.23 -14.73
N ILE C 405 34.76 -20.35 -14.25
CA ILE C 405 35.61 -21.48 -14.58
C ILE C 405 34.95 -22.77 -14.14
N ALA C 406 34.29 -22.71 -12.98
CA ALA C 406 33.53 -23.84 -12.51
C ALA C 406 32.45 -24.19 -13.50
N ARG C 407 31.72 -23.19 -13.99
CA ARG C 407 30.62 -23.46 -14.92
C ARG C 407 31.06 -24.03 -16.27
N THR C 408 32.00 -23.36 -16.94
CA THR C 408 32.58 -23.88 -18.18
C THR C 408 33.10 -25.31 -17.95
N GLY C 409 33.61 -25.54 -16.74
CA GLY C 409 34.05 -26.86 -16.30
C GLY C 409 32.94 -27.92 -16.24
N LEU C 410 31.81 -27.58 -15.62
CA LEU C 410 30.68 -28.50 -15.48
C LEU C 410 30.05 -28.81 -16.83
N ILE C 411 29.88 -27.76 -17.62
CA ILE C 411 29.47 -27.86 -19.02
C ILE C 411 30.32 -28.83 -19.83
N GLU C 412 31.64 -28.60 -19.85
CA GLU C 412 32.50 -29.42 -20.70
C GLU C 412 32.70 -30.83 -20.16
N GLN C 413 32.71 -30.97 -18.84
CA GLN C 413 32.98 -32.27 -18.24
C GLN C 413 31.79 -33.22 -18.21
N PHE C 414 30.60 -32.73 -17.86
CA PHE C 414 29.42 -33.61 -17.77
C PHE C 414 28.35 -33.41 -18.85
N SER C 415 28.61 -32.45 -19.74
CA SER C 415 27.74 -32.13 -20.87
C SER C 415 26.39 -31.59 -20.44
N LEU C 416 26.40 -30.48 -19.70
CA LEU C 416 25.18 -29.90 -19.19
C LEU C 416 25.02 -28.52 -19.83
N THR C 417 23.88 -27.87 -19.59
CA THR C 417 23.69 -26.50 -20.04
C THR C 417 24.19 -25.55 -18.98
N GLU C 418 24.52 -24.34 -19.39
CA GLU C 418 24.77 -23.25 -18.45
C GLU C 418 23.63 -23.17 -17.43
N LYS C 419 22.40 -23.41 -17.90
CA LYS C 419 21.24 -23.53 -17.03
C LYS C 419 21.43 -24.67 -16.05
N GLN C 420 21.78 -25.84 -16.57
CA GLN C 420 21.99 -27.01 -15.73
C GLN C 420 23.12 -26.78 -14.70
N ALA C 421 24.22 -26.19 -15.15
CA ALA C 421 25.36 -25.90 -14.26
C ALA C 421 25.00 -24.91 -13.19
N GLN C 422 24.56 -23.72 -13.58
CA GLN C 422 24.17 -22.71 -12.60
C GLN C 422 23.06 -23.22 -11.67
N ALA C 423 22.23 -24.12 -12.17
CA ALA C 423 21.35 -24.90 -11.30
C ALA C 423 22.16 -25.61 -10.22
N ILE C 424 23.16 -26.38 -10.66
CA ILE C 424 24.06 -27.15 -9.76
C ILE C 424 24.85 -26.30 -8.74
N LEU C 425 25.38 -25.16 -9.17
CA LEU C 425 26.12 -24.28 -8.28
C LEU C 425 25.21 -23.65 -7.23
N ASP C 426 23.94 -23.48 -7.58
CA ASP C 426 22.99 -22.85 -6.68
C ASP C 426 22.53 -23.80 -5.57
N MET C 427 22.84 -25.07 -5.73
CA MET C 427 22.48 -26.09 -4.77
C MET C 427 23.07 -25.80 -3.38
N ARG C 428 22.24 -25.85 -2.35
CA ARG C 428 22.76 -25.69 -1.01
C ARG C 428 23.35 -27.02 -0.55
N LEU C 429 24.15 -26.98 0.51
CA LEU C 429 24.81 -28.20 0.93
C LEU C 429 23.80 -29.23 1.42
N GLN C 430 22.76 -28.79 2.13
CA GLN C 430 21.82 -29.74 2.72
C GLN C 430 20.96 -30.51 1.71
N ARG C 431 21.10 -30.22 0.42
CA ARG C 431 20.44 -31.00 -0.62
C ARG C 431 21.25 -32.25 -0.85
N LEU C 432 22.32 -32.40 -0.08
CA LEU C 432 23.19 -33.54 -0.26
C LEU C 432 22.86 -34.67 0.70
N THR C 433 22.05 -34.38 1.73
CA THR C 433 21.60 -35.43 2.62
C THR C 433 20.87 -36.48 1.81
N GLY C 434 20.70 -37.65 2.39
CA GLY C 434 20.11 -38.76 1.68
C GLY C 434 18.68 -38.54 1.30
N LEU C 435 17.90 -38.03 2.24
CA LEU C 435 16.49 -37.79 1.99
C LEU C 435 16.29 -36.81 0.85
N GLU C 436 17.16 -35.81 0.78
CA GLU C 436 17.07 -34.85 -0.30
C GLU C 436 17.33 -35.47 -1.68
N ARG C 437 18.37 -36.27 -1.80
CA ARG C 437 18.67 -36.91 -3.08
C ARG C 437 17.49 -37.80 -3.46
N GLU C 438 16.90 -38.45 -2.46
CA GLU C 438 15.69 -39.23 -2.67
C GLU C 438 14.62 -38.33 -3.27
N LYS C 439 14.38 -37.17 -2.65
CA LYS C 439 13.37 -36.25 -3.13
C LYS C 439 13.58 -35.83 -4.59
N ILE C 440 14.81 -35.50 -4.96
CA ILE C 440 15.14 -35.16 -6.35
C ILE C 440 14.77 -36.31 -7.31
N GLU C 441 15.11 -37.54 -6.94
CA GLU C 441 14.78 -38.65 -7.82
C GLU C 441 13.27 -38.93 -7.89
N GLU C 442 12.58 -38.67 -6.78
CA GLU C 442 11.14 -38.82 -6.72
C GLU C 442 10.50 -37.86 -7.71
N GLU C 443 10.85 -36.59 -7.58
CA GLU C 443 10.29 -35.54 -8.45
C GLU C 443 10.56 -35.79 -9.91
N TYR C 444 11.82 -36.06 -10.26
CA TYR C 444 12.15 -36.31 -11.65
C TYR C 444 11.43 -37.54 -12.21
N GLN C 445 11.34 -38.61 -11.43
CA GLN C 445 10.66 -39.80 -11.90
C GLN C 445 9.17 -39.52 -12.19
N SER C 446 8.54 -38.85 -11.22
CA SER C 446 7.17 -38.37 -11.35
C SER C 446 6.96 -37.54 -12.63
N LEU C 447 7.81 -36.53 -12.80
CA LEU C 447 7.83 -35.70 -14.01
C LEU C 447 8.03 -36.49 -15.30
N VAL C 448 8.70 -37.64 -15.24
CA VAL C 448 8.87 -38.44 -16.47
C VAL C 448 7.61 -39.21 -16.81
N LYS C 449 6.97 -39.80 -15.80
CA LYS C 449 5.65 -40.40 -16.02
C LYS C 449 4.81 -39.33 -16.68
N LEU C 450 4.92 -38.10 -16.19
CA LEU C 450 4.12 -36.98 -16.72
C LEU C 450 4.38 -36.58 -18.18
N ILE C 451 5.63 -36.30 -18.52
CA ILE C 451 5.96 -36.00 -19.91
C ILE C 451 5.51 -37.14 -20.84
N ALA C 452 5.59 -38.38 -20.35
CA ALA C 452 5.14 -39.51 -21.16
C ALA C 452 3.66 -39.43 -21.42
N GLU C 453 2.89 -39.37 -20.34
CA GLU C 453 1.44 -39.20 -20.42
C GLU C 453 1.06 -38.08 -21.39
N LEU C 454 1.63 -36.92 -21.18
CA LEU C 454 1.34 -35.75 -22.02
C LEU C 454 1.63 -35.92 -23.51
N LYS C 455 2.84 -36.38 -23.84
CA LYS C 455 3.18 -36.62 -25.25
C LYS C 455 2.19 -37.60 -25.87
N ASP C 456 1.83 -38.64 -25.10
CA ASP C 456 0.85 -39.61 -25.57
C ASP C 456 -0.42 -38.90 -25.94
N ILE C 457 -0.98 -38.15 -24.98
CA ILE C 457 -2.17 -37.31 -25.17
C ILE C 457 -2.11 -36.49 -26.45
N LEU C 458 -1.02 -35.76 -26.67
CA LEU C 458 -0.79 -35.06 -27.94
C LEU C 458 -0.86 -35.96 -29.18
N ALA C 459 -0.33 -37.18 -29.05
CA ALA C 459 -0.09 -38.05 -30.20
C ALA C 459 -1.18 -39.09 -30.53
N ASN C 460 -2.08 -39.34 -29.58
CA ASN C 460 -3.22 -40.21 -29.83
C ASN C 460 -4.52 -39.44 -29.63
N GLU C 461 -5.49 -39.67 -30.51
CA GLU C 461 -6.71 -38.88 -30.48
C GLU C 461 -7.66 -39.38 -29.40
N TYR C 462 -7.71 -40.69 -29.22
CA TYR C 462 -8.58 -41.28 -28.21
C TYR C 462 -8.38 -40.65 -26.85
N LYS C 463 -7.12 -40.39 -26.49
CA LYS C 463 -6.80 -39.78 -25.20
C LYS C 463 -7.48 -38.43 -25.08
N VAL C 464 -7.37 -37.62 -26.12
CA VAL C 464 -7.97 -36.30 -26.14
C VAL C 464 -9.48 -36.38 -26.00
N LEU C 465 -10.09 -37.30 -26.74
CA LEU C 465 -11.52 -37.49 -26.62
C LEU C 465 -11.90 -37.83 -25.19
N GLU C 466 -11.04 -38.60 -24.52
CA GLU C 466 -11.26 -38.95 -23.12
C GLU C 466 -11.18 -37.75 -22.17
N ILE C 467 -10.24 -36.86 -22.39
CA ILE C 467 -10.15 -35.71 -21.52
C ILE C 467 -11.37 -34.85 -21.72
N ILE C 468 -11.81 -34.77 -22.97
CA ILE C 468 -13.03 -34.06 -23.28
C ILE C 468 -14.23 -34.65 -22.53
N ARG C 469 -14.48 -35.95 -22.65
CA ARG C 469 -15.57 -36.58 -21.88
C ARG C 469 -15.47 -36.34 -20.39
N GLU C 470 -14.27 -36.52 -19.86
CA GLU C 470 -14.00 -36.38 -18.44
C GLU C 470 -14.46 -35.02 -17.96
N GLU C 471 -13.89 -33.97 -18.56
CA GLU C 471 -14.15 -32.61 -18.14
C GLU C 471 -15.58 -32.10 -18.43
N LEU C 472 -16.10 -32.45 -19.61
CA LEU C 472 -17.50 -32.16 -19.93
C LEU C 472 -18.43 -32.76 -18.88
N THR C 473 -18.20 -34.03 -18.54
CA THR C 473 -19.08 -34.70 -17.60
C THR C 473 -18.99 -34.07 -16.24
N GLU C 474 -17.79 -33.58 -15.88
CA GLU C 474 -17.68 -32.88 -14.62
C GLU C 474 -18.55 -31.62 -14.64
N ILE C 475 -18.50 -30.88 -15.75
CA ILE C 475 -19.32 -29.65 -15.85
C ILE C 475 -20.81 -29.95 -15.81
N LYS C 476 -21.22 -30.97 -16.54
CA LYS C 476 -22.59 -31.44 -16.46
C LYS C 476 -22.94 -31.67 -15.01
N GLU C 477 -22.22 -32.58 -14.36
CA GLU C 477 -22.43 -32.87 -12.94
C GLU C 477 -22.54 -31.63 -12.05
N ARG C 478 -21.82 -30.55 -12.39
CA ARG C 478 -21.82 -29.36 -11.55
C ARG C 478 -22.97 -28.37 -11.83
N PHE C 479 -23.46 -28.36 -13.07
CA PHE C 479 -24.29 -27.25 -13.52
C PHE C 479 -25.64 -27.66 -14.03
N ASN C 480 -25.84 -28.96 -14.21
CA ASN C 480 -27.04 -29.44 -14.87
C ASN C 480 -28.29 -29.29 -14.03
N ASP C 481 -29.35 -28.77 -14.64
CA ASP C 481 -30.62 -28.60 -13.94
C ASP C 481 -31.67 -29.39 -14.69
N GLU C 482 -32.91 -29.21 -14.26
CA GLU C 482 -34.00 -29.94 -14.88
C GLU C 482 -34.54 -29.26 -16.12
N ARG C 483 -35.16 -30.03 -17.00
CA ARG C 483 -35.77 -29.46 -18.19
C ARG C 483 -36.97 -28.63 -17.83
N ARG C 484 -37.08 -27.48 -18.50
CA ARG C 484 -38.16 -26.53 -18.26
C ARG C 484 -39.31 -26.67 -19.28
N THR C 485 -38.99 -26.99 -20.53
CA THR C 485 -39.99 -26.98 -21.62
C THR C 485 -40.53 -28.36 -22.06
N GLU C 486 -41.84 -28.58 -21.89
CA GLU C 486 -42.42 -29.87 -22.25
C GLU C 486 -42.70 -30.00 -23.72
N ILE C 487 -42.11 -31.00 -24.34
CA ILE C 487 -42.56 -31.38 -25.66
C ILE C 487 -43.85 -32.18 -25.50
N VAL C 488 -44.89 -31.72 -26.18
CA VAL C 488 -46.17 -32.41 -26.16
C VAL C 488 -46.35 -33.15 -27.47
N THR C 489 -46.94 -34.33 -27.37
CA THR C 489 -47.18 -35.21 -28.51
C THR C 489 -47.74 -34.46 -29.72
N VAL D 31 6.79 21.14 38.34
CA VAL D 31 6.66 20.45 37.06
C VAL D 31 6.97 21.38 35.87
N SER D 32 6.63 22.65 36.01
CA SER D 32 6.91 23.67 34.99
C SER D 32 8.32 24.27 35.10
N ARG D 33 8.76 24.57 36.32
CA ARG D 33 10.16 24.95 36.55
C ARG D 33 11.02 23.75 36.95
N ALA D 34 11.37 22.94 35.95
CA ALA D 34 12.27 21.81 36.10
C ALA D 34 13.63 22.17 35.49
N LEU D 35 14.70 21.61 36.05
CA LEU D 35 16.04 21.89 35.60
C LEU D 35 16.48 21.02 34.43
N PRO D 36 17.52 21.45 33.72
CA PRO D 36 18.12 20.63 32.68
C PRO D 36 19.18 19.64 33.20
N ASP D 37 19.17 18.41 32.67
CA ASP D 37 20.22 17.43 32.98
C ASP D 37 21.56 17.96 32.50
N VAL D 38 22.57 17.92 33.36
CA VAL D 38 23.91 18.40 33.00
C VAL D 38 24.48 17.69 31.79
N ARG D 39 24.07 16.45 31.60
CA ARG D 39 24.48 15.67 30.45
C ARG D 39 23.94 16.25 29.13
N ASP D 40 22.63 16.18 28.89
CA ASP D 40 22.11 16.67 27.61
C ASP D 40 21.50 18.06 27.63
N GLY D 41 21.46 18.66 28.80
CA GLY D 41 21.04 20.04 28.95
C GLY D 41 19.64 20.38 28.50
N LEU D 42 18.71 19.46 28.72
CA LEU D 42 17.31 19.64 28.33
C LEU D 42 16.38 19.51 29.54
N LYS D 43 15.34 20.34 29.58
CA LYS D 43 14.22 20.12 30.48
C LYS D 43 13.50 18.88 29.98
N PRO D 44 12.77 18.18 30.86
CA PRO D 44 11.93 17.05 30.45
C PRO D 44 11.13 17.37 29.21
N VAL D 45 10.44 18.50 29.23
CA VAL D 45 9.59 18.96 28.12
C VAL D 45 10.32 19.01 26.77
N HIS D 46 11.46 19.69 26.75
CA HIS D 46 12.28 19.79 25.54
C HIS D 46 12.69 18.40 25.04
N ARG D 47 13.16 17.57 25.96
CA ARG D 47 13.67 16.23 25.63
C ARG D 47 12.56 15.42 25.01
N ARG D 48 11.36 15.64 25.52
CA ARG D 48 10.17 14.96 25.05
C ARG D 48 9.80 15.35 23.64
N ILE D 49 9.69 16.65 23.40
CA ILE D 49 9.46 17.14 22.06
C ILE D 49 10.48 16.54 21.09
N LEU D 50 11.76 16.56 21.45
CA LEU D 50 12.77 15.96 20.58
C LEU D 50 12.56 14.45 20.33
N TYR D 51 12.45 13.65 21.39
CA TYR D 51 12.26 12.20 21.20
C TYR D 51 11.08 11.93 20.29
N ALA D 52 10.04 12.75 20.45
CA ALA D 52 8.75 12.51 19.80
C ALA D 52 8.80 12.88 18.33
N MET D 53 9.33 14.06 18.05
CA MET D 53 9.66 14.43 16.70
C MET D 53 10.41 13.27 16.04
N ASN D 54 11.60 12.94 16.57
CA ASN D 54 12.46 11.93 15.97
C ASN D 54 11.80 10.56 15.76
N ASP D 55 10.99 10.14 16.73
CA ASP D 55 10.26 8.89 16.61
C ASP D 55 9.20 8.98 15.51
N LEU D 56 8.74 10.19 15.22
CA LEU D 56 7.79 10.35 14.12
C LEU D 56 8.50 10.48 12.77
N GLY D 57 9.78 10.78 12.82
CA GLY D 57 10.54 11.03 11.60
C GLY D 57 10.29 12.42 11.08
N MET D 58 10.23 13.37 11.99
CA MET D 58 10.21 14.75 11.59
C MET D 58 11.66 15.26 11.68
N THR D 59 12.50 14.62 10.87
CA THR D 59 13.94 14.84 10.89
C THR D 59 14.38 15.85 9.84
N SER D 60 15.61 16.34 9.99
CA SER D 60 16.03 17.52 9.24
C SER D 60 15.95 17.35 7.74
N ASP D 61 15.88 16.10 7.29
CA ASP D 61 15.82 15.81 5.85
C ASP D 61 14.39 15.75 5.31
N LYS D 62 13.51 15.08 6.04
CA LYS D 62 12.10 14.99 5.68
C LYS D 62 11.45 16.38 5.75
N PRO D 63 10.41 16.60 4.95
CA PRO D 63 9.80 17.94 4.94
C PRO D 63 9.17 18.28 6.28
N TYR D 64 8.57 19.46 6.35
CA TYR D 64 8.00 19.94 7.60
C TYR D 64 6.70 19.24 7.89
N LYS D 65 6.35 19.17 9.17
CA LYS D 65 5.03 18.70 9.55
C LYS D 65 4.28 19.73 10.40
N LYS D 66 2.96 19.70 10.31
CA LYS D 66 2.14 20.61 11.08
C LYS D 66 2.43 20.47 12.58
N SER D 67 2.73 21.59 13.22
CA SER D 67 3.00 21.60 14.67
C SER D 67 2.01 20.81 15.53
N ALA D 68 0.73 20.90 15.23
CA ALA D 68 -0.23 20.23 16.09
C ALA D 68 -0.06 18.71 16.05
N ARG D 69 0.55 18.19 14.98
CA ARG D 69 0.83 16.75 14.91
C ARG D 69 1.81 16.39 16.02
N ILE D 70 2.81 17.25 16.19
CA ILE D 70 3.85 17.01 17.19
C ILE D 70 3.42 17.34 18.64
N VAL D 71 2.69 18.44 18.81
CA VAL D 71 2.08 18.75 20.11
C VAL D 71 1.14 17.65 20.58
N GLY D 72 0.32 17.16 19.67
CA GLY D 72 -0.56 16.06 19.98
C GLY D 72 0.18 14.80 20.40
N GLU D 73 1.21 14.44 19.62
CA GLU D 73 2.03 13.30 19.97
C GLU D 73 2.52 13.47 21.41
N VAL D 74 3.28 14.54 21.64
CA VAL D 74 3.85 14.80 22.98
C VAL D 74 2.83 14.73 24.14
N ILE D 75 1.75 15.51 24.04
CA ILE D 75 0.75 15.57 25.09
C ILE D 75 0.14 14.22 25.37
N GLY D 76 -0.10 13.46 24.32
CA GLY D 76 -0.82 12.22 24.49
C GLY D 76 0.04 11.12 25.05
N LYS D 77 1.32 11.17 24.75
CA LYS D 77 2.14 10.00 25.01
C LYS D 77 3.21 10.20 26.08
N TYR D 78 3.63 11.45 26.32
CA TYR D 78 4.81 11.70 27.17
C TYR D 78 4.67 12.82 28.23
N HIS D 79 4.15 13.96 27.82
CA HIS D 79 4.15 15.18 28.65
C HIS D 79 2.76 15.82 28.84
N PRO D 80 1.92 15.23 29.68
CA PRO D 80 0.49 15.58 29.62
C PRO D 80 0.05 16.88 30.29
N HIS D 81 0.49 18.04 29.82
CA HIS D 81 0.25 19.27 30.57
C HIS D 81 -0.49 20.43 29.88
N GLY D 82 -0.88 20.25 28.63
CA GLY D 82 -1.67 21.27 27.97
C GLY D 82 -0.90 21.93 26.84
N ASP D 83 -1.59 22.11 25.71
CA ASP D 83 -1.00 22.65 24.49
C ASP D 83 -0.26 23.96 24.72
N SER D 84 -0.72 24.74 25.69
CA SER D 84 -0.07 25.98 26.05
C SER D 84 1.41 25.68 26.28
N ALA D 85 1.67 24.85 27.28
CA ALA D 85 3.03 24.48 27.68
C ALA D 85 3.80 23.86 26.53
N VAL D 86 3.24 22.79 25.98
CA VAL D 86 3.95 22.04 24.95
C VAL D 86 4.29 22.89 23.73
N TYR D 87 3.26 23.48 23.11
CA TYR D 87 3.51 24.26 21.90
C TYR D 87 4.46 25.41 22.17
N GLU D 88 4.27 26.12 23.29
CA GLU D 88 5.15 27.27 23.53
C GLU D 88 6.59 26.87 23.81
N SER D 89 6.77 25.77 24.53
CA SER D 89 8.11 25.24 24.80
C SER D 89 8.78 24.77 23.52
N MET D 90 7.98 24.24 22.61
CA MET D 90 8.49 23.88 21.31
C MET D 90 8.90 25.14 20.50
N VAL D 91 8.14 26.21 20.67
CA VAL D 91 8.37 27.45 19.93
C VAL D 91 9.68 28.05 20.34
N ARG D 92 9.80 28.35 21.64
CA ARG D 92 11.00 28.95 22.20
C ARG D 92 12.29 28.23 21.74
N MET D 93 12.18 26.96 21.36
CA MET D 93 13.28 26.22 20.76
C MET D 93 13.50 26.49 19.27
N ALA D 94 12.59 27.21 18.66
CA ALA D 94 12.70 27.47 17.23
C ALA D 94 13.02 28.94 16.99
N GLN D 95 13.11 29.67 18.09
CA GLN D 95 13.31 31.12 18.04
C GLN D 95 14.78 31.46 18.08
N ASP D 96 15.29 32.09 17.02
CA ASP D 96 16.72 32.39 16.92
C ASP D 96 17.19 33.50 17.85
N PHE D 97 16.26 34.10 18.59
CA PHE D 97 16.59 35.19 19.52
C PHE D 97 16.48 34.71 20.98
N ASN D 98 16.31 33.40 21.14
CA ASN D 98 16.31 32.77 22.45
C ASN D 98 17.30 31.63 22.51
N TYR D 99 17.28 30.81 21.47
CA TYR D 99 18.24 29.74 21.37
C TYR D 99 19.46 30.16 20.54
N ARG D 100 20.65 29.85 21.02
CA ARG D 100 21.87 30.16 20.29
C ARG D 100 22.05 29.32 19.01
N TYR D 101 21.69 28.04 19.09
CA TYR D 101 21.71 27.09 17.96
C TYR D 101 20.42 26.29 18.04
N MET D 102 19.42 26.75 17.30
CA MET D 102 18.04 26.32 17.52
C MET D 102 17.89 24.83 17.27
N LEU D 103 17.16 24.17 18.15
CA LEU D 103 16.99 22.71 18.11
C LEU D 103 15.81 22.33 17.26
N VAL D 104 14.92 23.29 16.99
CA VAL D 104 13.77 23.07 16.10
C VAL D 104 13.83 23.96 14.88
N ASP D 105 13.80 23.36 13.69
CA ASP D 105 13.63 24.10 12.45
C ASP D 105 12.16 24.48 12.29
N GLY D 106 11.87 25.76 12.43
CA GLY D 106 10.51 26.23 12.35
C GLY D 106 10.22 26.97 11.05
N HIS D 107 9.09 26.65 10.45
CA HIS D 107 8.63 27.33 9.23
C HIS D 107 7.26 27.90 9.49
N GLY D 108 7.17 29.22 9.56
CA GLY D 108 5.93 29.89 9.91
C GLY D 108 6.22 31.08 10.80
N ASN D 109 5.17 31.69 11.32
CA ASN D 109 5.36 32.80 12.25
C ASN D 109 5.60 32.31 13.66
N PHE D 110 6.86 32.24 14.06
CA PHE D 110 7.19 31.79 15.40
C PHE D 110 7.50 32.92 16.36
N GLY D 111 6.92 34.09 16.11
CA GLY D 111 7.13 35.22 16.98
C GLY D 111 8.41 35.95 16.66
N SER D 112 8.56 37.12 17.25
CA SER D 112 9.76 37.91 17.01
C SER D 112 10.19 38.64 18.27
N VAL D 113 11.40 39.19 18.19
CA VAL D 113 12.04 39.90 19.28
C VAL D 113 11.20 41.07 19.80
N ASP D 114 10.16 41.42 19.05
CA ASP D 114 9.34 42.58 19.41
C ASP D 114 8.15 42.26 20.31
N GLY D 115 8.13 41.03 20.82
CA GLY D 115 7.19 40.64 21.86
C GLY D 115 5.97 39.87 21.39
N ASP D 116 5.76 39.84 20.08
CA ASP D 116 4.60 39.18 19.49
C ASP D 116 4.72 37.67 19.56
N SER D 117 3.60 37.01 19.87
CA SER D 117 3.58 35.57 20.07
C SER D 117 3.57 34.87 18.72
N ALA D 118 3.93 33.59 18.71
CA ALA D 118 3.89 32.80 17.48
C ALA D 118 2.43 32.59 17.08
N ALA D 119 2.22 32.14 15.84
CA ALA D 119 0.88 31.82 15.35
C ALA D 119 0.39 30.51 15.97
N ALA D 120 -0.82 30.10 15.61
CA ALA D 120 -1.42 28.91 16.22
C ALA D 120 -0.70 27.66 15.76
N MET D 121 -0.81 26.61 16.56
CA MET D 121 -0.10 25.37 16.29
C MET D 121 -0.70 24.64 15.08
N ARG D 122 -1.74 25.21 14.49
CA ARG D 122 -2.29 24.64 13.28
C ARG D 122 -1.75 25.27 11.98
N TYR D 123 -1.17 26.47 12.10
CA TYR D 123 -0.64 27.18 10.92
C TYR D 123 0.88 27.19 10.84
N THR D 124 1.54 26.62 11.84
CA THR D 124 2.99 26.61 11.85
C THR D 124 3.49 25.21 11.53
N GLU D 125 4.73 25.13 11.07
CA GLU D 125 5.29 23.85 10.72
C GLU D 125 6.67 23.74 11.32
N ALA D 126 7.10 22.51 11.59
CA ALA D 126 8.35 22.29 12.27
C ALA D 126 9.00 20.97 11.87
N ARG D 127 10.26 20.83 12.25
CA ARG D 127 10.98 19.56 12.18
C ARG D 127 12.27 19.71 12.96
N MET D 128 13.14 18.71 12.89
CA MET D 128 14.39 18.79 13.64
C MET D 128 15.39 19.65 12.90
N SER D 129 16.22 20.36 13.65
CA SER D 129 17.28 21.19 13.07
C SER D 129 18.38 20.31 12.53
N LYS D 130 19.30 20.89 11.77
CA LYS D 130 20.43 20.07 11.37
C LYS D 130 21.27 19.73 12.60
N ILE D 131 21.26 20.62 13.59
CA ILE D 131 22.06 20.43 14.81
C ILE D 131 21.39 19.53 15.84
N SER D 132 20.06 19.45 15.86
CA SER D 132 19.41 18.57 16.85
C SER D 132 19.67 17.11 16.50
N MET D 133 19.79 16.86 15.20
CA MET D 133 20.12 15.54 14.69
C MET D 133 21.31 14.97 15.47
N GLU D 134 22.22 15.85 15.89
CA GLU D 134 23.39 15.47 16.69
C GLU D 134 23.10 15.16 18.17
N ILE D 135 22.15 15.86 18.77
CA ILE D 135 21.65 15.48 20.09
C ILE D 135 21.12 14.06 20.07
N LEU D 136 20.50 13.64 18.96
CA LEU D 136 19.97 12.26 18.96
C LEU D 136 20.86 11.11 18.43
N ARG D 137 21.97 11.45 17.78
CA ARG D 137 22.91 10.47 17.20
C ARG D 137 23.16 9.23 18.07
N ASP D 138 23.15 8.05 17.46
CA ASP D 138 23.53 6.79 18.12
C ASP D 138 22.53 6.34 19.17
N ILE D 139 21.30 6.83 19.12
CA ILE D 139 20.30 6.46 20.12
C ILE D 139 19.82 5.03 19.93
N THR D 140 19.93 4.55 18.69
CA THR D 140 19.61 3.18 18.33
C THR D 140 20.54 2.17 19.00
N LYS D 141 21.77 2.59 19.23
CA LYS D 141 22.81 1.65 19.56
C LYS D 141 23.00 1.47 21.06
N ASP D 142 21.91 1.35 21.79
CA ASP D 142 21.94 1.00 23.20
C ASP D 142 22.80 1.97 24.01
N THR D 143 22.62 3.26 23.79
CA THR D 143 23.48 4.24 24.43
C THR D 143 22.79 5.00 25.54
N ILE D 144 21.48 4.87 25.63
CA ILE D 144 20.72 5.55 26.68
C ILE D 144 19.71 4.57 27.25
N ASP D 145 19.21 4.88 28.45
CA ASP D 145 18.18 4.04 29.04
C ASP D 145 16.84 4.76 28.98
N TYR D 146 15.78 3.98 28.84
CA TYR D 146 14.42 4.50 28.77
C TYR D 146 13.67 4.25 30.08
N GLN D 147 12.66 5.06 30.36
CA GLN D 147 11.77 4.87 31.49
C GLN D 147 10.30 4.79 31.02
N ASP D 148 9.44 4.23 31.86
CA ASP D 148 8.01 4.26 31.61
C ASP D 148 7.54 5.73 31.55
N ASN D 149 6.54 5.99 30.73
CA ASN D 149 5.94 7.32 30.62
C ASN D 149 4.83 7.48 31.65
N TYR D 150 4.22 8.66 31.67
CA TYR D 150 3.24 9.02 32.71
C TYR D 150 2.12 8.01 33.03
N ASP D 151 1.86 7.04 32.15
CA ASP D 151 0.76 6.10 32.41
C ASP D 151 1.14 4.62 32.26
N GLY D 152 2.41 4.36 31.92
CA GLY D 152 2.93 3.01 31.84
C GLY D 152 2.65 2.29 30.53
N SER D 153 2.52 3.04 29.45
CA SER D 153 2.08 2.48 28.18
C SER D 153 3.04 2.72 27.02
N GLU D 154 3.97 3.66 27.21
CA GLU D 154 5.07 3.90 26.28
C GLU D 154 6.34 4.16 27.08
N ARG D 155 7.48 4.32 26.41
CA ARG D 155 8.75 4.52 27.09
C ARG D 155 9.36 5.79 26.54
N GLU D 156 10.38 6.31 27.21
CA GLU D 156 11.06 7.53 26.76
C GLU D 156 12.44 7.66 27.39
N PRO D 157 13.38 8.23 26.65
CA PRO D 157 14.76 8.43 27.11
C PRO D 157 14.84 9.23 28.41
N VAL D 158 15.75 8.89 29.30
CA VAL D 158 15.97 9.68 30.50
C VAL D 158 17.08 10.66 30.25
N VAL D 159 17.93 10.34 29.28
CA VAL D 159 18.82 11.33 28.68
C VAL D 159 18.82 11.10 27.21
N MET D 160 19.31 12.09 26.48
CA MET D 160 19.61 11.92 25.06
C MET D 160 21.09 11.58 25.02
N PRO D 161 21.59 11.05 23.88
CA PRO D 161 23.02 10.81 23.78
C PRO D 161 23.75 12.12 23.84
N SER D 162 23.25 13.12 23.11
CA SER D 162 23.75 14.50 23.16
C SER D 162 25.21 14.61 22.76
N ARG D 163 25.47 14.34 21.50
CA ARG D 163 26.83 14.27 20.99
C ARG D 163 27.48 15.63 20.73
N PHE D 164 26.81 16.67 21.19
CA PHE D 164 27.44 17.98 21.35
C PHE D 164 26.85 18.60 22.63
N PRO D 165 27.62 19.47 23.32
CA PRO D 165 27.33 19.89 24.70
C PRO D 165 26.29 21.01 24.80
N ASN D 166 25.03 20.66 24.51
CA ASN D 166 23.91 21.58 24.44
C ASN D 166 23.70 22.43 25.70
N LEU D 167 23.99 21.88 26.87
CA LEU D 167 23.68 22.57 28.12
C LEU D 167 24.34 23.91 28.16
N LEU D 168 25.65 23.92 27.95
CA LEU D 168 26.42 25.15 28.03
C LEU D 168 26.27 25.99 26.78
N VAL D 169 25.87 25.37 25.69
CA VAL D 169 25.84 26.09 24.44
C VAL D 169 24.56 26.91 24.27
N ASN D 170 23.43 26.24 24.45
CA ASN D 170 22.11 26.84 24.26
C ASN D 170 21.57 27.39 25.56
N GLY D 171 22.25 27.01 26.63
CA GLY D 171 22.07 27.60 27.93
C GLY D 171 20.82 27.07 28.56
N ALA D 172 20.33 27.80 29.55
CA ALA D 172 19.10 27.45 30.25
C ALA D 172 18.71 28.58 31.14
N ALA D 173 17.54 29.16 30.87
CA ALA D 173 17.04 30.28 31.66
C ALA D 173 15.66 29.98 32.24
N GLY D 174 15.59 29.84 33.57
CA GLY D 174 14.33 29.64 34.26
C GLY D 174 13.79 30.92 34.88
N ILE D 175 12.46 30.97 35.02
CA ILE D 175 11.76 32.14 35.57
C ILE D 175 12.27 32.60 36.95
N ALA D 180 14.57 29.04 38.36
CA ALA D 180 15.54 29.40 39.38
C ALA D 180 16.96 29.38 38.83
N THR D 181 17.23 28.44 37.92
CA THR D 181 18.52 28.36 37.26
C THR D 181 18.64 29.42 36.19
N ASN D 182 19.87 29.77 35.82
CA ASN D 182 20.07 30.79 34.80
C ASN D 182 21.43 30.72 34.11
N ILE D 183 21.59 29.71 33.25
CA ILE D 183 22.83 29.49 32.49
C ILE D 183 22.80 30.12 31.11
N PRO D 184 23.77 31.02 30.81
CA PRO D 184 23.77 31.84 29.60
C PRO D 184 24.35 31.09 28.41
N PRO D 185 23.89 31.38 27.18
CA PRO D 185 24.37 30.63 26.01
C PRO D 185 25.84 30.90 25.71
N HIS D 186 26.47 30.03 24.92
CA HIS D 186 27.89 30.18 24.57
C HIS D 186 28.17 29.75 23.15
N GLN D 187 29.31 30.18 22.63
CA GLN D 187 29.70 29.83 21.29
C GLN D 187 30.16 28.38 21.23
N LEU D 188 29.64 27.65 20.26
CA LEU D 188 29.87 26.22 20.11
C LEU D 188 31.35 25.88 19.99
N GLY D 189 32.05 26.60 19.12
CA GLY D 189 33.47 26.38 18.92
C GLY D 189 34.24 26.51 20.22
N GLU D 190 33.90 27.52 21.02
CA GLU D 190 34.55 27.72 22.30
C GLU D 190 34.25 26.59 23.30
N ILE D 191 32.99 26.19 23.44
CA ILE D 191 32.61 25.16 24.40
C ILE D 191 33.23 23.83 24.03
N ILE D 192 33.30 23.56 22.74
CA ILE D 192 33.93 22.33 22.24
C ILE D 192 35.44 22.35 22.52
N ASP D 193 36.12 23.39 22.06
CA ASP D 193 37.54 23.58 22.40
C ASP D 193 37.79 23.34 23.90
N GLY D 194 36.84 23.78 24.73
CA GLY D 194 36.94 23.66 26.17
C GLY D 194 36.79 22.25 26.69
N VAL D 195 35.80 21.53 26.17
CA VAL D 195 35.63 20.12 26.51
C VAL D 195 36.89 19.38 26.09
N LEU D 196 37.49 19.77 24.97
CA LEU D 196 38.70 19.10 24.54
C LEU D 196 39.87 19.43 25.46
N ALA D 197 39.94 20.67 25.92
CA ALA D 197 41.04 21.08 26.78
C ALA D 197 40.98 20.37 28.14
N VAL D 198 39.78 20.15 28.65
CA VAL D 198 39.62 19.36 29.88
C VAL D 198 39.86 17.88 29.61
N SER D 199 39.49 17.44 28.42
CA SER D 199 39.74 16.07 28.00
C SER D 199 41.24 15.80 27.86
N GLU D 200 42.05 16.83 27.69
CA GLU D 200 43.49 16.62 27.64
C GLU D 200 44.16 16.88 28.98
N ASN D 201 43.64 17.84 29.74
CA ASN D 201 44.25 18.18 31.02
C ASN D 201 43.24 18.29 32.17
N PRO D 202 42.90 17.16 32.79
CA PRO D 202 41.85 17.11 33.80
C PRO D 202 42.16 17.99 35.00
N ASP D 203 43.40 18.45 35.11
CA ASP D 203 43.83 19.32 36.20
C ASP D 203 43.82 20.79 35.81
N ILE D 204 43.20 21.12 34.68
CA ILE D 204 43.15 22.50 34.23
C ILE D 204 42.34 23.36 35.21
N THR D 205 42.82 24.57 35.46
CA THR D 205 42.15 25.51 36.36
C THR D 205 41.19 26.41 35.58
N ILE D 206 40.36 27.14 36.31
CA ILE D 206 39.35 27.98 35.68
C ILE D 206 39.85 29.17 34.85
N PRO D 207 40.85 29.93 35.34
CA PRO D 207 41.35 31.01 34.48
C PRO D 207 41.94 30.47 33.17
N GLU D 208 42.62 29.34 33.28
CA GLU D 208 43.26 28.71 32.13
C GLU D 208 42.19 28.30 31.13
N LEU D 209 41.20 27.61 31.66
CA LEU D 209 40.06 27.13 30.89
C LEU D 209 39.31 28.30 30.27
N MET D 210 39.45 29.47 30.85
CA MET D 210 38.72 30.66 30.40
C MET D 210 39.32 31.31 29.15
N GLU D 211 40.62 31.18 28.95
CA GLU D 211 41.26 31.73 27.74
C GLU D 211 40.85 30.97 26.49
N VAL D 212 40.03 29.96 26.70
CA VAL D 212 39.49 29.14 25.64
C VAL D 212 37.98 29.42 25.52
N ILE D 213 37.32 29.57 26.67
CA ILE D 213 35.91 29.95 26.75
C ILE D 213 35.75 31.33 27.42
N PRO D 214 36.03 32.41 26.68
CA PRO D 214 36.16 33.79 27.18
C PRO D 214 34.95 34.30 27.99
N GLY D 215 33.76 33.92 27.55
CA GLY D 215 32.53 34.25 28.26
C GLY D 215 31.32 33.81 27.48
N PRO D 216 30.15 34.23 27.94
CA PRO D 216 28.88 33.95 27.29
C PRO D 216 28.87 34.43 25.84
N ASP D 217 27.96 33.89 25.05
CA ASP D 217 27.72 34.39 23.72
C ASP D 217 26.24 34.30 23.38
N PHE D 218 25.57 35.44 23.41
CA PHE D 218 24.12 35.46 23.24
C PHE D 218 23.69 35.40 21.76
N PRO D 219 22.50 34.83 21.50
CA PRO D 219 22.02 34.70 20.13
C PRO D 219 21.84 36.08 19.53
N THR D 220 21.27 36.99 20.32
CA THR D 220 21.31 38.41 20.02
C THR D 220 22.69 38.86 20.48
N ALA D 221 23.47 39.42 19.58
CA ALA D 221 24.82 39.87 19.92
C ALA D 221 24.77 40.96 20.97
N GLY D 222 25.91 41.56 21.27
CA GLY D 222 25.86 42.69 22.16
C GLY D 222 27.21 42.97 22.72
N GLN D 223 27.23 43.39 23.97
CA GLN D 223 28.46 43.61 24.71
C GLN D 223 28.28 43.18 26.15
N ILE D 224 29.21 42.36 26.62
CA ILE D 224 29.30 42.03 28.03
C ILE D 224 30.31 43.02 28.59
N LEU D 225 30.05 43.51 29.80
CA LEU D 225 30.88 44.58 30.34
C LEU D 225 32.14 44.17 31.11
N GLY D 226 32.00 43.38 32.17
CA GLY D 226 33.16 43.02 32.97
C GLY D 226 33.70 41.66 32.59
N ARG D 227 35.00 41.46 32.83
CA ARG D 227 35.54 40.12 32.77
C ARG D 227 35.35 39.45 34.12
N SER D 228 35.32 40.26 35.17
CA SER D 228 35.25 39.73 36.52
C SER D 228 33.89 39.11 36.88
N GLY D 229 32.82 39.67 36.35
CA GLY D 229 31.51 39.08 36.53
C GLY D 229 31.54 37.65 36.03
N ILE D 230 31.92 37.49 34.77
CA ILE D 230 32.11 36.16 34.20
C ILE D 230 32.98 35.29 35.09
N ARG D 231 34.18 35.78 35.41
CA ARG D 231 35.15 34.98 36.17
C ARG D 231 34.58 34.46 37.49
N LYS D 232 33.90 35.34 38.22
CA LYS D 232 33.25 34.95 39.46
C LYS D 232 32.17 33.90 39.20
N ALA D 233 31.40 34.08 38.12
CA ALA D 233 30.33 33.12 37.84
C ALA D 233 30.88 31.75 37.47
N TYR D 234 31.99 31.74 36.76
CA TYR D 234 32.60 30.52 36.31
C TYR D 234 33.32 29.78 37.44
N GLU D 235 34.04 30.54 38.27
CA GLU D 235 34.74 29.96 39.41
C GLU D 235 33.79 29.55 40.52
N SER D 236 32.63 30.18 40.62
CA SER D 236 31.71 29.95 41.74
C SER D 236 30.40 29.26 41.38
N GLY D 237 29.95 29.43 40.14
CA GLY D 237 28.65 28.93 39.75
C GLY D 237 27.57 29.99 39.81
N ARG D 238 27.75 30.96 40.70
CA ARG D 238 26.81 32.08 40.79
C ARG D 238 27.55 33.41 40.70
N GLY D 239 27.02 34.33 39.91
CA GLY D 239 27.62 35.65 39.76
C GLY D 239 26.87 36.54 38.79
N SER D 240 26.97 37.84 39.00
CA SER D 240 26.22 38.78 38.17
C SER D 240 27.05 39.43 37.07
N ILE D 241 26.46 39.48 35.88
CA ILE D 241 27.12 39.97 34.68
C ILE D 241 26.34 41.17 34.14
N THR D 242 27.01 42.04 33.36
CA THR D 242 26.36 43.24 32.82
C THR D 242 26.30 43.29 31.31
N ILE D 243 25.08 43.12 30.76
CA ILE D 243 24.90 43.06 29.30
C ILE D 243 24.50 44.40 28.70
N ARG D 244 25.23 44.82 27.67
CA ARG D 244 25.00 46.13 27.07
C ARG D 244 24.76 46.10 25.56
N ALA D 245 23.90 47.00 25.11
CA ALA D 245 23.52 47.09 23.70
C ALA D 245 24.64 47.75 22.91
N LYS D 246 24.70 47.48 21.60
CA LYS D 246 25.72 48.12 20.77
C LYS D 246 25.24 49.40 20.11
N ALA D 247 25.56 50.52 20.74
CA ALA D 247 25.06 51.82 20.33
C ALA D 247 26.21 52.78 20.06
N GLU D 248 26.36 53.16 18.80
CA GLU D 248 27.43 54.06 18.37
C GLU D 248 26.89 55.40 17.86
N ILE D 249 27.63 56.47 18.18
CA ILE D 249 27.23 57.85 17.90
C ILE D 249 27.61 58.32 16.49
N GLU D 250 26.63 58.47 15.61
CA GLU D 250 26.92 58.91 14.25
C GLU D 250 26.94 60.41 14.11
N GLN D 251 27.76 60.89 13.17
CA GLN D 251 27.92 62.32 12.95
C GLN D 251 27.44 62.75 11.56
N THR D 252 26.36 63.52 11.52
CA THR D 252 25.77 64.04 10.29
C THR D 252 26.61 65.23 9.76
N SER D 253 26.40 65.61 8.51
CA SER D 253 27.14 66.72 7.89
C SER D 253 26.86 68.07 8.56
N SER D 254 25.75 68.15 9.28
CA SER D 254 25.32 69.41 9.90
C SER D 254 25.92 69.60 11.30
N GLY D 255 26.67 68.60 11.75
CA GLY D 255 27.25 68.64 13.09
C GLY D 255 26.28 68.10 14.12
N LYS D 256 25.35 67.27 13.66
CA LYS D 256 24.32 66.70 14.51
C LYS D 256 24.67 65.26 14.85
N GLU D 257 24.53 64.89 16.13
CA GLU D 257 24.77 63.52 16.55
C GLU D 257 23.46 62.74 16.66
N ARG D 258 23.55 61.45 16.37
CA ARG D 258 22.39 60.58 16.47
C ARG D 258 22.80 59.14 16.83
N ILE D 259 22.49 58.74 18.06
CA ILE D 259 22.83 57.40 18.52
C ILE D 259 22.09 56.37 17.68
N ILE D 260 22.81 55.33 17.27
CA ILE D 260 22.23 54.26 16.46
C ILE D 260 22.48 52.91 17.10
N VAL D 261 21.39 52.33 17.63
CA VAL D 261 21.45 51.05 18.32
C VAL D 261 21.23 49.92 17.32
N THR D 262 22.19 49.00 17.27
CA THR D 262 22.13 47.94 16.29
C THR D 262 22.05 46.55 16.92
N GLU D 263 22.45 46.46 18.18
CA GLU D 263 22.35 45.21 18.89
C GLU D 263 21.75 45.47 20.26
N LEU D 264 20.91 44.56 20.73
CA LEU D 264 20.27 44.71 22.03
C LEU D 264 20.53 43.51 22.93
N PRO D 265 20.52 43.73 24.27
CA PRO D 265 20.85 42.73 25.29
C PRO D 265 19.92 41.53 25.28
N TYR D 266 20.47 40.37 25.65
CA TYR D 266 19.72 39.12 25.63
C TYR D 266 18.37 39.27 26.32
N GLN D 267 17.32 38.75 25.68
CA GLN D 267 15.99 38.68 26.28
C GLN D 267 15.30 40.02 26.59
N VAL D 268 15.72 41.11 25.98
CA VAL D 268 15.07 42.40 26.24
C VAL D 268 14.09 42.78 25.14
N ASN D 269 12.94 43.33 25.52
CA ASN D 269 11.87 43.62 24.56
C ASN D 269 12.08 44.95 23.84
N LYS D 270 12.21 44.88 22.52
CA LYS D 270 12.45 46.07 21.69
C LYS D 270 11.28 47.08 21.65
N ALA D 271 10.08 46.59 21.39
CA ALA D 271 8.89 47.41 21.37
C ALA D 271 8.76 48.15 22.70
N LYS D 272 8.79 47.38 23.79
CA LYS D 272 8.62 47.91 25.14
C LYS D 272 9.77 48.81 25.57
N LEU D 273 10.95 48.64 24.99
CA LEU D 273 12.07 49.54 25.30
C LEU D 273 11.89 50.88 24.59
N ILE D 274 11.49 50.82 23.32
CA ILE D 274 11.16 52.02 22.55
C ILE D 274 10.10 52.80 23.31
N GLU D 275 9.08 52.07 23.77
CA GLU D 275 8.05 52.59 24.67
C GLU D 275 8.62 53.32 25.87
N LYS D 276 9.37 52.59 26.69
CA LYS D 276 9.98 53.13 27.92
C LYS D 276 10.79 54.39 27.67
N ILE D 277 11.47 54.46 26.53
CA ILE D 277 12.29 55.64 26.21
C ILE D 277 11.45 56.82 25.78
N ALA D 278 10.43 56.55 24.97
CA ALA D 278 9.43 57.54 24.64
C ALA D 278 8.93 58.17 25.95
N ASP D 279 8.53 57.32 26.89
CA ASP D 279 8.07 57.80 28.20
C ASP D 279 9.12 58.63 28.91
N LEU D 280 10.34 58.12 28.95
CA LEU D 280 11.43 58.78 29.66
C LEU D 280 11.69 60.20 29.16
N VAL D 281 11.62 60.39 27.84
CA VAL D 281 11.85 61.73 27.30
C VAL D 281 10.60 62.60 27.39
N ARG D 282 9.45 61.94 27.38
CA ARG D 282 8.17 62.61 27.47
C ARG D 282 7.95 63.17 28.88
N ASP D 283 8.29 62.38 29.90
CA ASP D 283 8.24 62.83 31.29
C ASP D 283 9.45 63.69 31.59
N LYS D 284 10.29 63.86 30.58
CA LYS D 284 11.48 64.71 30.66
C LYS D 284 12.42 64.30 31.77
N LYS D 285 12.51 63.00 32.04
CA LYS D 285 13.48 62.51 33.00
C LYS D 285 14.87 62.62 32.39
N ILE D 286 14.99 62.17 31.15
CA ILE D 286 16.23 62.33 30.38
C ILE D 286 16.07 63.33 29.25
N GLU D 287 16.90 64.36 29.30
CA GLU D 287 16.79 65.48 28.39
C GLU D 287 17.92 65.52 27.37
N GLY D 288 17.61 66.01 26.18
CA GLY D 288 18.59 66.10 25.12
C GLY D 288 18.18 65.31 23.91
N ILE D 289 17.03 64.64 24.00
CA ILE D 289 16.53 63.79 22.91
C ILE D 289 15.51 64.54 22.05
N THR D 290 15.52 64.27 20.75
CA THR D 290 14.70 65.00 19.78
C THR D 290 13.76 64.11 19.00
N ASP D 291 14.27 62.95 18.58
CA ASP D 291 13.50 62.04 17.77
C ASP D 291 13.88 60.59 18.08
N LEU D 292 12.98 59.67 17.74
CA LEU D 292 13.22 58.25 17.93
C LEU D 292 12.49 57.46 16.85
N ARG D 293 13.26 56.80 15.98
CA ARG D 293 12.69 55.99 14.91
C ARG D 293 13.17 54.56 15.00
N ASP D 294 12.29 53.62 14.68
CA ASP D 294 12.66 52.21 14.61
C ASP D 294 12.82 51.76 13.16
N GLU D 295 14.00 51.99 12.61
CA GLU D 295 14.27 51.69 11.21
C GLU D 295 14.68 50.24 10.97
N SER D 296 14.43 49.37 11.95
CA SER D 296 14.79 47.96 11.83
C SER D 296 13.94 47.27 10.78
N ASP D 297 14.59 46.50 9.92
CA ASP D 297 13.91 45.80 8.84
C ASP D 297 14.64 44.49 8.58
N ARG D 298 14.46 43.94 7.39
CA ARG D 298 15.10 42.67 7.06
C ARG D 298 16.62 42.73 7.03
N THR D 299 17.21 43.90 6.73
CA THR D 299 18.67 44.02 6.68
C THR D 299 19.31 43.97 8.07
N GLY D 300 18.48 44.15 9.11
CA GLY D 300 18.96 44.07 10.47
C GLY D 300 18.43 45.19 11.35
N MET D 301 18.74 45.10 12.64
CA MET D 301 18.23 46.07 13.61
C MET D 301 18.85 47.44 13.40
N ARG D 302 18.04 48.47 13.60
CA ARG D 302 18.49 49.84 13.51
C ARG D 302 17.53 50.78 14.20
N ILE D 303 17.91 51.23 15.40
CA ILE D 303 17.10 52.18 16.14
C ILE D 303 17.81 53.51 16.22
N VAL D 304 17.25 54.53 15.59
CA VAL D 304 17.91 55.84 15.51
C VAL D 304 17.29 56.84 16.46
N ILE D 305 18.08 57.27 17.44
CA ILE D 305 17.66 58.31 18.39
C ILE D 305 18.46 59.62 18.20
N GLU D 306 17.74 60.71 17.95
CA GLU D 306 18.33 62.00 17.55
C GLU D 306 18.60 62.96 18.73
N ILE D 307 19.79 63.55 18.73
CA ILE D 307 20.25 64.44 19.81
C ILE D 307 20.43 65.86 19.29
N ARG D 308 20.22 66.86 20.17
CA ARG D 308 20.46 68.26 19.78
C ARG D 308 21.92 68.65 19.98
N ARG D 309 22.32 69.72 19.31
CA ARG D 309 23.69 70.20 19.36
C ARG D 309 24.08 70.75 20.73
N ASP D 310 23.10 70.94 21.61
CA ASP D 310 23.38 71.46 22.94
C ASP D 310 23.83 70.38 23.93
N ALA D 311 23.56 69.12 23.62
CA ALA D 311 23.87 68.04 24.57
C ALA D 311 24.84 67.00 24.02
N ASN D 312 25.75 66.52 24.89
CA ASN D 312 26.70 65.47 24.54
C ASN D 312 26.02 64.12 24.42
N ALA D 313 26.04 63.55 23.22
CA ALA D 313 25.38 62.29 22.95
C ALA D 313 25.92 61.19 23.86
N ASN D 314 27.17 61.31 24.27
CA ASN D 314 27.76 60.31 25.15
C ASN D 314 27.17 60.34 26.55
N VAL D 315 26.92 61.55 27.05
CA VAL D 315 26.30 61.71 28.36
C VAL D 315 24.88 61.15 28.39
N ILE D 316 24.12 61.49 27.34
CA ILE D 316 22.75 61.01 27.17
C ILE D 316 22.69 59.49 26.97
N LEU D 317 23.64 58.92 26.23
CA LEU D 317 23.75 57.48 26.05
C LEU D 317 24.04 56.81 27.38
N ASN D 318 24.88 57.45 28.20
CA ASN D 318 25.17 56.90 29.51
C ASN D 318 23.94 56.89 30.44
N ASN D 319 23.26 58.02 30.55
CA ASN D 319 22.00 58.07 31.27
C ASN D 319 21.00 57.04 30.74
N LEU D 320 20.95 56.86 29.44
CA LEU D 320 20.13 55.82 28.82
C LEU D 320 20.53 54.41 29.31
N TYR D 321 21.84 54.17 29.40
CA TYR D 321 22.38 52.91 29.91
C TYR D 321 21.91 52.63 31.33
N LYS D 322 21.89 53.67 32.16
CA LYS D 322 21.40 53.51 33.53
C LYS D 322 19.88 53.33 33.60
N GLN D 323 19.15 54.11 32.81
CA GLN D 323 17.70 54.25 32.98
C GLN D 323 16.84 53.24 32.24
N THR D 324 17.44 52.44 31.36
CA THR D 324 16.68 51.52 30.54
C THR D 324 17.35 50.17 30.41
N ALA D 325 16.78 49.36 29.52
CA ALA D 325 17.25 48.01 29.26
C ALA D 325 18.34 48.02 28.20
N LEU D 326 19.01 49.16 28.06
CA LEU D 326 20.18 49.23 27.18
C LEU D 326 21.37 48.61 27.89
N GLN D 327 21.28 48.56 29.21
CA GLN D 327 22.32 47.96 30.02
C GLN D 327 21.66 47.23 31.19
N THR D 328 21.58 45.92 31.08
CA THR D 328 20.92 45.11 32.10
C THR D 328 21.87 44.21 32.89
N SER D 329 21.27 43.48 33.82
CA SER D 329 21.97 42.58 34.71
C SER D 329 21.51 41.15 34.47
N PHE D 330 22.46 40.26 34.20
CA PHE D 330 22.19 38.83 34.03
C PHE D 330 22.82 38.09 35.21
N GLY D 331 21.97 37.58 36.08
CA GLY D 331 22.41 36.89 37.28
C GLY D 331 22.65 35.41 37.04
N ILE D 332 23.85 35.09 36.56
CA ILE D 332 24.22 33.71 36.28
C ILE D 332 24.16 32.86 37.54
N ASN D 333 23.63 31.66 37.35
CA ASN D 333 23.40 30.70 38.39
C ASN D 333 23.46 29.34 37.74
N LEU D 334 24.66 28.76 37.71
CA LEU D 334 24.88 27.48 37.06
C LEU D 334 24.31 26.35 37.90
N LEU D 335 23.05 26.00 37.63
CA LEU D 335 22.31 25.04 38.45
C LEU D 335 21.59 23.99 37.59
N ALA D 336 21.85 22.72 37.85
CA ALA D 336 21.28 21.67 37.02
C ALA D 336 21.15 20.33 37.72
N LEU D 337 20.40 19.42 37.11
CA LEU D 337 20.27 18.06 37.63
C LEU D 337 21.51 17.19 37.44
N VAL D 338 22.26 17.00 38.52
CA VAL D 338 23.30 15.97 38.53
C VAL D 338 22.76 14.78 39.31
N ASP D 339 22.66 13.63 38.63
CA ASP D 339 22.11 12.41 39.20
C ASP D 339 20.85 12.69 40.01
N GLY D 340 19.86 13.32 39.38
CA GLY D 340 18.60 13.61 40.03
C GLY D 340 18.67 14.59 41.20
N GLN D 341 19.78 15.30 41.32
CA GLN D 341 19.93 16.27 42.40
C GLN D 341 20.32 17.64 41.83
N PRO D 342 19.57 18.69 42.22
CA PRO D 342 19.83 20.05 41.76
C PRO D 342 21.12 20.58 42.38
N LYS D 343 22.18 20.62 41.58
CA LYS D 343 23.46 21.09 42.08
C LYS D 343 23.91 22.34 41.33
N VAL D 344 24.58 23.24 42.05
CA VAL D 344 25.25 24.36 41.41
C VAL D 344 26.66 23.92 41.07
N LEU D 345 27.04 24.07 39.81
CA LEU D 345 28.37 23.65 39.40
C LEU D 345 29.23 24.85 39.04
N THR D 346 30.49 24.59 38.75
CA THR D 346 31.32 25.61 38.14
C THR D 346 31.44 25.26 36.68
N LEU D 347 32.24 26.03 35.95
CA LEU D 347 32.39 25.88 34.53
C LEU D 347 33.11 24.55 34.23
N LYS D 348 34.25 24.38 34.89
CA LYS D 348 35.00 23.14 34.79
C LYS D 348 34.12 21.93 35.09
N GLN D 349 33.32 22.01 36.15
CA GLN D 349 32.44 20.90 36.52
C GLN D 349 31.41 20.56 35.43
N CYS D 350 30.90 21.57 34.74
CA CYS D 350 29.93 21.34 33.68
C CYS D 350 30.61 20.60 32.55
N LEU D 351 31.80 21.07 32.21
CA LEU D 351 32.55 20.41 31.17
C LEU D 351 32.80 18.93 31.51
N GLU D 352 33.30 18.69 32.74
CA GLU D 352 33.59 17.33 33.20
C GLU D 352 32.37 16.41 33.16
N HIS D 353 31.25 16.83 33.74
CA HIS D 353 30.01 16.05 33.63
C HIS D 353 29.59 15.73 32.20
N TYR D 354 29.64 16.73 31.33
CA TYR D 354 29.33 16.48 29.92
C TYR D 354 30.22 15.38 29.37
N LEU D 355 31.52 15.51 29.63
CA LEU D 355 32.48 14.55 29.08
C LEU D 355 32.24 13.14 29.64
N ASP D 356 32.14 13.05 30.96
CA ASP D 356 31.82 11.82 31.66
C ASP D 356 30.61 11.14 31.03
N HIS D 357 29.67 11.95 30.58
CA HIS D 357 28.55 11.39 29.84
C HIS D 357 28.99 10.89 28.46
N GLN D 358 29.85 11.64 27.79
CA GLN D 358 30.25 11.28 26.43
C GLN D 358 30.96 9.93 26.42
N LYS D 359 31.78 9.73 27.44
CA LYS D 359 32.48 8.46 27.62
C LYS D 359 31.46 7.33 27.69
N VAL D 360 30.44 7.51 28.54
CA VAL D 360 29.39 6.52 28.67
C VAL D 360 28.74 6.17 27.34
N VAL D 361 28.46 7.19 26.54
CA VAL D 361 27.84 6.89 25.27
C VAL D 361 28.77 6.08 24.37
N ILE D 362 29.98 6.58 24.15
CA ILE D 362 30.93 5.88 23.27
C ILE D 362 31.21 4.45 23.71
N ARG D 363 31.36 4.30 25.02
CA ARG D 363 31.56 3.01 25.69
C ARG D 363 30.39 2.04 25.41
N ARG D 364 29.15 2.50 25.55
CA ARG D 364 28.00 1.61 25.31
C ARG D 364 27.84 1.33 23.84
N ARG D 365 28.19 2.31 23.03
CA ARG D 365 28.06 2.21 21.60
C ARG D 365 29.01 1.15 21.05
N THR D 366 30.28 1.22 21.47
CA THR D 366 31.27 0.27 20.99
C THR D 366 30.98 -1.12 21.55
N ALA D 367 30.45 -1.17 22.77
CA ALA D 367 29.92 -2.43 23.27
C ALA D 367 28.97 -3.01 22.23
N TYR D 368 28.02 -2.17 21.80
CA TYR D 368 27.01 -2.55 20.81
C TYR D 368 27.54 -3.00 19.44
N GLU D 369 28.51 -2.28 18.89
CA GLU D 369 29.08 -2.65 17.59
C GLU D 369 29.84 -3.98 17.69
N LEU D 370 30.55 -4.10 18.81
CA LEU D 370 31.23 -5.33 19.17
C LEU D 370 30.33 -6.55 19.19
N ARG D 371 29.13 -6.43 19.78
CA ARG D 371 28.18 -7.55 19.77
C ARG D 371 27.87 -8.12 18.37
N LYS D 372 27.65 -7.23 17.41
CA LYS D 372 27.37 -7.66 16.04
C LYS D 372 28.61 -8.25 15.39
N ALA D 373 29.74 -7.54 15.50
CA ALA D 373 31.00 -8.05 14.99
C ALA D 373 31.24 -9.48 15.48
N GLU D 374 31.15 -9.68 16.79
CA GLU D 374 31.25 -11.01 17.39
C GLU D 374 30.32 -12.05 16.78
N ALA D 375 29.03 -11.72 16.65
CA ALA D 375 28.09 -12.65 16.02
C ALA D 375 28.54 -13.09 14.61
N ARG D 376 28.82 -12.11 13.78
CA ARG D 376 29.20 -12.38 12.39
C ARG D 376 30.46 -13.24 12.39
N ALA D 377 31.39 -12.89 13.28
CA ALA D 377 32.64 -13.62 13.45
C ALA D 377 32.39 -15.09 13.77
N HIS D 378 31.48 -15.35 14.72
CA HIS D 378 31.07 -16.71 15.06
C HIS D 378 30.63 -17.48 13.82
N ILE D 379 29.61 -16.97 13.14
CA ILE D 379 29.15 -17.67 11.92
C ILE D 379 30.30 -17.97 10.93
N LEU D 380 31.11 -16.95 10.69
CA LEU D 380 32.28 -17.10 9.83
C LEU D 380 33.22 -18.21 10.29
N GLU D 381 33.52 -18.28 11.59
CA GLU D 381 34.35 -19.34 12.14
C GLU D 381 33.77 -20.67 11.70
N GLY D 382 32.46 -20.82 11.91
CA GLY D 382 31.75 -21.97 11.38
C GLY D 382 32.12 -22.32 9.95
N LEU D 383 31.94 -21.36 9.05
CA LEU D 383 32.21 -21.63 7.64
C LEU D 383 33.68 -21.93 7.36
N ARG D 384 34.56 -21.40 8.20
CA ARG D 384 36.00 -21.62 8.04
C ARG D 384 36.30 -23.06 8.35
N VAL D 385 36.02 -23.47 9.59
CA VAL D 385 36.16 -24.85 10.00
C VAL D 385 35.56 -25.84 9.01
N ALA D 386 34.39 -25.50 8.49
CA ALA D 386 33.78 -26.30 7.44
C ALA D 386 34.70 -26.41 6.22
N LEU D 387 35.05 -25.26 5.65
CA LEU D 387 35.86 -25.18 4.44
C LEU D 387 37.24 -25.83 4.54
N ASP D 388 37.80 -25.82 5.73
CA ASP D 388 39.13 -26.37 5.97
C ASP D 388 39.09 -27.90 5.92
N HIS D 389 38.12 -28.49 6.61
CA HIS D 389 37.91 -29.94 6.56
C HIS D 389 36.89 -30.35 5.51
N LEU D 390 36.80 -29.59 4.42
CA LEU D 390 35.67 -29.72 3.48
C LEU D 390 35.22 -31.15 3.14
N ASP D 391 36.13 -31.97 2.63
CA ASP D 391 35.81 -33.36 2.22
C ASP D 391 35.07 -34.15 3.28
N ALA D 392 35.62 -34.10 4.49
CA ALA D 392 35.07 -34.83 5.64
C ALA D 392 33.68 -34.34 5.95
N VAL D 393 33.46 -33.05 5.74
CA VAL D 393 32.14 -32.45 5.92
C VAL D 393 31.15 -32.85 4.82
N ILE D 394 31.57 -32.78 3.55
CA ILE D 394 30.72 -33.18 2.44
C ILE D 394 30.27 -34.62 2.66
N SER D 395 31.22 -35.52 2.90
CA SER D 395 30.88 -36.90 3.19
C SER D 395 29.95 -37.03 4.42
N LEU D 396 30.25 -36.31 5.50
CA LEU D 396 29.39 -36.35 6.68
C LEU D 396 27.93 -36.06 6.35
N ILE D 397 27.71 -35.00 5.58
CA ILE D 397 26.37 -34.69 5.12
C ILE D 397 25.77 -35.80 4.27
N ARG D 398 26.40 -36.13 3.14
CA ARG D 398 25.77 -37.05 2.21
C ARG D 398 25.68 -38.50 2.69
N ASN D 399 26.19 -38.78 3.89
CA ASN D 399 25.93 -40.08 4.52
C ASN D 399 24.82 -39.98 5.58
N SER D 400 24.45 -38.77 5.93
CA SER D 400 23.31 -38.52 6.81
C SER D 400 22.04 -38.65 6.01
N GLN D 401 21.04 -39.32 6.55
CA GLN D 401 19.78 -39.41 5.85
C GLN D 401 19.00 -38.12 5.91
N THR D 402 18.94 -37.55 7.11
CA THR D 402 18.17 -36.34 7.34
C THR D 402 19.12 -35.16 7.67
N ALA D 403 18.58 -33.96 7.73
CA ALA D 403 19.41 -32.80 8.00
C ALA D 403 19.54 -32.61 9.50
N GLU D 404 18.65 -33.26 10.27
CA GLU D 404 18.79 -33.24 11.72
C GLU D 404 19.98 -34.08 12.05
N ILE D 405 20.03 -35.24 11.42
CA ILE D 405 21.16 -36.13 11.55
C ILE D 405 22.46 -35.45 11.07
N ALA D 406 22.35 -34.65 10.01
CA ALA D 406 23.52 -33.92 9.52
C ALA D 406 24.01 -32.83 10.49
N ARG D 407 23.07 -32.07 11.03
CA ARG D 407 23.40 -31.01 11.97
C ARG D 407 23.98 -31.53 13.28
N THR D 408 23.32 -32.51 13.90
CA THR D 408 23.90 -33.13 15.10
C THR D 408 25.27 -33.73 14.79
N GLY D 409 25.37 -34.38 13.64
CA GLY D 409 26.66 -34.89 13.19
C GLY D 409 27.75 -33.84 13.18
N LEU D 410 27.52 -32.74 12.47
CA LEU D 410 28.49 -31.66 12.37
C LEU D 410 28.84 -31.09 13.73
N ILE D 411 27.80 -30.88 14.54
CA ILE D 411 27.94 -30.34 15.88
C ILE D 411 28.91 -31.17 16.68
N GLU D 412 28.67 -32.48 16.70
CA GLU D 412 29.50 -33.40 17.48
C GLU D 412 30.93 -33.51 16.95
N GLN D 413 31.06 -33.93 15.70
CA GLN D 413 32.37 -34.07 15.07
C GLN D 413 33.27 -32.82 15.12
N PHE D 414 32.72 -31.65 14.85
CA PHE D 414 33.57 -30.47 14.68
C PHE D 414 33.42 -29.42 15.75
N SER D 415 32.57 -29.70 16.73
CA SER D 415 32.35 -28.80 17.86
C SER D 415 31.84 -27.46 17.35
N LEU D 416 30.65 -27.47 16.76
CA LEU D 416 30.05 -26.23 16.33
C LEU D 416 28.72 -26.10 17.04
N THR D 417 28.10 -24.91 16.97
CA THR D 417 26.74 -24.72 17.49
C THR D 417 25.72 -25.31 16.54
N GLU D 418 24.45 -25.23 16.92
CA GLU D 418 23.45 -25.56 15.95
C GLU D 418 23.52 -24.45 14.92
N LYS D 419 23.69 -23.21 15.38
CA LYS D 419 23.81 -22.03 14.51
C LYS D 419 24.81 -22.22 13.36
N GLN D 420 26.08 -22.42 13.73
CA GLN D 420 27.16 -22.59 12.77
C GLN D 420 26.90 -23.78 11.86
N ALA D 421 26.34 -24.84 12.43
CA ALA D 421 26.13 -26.06 11.68
C ALA D 421 25.15 -25.79 10.56
N GLN D 422 24.05 -25.14 10.94
CA GLN D 422 23.04 -24.73 9.98
C GLN D 422 23.62 -23.79 8.94
N ALA D 423 24.49 -22.86 9.35
CA ALA D 423 25.13 -22.00 8.37
C ALA D 423 25.93 -22.82 7.36
N ILE D 424 26.58 -23.89 7.83
CA ILE D 424 27.31 -24.79 6.92
C ILE D 424 26.36 -25.53 5.97
N LEU D 425 25.19 -25.91 6.47
CA LEU D 425 24.20 -26.63 5.67
C LEU D 425 23.53 -25.72 4.66
N ASP D 426 23.48 -24.43 4.98
CA ASP D 426 22.82 -23.43 4.15
C ASP D 426 23.73 -22.85 3.06
N MET D 427 24.96 -23.30 3.05
CA MET D 427 25.96 -22.78 2.14
C MET D 427 25.73 -23.28 0.73
N ARG D 428 25.62 -22.36 -0.23
CA ARG D 428 25.48 -22.79 -1.60
C ARG D 428 26.81 -23.32 -2.13
N LEU D 429 26.75 -24.28 -3.04
CA LEU D 429 27.97 -24.90 -3.58
C LEU D 429 28.94 -23.94 -4.24
N GLN D 430 28.45 -22.83 -4.80
CA GLN D 430 29.37 -21.93 -5.48
C GLN D 430 30.14 -21.04 -4.50
N ARG D 431 29.96 -21.28 -3.20
CA ARG D 431 30.83 -20.70 -2.18
C ARG D 431 32.06 -21.57 -2.02
N LEU D 432 32.16 -22.61 -2.85
CA LEU D 432 33.28 -23.53 -2.75
C LEU D 432 34.41 -23.22 -3.72
N THR D 433 34.14 -22.40 -4.73
CA THR D 433 35.19 -21.96 -5.64
C THR D 433 36.27 -21.20 -4.88
N GLY D 434 37.46 -21.14 -5.47
CA GLY D 434 38.59 -20.47 -4.85
C GLY D 434 38.26 -19.09 -4.30
N LEU D 435 37.95 -18.18 -5.21
CA LEU D 435 37.68 -16.79 -4.89
C LEU D 435 36.66 -16.62 -3.76
N GLU D 436 35.65 -17.47 -3.75
CA GLU D 436 34.64 -17.36 -2.71
C GLU D 436 35.28 -17.59 -1.36
N ARG D 437 36.04 -18.68 -1.29
CA ARG D 437 36.76 -19.05 -0.08
C ARG D 437 37.68 -17.91 0.36
N GLU D 438 38.39 -17.32 -0.60
CA GLU D 438 39.28 -16.19 -0.33
C GLU D 438 38.54 -14.99 0.26
N LYS D 439 37.27 -14.83 -0.16
CA LYS D 439 36.42 -13.74 0.35
C LYS D 439 36.01 -13.98 1.77
N ILE D 440 35.57 -15.21 2.06
CA ILE D 440 35.34 -15.61 3.46
C ILE D 440 36.53 -15.35 4.36
N GLU D 441 37.71 -15.81 3.95
CA GLU D 441 38.87 -15.56 4.81
C GLU D 441 39.15 -14.08 4.98
N GLU D 442 39.07 -13.32 3.90
CA GLU D 442 39.28 -11.89 4.01
C GLU D 442 38.33 -11.21 5.00
N GLU D 443 37.05 -11.58 4.91
CA GLU D 443 36.05 -10.97 5.78
C GLU D 443 36.29 -11.37 7.23
N TYR D 444 36.67 -12.63 7.45
CA TYR D 444 36.97 -13.05 8.80
C TYR D 444 38.15 -12.25 9.38
N GLN D 445 39.24 -12.13 8.63
CA GLN D 445 40.39 -11.38 9.15
C GLN D 445 40.07 -9.93 9.48
N SER D 446 39.38 -9.25 8.56
CA SER D 446 38.99 -7.85 8.78
C SER D 446 38.05 -7.73 9.99
N LEU D 447 37.27 -8.76 10.22
CA LEU D 447 36.43 -8.84 11.41
C LEU D 447 37.20 -9.01 12.72
N VAL D 448 38.31 -9.75 12.68
CA VAL D 448 39.09 -9.90 13.90
C VAL D 448 39.87 -8.63 14.20
N LYS D 449 40.39 -7.96 13.17
CA LYS D 449 41.00 -6.63 13.34
C LYS D 449 39.99 -5.68 13.98
N LEU D 450 38.75 -5.75 13.49
CA LEU D 450 37.69 -4.93 14.06
C LEU D 450 37.38 -5.24 15.52
N ILE D 451 37.12 -6.51 15.88
CA ILE D 451 36.87 -6.89 17.28
C ILE D 451 38.04 -6.53 18.21
N ALA D 452 39.27 -6.68 17.68
CA ALA D 452 40.49 -6.30 18.37
C ALA D 452 40.41 -4.84 18.72
N GLU D 453 40.12 -4.01 17.72
CA GLU D 453 40.00 -2.58 17.98
C GLU D 453 38.86 -2.20 18.91
N LEU D 454 37.73 -2.89 18.83
CA LEU D 454 36.61 -2.59 19.72
C LEU D 454 36.90 -2.90 21.20
N LYS D 455 37.39 -4.11 21.46
CA LYS D 455 37.78 -4.51 22.82
C LYS D 455 38.87 -3.58 23.34
N ASP D 456 39.79 -3.23 22.44
CA ASP D 456 40.87 -2.30 22.77
C ASP D 456 40.33 -0.96 23.24
N ILE D 457 39.29 -0.45 22.58
CA ILE D 457 38.66 0.80 23.01
C ILE D 457 38.03 0.64 24.37
N LEU D 458 37.28 -0.43 24.56
CA LEU D 458 36.60 -0.59 25.84
C LEU D 458 37.54 -0.61 27.03
N ALA D 459 38.64 -1.34 26.91
CA ALA D 459 39.57 -1.47 28.02
C ALA D 459 40.58 -0.32 28.22
N ASN D 460 40.75 0.55 27.24
CA ASN D 460 41.69 1.67 27.37
C ASN D 460 41.09 3.08 27.19
N GLU D 461 40.82 3.77 28.29
CA GLU D 461 40.00 4.99 28.25
C GLU D 461 40.54 6.05 27.30
N TYR D 462 41.85 6.08 27.12
CA TYR D 462 42.44 7.07 26.22
C TYR D 462 41.89 6.94 24.79
N LYS D 463 41.55 5.71 24.37
CA LYS D 463 41.01 5.50 23.03
C LYS D 463 39.67 6.17 22.95
N VAL D 464 38.87 6.01 24.00
CA VAL D 464 37.57 6.65 24.09
C VAL D 464 37.75 8.15 23.93
N LEU D 465 38.61 8.71 24.78
CA LEU D 465 38.95 10.13 24.66
C LEU D 465 39.25 10.53 23.22
N GLU D 466 40.05 9.72 22.53
CA GLU D 466 40.42 10.00 21.15
C GLU D 466 39.21 10.05 20.23
N ILE D 467 38.34 9.06 20.36
CA ILE D 467 37.12 8.99 19.56
C ILE D 467 36.24 10.23 19.78
N ILE D 468 35.99 10.55 21.05
CA ILE D 468 35.28 11.78 21.41
C ILE D 468 35.89 13.00 20.71
N ARG D 469 37.17 13.29 20.97
CA ARG D 469 37.88 14.39 20.31
C ARG D 469 37.58 14.45 18.82
N GLU D 470 37.88 13.35 18.13
CA GLU D 470 37.64 13.24 16.70
C GLU D 470 36.24 13.69 16.34
N GLU D 471 35.25 13.01 16.89
CA GLU D 471 33.86 13.24 16.51
C GLU D 471 33.38 14.67 16.84
N LEU D 472 33.70 15.16 18.03
CA LEU D 472 33.42 16.55 18.40
C LEU D 472 34.08 17.54 17.45
N THR D 473 35.23 17.20 16.90
CA THR D 473 35.88 18.11 15.98
C THR D 473 35.13 18.09 14.67
N GLU D 474 34.66 16.90 14.29
CA GLU D 474 33.81 16.80 13.10
C GLU D 474 32.59 17.72 13.26
N ILE D 475 31.90 17.61 14.39
CA ILE D 475 30.77 18.50 14.68
C ILE D 475 31.16 19.98 14.69
N LYS D 476 32.33 20.29 15.24
CA LYS D 476 32.80 21.68 15.27
C LYS D 476 32.89 22.22 13.85
N GLU D 477 33.67 21.52 13.04
CA GLU D 477 33.89 21.88 11.64
C GLU D 477 32.56 21.97 10.89
N ARG D 478 31.58 21.21 11.36
CA ARG D 478 30.31 21.13 10.64
C ARG D 478 29.25 22.16 11.06
N PHE D 479 29.32 22.67 12.30
CA PHE D 479 28.30 23.58 12.83
C PHE D 479 28.83 24.91 13.39
N ASN D 480 30.15 25.06 13.48
CA ASN D 480 30.74 26.27 14.07
C ASN D 480 30.38 27.56 13.30
N ASP D 481 29.95 28.57 14.04
CA ASP D 481 29.80 29.90 13.47
C ASP D 481 30.69 30.89 14.22
N GLU D 482 30.50 32.18 13.96
CA GLU D 482 31.32 33.21 14.61
C GLU D 482 30.66 33.81 15.84
N ARG D 483 31.49 34.20 16.80
CA ARG D 483 30.98 34.76 18.04
C ARG D 483 30.24 36.08 17.84
N ARG D 484 28.98 36.11 18.27
CA ARG D 484 28.13 37.28 18.13
C ARG D 484 28.36 38.37 19.18
N THR D 485 28.48 37.98 20.45
CA THR D 485 28.68 38.93 21.54
C THR D 485 30.16 39.26 21.77
N GLU D 486 30.50 40.55 21.73
CA GLU D 486 31.87 40.99 22.01
C GLU D 486 32.02 41.31 23.49
N ILE D 487 32.98 40.66 24.13
CA ILE D 487 33.24 40.93 25.54
C ILE D 487 34.22 42.08 25.61
N VAL D 488 33.80 43.11 26.33
CA VAL D 488 34.62 44.31 26.50
C VAL D 488 35.27 44.30 27.87
N THR D 489 36.54 44.70 27.93
CA THR D 489 37.20 44.95 29.20
C THR D 489 37.93 46.28 29.06
N SER E 32 -28.08 20.59 -7.45
CA SER E 32 -26.77 21.24 -7.41
C SER E 32 -25.79 20.52 -8.29
N ARG E 33 -26.28 19.63 -9.15
CA ARG E 33 -25.42 18.78 -9.96
C ARG E 33 -24.84 19.48 -11.20
N ALA E 34 -25.74 19.93 -12.09
CA ALA E 34 -25.43 20.38 -13.45
C ALA E 34 -24.64 21.72 -13.58
N LEU E 35 -24.51 22.44 -12.47
CA LEU E 35 -23.86 23.73 -12.46
C LEU E 35 -22.34 23.65 -12.45
N PRO E 36 -21.66 24.70 -12.92
CA PRO E 36 -20.20 24.84 -12.86
C PRO E 36 -19.72 25.33 -11.51
N ASP E 37 -18.49 24.98 -11.17
CA ASP E 37 -17.81 25.59 -10.03
C ASP E 37 -17.39 26.99 -10.45
N VAL E 38 -17.46 27.95 -9.52
CA VAL E 38 -17.03 29.32 -9.77
C VAL E 38 -15.56 29.36 -10.17
N ARG E 39 -14.81 28.35 -9.76
CA ARG E 39 -13.36 28.44 -9.80
C ARG E 39 -12.81 27.99 -11.14
N ASP E 40 -13.07 26.76 -11.55
CA ASP E 40 -12.56 26.34 -12.83
C ASP E 40 -13.57 26.56 -13.98
N GLY E 41 -14.81 26.82 -13.61
CA GLY E 41 -15.89 26.88 -14.59
C GLY E 41 -16.05 25.59 -15.39
N LEU E 42 -16.46 24.53 -14.72
CA LEU E 42 -16.67 23.25 -15.39
C LEU E 42 -17.80 22.46 -14.74
N LYS E 43 -18.75 21.99 -15.56
CA LYS E 43 -19.70 21.00 -15.10
C LYS E 43 -18.83 19.82 -14.71
N PRO E 44 -19.32 18.99 -13.78
CA PRO E 44 -18.59 17.77 -13.50
C PRO E 44 -18.19 17.02 -14.77
N VAL E 45 -19.08 16.92 -15.74
CA VAL E 45 -18.78 16.19 -16.98
C VAL E 45 -17.51 16.66 -17.67
N HIS E 46 -17.37 17.97 -17.83
CA HIS E 46 -16.20 18.56 -18.48
C HIS E 46 -14.94 18.35 -17.65
N ARG E 47 -15.02 18.60 -16.35
CA ARG E 47 -13.83 18.47 -15.52
C ARG E 47 -13.34 17.03 -15.59
N ARG E 48 -14.27 16.10 -15.49
CA ARG E 48 -13.95 14.70 -15.64
C ARG E 48 -13.32 14.35 -16.99
N ILE E 49 -13.92 14.81 -18.08
CA ILE E 49 -13.39 14.51 -19.40
C ILE E 49 -11.97 15.06 -19.57
N LEU E 50 -11.71 16.22 -18.98
CA LEU E 50 -10.39 16.81 -19.11
C LEU E 50 -9.35 16.07 -18.26
N TYR E 51 -9.63 15.84 -16.98
CA TYR E 51 -8.78 14.96 -16.19
C TYR E 51 -8.49 13.65 -16.91
N ALA E 52 -9.52 13.00 -17.44
CA ALA E 52 -9.34 11.73 -18.15
C ALA E 52 -8.38 11.84 -19.33
N MET E 53 -8.50 12.91 -20.10
CA MET E 53 -7.60 13.12 -21.21
C MET E 53 -6.17 13.33 -20.73
N ASN E 54 -6.03 14.06 -19.63
CA ASN E 54 -4.70 14.40 -19.14
C ASN E 54 -3.99 13.21 -18.55
N ASP E 55 -4.77 12.40 -17.82
CA ASP E 55 -4.35 11.11 -17.29
C ASP E 55 -3.98 10.13 -18.42
N LEU E 56 -4.69 10.20 -19.55
CA LEU E 56 -4.37 9.29 -20.65
C LEU E 56 -3.25 9.81 -21.53
N GLY E 57 -2.77 11.02 -21.25
CA GLY E 57 -1.69 11.61 -22.01
C GLY E 57 -2.08 11.93 -23.44
N MET E 58 -3.28 12.49 -23.57
CA MET E 58 -3.81 12.95 -24.85
C MET E 58 -3.55 14.45 -24.98
N THR E 59 -2.41 14.89 -24.45
CA THR E 59 -2.07 16.30 -24.46
C THR E 59 -1.97 16.87 -25.86
N SER E 60 -1.79 18.19 -25.91
CA SER E 60 -1.82 18.92 -27.17
C SER E 60 -0.57 18.71 -27.99
N ASP E 61 0.45 18.12 -27.38
CA ASP E 61 1.72 17.87 -28.05
C ASP E 61 1.78 16.46 -28.62
N LYS E 62 1.11 15.53 -27.94
CA LYS E 62 0.95 14.15 -28.38
C LYS E 62 -0.23 14.03 -29.36
N PRO E 63 -0.12 13.14 -30.35
CA PRO E 63 -1.13 12.99 -31.40
C PRO E 63 -2.52 12.67 -30.86
N TYR E 64 -3.51 12.69 -31.75
CA TYR E 64 -4.90 12.38 -31.40
C TYR E 64 -5.05 10.93 -31.02
N LYS E 65 -5.91 10.65 -30.06
CA LYS E 65 -6.30 9.28 -29.78
C LYS E 65 -7.79 9.14 -30.06
N LYS E 66 -8.23 7.94 -30.43
CA LYS E 66 -9.62 7.72 -30.82
C LYS E 66 -10.60 8.21 -29.75
N SER E 67 -11.74 8.77 -30.16
CA SER E 67 -12.63 9.42 -29.20
C SER E 67 -13.33 8.38 -28.33
N ALA E 68 -13.27 7.14 -28.75
CA ALA E 68 -13.88 6.06 -27.97
C ALA E 68 -13.10 5.75 -26.71
N ARG E 69 -11.79 5.59 -26.85
CA ARG E 69 -10.89 5.37 -25.72
C ARG E 69 -11.11 6.41 -24.62
N ILE E 70 -11.11 7.69 -24.97
CA ILE E 70 -11.47 8.75 -24.02
C ILE E 70 -12.90 8.64 -23.43
N VAL E 71 -13.88 8.32 -24.26
CA VAL E 71 -15.25 8.25 -23.75
C VAL E 71 -15.41 7.15 -22.71
N GLY E 72 -14.83 5.99 -23.01
CA GLY E 72 -14.98 4.82 -22.17
C GLY E 72 -14.17 4.91 -20.90
N GLU E 73 -13.01 5.57 -20.98
CA GLU E 73 -12.25 5.89 -19.77
C GLU E 73 -13.15 6.73 -18.88
N VAL E 74 -13.71 7.79 -19.43
CA VAL E 74 -14.66 8.60 -18.65
C VAL E 74 -15.78 7.80 -17.98
N ILE E 75 -16.47 6.94 -18.74
CA ILE E 75 -17.66 6.29 -18.17
C ILE E 75 -17.31 5.21 -17.17
N GLY E 76 -16.22 4.54 -17.44
CA GLY E 76 -15.77 3.52 -16.53
C GLY E 76 -15.40 4.12 -15.19
N LYS E 77 -14.63 5.20 -15.22
CA LYS E 77 -13.97 5.63 -13.99
C LYS E 77 -14.56 6.85 -13.30
N TYR E 78 -15.01 7.86 -14.04
CA TYR E 78 -15.36 9.10 -13.37
C TYR E 78 -16.82 9.55 -13.50
N HIS E 79 -17.36 9.45 -14.70
CA HIS E 79 -18.70 9.96 -15.02
C HIS E 79 -19.59 8.89 -15.69
N PRO E 80 -20.30 8.11 -14.88
CA PRO E 80 -21.06 6.91 -15.29
C PRO E 80 -22.42 7.11 -15.96
N HIS E 81 -22.54 7.86 -17.06
CA HIS E 81 -23.87 8.23 -17.54
C HIS E 81 -24.29 7.88 -18.99
N GLY E 82 -23.42 7.29 -19.77
CA GLY E 82 -23.84 6.86 -21.08
C GLY E 82 -22.97 7.47 -22.15
N ASP E 83 -22.85 6.78 -23.27
CA ASP E 83 -21.98 7.24 -24.36
C ASP E 83 -22.54 8.52 -24.98
N SER E 84 -23.87 8.56 -25.10
CA SER E 84 -24.62 9.75 -25.45
C SER E 84 -24.04 10.91 -24.67
N ALA E 85 -24.44 11.04 -23.40
CA ALA E 85 -24.13 12.21 -22.56
C ALA E 85 -22.67 12.67 -22.64
N VAL E 86 -21.77 11.75 -22.32
CA VAL E 86 -20.36 12.07 -22.27
C VAL E 86 -19.81 12.45 -23.62
N TYR E 87 -20.05 11.64 -24.65
CA TYR E 87 -19.44 11.90 -25.96
C TYR E 87 -19.92 13.21 -26.50
N GLU E 88 -21.21 13.44 -26.30
CA GLU E 88 -21.77 14.69 -26.75
C GLU E 88 -21.05 15.85 -26.06
N SER E 89 -21.00 15.84 -24.73
CA SER E 89 -20.36 16.93 -23.98
C SER E 89 -18.87 17.10 -24.34
N MET E 90 -18.24 16.03 -24.81
CA MET E 90 -16.85 16.09 -25.26
C MET E 90 -16.83 16.85 -26.58
N VAL E 91 -17.82 16.59 -27.42
CA VAL E 91 -17.92 17.28 -28.71
C VAL E 91 -18.21 18.78 -28.53
N ARG E 92 -19.13 19.10 -27.64
CA ARG E 92 -19.49 20.49 -27.39
C ARG E 92 -18.27 21.32 -27.03
N MET E 93 -17.27 20.71 -26.41
CA MET E 93 -16.07 21.45 -25.99
C MET E 93 -15.11 21.66 -27.13
N ALA E 94 -15.38 21.00 -28.26
CA ALA E 94 -14.49 21.07 -29.42
C ALA E 94 -15.05 21.92 -30.54
N GLN E 95 -16.31 22.34 -30.40
CA GLN E 95 -16.97 23.14 -31.42
C GLN E 95 -16.62 24.60 -31.30
N ASP E 96 -16.26 25.20 -32.43
CA ASP E 96 -15.77 26.58 -32.45
C ASP E 96 -16.87 27.59 -32.21
N PHE E 97 -18.11 27.16 -32.36
CA PHE E 97 -19.27 28.03 -32.30
C PHE E 97 -20.07 27.87 -31.01
N ASN E 98 -19.61 27.03 -30.09
CA ASN E 98 -20.25 26.89 -28.79
C ASN E 98 -19.33 27.42 -27.69
N TYR E 99 -18.05 27.10 -27.81
CA TYR E 99 -17.06 27.51 -26.84
C TYR E 99 -16.23 28.63 -27.44
N ARG E 100 -16.03 29.72 -26.70
CA ARG E 100 -15.32 30.90 -27.21
C ARG E 100 -13.85 30.60 -27.49
N TYR E 101 -13.25 29.83 -26.60
CA TYR E 101 -11.95 29.21 -26.81
C TYR E 101 -12.13 27.73 -26.50
N MET E 102 -11.79 26.87 -27.45
CA MET E 102 -12.06 25.45 -27.34
C MET E 102 -11.22 24.79 -26.26
N LEU E 103 -11.76 23.73 -25.65
CA LEU E 103 -11.01 22.96 -24.67
C LEU E 103 -10.52 21.62 -25.27
N VAL E 104 -11.20 21.18 -26.31
CA VAL E 104 -10.84 19.94 -26.99
C VAL E 104 -10.40 20.25 -28.40
N ASP E 105 -9.38 19.53 -28.86
CA ASP E 105 -8.91 19.59 -30.23
C ASP E 105 -9.40 18.32 -30.92
N GLY E 106 -10.54 18.39 -31.59
CA GLY E 106 -11.11 17.24 -32.27
C GLY E 106 -10.64 17.13 -33.71
N HIS E 107 -10.69 15.92 -34.26
CA HIS E 107 -10.25 15.65 -35.63
C HIS E 107 -11.20 14.66 -36.31
N GLY E 108 -11.73 15.06 -37.45
CA GLY E 108 -12.88 14.35 -38.02
C GLY E 108 -14.10 15.21 -37.79
N ASN E 109 -15.28 14.67 -38.01
CA ASN E 109 -16.45 15.54 -38.03
C ASN E 109 -17.09 15.77 -36.68
N PHE E 110 -16.89 16.97 -36.14
CA PHE E 110 -17.50 17.29 -34.86
C PHE E 110 -18.74 18.15 -34.96
N GLY E 111 -19.49 17.98 -36.04
CA GLY E 111 -20.72 18.74 -36.21
C GLY E 111 -20.47 20.16 -36.69
N SER E 112 -21.55 20.83 -37.06
CA SER E 112 -21.47 22.20 -37.57
C SER E 112 -22.57 23.10 -37.05
N VAL E 113 -22.48 24.35 -37.50
CA VAL E 113 -23.41 25.38 -37.06
C VAL E 113 -24.84 25.11 -37.54
N ASP E 114 -24.97 24.63 -38.78
CA ASP E 114 -26.29 24.38 -39.39
C ASP E 114 -27.12 23.32 -38.70
N GLY E 115 -26.58 22.73 -37.63
CA GLY E 115 -27.33 21.81 -36.80
C GLY E 115 -27.08 20.32 -36.97
N ASP E 116 -26.21 19.92 -37.89
CA ASP E 116 -25.92 18.50 -38.10
C ASP E 116 -25.02 18.02 -36.99
N SER E 117 -25.12 16.74 -36.65
CA SER E 117 -24.44 16.21 -35.48
C SER E 117 -23.05 15.72 -35.83
N ALA E 118 -22.25 15.48 -34.81
CA ALA E 118 -20.89 14.98 -35.01
C ALA E 118 -20.95 13.51 -35.43
N ALA E 119 -19.88 13.00 -36.02
CA ALA E 119 -19.86 11.59 -36.39
C ALA E 119 -19.60 10.70 -35.17
N ALA E 120 -19.99 9.43 -35.26
CA ALA E 120 -19.89 8.50 -34.13
C ALA E 120 -18.52 8.55 -33.52
N MET E 121 -18.43 8.17 -32.24
CA MET E 121 -17.15 8.25 -31.58
C MET E 121 -16.15 7.28 -32.21
N ARG E 122 -16.67 6.20 -32.78
CA ARG E 122 -15.81 5.26 -33.48
C ARG E 122 -15.16 5.90 -34.70
N TYR E 123 -15.59 7.11 -35.06
CA TYR E 123 -15.06 7.80 -36.24
C TYR E 123 -14.25 9.08 -35.98
N THR E 124 -14.25 9.58 -34.76
CA THR E 124 -13.47 10.79 -34.51
C THR E 124 -12.27 10.53 -33.63
N GLU E 125 -11.36 11.48 -33.65
CA GLU E 125 -10.17 11.42 -32.83
C GLU E 125 -10.10 12.74 -32.09
N ALA E 126 -9.57 12.72 -30.88
CA ALA E 126 -9.46 13.97 -30.17
C ALA E 126 -8.21 14.06 -29.31
N ARG E 127 -7.96 15.27 -28.84
CA ARG E 127 -6.93 15.50 -27.86
C ARG E 127 -7.24 16.79 -27.10
N MET E 128 -6.28 17.28 -26.32
CA MET E 128 -6.52 18.48 -25.54
C MET E 128 -6.19 19.62 -26.46
N SER E 129 -6.77 20.78 -26.17
CA SER E 129 -6.48 21.97 -26.92
C SER E 129 -5.25 22.60 -26.31
N LYS E 130 -4.60 23.52 -27.01
CA LYS E 130 -3.42 24.15 -26.45
C LYS E 130 -3.78 24.94 -25.20
N ILE E 131 -5.00 25.46 -25.17
CA ILE E 131 -5.39 26.34 -24.08
C ILE E 131 -5.74 25.60 -22.83
N SER E 132 -6.39 24.46 -22.97
CA SER E 132 -6.81 23.69 -21.81
C SER E 132 -5.61 23.22 -20.99
N MET E 133 -4.47 23.05 -21.66
CA MET E 133 -3.25 22.69 -20.97
C MET E 133 -2.96 23.65 -19.81
N GLU E 134 -3.49 24.86 -19.89
CA GLU E 134 -3.45 25.81 -18.78
C GLU E 134 -4.53 25.52 -17.73
N ILE E 135 -5.65 24.93 -18.14
CA ILE E 135 -6.65 24.53 -17.17
C ILE E 135 -6.04 23.49 -16.27
N LEU E 136 -5.23 22.62 -16.87
CA LEU E 136 -4.60 21.57 -16.10
C LEU E 136 -3.23 21.90 -15.48
N ARG E 137 -2.57 22.95 -15.95
CA ARG E 137 -1.28 23.38 -15.39
C ARG E 137 -1.20 23.23 -13.87
N ASP E 138 -0.16 22.56 -13.40
CA ASP E 138 0.15 22.44 -11.98
C ASP E 138 -0.76 21.48 -11.23
N ILE E 139 -1.49 20.64 -11.94
CA ILE E 139 -2.39 19.70 -11.26
C ILE E 139 -1.56 18.64 -10.55
N THR E 140 -0.31 18.57 -10.98
CA THR E 140 0.65 17.58 -10.52
C THR E 140 1.63 18.24 -9.58
N LYS E 141 1.14 19.20 -8.82
CA LYS E 141 1.97 19.89 -7.85
C LYS E 141 1.23 20.13 -6.55
N ASP E 142 0.26 19.27 -6.24
CA ASP E 142 -0.44 19.32 -4.95
C ASP E 142 -1.17 20.66 -4.80
N THR E 143 -2.02 20.99 -5.76
CA THR E 143 -2.63 22.31 -5.75
C THR E 143 -4.14 22.24 -5.73
N ILE E 144 -4.66 21.06 -6.03
CA ILE E 144 -6.09 20.86 -5.95
C ILE E 144 -6.28 19.63 -5.10
N ASP E 145 -7.49 19.44 -4.58
CA ASP E 145 -7.76 18.27 -3.76
C ASP E 145 -8.29 17.18 -4.64
N TYR E 146 -8.24 15.94 -4.16
CA TYR E 146 -8.85 14.82 -4.86
C TYR E 146 -10.02 14.30 -4.02
N GLN E 147 -10.94 13.58 -4.66
CA GLN E 147 -12.04 12.88 -3.98
C GLN E 147 -12.23 11.50 -4.62
N ASP E 148 -12.92 10.60 -3.92
CA ASP E 148 -13.20 9.27 -4.46
C ASP E 148 -14.15 9.42 -5.65
N ASN E 149 -14.10 8.48 -6.57
CA ASN E 149 -14.98 8.53 -7.72
C ASN E 149 -16.28 7.87 -7.35
N TYR E 150 -17.09 7.57 -8.34
CA TYR E 150 -18.47 7.10 -8.11
C TYR E 150 -18.69 5.81 -7.26
N ASP E 151 -17.81 4.81 -7.40
CA ASP E 151 -17.93 3.57 -6.62
C ASP E 151 -16.80 3.39 -5.60
N GLY E 152 -15.95 4.40 -5.48
CA GLY E 152 -14.86 4.42 -4.52
C GLY E 152 -13.53 3.97 -5.09
N SER E 153 -13.55 3.38 -6.29
CA SER E 153 -12.37 2.73 -6.86
C SER E 153 -11.24 3.61 -7.40
N GLU E 154 -11.59 4.72 -8.03
CA GLU E 154 -10.55 5.59 -8.58
C GLU E 154 -10.52 6.88 -7.77
N ARG E 155 -9.75 7.84 -8.25
CA ARG E 155 -9.71 9.14 -7.60
C ARG E 155 -9.70 10.23 -8.64
N GLU E 156 -10.57 11.22 -8.44
CA GLU E 156 -10.79 12.27 -9.43
C GLU E 156 -10.57 13.59 -8.72
N PRO E 157 -10.28 14.66 -9.49
CA PRO E 157 -9.99 15.97 -8.89
C PRO E 157 -11.26 16.80 -8.71
N VAL E 158 -11.39 17.51 -7.58
CA VAL E 158 -12.59 18.32 -7.31
C VAL E 158 -12.65 19.72 -8.00
N VAL E 159 -11.49 20.30 -8.30
CA VAL E 159 -11.42 21.48 -9.16
C VAL E 159 -10.11 21.37 -9.88
N MET E 160 -10.01 22.01 -11.03
CA MET E 160 -8.73 22.15 -11.69
C MET E 160 -8.05 23.39 -11.13
N PRO E 161 -6.73 23.48 -11.26
CA PRO E 161 -6.07 24.73 -10.85
C PRO E 161 -6.65 25.88 -11.65
N SER E 162 -6.93 25.61 -12.92
CA SER E 162 -7.65 26.54 -13.77
C SER E 162 -6.87 27.84 -13.88
N ARG E 163 -5.74 27.79 -14.58
CA ARG E 163 -4.80 28.91 -14.54
C ARG E 163 -5.24 30.14 -15.34
N PHE E 164 -6.22 29.96 -16.22
CA PHE E 164 -6.93 31.09 -16.83
C PHE E 164 -8.44 30.98 -16.46
N PRO E 165 -9.13 32.14 -16.31
CA PRO E 165 -10.47 32.25 -15.69
C PRO E 165 -11.67 31.63 -16.43
N ASN E 166 -11.60 30.33 -16.70
CA ASN E 166 -12.47 29.64 -17.65
C ASN E 166 -13.98 29.89 -17.53
N LEU E 167 -14.45 30.19 -16.33
CA LEU E 167 -15.88 30.39 -16.12
C LEU E 167 -16.45 31.50 -16.95
N LEU E 168 -15.91 32.71 -16.78
CA LEU E 168 -16.34 33.91 -17.49
C LEU E 168 -16.04 33.84 -18.99
N VAL E 169 -14.85 33.37 -19.30
CA VAL E 169 -14.38 33.28 -20.66
C VAL E 169 -15.20 32.35 -21.55
N ASN E 170 -15.36 31.09 -21.15
CA ASN E 170 -16.05 30.14 -22.02
C ASN E 170 -17.56 30.00 -21.74
N GLY E 171 -17.98 30.62 -20.64
CA GLY E 171 -19.39 30.79 -20.33
C GLY E 171 -20.06 29.54 -19.84
N ALA E 172 -21.36 29.59 -19.64
CA ALA E 172 -22.11 28.45 -19.14
C ALA E 172 -23.58 28.52 -19.53
N ALA E 173 -24.11 27.46 -20.13
CA ALA E 173 -25.48 27.49 -20.65
C ALA E 173 -26.33 26.23 -20.40
N GLY E 174 -26.09 25.50 -19.31
CA GLY E 174 -26.85 24.29 -19.00
C GLY E 174 -28.14 24.50 -18.20
N ILE E 175 -29.23 23.89 -18.66
CA ILE E 175 -30.55 24.20 -18.09
C ILE E 175 -31.28 23.02 -17.43
N GLY E 178 -35.08 21.65 -11.03
CA GLY E 178 -33.76 22.12 -10.65
C GLY E 178 -33.58 23.60 -10.93
N MET E 179 -32.31 24.02 -11.11
CA MET E 179 -32.00 25.39 -11.46
C MET E 179 -31.04 25.49 -12.65
N ALA E 180 -31.27 26.49 -13.51
CA ALA E 180 -30.58 26.65 -14.78
C ALA E 180 -29.74 27.91 -14.81
N THR E 181 -28.43 27.73 -14.97
CA THR E 181 -27.52 28.85 -15.11
C THR E 181 -27.45 29.24 -16.57
N ASN E 182 -26.94 30.44 -16.84
CA ASN E 182 -26.79 30.93 -18.20
C ASN E 182 -25.83 32.12 -18.22
N ILE E 183 -24.56 31.83 -18.48
CA ILE E 183 -23.48 32.81 -18.41
C ILE E 183 -22.78 32.96 -19.76
N PRO E 184 -22.93 34.14 -20.39
CA PRO E 184 -22.39 34.40 -21.72
C PRO E 184 -20.86 34.44 -21.72
N PRO E 185 -20.23 33.90 -22.78
CA PRO E 185 -18.77 33.82 -22.93
C PRO E 185 -18.11 35.20 -22.90
N HIS E 186 -16.78 35.24 -22.88
CA HIS E 186 -16.09 36.52 -22.83
C HIS E 186 -14.75 36.56 -23.55
N GLN E 187 -14.26 37.78 -23.74
CA GLN E 187 -12.92 37.96 -24.27
C GLN E 187 -11.90 37.65 -23.20
N LEU E 188 -10.96 36.78 -23.53
CA LEU E 188 -9.92 36.36 -22.59
C LEU E 188 -9.07 37.52 -22.07
N GLY E 189 -8.70 38.43 -22.97
CA GLY E 189 -7.88 39.57 -22.61
C GLY E 189 -8.62 40.52 -21.67
N GLU E 190 -9.90 40.73 -21.96
CA GLU E 190 -10.73 41.56 -21.11
C GLU E 190 -10.83 40.95 -19.72
N ILE E 191 -11.28 39.69 -19.63
CA ILE E 191 -11.40 39.04 -18.32
C ILE E 191 -10.10 38.99 -17.53
N ILE E 192 -8.99 38.64 -18.18
CA ILE E 192 -7.71 38.71 -17.50
C ILE E 192 -7.48 40.11 -16.95
N ASP E 193 -7.69 41.14 -17.77
CA ASP E 193 -7.42 42.52 -17.33
C ASP E 193 -8.30 42.96 -16.17
N GLY E 194 -9.52 42.41 -16.12
CA GLY E 194 -10.46 42.69 -15.04
C GLY E 194 -10.08 41.98 -13.76
N VAL E 195 -9.69 40.71 -13.89
CA VAL E 195 -9.16 39.96 -12.76
C VAL E 195 -7.97 40.71 -12.16
N LEU E 196 -6.98 41.03 -13.00
CA LEU E 196 -5.85 41.83 -12.55
C LEU E 196 -6.31 43.13 -11.89
N ALA E 197 -7.35 43.76 -12.43
CA ALA E 197 -7.88 45.00 -11.85
C ALA E 197 -8.44 44.83 -10.42
N VAL E 198 -9.12 43.71 -10.18
CA VAL E 198 -9.60 43.37 -8.84
C VAL E 198 -8.42 43.07 -7.93
N SER E 199 -7.35 42.52 -8.49
CA SER E 199 -6.14 42.30 -7.72
C SER E 199 -5.45 43.60 -7.25
N GLU E 200 -5.31 44.57 -8.16
CA GLU E 200 -4.62 45.82 -7.83
C GLU E 200 -5.52 46.79 -7.10
N ASN E 201 -6.79 46.40 -6.97
CA ASN E 201 -7.77 47.18 -6.22
C ASN E 201 -8.95 46.32 -5.80
N PRO E 202 -8.98 45.93 -4.52
CA PRO E 202 -10.05 45.06 -4.05
C PRO E 202 -11.39 45.80 -3.90
N ASP E 203 -11.37 47.13 -4.00
CA ASP E 203 -12.56 47.94 -3.75
C ASP E 203 -13.17 48.54 -5.02
N ILE E 204 -12.74 48.02 -6.16
CA ILE E 204 -13.21 48.48 -7.46
C ILE E 204 -14.71 48.32 -7.55
N THR E 205 -15.38 49.32 -8.10
CA THR E 205 -16.84 49.27 -8.21
C THR E 205 -17.21 48.68 -9.56
N ILE E 206 -18.39 48.08 -9.64
CA ILE E 206 -18.83 47.44 -10.88
C ILE E 206 -18.73 48.34 -12.13
N PRO E 207 -19.15 49.61 -12.03
CA PRO E 207 -18.88 50.54 -13.14
C PRO E 207 -17.41 50.63 -13.58
N GLU E 208 -16.47 50.88 -12.66
CA GLU E 208 -15.05 50.98 -12.99
C GLU E 208 -14.57 49.75 -13.74
N LEU E 209 -14.89 48.60 -13.15
CA LEU E 209 -14.61 47.30 -13.71
C LEU E 209 -15.16 47.19 -15.12
N MET E 210 -16.34 47.76 -15.36
CA MET E 210 -16.98 47.66 -16.67
C MET E 210 -16.30 48.50 -17.76
N GLU E 211 -15.27 49.27 -17.40
CA GLU E 211 -14.46 50.00 -18.37
C GLU E 211 -13.29 49.13 -18.84
N VAL E 212 -13.24 47.91 -18.33
CA VAL E 212 -12.24 46.92 -18.70
C VAL E 212 -12.95 45.68 -19.25
N ILE E 213 -14.09 45.33 -18.66
CA ILE E 213 -14.97 44.33 -19.23
C ILE E 213 -16.24 45.01 -19.71
N PRO E 214 -16.32 45.31 -21.01
CA PRO E 214 -17.42 46.12 -21.54
C PRO E 214 -18.68 45.29 -21.65
N GLY E 215 -18.53 44.04 -22.06
CA GLY E 215 -19.66 43.14 -22.19
C GLY E 215 -19.22 41.75 -22.57
N PRO E 216 -20.19 40.89 -22.87
CA PRO E 216 -19.88 39.55 -23.37
C PRO E 216 -19.23 39.63 -24.74
N ASP E 217 -18.82 38.47 -25.23
CA ASP E 217 -18.16 38.36 -26.51
C ASP E 217 -18.37 36.94 -26.98
N PHE E 218 -19.26 36.76 -27.94
CA PHE E 218 -19.67 35.42 -28.35
C PHE E 218 -18.71 34.84 -29.37
N PRO E 219 -18.53 33.51 -29.32
CA PRO E 219 -17.67 32.80 -30.29
C PRO E 219 -18.17 33.08 -31.69
N THR E 220 -19.43 32.75 -31.94
CA THR E 220 -20.12 33.16 -33.14
C THR E 220 -20.23 34.66 -32.98
N ALA E 221 -19.53 35.44 -33.79
CA ALA E 221 -19.50 36.89 -33.62
C ALA E 221 -20.89 37.56 -33.70
N GLY E 222 -20.92 38.90 -33.76
CA GLY E 222 -22.20 39.57 -33.96
C GLY E 222 -22.30 40.96 -33.36
N GLN E 223 -23.43 41.23 -32.71
CA GLN E 223 -23.69 42.55 -32.12
C GLN E 223 -24.60 42.52 -30.90
N ILE E 224 -24.12 43.09 -29.80
CA ILE E 224 -24.92 43.29 -28.60
C ILE E 224 -25.48 44.70 -28.60
N LEU E 225 -26.76 44.85 -28.27
CA LEU E 225 -27.44 46.13 -28.48
C LEU E 225 -27.38 47.15 -27.34
N GLY E 226 -27.99 46.86 -26.19
CA GLY E 226 -27.94 47.79 -25.07
C GLY E 226 -26.76 47.55 -24.14
N ARG E 227 -26.15 48.64 -23.68
CA ARG E 227 -25.20 48.54 -22.58
C ARG E 227 -25.95 48.30 -21.26
N SER E 228 -27.20 48.74 -21.20
CA SER E 228 -28.03 48.66 -20.00
C SER E 228 -28.24 47.26 -19.44
N GLY E 229 -28.52 46.31 -20.32
CA GLY E 229 -28.74 44.94 -19.93
C GLY E 229 -27.47 44.31 -19.39
N ILE E 230 -26.35 44.67 -20.03
CA ILE E 230 -25.04 44.27 -19.53
C ILE E 230 -24.86 44.78 -18.10
N ARG E 231 -24.98 46.09 -17.91
CA ARG E 231 -24.80 46.69 -16.59
C ARG E 231 -25.66 46.02 -15.53
N LYS E 232 -26.98 46.00 -15.77
CA LYS E 232 -27.92 45.32 -14.88
C LYS E 232 -27.48 43.86 -14.54
N ALA E 233 -27.25 43.04 -15.56
CA ALA E 233 -26.79 41.67 -15.34
C ALA E 233 -25.55 41.63 -14.42
N TYR E 234 -24.57 42.46 -14.72
CA TYR E 234 -23.31 42.50 -13.99
C TYR E 234 -23.44 42.99 -12.55
N GLU E 235 -24.48 43.77 -12.27
CA GLU E 235 -24.61 44.33 -10.94
C GLU E 235 -25.53 43.54 -10.02
N SER E 236 -26.49 42.84 -10.60
CA SER E 236 -27.41 42.01 -9.83
C SER E 236 -27.07 40.53 -9.91
N GLY E 237 -26.59 40.09 -11.06
CA GLY E 237 -26.39 38.67 -11.32
C GLY E 237 -27.31 38.19 -12.42
N ARG E 238 -28.53 38.72 -12.43
CA ARG E 238 -29.48 38.43 -13.49
C ARG E 238 -29.73 39.67 -14.37
N GLY E 239 -30.13 39.44 -15.62
CA GLY E 239 -30.43 40.52 -16.54
C GLY E 239 -30.79 40.01 -17.93
N SER E 240 -31.25 40.91 -18.81
CA SER E 240 -31.59 40.48 -20.18
C SER E 240 -30.91 41.32 -21.25
N ILE E 241 -30.47 40.68 -22.31
CA ILE E 241 -29.60 41.34 -23.28
C ILE E 241 -30.06 41.11 -24.71
N THR E 242 -29.81 42.09 -25.58
CA THR E 242 -30.25 42.00 -26.97
C THR E 242 -29.15 41.63 -27.97
N ILE E 243 -29.14 40.37 -28.38
CA ILE E 243 -28.17 39.92 -29.36
C ILE E 243 -28.71 40.13 -30.77
N ARG E 244 -27.93 40.76 -31.62
CA ARG E 244 -28.35 41.01 -32.99
C ARG E 244 -27.31 40.59 -34.02
N ALA E 245 -27.81 40.17 -35.17
CA ALA E 245 -27.00 39.75 -36.29
C ALA E 245 -26.28 40.95 -36.87
N LYS E 246 -25.29 40.69 -37.72
CA LYS E 246 -24.62 41.78 -38.42
C LYS E 246 -24.95 41.75 -39.89
N ALA E 247 -25.96 42.52 -40.26
CA ALA E 247 -26.49 42.56 -41.62
C ALA E 247 -26.36 43.96 -42.13
N GLU E 248 -25.67 44.09 -43.25
CA GLU E 248 -25.41 45.39 -43.84
C GLU E 248 -25.94 45.41 -45.26
N ILE E 249 -26.58 46.51 -45.62
CA ILE E 249 -27.22 46.64 -46.93
C ILE E 249 -26.23 47.04 -48.02
N GLU E 250 -25.79 46.04 -48.79
CA GLU E 250 -24.92 46.25 -49.92
C GLU E 250 -25.73 46.78 -51.11
N GLN E 251 -25.06 47.43 -52.06
CA GLN E 251 -25.77 48.02 -53.21
C GLN E 251 -25.21 47.56 -54.56
N THR E 252 -26.08 47.01 -55.39
CA THR E 252 -25.73 46.57 -56.74
C THR E 252 -25.72 47.78 -57.69
N SER E 253 -25.02 47.65 -58.82
CA SER E 253 -24.86 48.75 -59.78
C SER E 253 -26.16 49.21 -60.44
N SER E 254 -27.23 48.44 -60.26
CA SER E 254 -28.52 48.75 -60.88
C SER E 254 -29.48 49.49 -59.94
N GLY E 255 -28.97 49.87 -58.77
CA GLY E 255 -29.78 50.49 -57.74
C GLY E 255 -30.51 49.46 -56.91
N LYS E 256 -30.12 48.20 -57.09
CA LYS E 256 -30.74 47.08 -56.37
C LYS E 256 -30.13 46.90 -55.00
N GLU E 257 -30.95 46.63 -54.00
CA GLU E 257 -30.46 46.43 -52.65
C GLU E 257 -30.52 44.96 -52.24
N ARG E 258 -29.53 44.53 -51.46
CA ARG E 258 -29.51 43.18 -50.94
C ARG E 258 -28.91 43.20 -49.54
N ILE E 259 -29.61 42.62 -48.58
CA ILE E 259 -29.06 42.53 -47.25
C ILE E 259 -28.13 41.32 -47.18
N ILE E 260 -26.94 41.54 -46.63
CA ILE E 260 -25.95 40.49 -46.52
C ILE E 260 -25.61 40.19 -45.07
N VAL E 261 -26.23 39.15 -44.54
CA VAL E 261 -25.97 38.74 -43.18
C VAL E 261 -24.72 37.87 -43.13
N THR E 262 -23.76 38.29 -42.32
CA THR E 262 -22.50 37.58 -42.22
C THR E 262 -22.21 37.07 -40.80
N GLU E 263 -22.84 37.68 -39.80
CA GLU E 263 -22.79 37.18 -38.43
C GLU E 263 -24.19 36.91 -37.89
N LEU E 264 -24.34 35.76 -37.24
CA LEU E 264 -25.58 35.35 -36.62
C LEU E 264 -25.37 35.25 -35.11
N PRO E 265 -26.43 35.51 -34.33
CA PRO E 265 -26.37 35.52 -32.86
C PRO E 265 -25.99 34.16 -32.27
N TYR E 266 -25.49 34.19 -31.04
CA TYR E 266 -25.15 32.98 -30.32
C TYR E 266 -26.35 32.05 -30.30
N GLN E 267 -26.08 30.76 -30.41
CA GLN E 267 -27.10 29.73 -30.25
C GLN E 267 -28.26 29.75 -31.25
N VAL E 268 -28.14 30.47 -32.36
CA VAL E 268 -29.18 30.39 -33.40
C VAL E 268 -28.75 29.56 -34.60
N ASN E 269 -29.63 28.64 -34.96
CA ASN E 269 -29.40 27.71 -36.03
C ASN E 269 -29.53 28.39 -37.40
N LYS E 270 -28.45 28.40 -38.17
CA LYS E 270 -28.43 29.05 -39.48
C LYS E 270 -29.45 28.46 -40.45
N ALA E 271 -29.48 27.14 -40.51
CA ALA E 271 -30.41 26.45 -41.39
C ALA E 271 -31.85 26.70 -40.96
N LYS E 272 -32.11 26.53 -39.66
CA LYS E 272 -33.47 26.68 -39.13
C LYS E 272 -34.00 28.12 -39.33
N LEU E 273 -33.09 29.09 -39.34
CA LEU E 273 -33.46 30.47 -39.64
C LEU E 273 -33.73 30.68 -41.13
N ILE E 274 -32.91 30.08 -42.00
CA ILE E 274 -33.20 30.20 -43.44
C ILE E 274 -34.58 29.65 -43.74
N GLU E 275 -34.89 28.53 -43.09
CA GLU E 275 -36.21 27.92 -43.18
C GLU E 275 -37.30 28.88 -42.69
N LYS E 276 -37.08 29.43 -41.50
CA LYS E 276 -38.05 30.34 -40.88
C LYS E 276 -38.38 31.55 -41.76
N ILE E 277 -37.35 32.16 -42.34
CA ILE E 277 -37.57 33.34 -43.19
C ILE E 277 -38.23 32.94 -44.47
N ALA E 278 -37.84 31.79 -45.02
CA ALA E 278 -38.54 31.24 -46.17
C ALA E 278 -40.06 31.20 -45.91
N ASP E 279 -40.46 30.57 -44.81
CA ASP E 279 -41.87 30.54 -44.40
C ASP E 279 -42.42 31.95 -44.26
N LEU E 280 -41.60 32.83 -43.68
CA LEU E 280 -41.98 34.19 -43.34
C LEU E 280 -42.34 35.06 -44.54
N VAL E 281 -41.74 34.80 -45.70
CA VAL E 281 -42.17 35.55 -46.91
C VAL E 281 -43.18 34.74 -47.73
N ARG E 282 -43.11 33.42 -47.61
CA ARG E 282 -44.08 32.55 -48.26
C ARG E 282 -45.50 32.86 -47.77
N ASP E 283 -45.66 32.98 -46.46
CA ASP E 283 -46.97 33.31 -45.88
C ASP E 283 -47.36 34.79 -46.08
N LYS E 284 -46.46 35.57 -46.71
CA LYS E 284 -46.63 37.01 -46.91
C LYS E 284 -46.79 37.83 -45.64
N LYS E 285 -46.04 37.47 -44.60
CA LYS E 285 -46.02 38.26 -43.36
C LYS E 285 -45.10 39.46 -43.58
N ILE E 286 -43.87 39.19 -44.01
CA ILE E 286 -42.95 40.25 -44.40
C ILE E 286 -42.87 40.35 -45.92
N GLU E 287 -43.00 41.57 -46.42
CA GLU E 287 -43.03 41.78 -47.85
C GLU E 287 -41.84 42.58 -48.37
N GLY E 288 -41.52 42.37 -49.64
CA GLY E 288 -40.47 43.11 -50.32
C GLY E 288 -39.28 42.25 -50.70
N ILE E 289 -39.31 40.98 -50.31
CA ILE E 289 -38.16 40.10 -50.50
C ILE E 289 -38.20 39.43 -51.89
N THR E 290 -37.03 39.14 -52.45
CA THR E 290 -36.94 38.54 -53.80
C THR E 290 -36.17 37.22 -53.84
N ASP E 291 -35.07 37.14 -53.12
CA ASP E 291 -34.23 35.94 -53.18
C ASP E 291 -33.51 35.73 -51.83
N LEU E 292 -33.05 34.51 -51.58
CA LEU E 292 -32.22 34.21 -50.41
C LEU E 292 -31.32 33.02 -50.72
N ARG E 293 -30.01 33.25 -50.69
CA ARG E 293 -29.02 32.24 -51.06
C ARG E 293 -27.90 32.11 -50.04
N ASP E 294 -27.69 30.89 -49.55
CA ASP E 294 -26.67 30.63 -48.53
C ASP E 294 -25.30 30.37 -49.16
N GLU E 295 -24.64 31.45 -49.56
CA GLU E 295 -23.36 31.32 -50.24
C GLU E 295 -22.20 31.08 -49.27
N SER E 296 -22.55 30.88 -48.00
CA SER E 296 -21.59 30.55 -46.96
C SER E 296 -20.67 29.43 -47.42
N ASP E 297 -19.37 29.67 -47.39
CA ASP E 297 -18.43 28.73 -47.95
C ASP E 297 -17.21 28.71 -47.07
N ARG E 298 -16.10 28.20 -47.60
CA ARG E 298 -14.85 28.14 -46.86
C ARG E 298 -14.47 29.52 -46.28
N THR E 299 -14.76 30.58 -47.04
CA THR E 299 -14.39 31.94 -46.63
C THR E 299 -15.19 32.41 -45.42
N GLY E 300 -16.32 31.77 -45.16
CA GLY E 300 -17.17 32.15 -44.04
C GLY E 300 -18.63 32.27 -44.42
N MET E 301 -19.39 32.97 -43.58
CA MET E 301 -20.82 33.10 -43.79
C MET E 301 -21.12 34.21 -44.77
N ARG E 302 -22.12 33.97 -45.61
CA ARG E 302 -22.68 34.99 -46.49
C ARG E 302 -24.07 34.59 -46.97
N ILE E 303 -25.06 35.00 -46.18
CA ILE E 303 -26.45 34.73 -46.53
C ILE E 303 -27.02 35.94 -47.20
N VAL E 304 -27.32 35.80 -48.50
CA VAL E 304 -27.77 36.94 -49.32
C VAL E 304 -29.27 37.00 -49.55
N ILE E 305 -29.89 38.07 -49.06
CA ILE E 305 -31.33 38.26 -49.26
C ILE E 305 -31.62 39.48 -50.12
N GLU E 306 -32.16 39.23 -51.31
CA GLU E 306 -32.39 40.28 -52.31
C GLU E 306 -33.65 41.09 -52.05
N ILE E 307 -33.65 42.33 -52.50
CA ILE E 307 -34.78 43.24 -52.30
C ILE E 307 -35.07 44.00 -53.58
N ARG E 308 -36.35 44.18 -53.89
CA ARG E 308 -36.72 44.98 -55.04
C ARG E 308 -36.46 46.47 -54.78
N ARG E 309 -36.60 47.27 -55.84
CA ARG E 309 -36.36 48.71 -55.77
C ARG E 309 -37.55 49.47 -55.18
N ASP E 310 -38.64 48.77 -54.93
CA ASP E 310 -39.84 49.38 -54.35
C ASP E 310 -39.81 49.40 -52.82
N ALA E 311 -38.99 48.54 -52.22
CA ALA E 311 -38.95 48.41 -50.77
C ALA E 311 -37.60 48.79 -50.17
N ASN E 312 -37.61 49.61 -49.12
CA ASN E 312 -36.40 49.97 -48.41
C ASN E 312 -35.86 48.76 -47.70
N ALA E 313 -34.59 48.46 -47.93
CA ALA E 313 -33.96 47.33 -47.27
C ALA E 313 -33.97 47.52 -45.76
N ASN E 314 -34.00 48.76 -45.29
CA ASN E 314 -33.87 49.01 -43.85
C ASN E 314 -35.16 48.74 -43.08
N VAL E 315 -36.30 49.00 -43.70
CA VAL E 315 -37.58 48.73 -43.06
C VAL E 315 -37.81 47.23 -42.96
N ILE E 316 -37.45 46.52 -44.03
CA ILE E 316 -37.52 45.07 -44.04
C ILE E 316 -36.50 44.47 -43.07
N LEU E 317 -35.35 45.13 -42.94
CA LEU E 317 -34.31 44.75 -41.99
C LEU E 317 -34.88 44.81 -40.59
N ASN E 318 -35.55 45.92 -40.26
CA ASN E 318 -36.13 46.06 -38.93
C ASN E 318 -37.24 45.03 -38.67
N ASN E 319 -38.15 44.86 -39.63
CA ASN E 319 -39.17 43.82 -39.51
C ASN E 319 -38.57 42.44 -39.26
N LEU E 320 -37.59 42.06 -40.08
CA LEU E 320 -36.88 40.80 -39.92
C LEU E 320 -36.27 40.65 -38.52
N TYR E 321 -35.62 41.71 -38.06
CA TYR E 321 -35.12 41.79 -36.68
C TYR E 321 -36.21 41.43 -35.66
N LYS E 322 -37.43 41.96 -35.87
CA LYS E 322 -38.52 41.71 -34.92
C LYS E 322 -39.13 40.29 -35.00
N GLN E 323 -39.29 39.77 -36.21
CA GLN E 323 -40.01 38.51 -36.42
C GLN E 323 -39.19 37.23 -36.25
N THR E 324 -37.92 37.31 -36.56
CA THR E 324 -37.09 36.12 -36.59
C THR E 324 -36.04 36.15 -35.50
N ALA E 325 -35.07 35.26 -35.63
CA ALA E 325 -33.97 35.15 -34.69
C ALA E 325 -32.72 35.79 -35.28
N LEU E 326 -32.93 36.89 -36.00
CA LEU E 326 -31.84 37.75 -36.39
C LEU E 326 -31.59 38.69 -35.24
N GLN E 327 -32.53 38.67 -34.31
CA GLN E 327 -32.45 39.48 -33.11
C GLN E 327 -33.12 38.78 -31.95
N THR E 328 -32.30 38.19 -31.07
CA THR E 328 -32.81 37.42 -29.95
C THR E 328 -32.45 38.01 -28.59
N SER E 329 -33.02 37.41 -27.55
CA SER E 329 -32.76 37.83 -26.19
C SER E 329 -31.99 36.76 -25.45
N PHE E 330 -31.03 37.18 -24.67
CA PHE E 330 -30.27 36.25 -23.85
C PHE E 330 -30.53 36.60 -22.41
N GLY E 331 -31.01 35.62 -21.65
CA GLY E 331 -31.27 35.78 -20.24
C GLY E 331 -30.05 35.42 -19.43
N ILE E 332 -29.24 36.42 -19.09
CA ILE E 332 -28.02 36.20 -18.31
C ILE E 332 -28.35 35.93 -16.86
N ASN E 333 -28.12 34.70 -16.42
CA ASN E 333 -28.33 34.33 -15.02
C ASN E 333 -27.02 33.86 -14.44
N LEU E 334 -26.29 34.76 -13.78
CA LEU E 334 -24.99 34.40 -13.21
C LEU E 334 -25.11 33.48 -11.97
N LEU E 335 -25.32 32.19 -12.24
CA LEU E 335 -25.55 31.19 -11.20
C LEU E 335 -24.45 30.13 -11.22
N ALA E 336 -23.69 30.05 -10.13
CA ALA E 336 -22.57 29.12 -10.07
C ALA E 336 -22.45 28.46 -8.70
N LEU E 337 -21.61 27.44 -8.62
CA LEU E 337 -21.42 26.72 -7.37
C LEU E 337 -20.31 27.32 -6.54
N VAL E 338 -20.67 28.07 -5.51
CA VAL E 338 -19.68 28.53 -4.55
C VAL E 338 -19.58 27.54 -3.42
N ASP E 339 -18.50 26.76 -3.41
CA ASP E 339 -18.28 25.74 -2.38
C ASP E 339 -19.51 24.83 -2.32
N GLY E 340 -19.86 24.25 -3.46
CA GLY E 340 -20.91 23.26 -3.52
C GLY E 340 -22.35 23.73 -3.34
N GLN E 341 -22.53 24.99 -2.97
CA GLN E 341 -23.87 25.57 -2.88
C GLN E 341 -24.09 26.59 -3.99
N PRO E 342 -25.26 26.50 -4.66
CA PRO E 342 -25.62 27.34 -5.81
C PRO E 342 -25.90 28.79 -5.39
N LYS E 343 -25.13 29.73 -5.95
CA LYS E 343 -25.23 31.15 -5.63
C LYS E 343 -25.21 32.03 -6.88
N VAL E 344 -25.99 33.10 -6.81
CA VAL E 344 -26.16 34.06 -7.89
C VAL E 344 -25.21 35.24 -7.67
N LEU E 345 -24.16 35.35 -8.48
CA LEU E 345 -23.07 36.28 -8.20
C LEU E 345 -23.05 37.50 -9.11
N THR E 346 -22.43 38.59 -8.67
CA THR E 346 -22.21 39.72 -9.58
C THR E 346 -20.95 39.49 -10.40
N LEU E 347 -20.53 40.49 -11.17
CA LEU E 347 -19.33 40.39 -12.01
C LEU E 347 -18.09 40.44 -11.13
N LYS E 348 -18.11 41.39 -10.20
CA LYS E 348 -17.04 41.52 -9.22
C LYS E 348 -16.91 40.21 -8.42
N GLN E 349 -18.02 39.63 -8.01
CA GLN E 349 -17.97 38.38 -7.25
C GLN E 349 -17.29 37.23 -8.01
N CYS E 350 -17.68 36.96 -9.25
CA CYS E 350 -17.02 35.95 -10.08
C CYS E 350 -15.54 36.21 -10.07
N LEU E 351 -15.17 37.44 -10.43
CA LEU E 351 -13.77 37.83 -10.49
C LEU E 351 -13.03 37.51 -9.19
N GLU E 352 -13.41 38.17 -8.11
CA GLU E 352 -12.72 38.02 -6.83
C GLU E 352 -12.72 36.57 -6.33
N HIS E 353 -13.73 35.78 -6.71
CA HIS E 353 -13.76 34.36 -6.36
C HIS E 353 -12.65 33.56 -7.09
N TYR E 354 -12.54 33.78 -8.40
CA TYR E 354 -11.48 33.14 -9.17
C TYR E 354 -10.08 33.57 -8.69
N LEU E 355 -9.97 34.85 -8.35
CA LEU E 355 -8.73 35.38 -7.80
C LEU E 355 -8.36 34.68 -6.49
N ASP E 356 -9.32 34.57 -5.56
CA ASP E 356 -9.08 33.85 -4.31
C ASP E 356 -8.56 32.45 -4.58
N HIS E 357 -9.25 31.73 -5.46
CA HIS E 357 -8.84 30.37 -5.82
C HIS E 357 -7.42 30.25 -6.42
N GLN E 358 -7.06 31.20 -7.28
CA GLN E 358 -5.71 31.25 -7.82
C GLN E 358 -4.67 31.50 -6.75
N LYS E 359 -5.01 32.33 -5.77
CA LYS E 359 -4.11 32.56 -4.65
C LYS E 359 -3.85 31.25 -3.94
N VAL E 360 -4.92 30.49 -3.70
CA VAL E 360 -4.75 29.18 -3.05
C VAL E 360 -3.85 28.26 -3.87
N VAL E 361 -4.14 28.16 -5.17
CA VAL E 361 -3.30 27.33 -6.03
C VAL E 361 -1.81 27.75 -6.05
N ILE E 362 -1.53 29.05 -6.10
CA ILE E 362 -0.15 29.48 -6.14
C ILE E 362 0.51 29.19 -4.81
N ARG E 363 -0.19 29.48 -3.71
CA ARG E 363 0.30 29.15 -2.37
C ARG E 363 0.75 27.69 -2.38
N ARG E 364 -0.20 26.77 -2.59
CA ARG E 364 0.09 25.35 -2.55
C ARG E 364 1.22 24.91 -3.48
N ARG E 365 1.27 25.55 -4.66
CA ARG E 365 2.32 25.19 -5.58
C ARG E 365 3.69 25.61 -5.06
N THR E 366 3.83 26.83 -4.58
CA THR E 366 5.12 27.26 -4.06
C THR E 366 5.50 26.48 -2.81
N ALA E 367 4.50 25.89 -2.16
CA ALA E 367 4.77 24.96 -1.06
C ALA E 367 5.43 23.68 -1.57
N TYR E 368 4.86 23.14 -2.63
CA TYR E 368 5.39 21.94 -3.27
C TYR E 368 6.79 22.20 -3.82
N GLU E 369 6.98 23.36 -4.43
CA GLU E 369 8.27 23.75 -4.96
C GLU E 369 9.28 23.87 -3.83
N LEU E 370 8.85 24.43 -2.70
CA LEU E 370 9.70 24.50 -1.52
C LEU E 370 10.21 23.11 -1.16
N ARG E 371 9.28 22.17 -0.98
CA ARG E 371 9.65 20.79 -0.66
C ARG E 371 10.67 20.22 -1.64
N LYS E 372 10.41 20.39 -2.94
CA LYS E 372 11.26 19.81 -3.97
C LYS E 372 12.69 20.38 -3.92
N ALA E 373 12.75 21.69 -3.74
CA ALA E 373 14.01 22.38 -3.64
C ALA E 373 14.77 21.82 -2.44
N GLU E 374 14.18 21.89 -1.25
CA GLU E 374 14.81 21.32 -0.07
C GLU E 374 15.39 19.93 -0.30
N ALA E 375 14.60 19.01 -0.85
CA ALA E 375 15.12 17.69 -1.25
C ALA E 375 16.41 17.78 -2.07
N ARG E 376 16.35 18.55 -3.16
CA ARG E 376 17.55 18.77 -3.99
C ARG E 376 18.77 19.41 -3.23
N ALA E 377 18.46 20.21 -2.21
CA ALA E 377 19.50 20.86 -1.41
C ALA E 377 20.19 19.80 -0.58
N HIS E 378 19.38 19.03 0.13
CA HIS E 378 19.83 17.84 0.83
C HIS E 378 20.78 16.99 -0.01
N ILE E 379 20.28 16.44 -1.11
CA ILE E 379 21.12 15.60 -1.97
C ILE E 379 22.41 16.32 -2.38
N LEU E 380 22.34 17.63 -2.56
CA LEU E 380 23.55 18.36 -2.90
C LEU E 380 24.55 18.43 -1.75
N GLU E 381 24.08 18.65 -0.53
CA GLU E 381 24.94 18.67 0.65
C GLU E 381 25.65 17.33 0.74
N GLY E 382 24.87 16.27 0.50
CA GLY E 382 25.43 14.94 0.38
C GLY E 382 26.59 14.89 -0.62
N LEU E 383 26.33 15.25 -1.87
CA LEU E 383 27.37 15.21 -2.88
C LEU E 383 28.56 16.11 -2.53
N ARG E 384 28.30 17.11 -1.69
CA ARG E 384 29.33 18.08 -1.34
C ARG E 384 30.27 17.56 -0.27
N VAL E 385 29.72 17.09 0.84
CA VAL E 385 30.55 16.45 1.85
C VAL E 385 31.28 15.27 1.18
N ALA E 386 30.63 14.67 0.20
CA ALA E 386 31.25 13.60 -0.57
C ALA E 386 32.48 14.08 -1.31
N LEU E 387 32.37 15.20 -2.03
CA LEU E 387 33.51 15.74 -2.77
C LEU E 387 34.64 16.21 -1.87
N ASP E 388 34.27 16.82 -0.75
CA ASP E 388 35.21 17.26 0.26
C ASP E 388 36.04 16.10 0.83
N HIS E 389 35.43 14.94 1.02
CA HIS E 389 36.16 13.83 1.58
C HIS E 389 36.44 12.73 0.57
N LEU E 390 36.56 13.12 -0.69
CA LEU E 390 36.59 12.18 -1.81
C LEU E 390 37.43 10.91 -1.63
N ASP E 391 38.63 11.04 -1.05
CA ASP E 391 39.58 9.93 -0.98
C ASP E 391 39.08 8.86 -0.05
N ALA E 392 38.61 9.31 1.10
CA ALA E 392 38.01 8.45 2.10
C ALA E 392 36.88 7.66 1.49
N VAL E 393 36.12 8.33 0.62
CA VAL E 393 34.88 7.73 0.16
C VAL E 393 35.15 6.77 -0.97
N ILE E 394 36.19 7.05 -1.72
CA ILE E 394 36.59 6.12 -2.75
C ILE E 394 37.10 4.85 -2.09
N SER E 395 38.04 5.01 -1.17
CA SER E 395 38.60 3.86 -0.47
C SER E 395 37.52 3.06 0.26
N LEU E 396 36.63 3.77 0.97
CA LEU E 396 35.46 3.17 1.62
C LEU E 396 34.60 2.37 0.66
N ILE E 397 34.30 2.95 -0.50
CA ILE E 397 33.46 2.28 -1.48
C ILE E 397 34.14 1.03 -2.00
N ARG E 398 35.39 1.16 -2.42
CA ARG E 398 36.10 0.01 -2.97
C ARG E 398 36.37 -1.09 -1.94
N ASN E 399 36.51 -0.72 -0.66
CA ASN E 399 36.73 -1.72 0.39
C ASN E 399 35.44 -2.32 0.90
N SER E 400 34.35 -2.01 0.23
CA SER E 400 33.07 -2.62 0.52
C SER E 400 32.78 -3.66 -0.56
N GLN E 401 32.25 -4.81 -0.15
CA GLN E 401 31.88 -5.84 -1.13
C GLN E 401 30.57 -5.54 -1.84
N THR E 402 29.52 -5.32 -1.08
CA THR E 402 28.22 -5.00 -1.65
C THR E 402 28.07 -3.49 -1.66
N ALA E 403 27.15 -3.00 -2.48
CA ALA E 403 26.79 -1.60 -2.42
C ALA E 403 25.97 -1.31 -1.17
N GLU E 404 25.39 -2.35 -0.56
CA GLU E 404 24.60 -2.22 0.67
C GLU E 404 25.53 -1.86 1.81
N ILE E 405 26.57 -2.67 1.91
CA ILE E 405 27.67 -2.44 2.83
C ILE E 405 28.24 -1.04 2.59
N ALA E 406 28.41 -0.67 1.33
CA ALA E 406 28.97 0.63 0.95
C ALA E 406 28.13 1.80 1.47
N ARG E 407 26.82 1.67 1.28
CA ARG E 407 25.86 2.66 1.70
C ARG E 407 25.92 2.87 3.19
N THR E 408 25.68 1.79 3.96
CA THR E 408 25.69 1.93 5.43
C THR E 408 27.05 2.43 5.92
N GLY E 409 28.08 2.12 5.13
CA GLY E 409 29.41 2.67 5.32
C GLY E 409 29.44 4.19 5.29
N LEU E 410 29.04 4.78 4.17
CA LEU E 410 28.92 6.24 4.06
C LEU E 410 28.05 6.87 5.14
N ILE E 411 26.91 6.24 5.40
CA ILE E 411 25.97 6.75 6.39
C ILE E 411 26.63 6.88 7.75
N GLU E 412 27.20 5.78 8.24
CA GLU E 412 27.85 5.78 9.57
C GLU E 412 29.13 6.62 9.64
N GLN E 413 29.98 6.53 8.62
CA GLN E 413 31.26 7.23 8.64
C GLN E 413 31.18 8.74 8.44
N PHE E 414 30.15 9.24 7.74
CA PHE E 414 30.10 10.66 7.36
C PHE E 414 28.85 11.43 7.80
N SER E 415 27.99 10.78 8.56
CA SER E 415 26.74 11.38 9.01
C SER E 415 25.83 11.70 7.82
N LEU E 416 25.37 10.67 7.12
CA LEU E 416 24.57 10.82 5.89
C LEU E 416 23.22 10.05 5.89
N THR E 417 22.39 10.31 4.89
CA THR E 417 21.10 9.64 4.76
C THR E 417 21.25 8.55 3.71
N GLU E 418 20.34 7.57 3.73
CA GLU E 418 20.29 6.56 2.68
C GLU E 418 20.11 7.28 1.35
N LYS E 419 19.31 8.36 1.39
CA LYS E 419 19.12 9.28 0.26
C LYS E 419 20.47 9.75 -0.25
N GLN E 420 21.20 10.44 0.61
CA GLN E 420 22.49 11.00 0.26
C GLN E 420 23.50 9.93 -0.19
N ALA E 421 23.65 8.87 0.59
CA ALA E 421 24.58 7.81 0.26
C ALA E 421 24.33 7.27 -1.14
N GLN E 422 23.06 6.93 -1.41
CA GLN E 422 22.67 6.39 -2.69
C GLN E 422 22.92 7.39 -3.80
N ALA E 423 22.75 8.66 -3.49
CA ALA E 423 23.05 9.72 -4.44
C ALA E 423 24.53 9.70 -4.81
N ILE E 424 25.39 9.56 -3.82
CA ILE E 424 26.83 9.53 -4.07
C ILE E 424 27.20 8.29 -4.85
N LEU E 425 26.58 7.17 -4.53
CA LEU E 425 26.89 5.94 -5.21
C LEU E 425 26.53 6.00 -6.69
N ASP E 426 25.59 6.89 -7.02
CA ASP E 426 25.05 6.96 -8.38
C ASP E 426 25.86 7.91 -9.25
N MET E 427 26.52 8.84 -8.57
CA MET E 427 27.41 9.82 -9.20
C MET E 427 28.39 9.19 -10.19
N ARG E 428 28.38 9.68 -11.43
CA ARG E 428 29.36 9.20 -12.40
C ARG E 428 30.71 9.82 -12.12
N LEU E 429 31.77 9.26 -12.70
CA LEU E 429 33.13 9.72 -12.47
C LEU E 429 33.39 11.15 -12.93
N GLN E 430 32.81 11.53 -14.07
CA GLN E 430 33.12 12.84 -14.62
C GLN E 430 32.52 13.99 -13.81
N ARG E 431 31.57 13.68 -12.94
CA ARG E 431 31.07 14.69 -12.01
C ARG E 431 32.17 15.13 -11.04
N LEU E 432 33.33 14.47 -11.10
CA LEU E 432 34.46 14.77 -10.20
C LEU E 432 35.42 15.83 -10.75
N THR E 433 35.24 16.21 -12.03
CA THR E 433 36.06 17.26 -12.64
C THR E 433 35.88 18.57 -11.90
N GLY E 434 36.83 19.48 -12.06
CA GLY E 434 36.76 20.80 -11.45
C GLY E 434 35.47 21.51 -11.83
N LEU E 435 35.24 21.64 -13.14
CA LEU E 435 34.07 22.35 -13.64
C LEU E 435 32.80 21.83 -13.01
N GLU E 436 32.69 20.51 -12.92
CA GLU E 436 31.51 19.89 -12.34
C GLU E 436 31.37 20.13 -10.83
N ARG E 437 32.49 20.20 -10.12
CA ARG E 437 32.43 20.50 -8.69
C ARG E 437 31.95 21.93 -8.46
N GLU E 438 32.40 22.82 -9.33
CA GLU E 438 31.95 24.20 -9.27
C GLU E 438 30.48 24.31 -9.63
N LYS E 439 30.04 23.49 -10.58
CA LYS E 439 28.62 23.45 -10.95
C LYS E 439 27.78 22.97 -9.77
N ILE E 440 28.27 21.97 -9.05
CA ILE E 440 27.58 21.50 -7.84
C ILE E 440 27.46 22.62 -6.83
N GLU E 441 28.57 23.29 -6.54
CA GLU E 441 28.54 24.39 -5.60
C GLU E 441 27.56 25.48 -6.00
N GLU E 442 27.51 25.73 -7.31
CA GLU E 442 26.68 26.78 -7.86
C GLU E 442 25.19 26.43 -7.76
N GLU E 443 24.85 25.21 -8.16
CA GLU E 443 23.47 24.73 -8.05
C GLU E 443 23.04 24.79 -6.60
N TYR E 444 23.93 24.40 -5.70
CA TYR E 444 23.61 24.44 -4.29
C TYR E 444 23.27 25.85 -3.82
N GLN E 445 24.26 26.75 -3.88
CA GLN E 445 24.12 28.14 -3.41
C GLN E 445 22.85 28.77 -3.99
N SER E 446 22.70 28.58 -5.29
CA SER E 446 21.45 28.83 -6.00
C SER E 446 20.21 28.36 -5.20
N LEU E 447 20.02 27.05 -5.09
CA LEU E 447 18.90 26.47 -4.33
C LEU E 447 18.69 27.03 -2.94
N VAL E 448 19.76 27.44 -2.27
CA VAL E 448 19.64 27.99 -0.93
C VAL E 448 18.95 29.34 -0.97
N LYS E 449 19.43 30.19 -1.88
CA LYS E 449 18.76 31.46 -2.15
C LYS E 449 17.30 31.21 -2.53
N LEU E 450 17.07 30.17 -3.34
CA LEU E 450 15.71 29.79 -3.75
C LEU E 450 14.82 29.42 -2.57
N ILE E 451 15.26 28.47 -1.74
CA ILE E 451 14.43 28.03 -0.62
C ILE E 451 14.09 29.22 0.27
N ALA E 452 15.05 30.11 0.48
CA ALA E 452 14.75 31.30 1.27
C ALA E 452 13.63 32.10 0.57
N GLU E 453 13.77 32.28 -0.75
CA GLU E 453 12.80 33.07 -1.52
C GLU E 453 11.38 32.48 -1.54
N LEU E 454 11.30 31.18 -1.77
CA LEU E 454 10.07 30.43 -1.65
C LEU E 454 9.40 30.61 -0.30
N LYS E 455 10.18 30.51 0.78
CA LYS E 455 9.61 30.75 2.10
C LYS E 455 9.02 32.15 2.15
N ASP E 456 9.76 33.09 1.58
CA ASP E 456 9.33 34.48 1.62
C ASP E 456 8.04 34.73 0.85
N ILE E 457 7.82 34.01 -0.23
CA ILE E 457 6.55 34.09 -0.99
C ILE E 457 5.35 33.60 -0.17
N LEU E 458 5.53 32.46 0.49
CA LEU E 458 4.51 31.86 1.34
C LEU E 458 4.19 32.80 2.49
N ALA E 459 5.19 33.57 2.89
CA ALA E 459 5.08 34.50 4.01
C ALA E 459 4.24 35.74 3.71
N ASN E 460 4.43 36.33 2.55
CA ASN E 460 3.75 37.56 2.18
C ASN E 460 2.77 37.34 1.04
N GLU E 461 1.61 37.97 1.11
CA GLU E 461 0.59 37.69 0.12
C GLU E 461 0.79 38.53 -1.16
N TYR E 462 1.49 39.66 -1.02
CA TYR E 462 1.74 40.51 -2.18
C TYR E 462 2.59 39.81 -3.22
N LYS E 463 3.44 38.89 -2.76
CA LYS E 463 4.32 38.14 -3.65
C LYS E 463 3.53 37.09 -4.42
N VAL E 464 2.51 36.53 -3.79
CA VAL E 464 1.60 35.58 -4.43
C VAL E 464 0.75 36.29 -5.47
N LEU E 465 0.33 37.51 -5.12
CA LEU E 465 -0.33 38.40 -6.08
C LEU E 465 0.55 38.64 -7.31
N GLU E 466 1.80 39.02 -7.06
CA GLU E 466 2.79 39.23 -8.13
C GLU E 466 2.97 38.03 -9.04
N ILE E 467 3.11 36.84 -8.47
CA ILE E 467 3.18 35.64 -9.29
C ILE E 467 1.92 35.50 -10.14
N ILE E 468 0.78 35.76 -9.51
CA ILE E 468 -0.49 35.58 -10.21
C ILE E 468 -0.55 36.49 -11.41
N ARG E 469 -0.13 37.74 -11.23
CA ARG E 469 -0.08 38.73 -12.30
C ARG E 469 0.83 38.27 -13.42
N GLU E 470 2.10 38.08 -13.09
CA GLU E 470 3.08 37.62 -14.07
C GLU E 470 2.56 36.47 -14.94
N GLU E 471 2.05 35.43 -14.30
CA GLU E 471 1.64 34.25 -15.06
C GLU E 471 0.32 34.44 -15.83
N LEU E 472 -0.58 35.23 -15.27
CA LEU E 472 -1.82 35.61 -15.96
C LEU E 472 -1.53 36.43 -17.23
N THR E 473 -0.57 37.33 -17.12
CA THR E 473 -0.15 38.17 -18.23
C THR E 473 0.57 37.36 -19.31
N GLU E 474 1.35 36.35 -18.92
CA GLU E 474 1.91 35.48 -19.96
C GLU E 474 0.80 34.74 -20.68
N ILE E 475 -0.16 34.21 -19.93
CA ILE E 475 -1.28 33.50 -20.57
C ILE E 475 -2.03 34.40 -21.56
N LYS E 476 -2.22 35.67 -21.19
CA LYS E 476 -2.79 36.63 -22.15
C LYS E 476 -1.92 36.82 -23.39
N GLU E 477 -0.64 37.12 -23.20
CA GLU E 477 0.27 37.35 -24.32
C GLU E 477 0.32 36.19 -25.29
N ARG E 478 0.29 34.96 -24.79
CA ARG E 478 0.33 33.79 -25.67
C ARG E 478 -1.03 33.48 -26.33
N PHE E 479 -2.14 33.65 -25.60
CA PHE E 479 -3.45 33.18 -26.08
C PHE E 479 -4.47 34.21 -26.57
N ASN E 480 -4.12 35.49 -26.51
CA ASN E 480 -5.09 36.53 -26.81
C ASN E 480 -5.46 36.63 -28.28
N ASP E 481 -6.74 36.91 -28.53
CA ASP E 481 -7.20 37.23 -29.88
C ASP E 481 -7.99 38.55 -29.81
N GLU E 482 -8.62 38.91 -30.92
CA GLU E 482 -9.41 40.14 -30.96
C GLU E 482 -10.88 39.86 -30.66
N ARG E 483 -11.55 40.87 -30.11
CA ARG E 483 -12.97 40.76 -29.80
C ARG E 483 -13.84 40.55 -31.05
N ARG E 484 -14.63 39.48 -31.05
CA ARG E 484 -15.43 39.07 -32.21
C ARG E 484 -16.82 39.68 -32.24
N THR E 485 -17.46 39.84 -31.07
CA THR E 485 -18.75 40.54 -31.05
C THR E 485 -18.57 41.99 -30.64
N GLU E 486 -19.03 42.90 -31.50
CA GLU E 486 -18.97 44.34 -31.23
C GLU E 486 -20.18 44.83 -30.41
N ILE E 487 -19.90 45.60 -29.35
CA ILE E 487 -20.94 46.17 -28.52
C ILE E 487 -21.36 47.53 -29.06
N VAL E 488 -22.56 47.59 -29.62
CA VAL E 488 -23.12 48.82 -30.14
C VAL E 488 -23.72 49.60 -28.98
N THR E 489 -23.66 50.92 -29.04
CA THR E 489 -24.62 51.75 -28.31
C THR E 489 -25.20 52.81 -29.23
N ALA F 34 7.94 -12.95 -62.06
CA ALA F 34 9.34 -13.03 -61.64
C ALA F 34 9.69 -14.36 -60.92
N LEU F 35 10.80 -14.97 -61.32
CA LEU F 35 11.25 -16.26 -60.80
C LEU F 35 11.70 -16.17 -59.36
N PRO F 36 11.73 -17.32 -58.66
CA PRO F 36 12.23 -17.37 -57.27
C PRO F 36 13.76 -17.48 -57.17
N ASP F 37 14.31 -17.16 -55.99
CA ASP F 37 15.76 -17.28 -55.75
C ASP F 37 16.09 -18.63 -55.11
N VAL F 38 17.10 -19.30 -55.64
CA VAL F 38 17.48 -20.65 -55.22
C VAL F 38 17.75 -20.74 -53.71
N ARG F 39 18.14 -19.60 -53.15
CA ARG F 39 18.44 -19.52 -51.73
C ARG F 39 17.17 -19.61 -50.90
N ASP F 40 16.43 -18.50 -50.78
CA ASP F 40 15.27 -18.45 -49.88
C ASP F 40 13.96 -18.99 -50.48
N GLY F 41 13.94 -19.13 -51.81
CA GLY F 41 12.80 -19.71 -52.49
C GLY F 41 11.59 -18.80 -52.56
N LEU F 42 11.85 -17.51 -52.48
CA LEU F 42 10.79 -16.52 -52.56
C LEU F 42 10.88 -15.74 -53.86
N LYS F 43 9.72 -15.49 -54.45
CA LYS F 43 9.58 -14.51 -55.50
C LYS F 43 9.63 -13.19 -54.74
N PRO F 44 10.08 -12.11 -55.41
CA PRO F 44 10.17 -10.77 -54.82
C PRO F 44 8.98 -10.34 -53.95
N VAL F 45 7.77 -10.55 -54.45
CA VAL F 45 6.53 -10.19 -53.74
C VAL F 45 6.43 -10.81 -52.34
N HIS F 46 6.62 -12.12 -52.27
CA HIS F 46 6.59 -12.88 -51.01
C HIS F 46 7.67 -12.40 -50.04
N ARG F 47 8.89 -12.27 -50.54
CA ARG F 47 10.02 -11.74 -49.77
C ARG F 47 9.66 -10.40 -49.12
N ARG F 48 9.07 -9.49 -49.91
CA ARG F 48 8.66 -8.17 -49.40
C ARG F 48 7.53 -8.21 -48.36
N ILE F 49 6.54 -9.06 -48.61
CA ILE F 49 5.44 -9.25 -47.64
C ILE F 49 6.01 -9.69 -46.30
N LEU F 50 6.86 -10.72 -46.30
CA LEU F 50 7.45 -11.22 -45.06
C LEU F 50 8.35 -10.20 -44.39
N TYR F 51 9.18 -9.50 -45.15
CA TYR F 51 10.02 -8.47 -44.53
C TYR F 51 9.17 -7.42 -43.86
N ALA F 52 8.14 -6.93 -44.55
CA ALA F 52 7.29 -5.86 -44.00
C ALA F 52 6.60 -6.32 -42.74
N MET F 53 6.08 -7.54 -42.80
CA MET F 53 5.42 -8.21 -41.66
C MET F 53 6.35 -8.31 -40.42
N ASN F 54 7.51 -8.91 -40.62
CA ASN F 54 8.51 -9.10 -39.58
C ASN F 54 9.01 -7.77 -39.03
N ASP F 55 8.91 -6.73 -39.84
CA ASP F 55 9.36 -5.39 -39.48
C ASP F 55 8.24 -4.62 -38.81
N LEU F 56 7.04 -5.19 -38.86
CA LEU F 56 5.91 -4.58 -38.17
C LEU F 56 5.67 -5.21 -36.80
N GLY F 57 5.99 -6.49 -36.67
CA GLY F 57 5.77 -7.22 -35.42
C GLY F 57 4.62 -8.20 -35.50
N MET F 58 4.34 -8.63 -36.71
CA MET F 58 3.28 -9.57 -36.94
C MET F 58 3.85 -10.98 -36.92
N THR F 59 4.50 -11.29 -35.80
CA THR F 59 5.21 -12.54 -35.64
C THR F 59 4.32 -13.58 -35.00
N SER F 60 4.63 -14.85 -35.29
CA SER F 60 3.81 -16.02 -34.93
C SER F 60 3.30 -16.07 -33.49
N ASP F 61 3.91 -15.28 -32.62
CA ASP F 61 3.54 -15.20 -31.20
C ASP F 61 2.59 -14.05 -30.94
N LYS F 62 2.93 -12.89 -31.48
CA LYS F 62 2.15 -11.69 -31.26
C LYS F 62 0.79 -11.78 -31.99
N PRO F 63 -0.23 -11.07 -31.47
CA PRO F 63 -1.60 -11.00 -31.98
C PRO F 63 -1.72 -10.75 -33.47
N TYR F 64 -2.63 -11.45 -34.16
CA TYR F 64 -2.97 -11.22 -35.57
C TYR F 64 -3.26 -9.75 -35.81
N LYS F 65 -2.76 -9.22 -36.92
CA LYS F 65 -3.05 -7.84 -37.27
C LYS F 65 -3.89 -7.78 -38.53
N LYS F 66 -4.45 -6.61 -38.81
CA LYS F 66 -5.42 -6.49 -39.90
C LYS F 66 -4.72 -6.61 -41.26
N SER F 67 -5.31 -7.35 -42.19
CA SER F 67 -4.71 -7.58 -43.51
C SER F 67 -4.62 -6.28 -44.28
N ALA F 68 -5.64 -5.44 -44.06
CA ALA F 68 -5.60 -4.05 -44.44
C ALA F 68 -4.17 -3.55 -44.24
N ARG F 69 -3.73 -3.62 -42.99
CA ARG F 69 -2.47 -3.01 -42.56
C ARG F 69 -1.22 -3.49 -43.27
N ILE F 70 -0.95 -4.78 -43.18
CA ILE F 70 0.24 -5.33 -43.82
C ILE F 70 0.22 -5.02 -45.32
N VAL F 71 -0.93 -5.24 -45.99
CA VAL F 71 -0.96 -4.93 -47.43
C VAL F 71 -0.61 -3.46 -47.70
N GLY F 72 -1.22 -2.56 -46.91
CA GLY F 72 -0.95 -1.12 -47.00
C GLY F 72 0.53 -0.78 -46.89
N GLU F 73 1.20 -1.43 -45.92
CA GLU F 73 2.64 -1.28 -45.74
C GLU F 73 3.47 -1.79 -46.92
N VAL F 74 3.19 -3.01 -47.38
CA VAL F 74 3.94 -3.54 -48.52
C VAL F 74 3.79 -2.62 -49.72
N ILE F 75 2.58 -2.11 -49.94
CA ILE F 75 2.32 -1.22 -51.07
C ILE F 75 3.09 0.09 -50.96
N GLY F 76 3.07 0.70 -49.77
CA GLY F 76 3.74 1.96 -49.56
C GLY F 76 5.26 1.90 -49.71
N LYS F 77 5.88 0.92 -49.06
CA LYS F 77 7.33 0.93 -48.97
C LYS F 77 8.13 0.04 -49.93
N TYR F 78 7.57 -1.08 -50.40
CA TYR F 78 8.40 -2.04 -51.14
C TYR F 78 7.92 -2.49 -52.54
N HIS F 79 6.61 -2.53 -52.75
CA HIS F 79 5.99 -3.22 -53.91
C HIS F 79 4.69 -2.53 -54.34
N PRO F 80 4.80 -1.43 -55.10
CA PRO F 80 3.63 -0.62 -55.46
C PRO F 80 2.98 -1.13 -56.75
N HIS F 81 2.42 -2.33 -56.70
CA HIS F 81 1.75 -2.90 -57.84
C HIS F 81 0.27 -3.15 -57.60
N GLY F 82 -0.33 -2.38 -56.71
CA GLY F 82 -1.75 -2.53 -56.45
C GLY F 82 -2.07 -3.60 -55.44
N ASP F 83 -3.04 -3.28 -54.58
CA ASP F 83 -3.37 -4.07 -53.39
C ASP F 83 -3.80 -5.48 -53.67
N SER F 84 -4.72 -5.65 -54.63
CA SER F 84 -5.25 -6.98 -54.96
C SER F 84 -4.15 -7.98 -55.26
N ALA F 85 -3.15 -7.60 -56.07
CA ALA F 85 -2.04 -8.49 -56.38
C ALA F 85 -1.35 -8.96 -55.10
N VAL F 86 -0.90 -7.98 -54.33
CA VAL F 86 -0.23 -8.24 -53.07
C VAL F 86 -1.06 -9.12 -52.13
N TYR F 87 -2.33 -8.77 -51.95
CA TYR F 87 -3.22 -9.51 -51.07
C TYR F 87 -3.35 -10.96 -51.52
N GLU F 88 -3.50 -11.18 -52.81
CA GLU F 88 -3.68 -12.54 -53.27
C GLU F 88 -2.41 -13.34 -53.08
N SER F 89 -1.27 -12.67 -53.26
CA SER F 89 0.03 -13.31 -53.00
C SER F 89 0.21 -13.71 -51.52
N MET F 90 -0.27 -12.86 -50.62
CA MET F 90 -0.28 -13.17 -49.18
C MET F 90 -1.24 -14.33 -48.88
N VAL F 91 -2.38 -14.34 -49.56
CA VAL F 91 -3.41 -15.34 -49.32
C VAL F 91 -2.91 -16.72 -49.73
N ARG F 92 -2.16 -16.78 -50.82
CA ARG F 92 -1.58 -18.06 -51.24
C ARG F 92 -0.65 -18.69 -50.20
N MET F 93 0.18 -17.87 -49.57
CA MET F 93 1.08 -18.37 -48.54
C MET F 93 0.34 -18.79 -47.26
N ALA F 94 -0.98 -18.68 -47.26
CA ALA F 94 -1.79 -19.02 -46.09
C ALA F 94 -2.68 -20.25 -46.33
N GLN F 95 -2.55 -20.85 -47.50
CA GLN F 95 -3.44 -21.96 -47.84
C GLN F 95 -2.85 -23.34 -47.57
N ASP F 96 -3.59 -24.10 -46.77
CA ASP F 96 -3.17 -25.43 -46.36
C ASP F 96 -3.24 -26.46 -47.49
N PHE F 97 -3.69 -26.01 -48.66
CA PHE F 97 -3.86 -26.87 -49.84
C PHE F 97 -3.03 -26.36 -51.01
N ASN F 98 -2.46 -25.18 -50.87
CA ASN F 98 -1.46 -24.70 -51.80
C ASN F 98 -0.02 -24.84 -51.28
N TYR F 99 0.22 -24.46 -50.03
CA TYR F 99 1.54 -24.67 -49.42
C TYR F 99 1.64 -25.95 -48.59
N ARG F 100 2.79 -26.61 -48.64
CA ARG F 100 3.04 -27.78 -47.83
C ARG F 100 3.37 -27.33 -46.42
N TYR F 101 4.06 -26.20 -46.32
CA TYR F 101 4.30 -25.56 -45.04
C TYR F 101 3.99 -24.08 -45.15
N MET F 102 2.72 -23.76 -44.90
CA MET F 102 2.22 -22.39 -44.93
C MET F 102 3.16 -21.40 -44.29
N LEU F 103 3.39 -20.29 -44.98
CA LEU F 103 4.26 -19.25 -44.50
C LEU F 103 3.46 -18.16 -43.84
N VAL F 104 2.13 -18.21 -43.99
CA VAL F 104 1.25 -17.22 -43.34
C VAL F 104 0.11 -17.80 -42.49
N ASP F 105 0.09 -17.38 -41.23
CA ASP F 105 -0.98 -17.69 -40.30
C ASP F 105 -2.18 -16.83 -40.64
N GLY F 106 -3.21 -17.46 -41.23
CA GLY F 106 -4.39 -16.75 -41.68
C GLY F 106 -5.57 -16.91 -40.75
N HIS F 107 -6.24 -15.80 -40.45
CA HIS F 107 -7.45 -15.86 -39.63
C HIS F 107 -8.63 -15.24 -40.36
N GLY F 108 -9.74 -15.95 -40.36
CA GLY F 108 -10.91 -15.54 -41.13
C GLY F 108 -10.97 -16.37 -42.39
N ASN F 109 -11.63 -15.88 -43.42
CA ASN F 109 -11.76 -16.73 -44.60
C ASN F 109 -10.72 -16.58 -45.69
N PHE F 110 -9.78 -17.52 -45.76
CA PHE F 110 -8.79 -17.51 -46.83
C PHE F 110 -9.07 -18.51 -47.93
N GLY F 111 -10.35 -18.77 -48.17
CA GLY F 111 -10.76 -19.60 -49.29
C GLY F 111 -10.65 -21.10 -49.04
N SER F 112 -11.03 -21.89 -50.04
CA SER F 112 -11.02 -23.34 -49.89
C SER F 112 -10.57 -24.10 -51.12
N VAL F 113 -10.18 -25.35 -50.87
CA VAL F 113 -9.78 -26.28 -51.90
C VAL F 113 -10.77 -26.29 -53.06
N ASP F 114 -12.05 -26.26 -52.72
CA ASP F 114 -13.11 -26.38 -53.73
C ASP F 114 -13.17 -25.22 -54.73
N GLY F 115 -12.33 -24.20 -54.51
CA GLY F 115 -12.17 -23.14 -55.49
C GLY F 115 -12.60 -21.74 -55.10
N ASP F 116 -13.24 -21.57 -53.95
CA ASP F 116 -13.76 -20.26 -53.57
C ASP F 116 -12.66 -19.31 -53.10
N SER F 117 -12.86 -18.02 -53.35
CA SER F 117 -11.82 -17.01 -53.15
C SER F 117 -11.85 -16.46 -51.74
N ALA F 118 -10.74 -15.84 -51.32
CA ALA F 118 -10.64 -15.34 -49.95
C ALA F 118 -11.43 -14.05 -49.82
N ALA F 119 -11.98 -13.80 -48.63
CA ALA F 119 -12.75 -12.58 -48.40
C ALA F 119 -11.84 -11.35 -48.46
N ALA F 120 -12.43 -10.17 -48.68
CA ALA F 120 -11.67 -8.94 -48.89
C ALA F 120 -10.78 -8.63 -47.71
N MET F 121 -9.62 -8.03 -47.98
CA MET F 121 -8.61 -7.79 -46.96
C MET F 121 -9.10 -6.98 -45.73
N ARG F 122 -10.33 -6.48 -45.83
CA ARG F 122 -10.90 -5.76 -44.72
C ARG F 122 -11.62 -6.69 -43.77
N TYR F 123 -11.71 -7.98 -44.12
CA TYR F 123 -12.39 -8.94 -43.25
C TYR F 123 -11.48 -10.07 -42.81
N THR F 124 -10.17 -9.92 -42.99
CA THR F 124 -9.27 -10.96 -42.57
C THR F 124 -8.17 -10.33 -41.80
N GLU F 125 -7.47 -11.16 -41.04
CA GLU F 125 -6.35 -10.75 -40.26
C GLU F 125 -5.26 -11.78 -40.49
N ALA F 126 -4.01 -11.42 -40.26
CA ALA F 126 -2.90 -12.31 -40.59
C ALA F 126 -1.66 -12.07 -39.75
N ARG F 127 -0.80 -13.07 -39.68
CA ARG F 127 0.54 -12.92 -39.12
C ARG F 127 1.51 -13.95 -39.72
N MET F 128 2.79 -13.87 -39.36
CA MET F 128 3.77 -14.86 -39.84
C MET F 128 3.47 -16.21 -39.21
N SER F 129 3.70 -17.31 -39.93
CA SER F 129 3.54 -18.64 -39.32
C SER F 129 4.76 -18.96 -38.49
N LYS F 130 4.64 -19.97 -37.62
CA LYS F 130 5.75 -20.30 -36.73
C LYS F 130 6.99 -20.66 -37.53
N ILE F 131 6.77 -21.23 -38.71
CA ILE F 131 7.86 -21.73 -39.52
C ILE F 131 8.54 -20.62 -40.36
N SER F 132 7.81 -19.58 -40.75
CA SER F 132 8.42 -18.47 -41.50
C SER F 132 9.36 -17.64 -40.61
N MET F 133 9.12 -17.74 -39.31
CA MET F 133 9.99 -17.12 -38.34
C MET F 133 11.40 -17.62 -38.56
N GLU F 134 11.53 -18.90 -38.95
CA GLU F 134 12.84 -19.48 -39.22
C GLU F 134 13.40 -19.04 -40.57
N ILE F 135 12.55 -18.47 -41.43
CA ILE F 135 13.02 -17.84 -42.68
C ILE F 135 13.64 -16.50 -42.35
N LEU F 136 13.13 -15.86 -41.31
CA LEU F 136 13.74 -14.61 -40.89
C LEU F 136 14.75 -14.68 -39.75
N ARG F 137 14.96 -15.87 -39.19
CA ARG F 137 15.93 -16.07 -38.11
C ARG F 137 17.23 -15.36 -38.52
N ASP F 138 17.84 -14.65 -37.59
CA ASP F 138 19.15 -14.03 -37.81
C ASP F 138 19.22 -12.87 -38.84
N ILE F 139 18.09 -12.25 -39.20
CA ILE F 139 18.13 -11.18 -40.20
C ILE F 139 18.85 -9.94 -39.66
N THR F 140 18.83 -9.87 -38.33
CA THR F 140 19.27 -8.73 -37.55
C THR F 140 20.77 -8.81 -37.27
N LYS F 141 21.38 -9.86 -37.80
CA LYS F 141 22.75 -10.19 -37.48
C LYS F 141 23.65 -10.08 -38.70
N ASP F 142 23.44 -9.03 -39.50
CA ASP F 142 24.24 -8.77 -40.70
C ASP F 142 24.40 -9.98 -41.65
N THR F 143 23.45 -10.88 -41.62
CA THR F 143 23.53 -12.09 -42.43
C THR F 143 23.23 -11.92 -43.93
N ILE F 144 22.54 -10.84 -44.31
CA ILE F 144 22.13 -10.68 -45.70
C ILE F 144 22.35 -9.26 -46.19
N ASP F 145 22.29 -9.07 -47.50
CA ASP F 145 22.51 -7.74 -48.11
C ASP F 145 21.21 -6.99 -48.30
N TYR F 146 21.15 -5.77 -47.79
CA TYR F 146 20.03 -4.90 -48.09
C TYR F 146 20.31 -4.17 -49.39
N GLN F 147 19.27 -3.56 -49.97
CA GLN F 147 19.37 -2.69 -51.13
C GLN F 147 18.26 -1.65 -51.03
N ASP F 148 18.24 -0.72 -51.98
CA ASP F 148 17.21 0.31 -52.02
C ASP F 148 15.89 -0.18 -52.61
N ASN F 149 14.79 0.22 -51.99
CA ASN F 149 13.45 -0.01 -52.53
C ASN F 149 13.20 0.78 -53.82
N TYR F 150 11.94 0.89 -54.22
CA TYR F 150 11.61 1.48 -55.51
C TYR F 150 11.90 2.99 -55.66
N ASP F 151 11.59 3.77 -54.64
CA ASP F 151 11.75 5.23 -54.72
C ASP F 151 12.97 5.73 -53.96
N GLY F 152 13.61 4.84 -53.21
CA GLY F 152 14.81 5.18 -52.46
C GLY F 152 14.54 5.86 -51.13
N SER F 153 13.34 5.70 -50.57
CA SER F 153 13.03 6.27 -49.27
C SER F 153 13.15 5.20 -48.19
N GLU F 154 13.39 3.96 -48.59
CA GLU F 154 13.50 2.87 -47.64
C GLU F 154 14.59 1.90 -48.08
N ARG F 155 14.68 0.77 -47.38
CA ARG F 155 15.57 -0.32 -47.77
C ARG F 155 14.91 -1.68 -47.52
N GLU F 156 15.34 -2.68 -48.30
CA GLU F 156 14.77 -4.02 -48.23
C GLU F 156 15.84 -5.07 -48.49
N PRO F 157 15.64 -6.27 -47.93
CA PRO F 157 16.49 -7.43 -48.17
C PRO F 157 16.60 -7.86 -49.64
N VAL F 158 17.71 -8.47 -50.01
CA VAL F 158 17.86 -9.07 -51.35
C VAL F 158 17.64 -10.57 -51.29
N VAL F 159 17.81 -11.12 -50.09
CA VAL F 159 17.50 -12.52 -49.80
C VAL F 159 17.17 -12.58 -48.34
N MET F 160 16.48 -13.63 -47.92
CA MET F 160 16.30 -13.85 -46.51
C MET F 160 17.40 -14.80 -46.08
N PRO F 161 17.76 -14.77 -44.79
CA PRO F 161 18.73 -15.71 -44.23
C PRO F 161 18.29 -17.14 -44.47
N SER F 162 16.98 -17.34 -44.49
CA SER F 162 16.36 -18.57 -45.00
C SER F 162 16.87 -19.83 -44.28
N ARG F 163 16.67 -19.90 -42.98
CA ARG F 163 17.33 -20.94 -42.20
C ARG F 163 16.80 -22.36 -42.44
N PHE F 164 15.72 -22.48 -43.21
CA PHE F 164 15.32 -23.78 -43.73
C PHE F 164 15.07 -23.67 -45.23
N PRO F 165 15.37 -24.73 -46.01
CA PRO F 165 15.49 -24.67 -47.48
C PRO F 165 14.17 -24.54 -48.26
N ASN F 166 13.53 -23.39 -48.13
CA ASN F 166 12.15 -23.18 -48.53
C ASN F 166 11.82 -23.40 -50.02
N LEU F 167 12.81 -23.32 -50.90
CA LEU F 167 12.52 -23.52 -52.31
C LEU F 167 12.07 -24.94 -52.63
N LEU F 168 12.83 -25.94 -52.22
CA LEU F 168 12.42 -27.32 -52.48
C LEU F 168 11.24 -27.68 -51.61
N VAL F 169 11.14 -27.01 -50.48
CA VAL F 169 10.21 -27.38 -49.43
C VAL F 169 8.77 -26.99 -49.78
N ASN F 170 8.59 -25.75 -50.20
CA ASN F 170 7.26 -25.24 -50.53
C ASN F 170 6.97 -25.26 -52.03
N GLY F 171 8.04 -25.27 -52.81
CA GLY F 171 7.89 -25.32 -54.26
C GLY F 171 7.92 -23.94 -54.86
N ALA F 172 7.58 -23.90 -56.15
CA ALA F 172 7.49 -22.64 -56.90
C ALA F 172 6.49 -22.83 -58.03
N ALA F 173 5.97 -21.72 -58.56
CA ALA F 173 5.05 -21.74 -59.68
C ALA F 173 5.08 -20.40 -60.43
N GLY F 178 10.09 -14.39 -69.13
CA GLY F 178 10.31 -15.17 -70.34
C GLY F 178 10.60 -16.64 -70.07
N MET F 179 10.68 -17.00 -68.79
CA MET F 179 10.92 -18.40 -68.39
C MET F 179 10.29 -18.75 -67.03
N ALA F 180 9.17 -19.49 -67.06
CA ALA F 180 8.41 -19.86 -65.86
C ALA F 180 8.72 -21.28 -65.39
N THR F 181 8.64 -21.48 -64.08
CA THR F 181 9.16 -22.67 -63.46
C THR F 181 8.07 -23.48 -62.80
N ASN F 182 8.27 -24.78 -62.72
CA ASN F 182 7.34 -25.64 -62.01
C ASN F 182 8.06 -26.62 -61.09
N ILE F 183 8.46 -26.14 -59.91
CA ILE F 183 9.06 -26.96 -58.87
C ILE F 183 7.96 -27.39 -57.92
N PRO F 184 7.87 -28.70 -57.64
CA PRO F 184 6.82 -29.15 -56.72
C PRO F 184 7.31 -29.18 -55.28
N PRO F 185 6.38 -29.10 -54.32
CA PRO F 185 6.80 -29.10 -52.91
C PRO F 185 7.30 -30.48 -52.42
N HIS F 186 7.98 -30.48 -51.28
CA HIS F 186 8.52 -31.72 -50.73
C HIS F 186 8.33 -31.81 -49.22
N GLN F 187 8.44 -33.03 -48.72
CA GLN F 187 8.46 -33.29 -47.30
C GLN F 187 9.69 -32.62 -46.67
N LEU F 188 9.47 -31.87 -45.60
CA LEU F 188 10.53 -31.10 -44.94
C LEU F 188 11.63 -32.00 -44.40
N GLY F 189 11.21 -33.10 -43.76
CA GLY F 189 12.13 -34.09 -43.24
C GLY F 189 13.10 -34.56 -44.29
N GLU F 190 12.57 -34.96 -45.44
CA GLU F 190 13.38 -35.51 -46.51
C GLU F 190 14.37 -34.54 -47.16
N ILE F 191 13.96 -33.29 -47.36
CA ILE F 191 14.82 -32.28 -47.97
C ILE F 191 15.91 -31.85 -47.03
N ILE F 192 15.60 -31.72 -45.73
CA ILE F 192 16.64 -31.41 -44.76
C ILE F 192 17.64 -32.57 -44.63
N ASP F 193 17.10 -33.79 -44.65
CA ASP F 193 17.90 -35.01 -44.73
C ASP F 193 18.84 -34.99 -45.95
N GLY F 194 18.34 -34.50 -47.07
CA GLY F 194 19.14 -34.31 -48.26
C GLY F 194 20.27 -33.31 -48.09
N VAL F 195 19.95 -32.08 -47.66
CA VAL F 195 20.97 -31.07 -47.41
C VAL F 195 22.10 -31.61 -46.52
N LEU F 196 21.72 -32.29 -45.44
CA LEU F 196 22.71 -32.90 -44.55
C LEU F 196 23.50 -33.96 -45.31
N ALA F 197 22.80 -34.70 -46.16
CA ALA F 197 23.43 -35.74 -46.96
C ALA F 197 24.48 -35.22 -47.96
N VAL F 198 24.33 -33.97 -48.42
CA VAL F 198 25.33 -33.34 -49.31
C VAL F 198 26.38 -32.63 -48.44
N SER F 199 26.00 -32.39 -47.20
CA SER F 199 26.90 -31.74 -46.25
C SER F 199 28.02 -32.71 -45.93
N GLU F 200 27.65 -33.93 -45.52
CA GLU F 200 28.62 -34.96 -45.16
C GLU F 200 29.28 -35.55 -46.40
N ASN F 201 28.50 -35.72 -47.46
CA ASN F 201 29.02 -36.26 -48.73
C ASN F 201 28.77 -35.34 -49.95
N PRO F 202 29.79 -34.55 -50.34
CA PRO F 202 29.63 -33.60 -51.45
C PRO F 202 29.73 -34.24 -52.83
N ASP F 203 30.06 -35.54 -52.87
CA ASP F 203 30.19 -36.26 -54.13
C ASP F 203 29.05 -37.25 -54.31
N ILE F 204 28.00 -37.07 -53.52
CA ILE F 204 26.86 -37.96 -53.56
C ILE F 204 26.16 -37.91 -54.93
N THR F 205 25.79 -39.09 -55.44
CA THR F 205 25.16 -39.19 -56.74
C THR F 205 23.67 -38.95 -56.61
N ILE F 206 22.97 -38.82 -57.73
CA ILE F 206 21.55 -38.50 -57.67
C ILE F 206 20.65 -39.63 -57.11
N PRO F 207 20.82 -40.88 -57.59
CA PRO F 207 20.09 -42.01 -57.00
C PRO F 207 20.27 -42.18 -55.50
N GLU F 208 21.50 -42.07 -55.01
CA GLU F 208 21.76 -42.14 -53.57
C GLU F 208 20.94 -41.08 -52.87
N LEU F 209 21.02 -39.87 -53.42
CA LEU F 209 20.26 -38.72 -52.91
C LEU F 209 18.78 -39.08 -52.81
N MET F 210 18.27 -39.80 -53.80
CA MET F 210 16.87 -40.22 -53.83
C MET F 210 16.45 -41.24 -52.76
N GLU F 211 17.39 -42.02 -52.24
CA GLU F 211 17.09 -42.94 -51.14
C GLU F 211 16.80 -42.16 -49.86
N VAL F 212 17.09 -40.87 -49.89
CA VAL F 212 16.77 -39.96 -48.80
C VAL F 212 15.53 -39.13 -49.13
N ILE F 213 15.44 -38.73 -50.40
CA ILE F 213 14.36 -37.91 -50.95
C ILE F 213 13.63 -38.65 -52.07
N PRO F 214 12.66 -39.51 -51.73
CA PRO F 214 12.02 -40.40 -52.70
C PRO F 214 11.31 -39.68 -53.84
N GLY F 215 11.06 -38.38 -53.68
CA GLY F 215 10.28 -37.62 -54.63
C GLY F 215 9.41 -36.55 -53.99
N PRO F 216 8.47 -36.00 -54.76
CA PRO F 216 7.60 -34.90 -54.34
C PRO F 216 6.58 -35.30 -53.27
N ASP F 217 6.08 -34.30 -52.55
CA ASP F 217 5.04 -34.52 -51.56
C ASP F 217 4.10 -33.32 -51.59
N PHE F 218 2.90 -33.57 -52.10
CA PHE F 218 1.94 -32.52 -52.32
C PHE F 218 1.08 -32.27 -51.08
N PRO F 219 0.62 -31.02 -50.92
CA PRO F 219 -0.24 -30.56 -49.83
C PRO F 219 -1.59 -31.26 -49.80
N THR F 220 -1.98 -31.80 -50.94
CA THR F 220 -3.07 -32.76 -51.02
C THR F 220 -2.38 -34.12 -51.17
N ALA F 221 -2.64 -35.03 -50.23
CA ALA F 221 -2.15 -36.39 -50.34
C ALA F 221 -2.56 -36.96 -51.68
N GLY F 222 -1.59 -37.38 -52.49
CA GLY F 222 -1.93 -37.97 -53.76
C GLY F 222 -1.18 -39.26 -53.93
N GLN F 223 -1.10 -39.70 -55.18
CA GLN F 223 -0.25 -40.81 -55.57
C GLN F 223 0.68 -40.39 -56.69
N ILE F 224 1.93 -40.82 -56.62
CA ILE F 224 2.88 -40.60 -57.70
C ILE F 224 3.22 -41.94 -58.34
N LEU F 225 3.07 -42.03 -59.67
CA LEU F 225 2.99 -43.32 -60.35
C LEU F 225 4.30 -44.01 -60.82
N GLY F 226 5.23 -43.25 -61.38
CA GLY F 226 6.50 -43.83 -61.76
C GLY F 226 7.60 -43.28 -60.87
N ARG F 227 8.47 -44.16 -60.39
CA ARG F 227 9.66 -43.70 -59.68
C ARG F 227 10.61 -43.05 -60.69
N SER F 228 10.41 -43.42 -61.96
CA SER F 228 11.29 -43.03 -63.06
C SER F 228 11.03 -41.61 -63.57
N GLY F 229 9.77 -41.19 -63.59
CA GLY F 229 9.48 -39.80 -63.91
C GLY F 229 10.27 -38.89 -62.99
N ILE F 230 10.03 -39.03 -61.68
CA ILE F 230 10.82 -38.36 -60.65
C ILE F 230 12.33 -38.43 -60.92
N ARG F 231 12.84 -39.65 -61.10
CA ARG F 231 14.29 -39.81 -61.34
C ARG F 231 14.79 -38.92 -62.48
N LYS F 232 14.13 -39.02 -63.63
CA LYS F 232 14.47 -38.21 -64.79
C LYS F 232 14.46 -36.73 -64.45
N ALA F 233 13.41 -36.32 -63.76
CA ALA F 233 13.27 -34.94 -63.33
C ALA F 233 14.50 -34.45 -62.57
N TYR F 234 14.74 -35.03 -61.40
CA TYR F 234 15.88 -34.65 -60.54
C TYR F 234 17.25 -34.76 -61.23
N GLU F 235 17.41 -35.74 -62.12
CA GLU F 235 18.70 -35.95 -62.78
C GLU F 235 18.98 -34.93 -63.89
N SER F 236 17.93 -34.46 -64.55
CA SER F 236 18.14 -33.59 -65.72
C SER F 236 17.66 -32.16 -65.56
N GLY F 237 16.63 -31.95 -64.75
CA GLY F 237 16.10 -30.61 -64.55
C GLY F 237 14.66 -30.49 -65.01
N ARG F 238 14.32 -31.12 -66.13
CA ARG F 238 12.93 -31.13 -66.56
C ARG F 238 12.41 -32.56 -66.67
N GLY F 239 11.13 -32.75 -66.41
CA GLY F 239 10.55 -34.09 -66.50
C GLY F 239 9.05 -34.15 -66.23
N SER F 240 8.48 -35.33 -66.43
CA SER F 240 7.03 -35.48 -66.31
C SER F 240 6.65 -36.51 -65.24
N ILE F 241 5.60 -36.21 -64.50
CA ILE F 241 5.15 -37.07 -63.42
C ILE F 241 3.65 -37.33 -63.61
N THR F 242 3.18 -38.47 -63.15
CA THR F 242 1.75 -38.77 -63.17
C THR F 242 1.19 -38.84 -61.76
N ILE F 243 0.26 -37.94 -61.44
CA ILE F 243 -0.36 -37.93 -60.12
C ILE F 243 -1.79 -38.46 -60.17
N ARG F 244 -2.07 -39.43 -59.29
CA ARG F 244 -3.31 -40.16 -59.34
C ARG F 244 -3.96 -40.07 -57.97
N ALA F 245 -5.28 -40.03 -57.95
CA ALA F 245 -6.02 -39.93 -56.70
C ALA F 245 -5.97 -41.25 -55.92
N LYS F 246 -6.29 -41.19 -54.63
CA LYS F 246 -6.43 -42.41 -53.85
C LYS F 246 -7.87 -42.92 -53.91
N ALA F 247 -8.07 -43.97 -54.71
CA ALA F 247 -9.38 -44.55 -54.91
C ALA F 247 -9.38 -46.06 -54.66
N GLU F 248 -10.12 -46.50 -53.66
CA GLU F 248 -10.17 -47.91 -53.29
C GLU F 248 -11.60 -48.43 -53.43
N ILE F 249 -11.75 -49.70 -53.79
CA ILE F 249 -13.06 -50.28 -54.07
C ILE F 249 -13.69 -50.95 -52.84
N GLU F 250 -14.89 -50.51 -52.44
CA GLU F 250 -15.56 -51.09 -51.27
C GLU F 250 -16.49 -52.24 -51.65
N GLN F 251 -17.17 -52.82 -50.67
CA GLN F 251 -17.95 -54.04 -50.90
C GLN F 251 -19.07 -54.23 -49.88
N THR F 252 -20.26 -53.76 -50.22
CA THR F 252 -21.45 -53.89 -49.35
C THR F 252 -21.69 -55.36 -48.95
N SER F 253 -22.49 -55.56 -47.90
CA SER F 253 -22.88 -56.89 -47.46
C SER F 253 -23.84 -57.53 -48.45
N SER F 254 -24.28 -56.72 -49.40
CA SER F 254 -25.21 -57.16 -50.43
C SER F 254 -24.47 -57.69 -51.65
N GLY F 255 -23.15 -57.59 -51.64
CA GLY F 255 -22.34 -58.01 -52.78
C GLY F 255 -22.30 -56.94 -53.86
N LYS F 256 -22.47 -55.70 -53.44
CA LYS F 256 -22.38 -54.59 -54.38
C LYS F 256 -21.04 -53.91 -54.21
N GLU F 257 -20.42 -53.54 -55.33
CA GLU F 257 -19.15 -52.84 -55.25
C GLU F 257 -19.37 -51.34 -55.43
N ARG F 258 -18.46 -50.56 -54.87
CA ARG F 258 -18.48 -49.11 -55.03
C ARG F 258 -17.04 -48.62 -55.08
N ILE F 259 -16.81 -47.48 -55.72
CA ILE F 259 -15.50 -46.85 -55.69
C ILE F 259 -15.58 -45.70 -54.72
N ILE F 260 -14.50 -45.44 -53.99
CA ILE F 260 -14.45 -44.33 -53.06
C ILE F 260 -13.17 -43.55 -53.23
N VAL F 261 -13.29 -42.25 -53.43
CA VAL F 261 -12.15 -41.42 -53.68
C VAL F 261 -11.98 -40.49 -52.50
N THR F 262 -10.83 -40.60 -51.84
CA THR F 262 -10.60 -39.92 -50.57
C THR F 262 -9.59 -38.78 -50.68
N GLU F 263 -8.74 -38.86 -51.67
CA GLU F 263 -7.78 -37.79 -51.91
C GLU F 263 -7.65 -37.67 -53.41
N LEU F 264 -7.44 -36.45 -53.89
CA LEU F 264 -7.38 -36.17 -55.32
C LEU F 264 -5.99 -35.66 -55.68
N PRO F 265 -5.64 -35.65 -56.98
CA PRO F 265 -4.28 -35.24 -57.37
C PRO F 265 -4.10 -33.77 -57.17
N TYR F 266 -2.85 -33.32 -57.16
CA TYR F 266 -2.55 -31.92 -56.90
C TYR F 266 -3.22 -31.01 -57.91
N GLN F 267 -4.02 -30.09 -57.38
CA GLN F 267 -4.57 -28.93 -58.09
C GLN F 267 -5.85 -29.17 -58.89
N VAL F 268 -6.43 -30.37 -58.77
CA VAL F 268 -7.68 -30.66 -59.50
C VAL F 268 -8.92 -30.26 -58.70
N ASN F 269 -9.87 -29.61 -59.37
CA ASN F 269 -11.08 -29.13 -58.70
C ASN F 269 -12.03 -30.28 -58.40
N LYS F 270 -12.36 -30.48 -57.13
CA LYS F 270 -13.24 -31.57 -56.72
C LYS F 270 -14.61 -31.46 -57.40
N ALA F 271 -15.28 -30.35 -57.13
CA ALA F 271 -16.61 -30.09 -57.68
C ALA F 271 -16.64 -30.28 -59.22
N LYS F 272 -15.63 -29.73 -59.87
CA LYS F 272 -15.56 -29.83 -61.31
C LYS F 272 -15.45 -31.28 -61.78
N LEU F 273 -14.55 -32.05 -61.16
CA LEU F 273 -14.39 -33.46 -61.52
C LEU F 273 -15.71 -34.23 -61.37
N ILE F 274 -16.42 -34.00 -60.25
CA ILE F 274 -17.72 -34.65 -60.04
C ILE F 274 -18.63 -34.37 -61.21
N GLU F 275 -18.72 -33.09 -61.57
CA GLU F 275 -19.49 -32.66 -62.74
C GLU F 275 -19.13 -33.47 -63.99
N LYS F 276 -17.85 -33.39 -64.35
CA LYS F 276 -17.25 -34.11 -65.48
C LYS F 276 -17.60 -35.60 -65.55
N ILE F 277 -17.53 -36.29 -64.42
CA ILE F 277 -17.88 -37.71 -64.40
C ILE F 277 -19.40 -37.92 -64.59
N ALA F 278 -20.21 -37.12 -63.90
CA ALA F 278 -21.68 -37.20 -64.05
C ALA F 278 -22.10 -37.14 -65.51
N ASP F 279 -21.54 -36.16 -66.22
CA ASP F 279 -21.73 -36.05 -67.66
C ASP F 279 -21.22 -37.29 -68.38
N LEU F 280 -19.97 -37.65 -68.13
CA LEU F 280 -19.37 -38.86 -68.72
C LEU F 280 -20.24 -40.13 -68.67
N VAL F 281 -20.99 -40.34 -67.58
CA VAL F 281 -21.91 -41.47 -67.52
C VAL F 281 -23.26 -41.14 -68.18
N ARG F 282 -23.63 -39.86 -68.16
CA ARG F 282 -24.89 -39.42 -68.78
C ARG F 282 -24.81 -39.45 -70.32
N ASP F 283 -23.59 -39.60 -70.83
CA ASP F 283 -23.33 -39.57 -72.26
C ASP F 283 -22.91 -40.93 -72.76
N LYS F 284 -22.87 -41.90 -71.86
CA LYS F 284 -22.58 -43.30 -72.19
C LYS F 284 -21.20 -43.53 -72.83
N LYS F 285 -20.22 -42.77 -72.37
CA LYS F 285 -18.83 -43.04 -72.69
C LYS F 285 -18.34 -44.10 -71.72
N ILE F 286 -18.63 -43.89 -70.44
CA ILE F 286 -18.27 -44.83 -69.39
C ILE F 286 -19.50 -45.50 -68.78
N GLU F 287 -19.51 -46.83 -68.77
CA GLU F 287 -20.62 -47.57 -68.22
C GLU F 287 -20.22 -48.51 -67.09
N GLY F 288 -21.19 -48.78 -66.22
CA GLY F 288 -20.99 -49.61 -65.05
C GLY F 288 -21.37 -48.82 -63.82
N ILE F 289 -21.62 -47.53 -64.05
CA ILE F 289 -21.82 -46.59 -62.95
C ILE F 289 -23.30 -46.29 -62.68
N THR F 290 -23.70 -46.49 -61.43
CA THR F 290 -25.08 -46.38 -60.99
C THR F 290 -25.37 -45.02 -60.38
N ASP F 291 -24.55 -44.62 -59.41
CA ASP F 291 -24.75 -43.36 -58.71
C ASP F 291 -23.41 -42.63 -58.46
N LEU F 292 -23.49 -41.36 -58.07
CA LEU F 292 -22.30 -40.56 -57.78
C LEU F 292 -22.56 -39.49 -56.71
N ARG F 293 -22.09 -39.76 -55.49
CA ARG F 293 -22.32 -38.88 -54.33
C ARG F 293 -21.04 -38.26 -53.80
N ASP F 294 -21.15 -37.04 -53.26
CA ASP F 294 -20.10 -36.51 -52.41
C ASP F 294 -20.55 -36.64 -50.96
N GLU F 295 -19.90 -37.52 -50.21
CA GLU F 295 -20.20 -37.67 -48.80
C GLU F 295 -19.12 -37.00 -47.94
N SER F 296 -18.21 -36.26 -48.59
CA SER F 296 -17.10 -35.58 -47.91
C SER F 296 -17.55 -34.72 -46.75
N ASP F 297 -16.64 -34.42 -45.84
CA ASP F 297 -16.97 -33.62 -44.67
C ASP F 297 -15.72 -33.11 -43.97
N ARG F 298 -15.89 -32.61 -42.75
CA ARG F 298 -14.77 -32.17 -41.94
C ARG F 298 -13.72 -33.26 -41.86
N THR F 299 -14.18 -34.51 -41.71
CA THR F 299 -13.30 -35.66 -41.49
C THR F 299 -12.50 -36.09 -42.73
N GLY F 300 -12.34 -35.16 -43.67
CA GLY F 300 -11.67 -35.44 -44.92
C GLY F 300 -12.63 -35.82 -46.03
N MET F 301 -12.09 -35.99 -47.23
CA MET F 301 -12.87 -36.17 -48.46
C MET F 301 -13.34 -37.61 -48.69
N ARG F 302 -14.51 -37.76 -49.30
CA ARG F 302 -15.05 -39.06 -49.64
C ARG F 302 -16.07 -38.99 -50.76
N ILE F 303 -15.65 -39.36 -51.97
CA ILE F 303 -16.53 -39.37 -53.14
C ILE F 303 -16.96 -40.80 -53.49
N VAL F 304 -18.23 -41.11 -53.29
CA VAL F 304 -18.78 -42.47 -53.46
C VAL F 304 -19.44 -42.69 -54.81
N ILE F 305 -18.87 -43.58 -55.62
CA ILE F 305 -19.37 -43.83 -56.97
C ILE F 305 -19.78 -45.30 -57.17
N GLU F 306 -21.09 -45.53 -57.35
CA GLU F 306 -21.65 -46.88 -57.30
C GLU F 306 -21.43 -47.69 -58.58
N ILE F 307 -21.53 -49.01 -58.46
CA ILE F 307 -21.36 -49.92 -59.59
C ILE F 307 -22.29 -51.12 -59.42
N ARG F 308 -22.96 -51.52 -60.51
CA ARG F 308 -23.86 -52.66 -60.44
C ARG F 308 -23.11 -53.97 -60.56
N ARG F 309 -23.72 -55.02 -60.01
CA ARG F 309 -23.11 -56.34 -59.86
C ARG F 309 -22.60 -56.96 -61.17
N ASP F 310 -22.97 -56.35 -62.28
CA ASP F 310 -22.60 -56.89 -63.59
C ASP F 310 -21.15 -56.65 -64.00
N ALA F 311 -20.51 -55.62 -63.44
CA ALA F 311 -19.19 -55.22 -63.92
C ALA F 311 -18.07 -55.33 -62.89
N ASN F 312 -16.82 -55.29 -63.36
CA ASN F 312 -15.67 -55.20 -62.47
C ASN F 312 -15.34 -53.76 -62.23
N ALA F 313 -15.49 -53.32 -60.99
CA ALA F 313 -15.20 -51.94 -60.61
C ALA F 313 -13.75 -51.54 -60.89
N ASN F 314 -12.84 -52.53 -60.93
CA ASN F 314 -11.43 -52.28 -61.26
C ASN F 314 -11.31 -51.74 -62.68
N VAL F 315 -12.09 -52.34 -63.58
CA VAL F 315 -12.12 -51.94 -64.99
C VAL F 315 -12.56 -50.48 -65.16
N ILE F 316 -13.76 -50.20 -64.65
CA ILE F 316 -14.33 -48.87 -64.65
C ILE F 316 -13.35 -47.87 -64.09
N LEU F 317 -12.78 -48.19 -62.94
CA LEU F 317 -11.78 -47.34 -62.30
C LEU F 317 -10.69 -47.01 -63.29
N ASN F 318 -9.99 -48.01 -63.81
CA ASN F 318 -8.89 -47.74 -64.75
C ASN F 318 -9.31 -46.86 -65.96
N ASN F 319 -10.52 -47.11 -66.47
CA ASN F 319 -11.14 -46.24 -67.48
C ASN F 319 -11.31 -44.77 -67.01
N LEU F 320 -11.66 -44.59 -65.73
CA LEU F 320 -11.80 -43.29 -65.10
C LEU F 320 -10.46 -42.59 -64.89
N TYR F 321 -9.43 -43.38 -64.64
CA TYR F 321 -8.07 -42.83 -64.57
C TYR F 321 -7.74 -42.24 -65.96
N LYS F 322 -8.02 -43.02 -67.00
CA LYS F 322 -7.72 -42.57 -68.36
C LYS F 322 -8.48 -41.29 -68.79
N GLN F 323 -9.80 -41.34 -68.67
CA GLN F 323 -10.64 -40.28 -69.24
C GLN F 323 -10.78 -39.00 -68.43
N THR F 324 -10.35 -39.03 -67.17
CA THR F 324 -10.60 -37.88 -66.30
C THR F 324 -9.37 -37.37 -65.59
N ALA F 325 -9.63 -36.61 -64.54
CA ALA F 325 -8.60 -35.97 -63.74
C ALA F 325 -8.42 -36.71 -62.43
N LEU F 326 -8.73 -37.99 -62.41
CA LEU F 326 -8.29 -38.85 -61.32
C LEU F 326 -6.82 -39.17 -61.50
N GLN F 327 -6.34 -39.01 -62.73
CA GLN F 327 -4.95 -39.27 -63.08
C GLN F 327 -4.49 -38.18 -64.05
N THR F 328 -3.70 -37.24 -63.54
CA THR F 328 -3.24 -36.11 -64.34
C THR F 328 -1.72 -36.02 -64.43
N SER F 329 -1.27 -35.08 -65.24
CA SER F 329 0.14 -34.95 -65.55
C SER F 329 0.73 -33.67 -64.95
N PHE F 330 1.93 -33.80 -64.39
CA PHE F 330 2.67 -32.67 -63.85
C PHE F 330 4.02 -32.54 -64.56
N GLY F 331 4.38 -31.31 -64.91
CA GLY F 331 5.62 -31.10 -65.63
C GLY F 331 6.66 -30.36 -64.81
N ILE F 332 7.48 -31.10 -64.09
CA ILE F 332 8.56 -30.51 -63.31
C ILE F 332 9.55 -29.80 -64.24
N ASN F 333 9.99 -28.64 -63.79
CA ASN F 333 10.92 -27.79 -64.51
C ASN F 333 11.76 -27.01 -63.50
N LEU F 334 12.87 -27.59 -63.05
CA LEU F 334 13.67 -27.01 -61.97
C LEU F 334 14.43 -25.75 -62.38
N LEU F 335 13.73 -24.63 -62.41
CA LEU F 335 14.30 -23.40 -62.94
C LEU F 335 14.23 -22.27 -61.92
N ALA F 336 15.36 -21.61 -61.69
CA ALA F 336 15.36 -20.48 -60.75
C ALA F 336 16.50 -19.49 -60.92
N LEU F 337 16.61 -18.58 -59.94
CA LEU F 337 17.55 -17.49 -60.04
C LEU F 337 18.87 -17.80 -59.38
N VAL F 338 19.85 -18.21 -60.20
CA VAL F 338 21.21 -18.45 -59.72
C VAL F 338 22.09 -17.24 -60.03
N ASP F 339 22.35 -16.43 -59.01
CA ASP F 339 23.13 -15.21 -59.15
C ASP F 339 22.47 -14.27 -60.15
N GLY F 340 21.17 -14.04 -59.94
CA GLY F 340 20.41 -13.14 -60.78
C GLY F 340 20.27 -13.62 -62.21
N GLN F 341 20.48 -14.92 -62.42
CA GLN F 341 20.37 -15.49 -63.75
C GLN F 341 19.53 -16.75 -63.77
N PRO F 342 18.54 -16.81 -64.65
CA PRO F 342 17.73 -18.02 -64.82
C PRO F 342 18.60 -19.22 -65.17
N LYS F 343 18.37 -20.36 -64.51
CA LYS F 343 19.05 -21.60 -64.87
C LYS F 343 18.21 -22.81 -64.49
N VAL F 344 18.37 -23.87 -65.26
CA VAL F 344 17.82 -25.18 -64.91
C VAL F 344 18.85 -25.96 -64.07
N LEU F 345 18.41 -26.51 -62.95
CA LEU F 345 19.33 -27.16 -62.03
C LEU F 345 18.92 -28.61 -61.83
N THR F 346 19.81 -29.40 -61.23
CA THR F 346 19.47 -30.76 -60.81
C THR F 346 19.15 -30.72 -59.32
N LEU F 347 18.55 -31.78 -58.81
CA LEU F 347 18.27 -31.88 -57.38
C LEU F 347 19.52 -31.52 -56.58
N LYS F 348 20.61 -32.20 -56.91
CA LYS F 348 21.90 -32.01 -56.25
C LYS F 348 22.34 -30.54 -56.28
N GLN F 349 22.07 -29.87 -57.40
CA GLN F 349 22.45 -28.47 -57.57
C GLN F 349 21.65 -27.51 -56.66
N CYS F 350 20.34 -27.65 -56.67
CA CYS F 350 19.49 -26.87 -55.77
C CYS F 350 20.06 -27.01 -54.37
N LEU F 351 20.17 -28.27 -53.92
CA LEU F 351 20.66 -28.54 -52.57
C LEU F 351 22.00 -27.86 -52.28
N GLU F 352 22.97 -28.00 -53.16
CA GLU F 352 24.25 -27.35 -52.90
C GLU F 352 24.23 -25.82 -52.92
N HIS F 353 23.32 -25.21 -53.70
CA HIS F 353 23.17 -23.75 -53.67
C HIS F 353 22.63 -23.30 -52.35
N TYR F 354 21.69 -24.06 -51.81
CA TYR F 354 21.18 -23.77 -50.46
C TYR F 354 22.25 -23.97 -49.37
N LEU F 355 23.06 -25.02 -49.49
CA LEU F 355 24.11 -25.28 -48.52
C LEU F 355 25.13 -24.15 -48.59
N ASP F 356 25.45 -23.68 -49.79
CA ASP F 356 26.39 -22.57 -49.93
C ASP F 356 25.83 -21.34 -49.29
N HIS F 357 24.53 -21.12 -49.51
CA HIS F 357 23.85 -19.98 -48.91
C HIS F 357 23.98 -20.00 -47.39
N GLN F 358 23.67 -21.15 -46.79
CA GLN F 358 23.81 -21.33 -45.35
C GLN F 358 25.25 -21.13 -44.85
N LYS F 359 26.23 -21.67 -45.54
CA LYS F 359 27.61 -21.42 -45.15
C LYS F 359 27.86 -19.90 -45.07
N VAL F 360 27.47 -19.16 -46.11
CA VAL F 360 27.62 -17.69 -46.08
C VAL F 360 26.88 -17.00 -44.93
N VAL F 361 25.62 -17.37 -44.73
CA VAL F 361 24.85 -16.79 -43.65
C VAL F 361 25.54 -17.00 -42.30
N ILE F 362 26.02 -18.22 -42.05
CA ILE F 362 26.64 -18.56 -40.77
C ILE F 362 27.93 -17.81 -40.58
N ARG F 363 28.76 -17.77 -41.61
CA ARG F 363 29.98 -16.99 -41.51
C ARG F 363 29.70 -15.52 -41.21
N ARG F 364 28.60 -14.98 -41.74
CA ARG F 364 28.28 -13.55 -41.52
C ARG F 364 27.65 -13.25 -40.16
N ARG F 365 26.78 -14.15 -39.71
CA ARG F 365 26.22 -14.06 -38.35
C ARG F 365 27.35 -14.11 -37.33
N THR F 366 28.13 -15.20 -37.40
CA THR F 366 29.24 -15.39 -36.46
C THR F 366 30.40 -14.42 -36.71
N ALA F 367 30.34 -13.65 -37.79
CA ALA F 367 31.24 -12.51 -37.94
C ALA F 367 30.71 -11.32 -37.15
N TYR F 368 29.40 -11.12 -37.24
CA TYR F 368 28.72 -10.03 -36.55
C TYR F 368 28.82 -10.15 -35.01
N GLU F 369 28.51 -11.33 -34.47
CA GLU F 369 28.56 -11.55 -33.02
C GLU F 369 29.96 -11.29 -32.50
N LEU F 370 30.95 -11.69 -33.30
CA LEU F 370 32.36 -11.45 -33.01
C LEU F 370 32.72 -9.95 -32.98
N ARG F 371 32.34 -9.19 -34.02
CA ARG F 371 32.49 -7.73 -34.00
C ARG F 371 31.98 -7.14 -32.69
N LYS F 372 30.73 -7.51 -32.36
CA LYS F 372 30.03 -7.03 -31.17
C LYS F 372 30.81 -7.33 -29.88
N ALA F 373 31.15 -8.61 -29.74
CA ALA F 373 31.89 -9.10 -28.58
C ALA F 373 33.25 -8.44 -28.43
N GLU F 374 33.91 -8.18 -29.54
CA GLU F 374 35.20 -7.53 -29.49
C GLU F 374 35.07 -6.07 -29.06
N ALA F 375 34.02 -5.40 -29.49
CA ALA F 375 33.79 -4.03 -29.02
C ALA F 375 33.54 -3.99 -27.49
N ARG F 376 32.63 -4.86 -27.05
CA ARG F 376 32.28 -5.01 -25.63
C ARG F 376 33.53 -5.31 -24.79
N ALA F 377 34.29 -6.31 -25.24
CA ALA F 377 35.56 -6.68 -24.63
C ALA F 377 36.49 -5.50 -24.54
N HIS F 378 36.61 -4.74 -25.63
CA HIS F 378 37.42 -3.53 -25.64
C HIS F 378 37.06 -2.59 -24.48
N ILE F 379 35.79 -2.20 -24.40
CA ILE F 379 35.36 -1.31 -23.31
C ILE F 379 35.71 -1.87 -21.94
N LEU F 380 35.46 -3.17 -21.78
CA LEU F 380 35.79 -3.83 -20.54
C LEU F 380 37.27 -3.67 -20.25
N GLU F 381 38.12 -3.91 -21.24
CA GLU F 381 39.57 -3.74 -21.09
C GLU F 381 39.86 -2.37 -20.53
N GLY F 382 39.16 -1.37 -21.06
CA GLY F 382 39.22 -0.04 -20.51
C GLY F 382 38.92 0.04 -19.02
N LEU F 383 37.78 -0.53 -18.62
CA LEU F 383 37.35 -0.44 -17.22
C LEU F 383 38.31 -1.18 -16.30
N ARG F 384 38.86 -2.29 -16.78
CA ARG F 384 39.77 -3.11 -16.01
C ARG F 384 41.02 -2.31 -15.76
N VAL F 385 41.51 -1.68 -16.83
CA VAL F 385 42.66 -0.78 -16.72
C VAL F 385 42.38 0.24 -15.63
N ALA F 386 41.21 0.87 -15.69
CA ALA F 386 40.82 1.89 -14.72
C ALA F 386 40.82 1.42 -13.26
N LEU F 387 40.00 0.42 -12.95
CA LEU F 387 39.93 -0.16 -11.60
C LEU F 387 41.30 -0.54 -11.07
N ASP F 388 42.10 -1.13 -11.96
CA ASP F 388 43.43 -1.61 -11.58
C ASP F 388 44.32 -0.49 -11.04
N HIS F 389 44.33 0.65 -11.72
CA HIS F 389 45.14 1.77 -11.29
C HIS F 389 44.31 2.81 -10.57
N LEU F 390 43.10 2.38 -10.16
CA LEU F 390 42.01 3.27 -9.77
C LEU F 390 42.42 4.61 -9.16
N ASP F 391 43.35 4.56 -8.23
CA ASP F 391 43.75 5.74 -7.46
C ASP F 391 44.32 6.83 -8.36
N ALA F 392 45.33 6.44 -9.13
CA ALA F 392 45.95 7.33 -10.10
C ALA F 392 44.90 7.91 -11.04
N VAL F 393 43.91 7.10 -11.40
CA VAL F 393 42.88 7.53 -12.33
C VAL F 393 41.96 8.60 -11.72
N ILE F 394 41.52 8.38 -10.48
CA ILE F 394 40.66 9.33 -9.80
C ILE F 394 41.36 10.66 -9.61
N SER F 395 42.60 10.61 -9.14
CA SER F 395 43.37 11.85 -8.95
C SER F 395 43.51 12.55 -10.30
N LEU F 396 43.78 11.77 -11.33
CA LEU F 396 43.90 12.27 -12.71
C LEU F 396 42.65 13.02 -13.18
N ILE F 397 41.47 12.45 -12.94
CA ILE F 397 40.23 13.13 -13.33
C ILE F 397 39.96 14.37 -12.48
N ARG F 398 40.08 14.25 -11.17
CA ARG F 398 39.75 15.38 -10.28
C ARG F 398 40.71 16.57 -10.41
N ASN F 399 41.92 16.34 -10.91
CA ASN F 399 42.82 17.46 -11.20
C ASN F 399 42.66 18.02 -12.61
N SER F 400 41.76 17.41 -13.38
CA SER F 400 41.40 17.86 -14.71
C SER F 400 40.28 18.89 -14.60
N GLN F 401 40.31 19.89 -15.48
CA GLN F 401 39.34 20.96 -15.42
C GLN F 401 38.07 20.71 -16.24
N THR F 402 38.21 20.06 -17.39
CA THR F 402 37.06 19.75 -18.25
C THR F 402 36.95 18.24 -18.48
N ALA F 403 35.83 17.82 -19.06
CA ALA F 403 35.66 16.43 -19.48
C ALA F 403 36.74 16.06 -20.49
N GLU F 404 36.92 16.93 -21.48
CA GLU F 404 37.85 16.70 -22.58
C GLU F 404 39.28 16.53 -22.08
N ILE F 405 39.65 17.39 -21.15
CA ILE F 405 40.97 17.39 -20.57
C ILE F 405 41.24 16.04 -19.90
N ALA F 406 40.28 15.62 -19.08
CA ALA F 406 40.36 14.32 -18.44
C ALA F 406 40.50 13.22 -19.48
N ARG F 407 39.73 13.30 -20.56
CA ARG F 407 39.75 12.26 -21.59
C ARG F 407 41.12 12.10 -22.23
N THR F 408 41.67 13.21 -22.74
CA THR F 408 43.00 13.20 -23.34
C THR F 408 44.05 12.73 -22.32
N GLY F 409 43.84 13.14 -21.06
CA GLY F 409 44.69 12.72 -19.97
C GLY F 409 44.76 11.21 -19.82
N LEU F 410 43.60 10.58 -19.69
CA LEU F 410 43.50 9.13 -19.63
C LEU F 410 44.10 8.47 -20.87
N ILE F 411 43.80 9.05 -22.02
CA ILE F 411 44.28 8.53 -23.30
C ILE F 411 45.81 8.45 -23.35
N GLU F 412 46.50 9.46 -22.85
CA GLU F 412 47.96 9.43 -22.89
C GLU F 412 48.59 8.69 -21.70
N GLN F 413 47.89 8.66 -20.56
CA GLN F 413 48.46 8.09 -19.34
C GLN F 413 48.28 6.57 -19.23
N PHE F 414 47.22 6.03 -19.82
CA PHE F 414 46.98 4.60 -19.74
C PHE F 414 46.86 3.95 -21.13
N SER F 415 47.11 4.75 -22.16
CA SER F 415 47.06 4.28 -23.55
C SER F 415 45.68 3.75 -23.97
N LEU F 416 44.65 4.57 -23.78
CA LEU F 416 43.29 4.12 -24.03
C LEU F 416 42.75 4.73 -25.30
N THR F 417 41.64 4.18 -25.79
CA THR F 417 40.90 4.78 -26.90
C THR F 417 39.98 5.82 -26.30
N GLU F 418 39.45 6.71 -27.13
CA GLU F 418 38.51 7.70 -26.62
C GLU F 418 37.25 7.00 -26.14
N LYS F 419 36.92 5.89 -26.80
CA LYS F 419 35.78 5.08 -26.41
C LYS F 419 35.99 4.65 -24.98
N GLN F 420 37.18 4.11 -24.73
CA GLN F 420 37.51 3.60 -23.41
C GLN F 420 37.50 4.69 -22.35
N ALA F 421 37.98 5.88 -22.72
CA ALA F 421 38.08 6.96 -21.76
C ALA F 421 36.70 7.51 -21.39
N GLN F 422 35.81 7.57 -22.38
CA GLN F 422 34.45 8.00 -22.10
C GLN F 422 33.74 6.95 -21.25
N ALA F 423 33.99 5.68 -21.55
CA ALA F 423 33.49 4.57 -20.73
C ALA F 423 33.91 4.72 -19.28
N ILE F 424 35.19 5.02 -19.05
CA ILE F 424 35.71 5.25 -17.71
C ILE F 424 35.00 6.43 -17.03
N LEU F 425 34.83 7.53 -17.75
CA LEU F 425 34.11 8.67 -17.17
C LEU F 425 32.67 8.35 -16.79
N ASP F 426 31.98 7.54 -17.59
CA ASP F 426 30.56 7.25 -17.37
C ASP F 426 30.30 6.23 -16.28
N MET F 427 31.35 5.78 -15.61
CA MET F 427 31.20 4.77 -14.59
C MET F 427 30.61 5.39 -13.35
N ARG F 428 29.52 4.81 -12.86
CA ARG F 428 28.94 5.27 -11.61
C ARG F 428 29.90 4.87 -10.51
N LEU F 429 29.82 5.53 -9.37
CA LEU F 429 30.74 5.22 -8.29
C LEU F 429 30.53 3.82 -7.74
N GLN F 430 29.27 3.40 -7.64
CA GLN F 430 29.00 2.08 -7.09
C GLN F 430 29.43 0.94 -8.02
N ARG F 431 30.29 1.24 -8.99
CA ARG F 431 30.90 0.20 -9.79
C ARG F 431 32.28 -0.08 -9.25
N LEU F 432 32.56 0.48 -8.08
CA LEU F 432 33.84 0.25 -7.43
C LEU F 432 33.69 -0.70 -6.26
N THR F 433 32.49 -1.24 -6.09
CA THR F 433 32.27 -2.24 -5.04
C THR F 433 32.83 -3.57 -5.51
N GLY F 434 33.11 -4.43 -4.53
CA GLY F 434 33.68 -5.74 -4.79
C GLY F 434 32.87 -6.55 -5.77
N LEU F 435 31.59 -6.73 -5.49
CA LEU F 435 30.73 -7.51 -6.37
C LEU F 435 30.70 -6.96 -7.82
N GLU F 436 30.77 -5.64 -7.95
CA GLU F 436 30.75 -5.03 -9.28
C GLU F 436 32.02 -5.30 -10.09
N ARG F 437 33.18 -5.16 -9.46
CA ARG F 437 34.41 -5.49 -10.14
C ARG F 437 34.43 -6.98 -10.49
N GLU F 438 33.96 -7.82 -9.56
CA GLU F 438 33.79 -9.24 -9.81
C GLU F 438 32.95 -9.52 -11.06
N LYS F 439 31.90 -8.72 -11.24
CA LYS F 439 31.02 -8.87 -12.41
C LYS F 439 31.67 -8.41 -13.72
N ILE F 440 32.42 -7.30 -13.66
CA ILE F 440 33.25 -6.87 -14.80
C ILE F 440 34.19 -7.99 -15.24
N GLU F 441 34.90 -8.55 -14.27
CA GLU F 441 35.82 -9.63 -14.57
C GLU F 441 35.15 -10.88 -15.14
N GLU F 442 34.04 -11.32 -14.55
CA GLU F 442 33.35 -12.52 -15.03
C GLU F 442 32.83 -12.31 -16.46
N GLU F 443 32.23 -11.15 -16.71
CA GLU F 443 31.78 -10.85 -18.06
C GLU F 443 32.92 -10.88 -19.06
N TYR F 444 34.00 -10.17 -18.74
CA TYR F 444 35.15 -10.07 -19.65
C TYR F 444 35.81 -11.42 -19.95
N GLN F 445 36.09 -12.22 -18.92
CA GLN F 445 36.63 -13.56 -19.13
C GLN F 445 35.72 -14.36 -20.04
N SER F 446 34.42 -14.35 -19.73
CA SER F 446 33.45 -15.00 -20.61
C SER F 446 33.55 -14.51 -22.07
N LEU F 447 33.81 -13.22 -22.24
CA LEU F 447 33.89 -12.61 -23.57
C LEU F 447 35.12 -13.06 -24.34
N VAL F 448 36.26 -13.14 -23.65
CA VAL F 448 37.46 -13.70 -24.27
C VAL F 448 37.22 -15.11 -24.74
N LYS F 449 36.73 -15.97 -23.83
CA LYS F 449 36.34 -17.34 -24.23
C LYS F 449 35.53 -17.27 -25.53
N LEU F 450 34.46 -16.48 -25.51
CA LEU F 450 33.61 -16.32 -26.68
C LEU F 450 34.35 -15.95 -27.99
N ILE F 451 35.14 -14.87 -27.96
CA ILE F 451 35.74 -14.40 -29.20
C ILE F 451 36.70 -15.46 -29.71
N ALA F 452 37.35 -16.16 -28.78
CA ALA F 452 38.18 -17.30 -29.15
C ALA F 452 37.37 -18.29 -29.96
N GLU F 453 36.22 -18.71 -29.41
CA GLU F 453 35.37 -19.68 -30.10
C GLU F 453 34.85 -19.19 -31.45
N LEU F 454 34.44 -17.93 -31.52
CA LEU F 454 33.92 -17.36 -32.76
C LEU F 454 34.97 -17.38 -33.87
N LYS F 455 36.16 -16.88 -33.54
CA LYS F 455 37.29 -16.89 -34.47
C LYS F 455 37.63 -18.30 -34.93
N ASP F 456 37.68 -19.24 -34.00
CA ASP F 456 37.94 -20.63 -34.38
C ASP F 456 36.86 -21.19 -35.31
N ILE F 457 35.61 -20.76 -35.10
CA ILE F 457 34.48 -21.12 -35.96
C ILE F 457 34.67 -20.61 -37.39
N LEU F 458 35.18 -19.39 -37.51
CA LEU F 458 35.43 -18.83 -38.84
C LEU F 458 36.59 -19.52 -39.52
N ALA F 459 37.62 -19.83 -38.74
CA ALA F 459 38.86 -20.39 -39.28
C ALA F 459 38.74 -21.82 -39.81
N ASN F 460 37.73 -22.55 -39.37
CA ASN F 460 37.55 -23.95 -39.75
C ASN F 460 36.15 -24.19 -40.28
N GLU F 461 36.02 -24.68 -41.50
CA GLU F 461 34.71 -24.80 -42.11
C GLU F 461 33.86 -25.90 -41.47
N TYR F 462 34.53 -26.95 -41.00
CA TYR F 462 33.83 -28.07 -40.37
C TYR F 462 32.96 -27.60 -39.21
N LYS F 463 33.41 -26.57 -38.52
CA LYS F 463 32.64 -26.01 -37.41
C LYS F 463 31.34 -25.40 -37.94
N VAL F 464 31.47 -24.64 -39.03
CA VAL F 464 30.31 -24.03 -39.69
C VAL F 464 29.30 -25.07 -40.13
N LEU F 465 29.76 -26.08 -40.86
CA LEU F 465 28.90 -27.20 -41.25
C LEU F 465 28.22 -27.84 -40.04
N GLU F 466 28.93 -27.92 -38.93
CA GLU F 466 28.33 -28.50 -37.72
C GLU F 466 27.21 -27.65 -37.14
N ILE F 467 27.41 -26.33 -37.14
CA ILE F 467 26.36 -25.40 -36.71
C ILE F 467 25.13 -25.55 -37.58
N ILE F 468 25.36 -25.67 -38.88
CA ILE F 468 24.25 -25.86 -39.81
C ILE F 468 23.51 -27.17 -39.57
N ARG F 469 24.24 -28.28 -39.43
CA ARG F 469 23.59 -29.56 -39.18
C ARG F 469 22.75 -29.48 -37.93
N GLU F 470 23.35 -28.94 -36.88
CA GLU F 470 22.71 -28.82 -35.59
C GLU F 470 21.41 -28.05 -35.71
N GLU F 471 21.48 -26.82 -36.23
CA GLU F 471 20.29 -25.99 -36.34
C GLU F 471 19.21 -26.58 -37.25
N LEU F 472 19.62 -27.11 -38.41
CA LEU F 472 18.69 -27.77 -39.35
C LEU F 472 17.98 -28.95 -38.72
N THR F 473 18.70 -29.74 -37.93
CA THR F 473 18.07 -30.86 -37.24
C THR F 473 17.16 -30.35 -36.15
N GLU F 474 17.44 -29.17 -35.62
CA GLU F 474 16.55 -28.57 -34.63
C GLU F 474 15.23 -28.21 -35.31
N ILE F 475 15.36 -27.58 -36.48
CA ILE F 475 14.22 -27.27 -37.33
C ILE F 475 13.41 -28.51 -37.67
N LYS F 476 14.10 -29.58 -38.06
CA LYS F 476 13.42 -30.83 -38.40
C LYS F 476 12.72 -31.44 -37.18
N GLU F 477 13.35 -31.35 -36.01
CA GLU F 477 12.82 -31.96 -34.79
C GLU F 477 11.66 -31.14 -34.24
N ARG F 478 11.51 -29.92 -34.73
CA ARG F 478 10.40 -29.09 -34.29
C ARG F 478 9.22 -29.09 -35.24
N PHE F 479 9.51 -29.12 -36.54
CA PHE F 479 8.49 -28.84 -37.54
C PHE F 479 8.04 -30.01 -38.40
N ASN F 480 8.80 -31.10 -38.42
CA ASN F 480 8.56 -32.16 -39.39
C ASN F 480 7.19 -32.82 -39.21
N ASP F 481 6.57 -33.20 -40.31
CA ASP F 481 5.30 -33.94 -40.25
C ASP F 481 5.42 -35.24 -41.04
N GLU F 482 4.34 -36.00 -41.16
CA GLU F 482 4.36 -37.21 -41.99
C GLU F 482 4.02 -36.92 -43.45
N ARG F 483 4.75 -37.54 -44.37
CA ARG F 483 4.52 -37.32 -45.80
C ARG F 483 3.07 -37.64 -46.15
N ARG F 484 2.53 -36.88 -47.09
CA ARG F 484 1.13 -37.06 -47.49
C ARG F 484 1.00 -37.92 -48.76
N THR F 485 1.91 -37.72 -49.71
CA THR F 485 1.81 -38.35 -51.04
C THR F 485 2.53 -39.69 -51.18
N GLU F 486 1.78 -40.75 -51.47
CA GLU F 486 2.35 -42.08 -51.58
C GLU F 486 2.89 -42.30 -52.99
N ILE F 487 4.18 -42.60 -53.09
CA ILE F 487 4.81 -42.94 -54.36
C ILE F 487 4.70 -44.42 -54.68
N VAL F 488 3.91 -44.75 -55.70
CA VAL F 488 3.75 -46.13 -56.14
C VAL F 488 4.77 -46.48 -57.23
N THR F 489 5.35 -47.66 -57.14
CA THR F 489 6.30 -48.13 -58.15
C THR F 489 5.85 -49.48 -58.69
K K G . 39.60 3.14 65.97
K K H . -37.08 34.65 36.98
K K I . -51.14 -17.80 -32.62
K K J . 19.77 49.60 33.49
K K K . -37.09 38.88 -32.40
K K L . -6.16 -38.56 -67.72
C TRS M . -6.28 -31.13 -46.44
C1 TRS M . -6.88 -32.26 -47.29
C2 TRS M . -4.84 -31.52 -46.07
C3 TRS M . -7.13 -30.90 -45.18
N TRS M . -6.26 -29.89 -47.23
O1 TRS M . -8.26 -32.01 -47.53
O2 TRS M . -4.37 -30.66 -45.03
O3 TRS M . -7.60 -32.15 -44.72
#